data_2LBV
#
_entry.id   2LBV
#
loop_
_entity.id
_entity.type
_entity.pdbx_description
1 polymer 'Extracellular fatty acid-binding protein'
2 non-polymer "N,N',N''-[(3S,7S,11S)-2,6,10-trioxo-1,5,9-trioxacyclododecane-3,7,11-triyl]tris(2,3-dihydroxybenzamide)"
3 non-polymer 'GALLIUM (III) ION'
4 non-polymer 'ARACHIDONIC ACID'
#
_entity_poly.entity_id   1
_entity_poly.type   'polypeptide(L)'
_entity_poly.pdbx_seq_one_letter_code
;MTVPDRSEIAGKWYVVALASNTEFFLREKDKMKMAMARISFLGEDELKVSYAVPKPNGCRKWETTFKKTSDDGEVYYSEE
AKKKVEVLDTDYKSYAVIYATRVKDGRTLHMMRLYSRSPEVSPAATAIFRKLAGERNYTDEMVAMLPRQEECTVDEV
;
_entity_poly.pdbx_strand_id   A
#
# COMPACT_ATOMS: atom_id res chain seq x y z
N MET A 1 -0.70 15.59 -14.60
CA MET A 1 0.29 16.11 -15.57
C MET A 1 1.23 17.09 -14.85
N THR A 2 0.68 17.85 -13.92
CA THR A 2 1.48 18.81 -13.16
C THR A 2 2.32 18.11 -12.10
N VAL A 3 2.44 16.79 -12.23
CA VAL A 3 3.22 16.01 -11.26
C VAL A 3 3.86 14.82 -11.95
N PRO A 4 4.82 15.07 -12.81
CA PRO A 4 5.55 13.99 -13.54
C PRO A 4 6.00 12.86 -12.62
N ASP A 5 6.13 13.16 -11.34
CA ASP A 5 6.56 12.17 -10.36
C ASP A 5 5.60 10.98 -10.37
N ARG A 6 4.30 11.26 -10.48
CA ARG A 6 3.29 10.20 -10.50
C ARG A 6 3.54 9.24 -11.67
N SER A 7 3.72 9.81 -12.86
CA SER A 7 3.96 9.00 -14.05
C SER A 7 5.22 8.16 -13.88
N GLU A 8 6.18 8.71 -13.13
CA GLU A 8 7.44 8.02 -12.91
C GLU A 8 7.25 6.75 -12.08
N ILE A 9 6.48 6.85 -10.99
CA ILE A 9 6.25 5.70 -10.12
C ILE A 9 5.06 4.88 -10.59
N ALA A 10 4.12 5.55 -11.24
CA ALA A 10 2.94 4.85 -11.73
C ALA A 10 3.40 3.81 -12.73
N GLY A 11 2.75 2.64 -12.73
CA GLY A 11 3.14 1.56 -13.61
C GLY A 11 3.63 0.38 -12.78
N LYS A 12 4.19 0.70 -11.60
CA LYS A 12 4.70 -0.34 -10.70
C LYS A 12 4.90 0.19 -9.28
N TRP A 13 4.06 -0.27 -8.33
CA TRP A 13 4.19 0.15 -6.93
C TRP A 13 4.48 -1.09 -6.09
N TYR A 14 5.52 -1.03 -5.26
CA TYR A 14 5.90 -2.20 -4.45
C TYR A 14 5.53 -2.03 -2.98
N VAL A 15 4.96 -3.09 -2.40
CA VAL A 15 4.63 -3.11 -0.97
C VAL A 15 5.61 -4.06 -0.28
N VAL A 16 6.39 -3.55 0.67
CA VAL A 16 7.39 -4.41 1.34
C VAL A 16 7.36 -4.34 2.84
N ALA A 17 6.34 -3.73 3.41
CA ALA A 17 6.25 -3.71 4.86
C ALA A 17 4.95 -3.05 5.29
N LEU A 18 4.26 -3.68 6.24
CA LEU A 18 2.97 -3.16 6.69
C LEU A 18 2.90 -3.07 8.20
N ALA A 19 1.83 -2.44 8.67
CA ALA A 19 1.59 -2.27 10.10
C ALA A 19 0.10 -2.45 10.38
N SER A 20 -0.23 -3.11 11.48
CA SER A 20 -1.62 -3.35 11.82
C SER A 20 -1.76 -3.85 13.25
N ASN A 21 -2.99 -4.07 13.67
CA ASN A 21 -3.28 -4.55 15.01
C ASN A 21 -4.31 -5.68 14.95
N THR A 22 -4.99 -5.81 13.81
CA THR A 22 -5.97 -6.88 13.66
C THR A 22 -5.21 -8.18 13.40
N GLU A 23 -5.28 -9.08 14.37
CA GLU A 23 -4.55 -10.34 14.28
C GLU A 23 -4.85 -11.10 13.00
N PHE A 24 -6.09 -11.14 12.60
CA PHE A 24 -6.42 -11.89 11.40
C PHE A 24 -5.50 -11.52 10.24
N PHE A 25 -5.43 -10.23 9.93
CA PHE A 25 -4.59 -9.76 8.81
C PHE A 25 -3.11 -9.73 9.19
N LEU A 26 -2.81 -9.23 10.37
CA LEU A 26 -1.43 -9.16 10.84
C LEU A 26 -0.85 -10.57 10.90
N ARG A 27 -1.71 -11.49 11.27
CA ARG A 27 -1.34 -12.90 11.36
C ARG A 27 -0.85 -13.36 9.98
N GLU A 28 -1.60 -12.99 8.94
CA GLU A 28 -1.26 -13.41 7.59
C GLU A 28 -0.20 -12.53 6.91
N LYS A 29 -0.26 -11.21 7.05
CA LYS A 29 0.73 -10.38 6.38
C LYS A 29 2.12 -10.89 6.67
N ASP A 30 2.29 -11.46 7.85
CA ASP A 30 3.58 -11.99 8.25
C ASP A 30 4.03 -13.15 7.35
N LYS A 31 3.09 -13.86 6.70
CA LYS A 31 3.48 -15.01 5.86
C LYS A 31 3.62 -14.69 4.37
N MET A 32 3.06 -13.59 3.88
CA MET A 32 3.20 -13.30 2.44
C MET A 32 4.57 -12.74 2.11
N LYS A 33 4.79 -12.55 0.82
CA LYS A 33 6.04 -12.00 0.30
C LYS A 33 5.76 -10.63 -0.29
N MET A 34 6.79 -9.91 -0.75
CA MET A 34 6.60 -8.59 -1.31
C MET A 34 5.55 -8.62 -2.42
N ALA A 35 4.76 -7.55 -2.51
CA ALA A 35 3.69 -7.44 -3.51
C ALA A 35 3.94 -6.27 -4.47
N MET A 36 3.21 -6.27 -5.59
CA MET A 36 3.36 -5.21 -6.60
C MET A 36 2.00 -4.65 -7.02
N ALA A 37 2.03 -3.45 -7.61
CA ALA A 37 0.78 -2.80 -8.04
C ALA A 37 1.04 -1.75 -9.13
N ARG A 38 -0.03 -1.37 -9.84
CA ARG A 38 0.06 -0.35 -10.90
C ARG A 38 -1.05 0.68 -10.69
N ILE A 39 -0.73 1.98 -10.75
CA ILE A 39 -1.71 3.04 -10.53
C ILE A 39 -1.80 3.97 -11.74
N SER A 40 -3.01 4.45 -12.03
CA SER A 40 -3.22 5.34 -13.18
C SER A 40 -4.17 6.48 -12.80
N PHE A 41 -3.95 7.65 -13.39
CA PHE A 41 -4.76 8.82 -13.08
C PHE A 41 -5.97 8.95 -14.00
N LEU A 42 -7.14 8.67 -13.44
CA LEU A 42 -8.40 8.80 -14.17
C LEU A 42 -8.84 10.25 -14.06
N GLY A 43 -8.59 10.79 -12.88
CA GLY A 43 -8.92 12.17 -12.55
C GLY A 43 -8.47 12.45 -11.12
N GLU A 44 -8.15 13.71 -10.82
CA GLU A 44 -7.70 14.04 -9.47
C GLU A 44 -8.71 13.55 -8.44
N ASP A 45 -9.96 13.41 -8.87
CA ASP A 45 -11.03 12.93 -7.98
C ASP A 45 -11.37 11.48 -8.31
N GLU A 46 -10.49 10.84 -9.08
CA GLU A 46 -10.71 9.45 -9.48
C GLU A 46 -9.45 8.85 -10.10
N LEU A 47 -9.04 7.68 -9.61
CA LEU A 47 -7.85 7.03 -10.13
C LEU A 47 -8.03 5.51 -10.15
N LYS A 48 -7.36 4.86 -11.09
CA LYS A 48 -7.45 3.41 -11.22
C LYS A 48 -6.18 2.74 -10.70
N VAL A 49 -6.32 1.84 -9.73
CA VAL A 49 -5.15 1.14 -9.18
C VAL A 49 -5.38 -0.37 -9.05
N SER A 50 -4.31 -1.11 -9.35
CA SER A 50 -4.34 -2.57 -9.33
C SER A 50 -3.48 -3.14 -8.20
N TYR A 51 -3.90 -4.28 -7.66
CA TYR A 51 -3.19 -4.94 -6.58
C TYR A 51 -2.62 -6.28 -7.06
N ALA A 52 -1.32 -6.51 -6.82
CA ALA A 52 -0.69 -7.77 -7.21
C ALA A 52 0.06 -8.36 -6.02
N VAL A 53 -0.47 -9.47 -5.49
CA VAL A 53 0.15 -10.13 -4.33
C VAL A 53 0.44 -11.61 -4.63
N PRO A 54 1.67 -12.06 -4.48
CA PRO A 54 2.02 -13.49 -4.74
C PRO A 54 1.70 -14.39 -3.54
N LYS A 55 0.62 -15.15 -3.67
CA LYS A 55 0.21 -16.06 -2.60
C LYS A 55 0.50 -17.51 -2.99
N PRO A 56 1.54 -18.11 -2.45
CA PRO A 56 1.90 -19.52 -2.77
C PRO A 56 0.68 -20.45 -2.74
N ASN A 57 -0.30 -20.10 -1.91
CA ASN A 57 -1.51 -20.90 -1.79
C ASN A 57 -2.41 -20.67 -3.00
N GLY A 58 -2.28 -19.50 -3.62
CA GLY A 58 -3.08 -19.15 -4.78
C GLY A 58 -2.92 -17.68 -5.13
N CYS A 59 -1.98 -17.40 -6.04
CA CYS A 59 -1.72 -16.02 -6.45
C CYS A 59 -3.03 -15.32 -6.81
N ARG A 60 -3.14 -14.05 -6.44
CA ARG A 60 -4.34 -13.27 -6.73
C ARG A 60 -3.99 -11.93 -7.36
N LYS A 61 -4.53 -11.69 -8.54
CA LYS A 61 -4.29 -10.43 -9.27
C LYS A 61 -5.60 -9.87 -9.78
N TRP A 62 -5.82 -8.57 -9.56
CA TRP A 62 -7.06 -7.95 -10.02
C TRP A 62 -6.89 -6.43 -10.15
N GLU A 63 -7.96 -5.78 -10.60
CA GLU A 63 -7.96 -4.33 -10.78
C GLU A 63 -9.01 -3.69 -9.86
N THR A 64 -8.84 -2.40 -9.59
CA THR A 64 -9.78 -1.68 -8.73
C THR A 64 -9.82 -0.20 -9.09
N THR A 65 -11.00 0.40 -9.00
CA THR A 65 -11.18 1.81 -9.32
C THR A 65 -11.41 2.62 -8.04
N PHE A 66 -10.87 3.83 -8.00
CA PHE A 66 -11.00 4.71 -6.84
C PHE A 66 -11.83 5.93 -7.24
N LYS A 67 -12.96 6.15 -6.56
CA LYS A 67 -13.85 7.27 -6.91
C LYS A 67 -14.12 8.23 -5.75
N LYS A 68 -14.48 9.47 -6.12
CA LYS A 68 -14.75 10.51 -5.13
C LYS A 68 -13.54 10.65 -4.24
N THR A 69 -12.43 10.98 -4.88
CA THR A 69 -11.18 11.08 -4.20
C THR A 69 -10.71 12.54 -4.06
N SER A 70 -11.33 13.26 -3.13
CA SER A 70 -10.97 14.65 -2.89
C SER A 70 -11.42 15.07 -1.49
N ASP A 71 -11.85 14.10 -0.69
CA ASP A 71 -12.31 14.36 0.67
C ASP A 71 -11.31 15.19 1.46
N ASP A 72 -10.31 14.52 2.02
CA ASP A 72 -9.30 15.18 2.84
C ASP A 72 -8.10 15.54 1.98
N GLY A 73 -8.25 16.58 1.17
CA GLY A 73 -7.18 16.99 0.29
C GLY A 73 -7.12 16.02 -0.89
N GLU A 74 -6.28 15.00 -0.77
CA GLU A 74 -6.17 13.98 -1.81
C GLU A 74 -6.30 12.59 -1.19
N VAL A 75 -7.50 12.04 -1.14
CA VAL A 75 -7.71 10.71 -0.59
C VAL A 75 -8.64 9.92 -1.49
N TYR A 76 -8.53 8.60 -1.50
CA TYR A 76 -9.38 7.79 -2.39
C TYR A 76 -10.47 7.06 -1.62
N TYR A 77 -11.70 6.97 -2.21
CA TYR A 77 -12.78 6.27 -1.54
C TYR A 77 -13.66 5.47 -2.51
N SER A 78 -13.84 4.17 -2.22
CA SER A 78 -14.67 3.31 -3.07
C SER A 78 -15.96 2.95 -2.34
N GLU A 79 -17.04 3.62 -2.70
CA GLU A 79 -18.33 3.37 -2.07
C GLU A 79 -18.64 1.88 -2.06
N GLU A 80 -18.19 1.17 -3.08
CA GLU A 80 -18.43 -0.27 -3.20
C GLU A 80 -17.44 -1.09 -2.36
N ALA A 81 -16.16 -0.73 -2.42
CA ALA A 81 -15.13 -1.47 -1.70
C ALA A 81 -14.93 -0.97 -0.26
N LYS A 82 -15.78 -0.03 0.17
CA LYS A 82 -15.68 0.52 1.53
C LYS A 82 -14.25 0.51 2.04
N LYS A 83 -13.39 1.17 1.27
CA LYS A 83 -11.97 1.27 1.62
C LYS A 83 -11.34 2.48 0.98
N LYS A 84 -10.57 3.23 1.77
CA LYS A 84 -9.92 4.44 1.27
C LYS A 84 -8.44 4.47 1.64
N VAL A 85 -7.64 5.08 0.76
CA VAL A 85 -6.22 5.21 1.01
C VAL A 85 -5.77 6.64 0.76
N GLU A 86 -5.01 7.18 1.72
CA GLU A 86 -4.57 8.57 1.64
C GLU A 86 -3.05 8.66 1.65
N VAL A 87 -2.53 9.40 0.69
CA VAL A 87 -1.10 9.60 0.61
C VAL A 87 -0.57 10.15 1.94
N LEU A 88 0.01 9.29 2.74
CA LEU A 88 0.54 9.68 4.05
C LEU A 88 2.01 10.07 3.94
N ASP A 89 2.65 9.62 2.88
CA ASP A 89 4.05 9.93 2.62
C ASP A 89 4.46 9.25 1.33
N THR A 90 4.97 10.01 0.37
CA THR A 90 5.35 9.44 -0.91
C THR A 90 6.48 10.27 -1.53
N ASP A 91 7.52 9.60 -1.98
CA ASP A 91 8.66 10.29 -2.60
C ASP A 91 9.12 9.53 -3.83
N TYR A 92 8.73 8.27 -3.87
CA TYR A 92 9.09 7.38 -4.96
C TYR A 92 10.60 7.37 -5.18
N LYS A 93 11.33 8.11 -4.35
CA LYS A 93 12.78 8.18 -4.48
C LYS A 93 13.40 6.91 -3.94
N SER A 94 12.82 6.41 -2.86
CA SER A 94 13.30 5.19 -2.24
C SER A 94 12.17 4.51 -1.48
N TYR A 95 11.14 5.27 -1.13
CA TYR A 95 10.02 4.71 -0.39
C TYR A 95 8.83 5.66 -0.31
N ALA A 96 7.72 5.10 0.14
CA ALA A 96 6.48 5.84 0.31
C ALA A 96 5.67 5.21 1.43
N VAL A 97 5.06 6.04 2.27
CA VAL A 97 4.25 5.54 3.38
C VAL A 97 2.83 6.02 3.22
N ILE A 98 1.87 5.11 3.31
CA ILE A 98 0.48 5.47 3.09
C ILE A 98 -0.43 4.98 4.21
N TYR A 99 -1.49 5.75 4.47
CA TYR A 99 -2.45 5.40 5.50
C TYR A 99 -3.65 4.68 4.90
N ALA A 100 -3.72 3.38 5.13
CA ALA A 100 -4.81 2.56 4.60
C ALA A 100 -5.79 2.19 5.71
N THR A 101 -7.08 2.30 5.40
CA THR A 101 -8.12 1.97 6.39
C THR A 101 -9.32 1.30 5.71
N ARG A 102 -9.74 0.16 6.27
CA ARG A 102 -10.88 -0.58 5.74
C ARG A 102 -11.97 -0.62 6.80
N VAL A 103 -13.20 -0.21 6.46
CA VAL A 103 -14.27 -0.20 7.45
C VAL A 103 -15.42 -1.08 7.02
N LYS A 104 -15.71 -2.11 7.82
CA LYS A 104 -16.79 -3.04 7.55
C LYS A 104 -17.98 -2.68 8.43
N ASP A 105 -19.12 -3.29 8.16
CA ASP A 105 -20.31 -2.99 8.94
C ASP A 105 -20.06 -3.26 10.42
N GLY A 106 -20.03 -2.19 11.20
CA GLY A 106 -19.84 -2.29 12.65
C GLY A 106 -18.36 -2.37 13.04
N ARG A 107 -17.46 -2.46 12.07
CA ARG A 107 -16.03 -2.56 12.37
C ARG A 107 -15.19 -1.59 11.55
N THR A 108 -14.21 -0.97 12.22
CA THR A 108 -13.29 -0.02 11.57
C THR A 108 -11.86 -0.53 11.68
N LEU A 109 -11.02 -0.17 10.73
CA LEU A 109 -9.63 -0.64 10.75
C LEU A 109 -8.67 0.36 10.15
N HIS A 110 -7.46 0.36 10.68
CA HIS A 110 -6.42 1.24 10.18
C HIS A 110 -5.10 0.47 10.11
N MET A 111 -4.29 0.74 9.08
CA MET A 111 -3.01 0.07 8.94
C MET A 111 -2.05 0.90 8.09
N MET A 112 -0.75 0.76 8.35
CA MET A 112 0.26 1.50 7.59
C MET A 112 0.97 0.57 6.62
N ARG A 113 1.34 1.08 5.44
CA ARG A 113 2.03 0.28 4.45
C ARG A 113 3.28 0.98 3.94
N LEU A 114 4.40 0.25 3.88
CA LEU A 114 5.67 0.81 3.41
C LEU A 114 6.02 0.24 2.04
N TYR A 115 6.26 1.15 1.11
CA TYR A 115 6.61 0.80 -0.27
C TYR A 115 8.09 1.06 -0.54
N SER A 116 8.60 0.41 -1.59
CA SER A 116 9.98 0.58 -2.01
C SER A 116 10.01 0.86 -3.50
N ARG A 117 10.82 1.81 -3.95
CA ARG A 117 10.88 2.10 -5.37
C ARG A 117 11.64 1.00 -6.11
N SER A 118 12.40 0.22 -5.34
CA SER A 118 13.16 -0.89 -5.91
C SER A 118 13.04 -2.12 -5.02
N PRO A 119 13.00 -3.30 -5.59
CA PRO A 119 12.89 -4.57 -4.83
C PRO A 119 13.67 -4.55 -3.52
N GLU A 120 14.67 -3.66 -3.44
CA GLU A 120 15.49 -3.55 -2.25
C GLU A 120 14.83 -2.63 -1.23
N VAL A 121 15.29 -2.72 0.00
CA VAL A 121 14.76 -1.91 1.09
C VAL A 121 15.85 -1.01 1.66
N SER A 122 15.58 0.29 1.72
CA SER A 122 16.56 1.24 2.24
C SER A 122 16.43 1.35 3.77
N PRO A 123 17.49 1.13 4.52
CA PRO A 123 17.45 1.21 6.01
C PRO A 123 16.64 2.41 6.49
N ALA A 124 16.63 3.47 5.70
CA ALA A 124 15.89 4.68 6.06
C ALA A 124 14.39 4.47 5.82
N ALA A 125 14.07 3.73 4.77
CA ALA A 125 12.67 3.46 4.44
C ALA A 125 11.99 2.69 5.56
N THR A 126 12.74 1.77 6.17
CA THR A 126 12.21 0.98 7.28
C THR A 126 12.14 1.83 8.55
N ALA A 127 13.06 2.77 8.68
CA ALA A 127 13.13 3.63 9.86
C ALA A 127 12.06 4.71 9.89
N ILE A 128 11.91 5.46 8.80
CA ILE A 128 10.90 6.49 8.75
C ILE A 128 9.56 5.80 8.97
N PHE A 129 9.50 4.63 8.38
CA PHE A 129 8.33 3.79 8.45
C PHE A 129 8.03 3.41 9.90
N ARG A 130 9.07 3.03 10.64
CA ARG A 130 8.90 2.66 12.04
C ARG A 130 8.56 3.88 12.88
N LYS A 131 9.14 5.03 12.51
CA LYS A 131 8.87 6.26 13.24
C LYS A 131 7.37 6.50 13.32
N LEU A 132 6.72 6.47 12.16
CA LEU A 132 5.28 6.69 12.10
C LEU A 132 4.56 5.62 12.93
N ALA A 133 4.93 4.36 12.72
CA ALA A 133 4.31 3.27 13.46
C ALA A 133 4.45 3.50 14.96
N GLY A 134 5.58 4.06 15.38
CA GLY A 134 5.80 4.33 16.80
C GLY A 134 4.82 5.38 17.30
N GLU A 135 4.58 6.40 16.49
CA GLU A 135 3.66 7.45 16.86
C GLU A 135 2.31 6.84 17.18
N ARG A 136 2.05 5.68 16.58
CA ARG A 136 0.79 4.96 16.81
C ARG A 136 0.97 3.94 17.94
N ASN A 137 2.11 4.02 18.63
CA ASN A 137 2.40 3.14 19.75
C ASN A 137 2.40 1.67 19.32
N TYR A 138 2.95 1.41 18.15
CA TYR A 138 3.03 0.04 17.62
C TYR A 138 4.26 -0.69 18.16
N THR A 139 4.22 -2.01 18.06
CA THR A 139 5.32 -2.87 18.50
C THR A 139 5.82 -3.68 17.31
N ASP A 140 7.05 -4.16 17.36
CA ASP A 140 7.63 -4.91 16.24
C ASP A 140 6.64 -5.91 15.65
N GLU A 141 6.10 -6.81 16.47
CA GLU A 141 5.17 -7.82 15.96
C GLU A 141 3.99 -7.19 15.22
N MET A 142 3.72 -5.93 15.47
CA MET A 142 2.61 -5.24 14.81
C MET A 142 3.00 -4.81 13.41
N VAL A 143 4.30 -4.76 13.17
CA VAL A 143 4.81 -4.37 11.86
C VAL A 143 5.73 -5.49 11.33
N ALA A 144 5.40 -6.01 10.15
CA ALA A 144 6.17 -7.13 9.57
C ALA A 144 6.83 -6.76 8.23
N MET A 145 8.16 -6.90 8.16
CA MET A 145 8.89 -6.61 6.93
C MET A 145 8.74 -7.79 5.98
N LEU A 146 8.58 -7.50 4.68
CA LEU A 146 8.38 -8.56 3.70
C LEU A 146 9.53 -8.65 2.67
N PRO A 147 10.01 -9.84 2.40
CA PRO A 147 11.13 -10.08 1.42
C PRO A 147 10.69 -10.01 -0.05
N ARG A 148 11.67 -9.86 -0.93
CA ARG A 148 11.41 -9.76 -2.37
C ARG A 148 10.96 -11.09 -2.97
N GLN A 149 11.08 -12.17 -2.21
CA GLN A 149 10.67 -13.49 -2.71
C GLN A 149 9.41 -13.37 -3.56
N GLU A 150 9.47 -13.88 -4.78
CA GLU A 150 8.34 -13.80 -5.71
C GLU A 150 8.01 -15.16 -6.31
N GLU A 151 6.71 -15.46 -6.37
CA GLU A 151 6.23 -16.73 -6.95
C GLU A 151 5.33 -16.43 -8.13
N CYS A 152 4.66 -15.27 -8.06
CA CYS A 152 3.76 -14.84 -9.13
C CYS A 152 3.99 -13.37 -9.43
N THR A 153 3.60 -12.93 -10.62
CA THR A 153 3.78 -11.53 -11.01
C THR A 153 2.71 -11.11 -12.01
N VAL A 154 2.51 -9.80 -12.13
CA VAL A 154 1.51 -9.27 -13.06
C VAL A 154 2.18 -8.68 -14.29
N ASP A 155 1.38 -8.53 -15.34
CA ASP A 155 1.87 -7.98 -16.61
C ASP A 155 1.37 -6.57 -16.81
N GLU A 156 1.97 -5.90 -17.78
CA GLU A 156 1.61 -4.53 -18.11
C GLU A 156 0.32 -4.49 -18.94
N VAL A 157 -0.48 -5.55 -18.82
CA VAL A 157 -1.73 -5.62 -19.56
C VAL A 157 -2.54 -4.33 -19.37
N MET A 1 4.30 19.64 -12.94
CA MET A 1 5.51 20.49 -12.72
C MET A 1 5.52 20.98 -11.27
N THR A 2 4.33 21.25 -10.74
CA THR A 2 4.22 21.72 -9.36
C THR A 2 4.63 20.62 -8.38
N VAL A 3 4.67 19.38 -8.87
CA VAL A 3 5.04 18.25 -8.04
C VAL A 3 5.73 17.17 -8.88
N PRO A 4 6.61 16.39 -8.30
CA PRO A 4 7.33 15.31 -9.04
C PRO A 4 6.44 14.63 -10.07
N ASP A 5 7.07 13.97 -11.04
CA ASP A 5 6.34 13.28 -12.09
C ASP A 5 5.68 12.01 -11.54
N ARG A 6 4.35 11.98 -11.59
CA ARG A 6 3.61 10.82 -11.10
C ARG A 6 3.86 9.60 -11.98
N SER A 7 4.20 9.86 -13.25
CA SER A 7 4.48 8.79 -14.18
C SER A 7 5.59 7.89 -13.66
N GLU A 8 6.52 8.49 -12.91
CA GLU A 8 7.64 7.74 -12.36
C GLU A 8 7.18 6.62 -11.44
N ILE A 9 6.33 6.94 -10.46
CA ILE A 9 5.84 5.93 -9.54
C ILE A 9 4.67 5.16 -10.15
N ALA A 10 3.87 5.84 -10.98
CA ALA A 10 2.74 5.17 -11.59
C ALA A 10 3.21 4.17 -12.63
N GLY A 11 2.60 2.99 -12.61
CA GLY A 11 2.96 1.92 -13.53
C GLY A 11 3.36 0.68 -12.75
N LYS A 12 3.97 0.89 -11.58
CA LYS A 12 4.40 -0.23 -10.74
C LYS A 12 4.72 0.25 -9.32
N TRP A 13 3.89 -0.14 -8.34
CA TRP A 13 4.13 0.22 -6.95
C TRP A 13 4.44 -1.07 -6.19
N TYR A 14 5.55 -1.13 -5.46
CA TYR A 14 5.93 -2.35 -4.75
C TYR A 14 5.59 -2.25 -3.26
N VAL A 15 4.84 -3.22 -2.76
CA VAL A 15 4.46 -3.29 -1.35
C VAL A 15 5.38 -4.28 -0.62
N VAL A 16 6.12 -3.81 0.39
CA VAL A 16 7.07 -4.70 1.09
C VAL A 16 6.93 -4.67 2.60
N ALA A 17 5.90 -4.05 3.13
CA ALA A 17 5.71 -4.07 4.58
C ALA A 17 4.46 -3.30 4.95
N LEU A 18 3.70 -3.85 5.87
CA LEU A 18 2.47 -3.20 6.29
C LEU A 18 2.21 -3.47 7.76
N ALA A 19 1.64 -2.48 8.43
CA ALA A 19 1.31 -2.60 9.84
C ALA A 19 -0.19 -2.51 10.01
N SER A 20 -0.68 -2.98 11.15
CA SER A 20 -2.11 -2.96 11.41
C SER A 20 -2.41 -3.18 12.88
N ASN A 21 -3.69 -3.15 13.20
CA ASN A 21 -4.14 -3.36 14.57
C ASN A 21 -5.08 -4.57 14.59
N THR A 22 -5.56 -4.96 13.41
CA THR A 22 -6.44 -6.11 13.31
C THR A 22 -5.56 -7.36 13.18
N GLU A 23 -5.51 -8.13 14.26
CA GLU A 23 -4.66 -9.31 14.30
C GLU A 23 -4.77 -10.13 13.02
N PHE A 24 -5.94 -10.13 12.41
CA PHE A 24 -6.14 -10.90 11.18
C PHE A 24 -5.12 -10.53 10.09
N PHE A 25 -4.96 -9.24 9.81
CA PHE A 25 -4.08 -8.81 8.74
C PHE A 25 -2.59 -8.94 9.05
N LEU A 26 -2.17 -8.51 10.24
CA LEU A 26 -0.75 -8.61 10.60
C LEU A 26 -0.35 -10.06 10.79
N ARG A 27 -1.30 -10.83 11.31
CA ARG A 27 -1.06 -12.26 11.52
C ARG A 27 -0.72 -12.92 10.20
N GLU A 28 -1.52 -12.64 9.17
CA GLU A 28 -1.31 -13.25 7.86
C GLU A 28 -0.25 -12.50 7.04
N LYS A 29 -0.24 -11.17 7.06
CA LYS A 29 0.75 -10.45 6.27
C LYS A 29 2.13 -11.02 6.51
N ASP A 30 2.34 -11.56 7.70
CA ASP A 30 3.63 -12.13 8.06
C ASP A 30 3.93 -13.40 7.27
N LYS A 31 2.89 -14.08 6.77
CA LYS A 31 3.14 -15.33 6.03
C LYS A 31 3.27 -15.11 4.51
N MET A 32 2.78 -13.99 3.98
CA MET A 32 2.92 -13.76 2.52
C MET A 32 4.28 -13.16 2.19
N LYS A 33 4.48 -12.91 0.91
CA LYS A 33 5.72 -12.33 0.41
C LYS A 33 5.41 -10.99 -0.27
N MET A 34 6.45 -10.29 -0.66
CA MET A 34 6.30 -8.98 -1.27
C MET A 34 5.23 -9.00 -2.36
N ALA A 35 4.48 -7.90 -2.42
CA ALA A 35 3.38 -7.72 -3.37
C ALA A 35 3.64 -6.53 -4.26
N MET A 36 2.86 -6.40 -5.34
CA MET A 36 3.01 -5.29 -6.28
C MET A 36 1.66 -4.62 -6.55
N ALA A 37 1.71 -3.44 -7.15
CA ALA A 37 0.50 -2.69 -7.45
C ALA A 37 0.72 -1.72 -8.62
N ARG A 38 -0.38 -1.29 -9.24
CA ARG A 38 -0.33 -0.37 -10.38
C ARG A 38 -1.36 0.72 -10.19
N ILE A 39 -0.94 1.98 -10.28
CA ILE A 39 -1.82 3.13 -10.09
C ILE A 39 -1.87 3.95 -11.37
N SER A 40 -3.00 4.52 -11.69
CA SER A 40 -3.10 5.31 -12.90
C SER A 40 -4.21 6.35 -12.78
N PHE A 41 -4.15 7.37 -13.63
CA PHE A 41 -5.13 8.46 -13.57
C PHE A 41 -6.26 8.30 -14.58
N LEU A 42 -7.29 7.57 -14.18
CA LEU A 42 -8.46 7.41 -15.05
C LEU A 42 -8.98 8.81 -15.36
N GLY A 43 -8.89 9.64 -14.33
CA GLY A 43 -9.32 11.03 -14.38
C GLY A 43 -8.81 11.74 -13.13
N GLU A 44 -8.72 13.06 -13.19
CA GLU A 44 -8.24 13.81 -12.03
C GLU A 44 -9.00 13.39 -10.77
N ASP A 45 -10.25 12.97 -10.94
CA ASP A 45 -11.07 12.54 -9.82
C ASP A 45 -11.29 11.03 -9.87
N GLU A 46 -10.58 10.36 -10.78
CA GLU A 46 -10.72 8.92 -10.93
C GLU A 46 -9.35 8.28 -11.10
N LEU A 47 -8.99 7.39 -10.18
CA LEU A 47 -7.70 6.69 -10.23
C LEU A 47 -7.91 5.19 -10.11
N LYS A 48 -7.13 4.42 -10.85
CA LYS A 48 -7.23 2.97 -10.80
C LYS A 48 -6.04 2.38 -10.06
N VAL A 49 -6.28 1.68 -8.94
CA VAL A 49 -5.20 1.07 -8.17
C VAL A 49 -5.39 -0.43 -8.11
N SER A 50 -4.29 -1.13 -8.27
CA SER A 50 -4.29 -2.59 -8.32
C SER A 50 -3.38 -3.22 -7.29
N TYR A 51 -3.74 -4.43 -6.84
CA TYR A 51 -2.94 -5.16 -5.87
C TYR A 51 -2.57 -6.54 -6.42
N ALA A 52 -1.31 -6.90 -6.30
CA ALA A 52 -0.84 -8.21 -6.75
C ALA A 52 -0.16 -8.90 -5.57
N VAL A 53 -0.80 -9.92 -5.02
CA VAL A 53 -0.26 -10.62 -3.86
C VAL A 53 0.14 -12.07 -4.22
N PRO A 54 1.32 -12.49 -3.85
CA PRO A 54 1.78 -13.89 -4.12
C PRO A 54 1.20 -14.85 -3.09
N LYS A 55 1.26 -16.14 -3.40
CA LYS A 55 0.72 -17.15 -2.50
C LYS A 55 1.33 -18.51 -2.82
N PRO A 56 2.43 -18.87 -2.20
CA PRO A 56 3.09 -20.19 -2.46
C PRO A 56 2.06 -21.32 -2.64
N ASN A 57 0.85 -21.10 -2.14
CA ASN A 57 -0.22 -22.09 -2.25
C ASN A 57 -1.23 -21.69 -3.33
N GLY A 58 -0.79 -20.86 -4.28
CA GLY A 58 -1.66 -20.39 -5.36
C GLY A 58 -1.24 -19.00 -5.83
N CYS A 59 -2.18 -18.28 -6.46
CA CYS A 59 -1.89 -16.94 -6.96
C CYS A 59 -3.13 -16.05 -6.82
N ARG A 60 -2.94 -14.83 -6.30
CA ARG A 60 -4.07 -13.91 -6.13
C ARG A 60 -3.75 -12.55 -6.74
N LYS A 61 -4.42 -12.22 -7.84
CA LYS A 61 -4.22 -10.94 -8.51
C LYS A 61 -5.56 -10.33 -8.92
N TRP A 62 -5.75 -9.04 -8.62
CA TRP A 62 -7.00 -8.37 -8.98
C TRP A 62 -6.78 -6.87 -9.10
N GLU A 63 -7.82 -6.16 -9.54
CA GLU A 63 -7.74 -4.70 -9.71
C GLU A 63 -8.76 -3.99 -8.85
N THR A 64 -8.56 -2.68 -8.67
CA THR A 64 -9.47 -1.88 -7.84
C THR A 64 -9.50 -0.43 -8.34
N THR A 65 -10.68 0.20 -8.26
CA THR A 65 -10.83 1.58 -8.71
C THR A 65 -10.95 2.54 -7.53
N PHE A 66 -10.13 3.60 -7.54
CA PHE A 66 -10.14 4.60 -6.47
C PHE A 66 -10.45 5.98 -7.04
N LYS A 67 -11.34 6.71 -6.36
CA LYS A 67 -11.72 8.05 -6.82
C LYS A 67 -11.31 9.11 -5.81
N LYS A 68 -10.93 10.29 -6.29
CA LYS A 68 -10.50 11.36 -5.40
C LYS A 68 -11.67 11.98 -4.64
N THR A 69 -11.50 12.10 -3.33
CA THR A 69 -12.54 12.68 -2.47
C THR A 69 -11.95 13.77 -1.60
N SER A 70 -12.81 14.49 -0.88
CA SER A 70 -12.35 15.56 0.00
C SER A 70 -12.25 15.06 1.43
N ASP A 71 -12.51 13.77 1.60
CA ASP A 71 -12.47 13.11 2.92
C ASP A 71 -11.66 13.90 3.95
N ASP A 72 -10.44 14.30 3.60
CA ASP A 72 -9.60 15.05 4.52
C ASP A 72 -8.44 15.71 3.77
N GLY A 73 -8.76 16.66 2.90
CA GLY A 73 -7.73 17.36 2.14
C GLY A 73 -7.49 16.69 0.79
N GLU A 74 -6.45 15.86 0.72
CA GLU A 74 -6.11 15.13 -0.51
C GLU A 74 -6.11 13.64 -0.24
N VAL A 75 -7.25 12.99 -0.44
CA VAL A 75 -7.37 11.54 -0.20
C VAL A 75 -8.14 10.85 -1.31
N TYR A 76 -7.80 9.58 -1.53
CA TYR A 76 -8.47 8.78 -2.57
C TYR A 76 -9.26 7.66 -1.90
N TYR A 77 -10.32 7.20 -2.56
CA TYR A 77 -11.15 6.12 -2.00
C TYR A 77 -11.90 5.32 -3.06
N SER A 78 -11.99 4.01 -2.84
CA SER A 78 -12.72 3.13 -3.76
C SER A 78 -14.07 2.76 -3.17
N GLU A 79 -15.11 3.41 -3.67
CA GLU A 79 -16.47 3.18 -3.17
C GLU A 79 -16.85 1.69 -3.27
N GLU A 80 -16.47 1.06 -4.36
CA GLU A 80 -16.82 -0.35 -4.58
C GLU A 80 -16.20 -1.27 -3.52
N ALA A 81 -15.00 -0.94 -3.05
CA ALA A 81 -14.32 -1.78 -2.07
C ALA A 81 -14.38 -1.21 -0.65
N LYS A 82 -14.75 0.07 -0.53
CA LYS A 82 -14.80 0.71 0.78
C LYS A 82 -13.41 0.71 1.40
N LYS A 83 -12.47 1.34 0.69
CA LYS A 83 -11.09 1.44 1.12
C LYS A 83 -10.52 2.82 0.77
N LYS A 84 -9.90 3.45 1.75
CA LYS A 84 -9.35 4.80 1.57
C LYS A 84 -7.86 4.85 1.87
N VAL A 85 -7.10 5.49 0.98
CA VAL A 85 -5.66 5.63 1.20
C VAL A 85 -5.24 7.09 0.97
N GLU A 86 -4.57 7.65 1.98
CA GLU A 86 -4.14 9.05 1.93
C GLU A 86 -2.64 9.20 2.13
N VAL A 87 -2.02 10.03 1.30
CA VAL A 87 -0.59 10.24 1.40
C VAL A 87 -0.21 10.77 2.79
N LEU A 88 0.20 9.86 3.66
CA LEU A 88 0.62 10.22 5.01
C LEU A 88 2.11 10.54 4.98
N ASP A 89 2.74 10.04 3.93
CA ASP A 89 4.16 10.23 3.69
C ASP A 89 4.47 9.52 2.38
N THR A 90 4.98 10.26 1.39
CA THR A 90 5.26 9.65 0.10
C THR A 90 6.47 10.31 -0.56
N ASP A 91 7.48 9.48 -0.84
CA ASP A 91 8.69 9.96 -1.50
C ASP A 91 8.45 10.01 -2.99
N TYR A 92 7.57 9.12 -3.45
CA TYR A 92 7.21 9.04 -4.85
C TYR A 92 8.42 8.71 -5.72
N LYS A 93 9.51 8.22 -5.11
CA LYS A 93 10.70 7.90 -5.89
C LYS A 93 11.53 6.82 -5.20
N SER A 94 11.38 6.70 -3.88
CA SER A 94 12.13 5.71 -3.10
C SER A 94 11.21 4.85 -2.25
N TYR A 95 10.43 5.49 -1.39
CA TYR A 95 9.50 4.76 -0.52
C TYR A 95 8.37 5.66 -0.07
N ALA A 96 7.29 5.07 0.44
CA ALA A 96 6.15 5.87 0.88
C ALA A 96 5.38 5.19 2.01
N VAL A 97 4.88 6.01 2.94
CA VAL A 97 4.09 5.51 4.07
C VAL A 97 2.71 6.12 3.95
N ILE A 98 1.70 5.28 3.73
CA ILE A 98 0.34 5.76 3.53
C ILE A 98 -0.61 5.15 4.55
N TYR A 99 -1.63 5.91 4.91
CA TYR A 99 -2.62 5.44 5.88
C TYR A 99 -3.83 4.84 5.16
N ALA A 100 -3.92 3.52 5.21
CA ALA A 100 -5.02 2.79 4.56
C ALA A 100 -6.06 2.39 5.60
N THR A 101 -7.33 2.53 5.22
CA THR A 101 -8.42 2.18 6.12
C THR A 101 -9.58 1.58 5.34
N ARG A 102 -10.05 0.43 5.81
CA ARG A 102 -11.18 -0.26 5.18
C ARG A 102 -12.26 -0.48 6.21
N VAL A 103 -13.51 -0.16 5.86
CA VAL A 103 -14.61 -0.32 6.82
C VAL A 103 -15.66 -1.29 6.29
N LYS A 104 -15.75 -2.44 6.93
CA LYS A 104 -16.72 -3.46 6.54
C LYS A 104 -18.00 -3.25 7.34
N ASP A 105 -19.07 -3.92 6.94
CA ASP A 105 -20.33 -3.77 7.64
C ASP A 105 -20.19 -4.15 9.11
N GLY A 106 -20.19 -3.14 9.98
CA GLY A 106 -20.08 -3.36 11.42
C GLY A 106 -18.63 -3.35 11.91
N ARG A 107 -17.66 -3.37 10.99
CA ARG A 107 -16.24 -3.38 11.37
C ARG A 107 -15.47 -2.22 10.73
N THR A 108 -14.62 -1.58 11.54
CA THR A 108 -13.80 -0.46 11.06
C THR A 108 -12.34 -0.69 11.48
N LEU A 109 -11.40 -0.40 10.57
CA LEU A 109 -9.98 -0.58 10.90
C LEU A 109 -9.06 0.30 10.09
N HIS A 110 -7.87 0.50 10.64
CA HIS A 110 -6.84 1.28 9.98
C HIS A 110 -5.53 0.48 9.94
N MET A 111 -4.66 0.79 8.99
CA MET A 111 -3.38 0.07 8.87
C MET A 111 -2.35 0.91 8.10
N MET A 112 -1.07 0.67 8.37
CA MET A 112 0.00 1.38 7.67
C MET A 112 0.56 0.50 6.57
N ARG A 113 0.88 1.08 5.42
CA ARG A 113 1.42 0.32 4.30
C ARG A 113 2.71 0.95 3.80
N LEU A 114 3.76 0.13 3.67
CA LEU A 114 5.05 0.61 3.20
C LEU A 114 5.38 0.01 1.85
N TYR A 115 5.67 0.88 0.89
CA TYR A 115 5.99 0.46 -0.47
C TYR A 115 7.40 0.91 -0.86
N SER A 116 7.95 0.24 -1.87
CA SER A 116 9.29 0.58 -2.38
C SER A 116 9.20 0.86 -3.87
N ARG A 117 10.03 1.77 -4.36
CA ARG A 117 10.03 2.11 -5.78
C ARG A 117 10.66 0.98 -6.60
N SER A 118 11.53 0.23 -5.95
CA SER A 118 12.22 -0.88 -6.59
C SER A 118 12.05 -2.16 -5.77
N PRO A 119 12.32 -3.27 -6.38
CA PRO A 119 12.20 -4.60 -5.72
C PRO A 119 13.24 -4.78 -4.60
N GLU A 120 13.78 -3.67 -4.12
CA GLU A 120 14.77 -3.70 -3.04
C GLU A 120 14.22 -2.99 -1.82
N VAL A 121 14.80 -3.29 -0.65
CA VAL A 121 14.36 -2.68 0.60
C VAL A 121 15.47 -1.85 1.23
N SER A 122 15.26 -0.54 1.29
CA SER A 122 16.25 0.37 1.87
C SER A 122 16.00 0.51 3.38
N PRO A 123 17.04 0.60 4.17
CA PRO A 123 16.91 0.73 5.65
C PRO A 123 16.23 2.04 6.05
N ALA A 124 16.36 3.06 5.20
CA ALA A 124 15.77 4.36 5.48
C ALA A 124 14.24 4.27 5.40
N ALA A 125 13.75 3.54 4.40
CA ALA A 125 12.31 3.38 4.22
C ALA A 125 11.70 2.61 5.39
N THR A 126 12.42 1.60 5.85
CA THR A 126 11.96 0.80 6.97
C THR A 126 12.10 1.58 8.27
N ALA A 127 13.11 2.45 8.36
CA ALA A 127 13.34 3.23 9.56
C ALA A 127 12.35 4.39 9.71
N ILE A 128 12.13 5.15 8.65
CA ILE A 128 11.18 6.25 8.71
C ILE A 128 9.84 5.66 9.12
N PHE A 129 9.60 4.49 8.55
CA PHE A 129 8.39 3.74 8.82
C PHE A 129 8.20 3.58 10.33
N ARG A 130 9.30 3.27 11.02
CA ARG A 130 9.27 3.07 12.46
C ARG A 130 9.02 4.37 13.23
N LYS A 131 9.64 5.46 12.78
CA LYS A 131 9.49 6.75 13.47
C LYS A 131 8.01 7.07 13.72
N LEU A 132 7.23 7.17 12.65
CA LEU A 132 5.81 7.49 12.81
C LEU A 132 5.10 6.37 13.56
N ALA A 133 5.38 5.13 13.18
CA ALA A 133 4.77 3.99 13.85
C ALA A 133 5.02 4.07 15.35
N GLY A 134 6.20 4.51 15.74
CA GLY A 134 6.52 4.64 17.16
C GLY A 134 5.62 5.68 17.78
N GLU A 135 5.35 6.74 17.02
CA GLU A 135 4.48 7.81 17.50
C GLU A 135 3.09 7.25 17.72
N ARG A 136 2.83 6.06 17.17
CA ARG A 136 1.54 5.40 17.33
C ARG A 136 1.65 4.29 18.36
N ASN A 137 2.78 4.26 19.06
CA ASN A 137 3.01 3.26 20.11
C ASN A 137 2.81 1.85 19.59
N TYR A 138 3.24 1.60 18.37
CA TYR A 138 3.11 0.28 17.77
C TYR A 138 4.28 -0.62 18.18
N THR A 139 4.16 -1.92 17.92
CA THR A 139 5.23 -2.87 18.25
C THR A 139 5.71 -3.60 16.99
N ASP A 140 6.95 -4.07 16.99
CA ASP A 140 7.48 -4.74 15.82
C ASP A 140 6.49 -5.75 15.24
N GLU A 141 5.95 -6.63 16.07
CA GLU A 141 5.02 -7.64 15.59
C GLU A 141 3.85 -6.98 14.84
N MET A 142 3.64 -5.70 15.08
CA MET A 142 2.54 -4.99 14.43
C MET A 142 2.88 -4.64 12.99
N VAL A 143 4.16 -4.72 12.65
CA VAL A 143 4.61 -4.43 11.28
C VAL A 143 5.38 -5.63 10.71
N ALA A 144 4.94 -6.11 9.55
CA ALA A 144 5.59 -7.27 8.93
C ALA A 144 6.27 -6.93 7.60
N MET A 145 7.61 -7.06 7.58
CA MET A 145 8.40 -6.80 6.41
C MET A 145 8.41 -8.06 5.54
N LEU A 146 8.47 -7.89 4.21
CA LEU A 146 8.44 -9.04 3.30
C LEU A 146 9.69 -9.16 2.43
N PRO A 147 10.11 -10.39 2.15
CA PRO A 147 11.33 -10.70 1.31
C PRO A 147 11.08 -10.52 -0.18
N ARG A 148 12.15 -10.28 -0.95
CA ARG A 148 12.03 -10.10 -2.40
C ARG A 148 11.38 -11.30 -3.06
N GLN A 149 11.32 -12.43 -2.35
CA GLN A 149 10.71 -13.64 -2.91
C GLN A 149 9.40 -13.29 -3.63
N GLU A 150 9.28 -13.75 -4.87
CA GLU A 150 8.07 -13.48 -5.66
C GLU A 150 7.52 -14.77 -6.26
N GLU A 151 6.19 -14.87 -6.28
CA GLU A 151 5.52 -16.05 -6.85
C GLU A 151 4.61 -15.60 -7.99
N CYS A 152 4.09 -14.38 -7.85
CA CYS A 152 3.21 -13.80 -8.85
C CYS A 152 3.56 -12.32 -9.07
N THR A 153 3.13 -11.78 -10.20
CA THR A 153 3.43 -10.38 -10.52
C THR A 153 2.36 -9.82 -11.46
N VAL A 154 2.26 -8.49 -11.53
CA VAL A 154 1.30 -7.85 -12.38
C VAL A 154 1.69 -8.04 -13.83
N ASP A 155 0.71 -7.84 -14.70
CA ASP A 155 0.96 -7.98 -16.13
C ASP A 155 1.54 -6.68 -16.68
N GLU A 156 2.07 -6.79 -17.88
CA GLU A 156 2.67 -5.66 -18.56
C GLU A 156 1.63 -4.56 -18.78
N VAL A 157 0.35 -4.93 -18.71
CA VAL A 157 -0.72 -3.97 -18.91
C VAL A 157 -2.02 -4.50 -18.33
N MET A 1 2.04 19.88 -14.10
CA MET A 1 3.28 19.41 -14.79
C MET A 1 4.50 19.87 -14.00
N THR A 2 4.41 21.05 -13.40
CA THR A 2 5.51 21.59 -12.60
C THR A 2 5.78 20.69 -11.40
N VAL A 3 4.71 20.19 -10.78
CA VAL A 3 4.86 19.33 -9.62
C VAL A 3 5.51 18.01 -10.02
N PRO A 4 6.21 17.37 -9.12
CA PRO A 4 6.89 16.06 -9.40
C PRO A 4 6.07 15.18 -10.34
N ASP A 5 6.75 14.52 -11.27
CA ASP A 5 6.07 13.65 -12.22
C ASP A 5 5.54 12.39 -11.53
N ARG A 6 4.24 12.16 -11.67
CA ARG A 6 3.61 10.99 -11.06
C ARG A 6 3.84 9.75 -11.93
N SER A 7 4.06 9.99 -13.21
CA SER A 7 4.30 8.90 -14.16
C SER A 7 5.45 8.02 -13.69
N GLU A 8 6.41 8.61 -12.99
CA GLU A 8 7.57 7.87 -12.50
C GLU A 8 7.16 6.73 -11.59
N ILE A 9 6.36 7.02 -10.56
CA ILE A 9 5.92 5.98 -9.64
C ILE A 9 4.71 5.23 -10.20
N ALA A 10 3.90 5.91 -11.02
CA ALA A 10 2.74 5.24 -11.59
C ALA A 10 3.20 4.23 -12.63
N GLY A 11 2.60 3.05 -12.59
CA GLY A 11 2.96 1.98 -13.51
C GLY A 11 3.35 0.73 -12.73
N LYS A 12 3.94 0.93 -11.55
CA LYS A 12 4.35 -0.19 -10.72
C LYS A 12 4.67 0.26 -9.29
N TRP A 13 3.83 -0.13 -8.32
CA TRP A 13 4.08 0.21 -6.91
C TRP A 13 4.38 -1.09 -6.17
N TYR A 14 5.50 -1.15 -5.45
CA TYR A 14 5.87 -2.39 -4.75
C TYR A 14 5.54 -2.30 -3.26
N VAL A 15 4.76 -3.27 -2.77
CA VAL A 15 4.38 -3.34 -1.36
C VAL A 15 5.30 -4.33 -0.65
N VAL A 16 6.04 -3.87 0.36
CA VAL A 16 6.97 -4.76 1.07
C VAL A 16 6.86 -4.70 2.58
N ALA A 17 5.82 -4.07 3.09
CA ALA A 17 5.66 -4.03 4.54
C ALA A 17 4.41 -3.27 4.92
N LEU A 18 3.65 -3.82 5.85
CA LEU A 18 2.42 -3.17 6.26
C LEU A 18 2.13 -3.48 7.73
N ALA A 19 1.54 -2.50 8.41
CA ALA A 19 1.19 -2.67 9.82
C ALA A 19 -0.31 -2.58 9.98
N SER A 20 -0.79 -3.07 11.11
CA SER A 20 -2.22 -3.04 11.36
C SER A 20 -2.53 -3.20 12.84
N ASN A 21 -3.81 -3.10 13.17
CA ASN A 21 -4.27 -3.25 14.55
C ASN A 21 -5.18 -4.47 14.63
N THR A 22 -5.66 -4.90 13.47
CA THR A 22 -6.51 -6.07 13.39
C THR A 22 -5.63 -7.30 13.31
N GLU A 23 -5.59 -8.07 14.39
CA GLU A 23 -4.73 -9.24 14.45
C GLU A 23 -4.81 -10.07 13.17
N PHE A 24 -5.96 -10.07 12.53
CA PHE A 24 -6.14 -10.84 11.31
C PHE A 24 -5.09 -10.47 10.24
N PHE A 25 -4.94 -9.18 9.96
CA PHE A 25 -4.02 -8.75 8.90
C PHE A 25 -2.53 -8.87 9.26
N LEU A 26 -2.15 -8.41 10.45
CA LEU A 26 -0.74 -8.50 10.84
C LEU A 26 -0.34 -9.96 11.03
N ARG A 27 -1.24 -10.72 11.62
CA ARG A 27 -0.98 -12.14 11.85
C ARG A 27 -0.67 -12.80 10.50
N GLU A 28 -1.51 -12.50 9.51
CA GLU A 28 -1.35 -13.09 8.18
C GLU A 28 -0.22 -12.40 7.39
N LYS A 29 -0.12 -11.08 7.49
CA LYS A 29 0.92 -10.36 6.74
C LYS A 29 2.25 -11.08 6.91
N ASP A 30 2.42 -11.72 8.06
CA ASP A 30 3.65 -12.43 8.35
C ASP A 30 3.87 -13.63 7.44
N LYS A 31 2.79 -14.23 6.94
CA LYS A 31 2.93 -15.42 6.09
C LYS A 31 3.04 -15.09 4.59
N MET A 32 2.59 -13.91 4.14
CA MET A 32 2.68 -13.61 2.71
C MET A 32 4.07 -13.11 2.33
N LYS A 33 4.22 -12.87 1.03
CA LYS A 33 5.48 -12.37 0.48
C LYS A 33 5.22 -11.05 -0.24
N MET A 34 6.29 -10.40 -0.66
CA MET A 34 6.18 -9.10 -1.32
C MET A 34 5.11 -9.10 -2.41
N ALA A 35 4.38 -7.98 -2.46
CA ALA A 35 3.29 -7.78 -3.41
C ALA A 35 3.56 -6.57 -4.29
N MET A 36 2.77 -6.43 -5.35
CA MET A 36 2.93 -5.32 -6.28
C MET A 36 1.58 -4.63 -6.53
N ALA A 37 1.63 -3.44 -7.13
CA ALA A 37 0.42 -2.69 -7.41
C ALA A 37 0.62 -1.74 -8.59
N ARG A 38 -0.49 -1.33 -9.21
CA ARG A 38 -0.43 -0.43 -10.37
C ARG A 38 -1.44 0.71 -10.17
N ILE A 39 -0.99 1.95 -10.29
CA ILE A 39 -1.86 3.12 -10.11
C ILE A 39 -1.89 3.93 -11.40
N SER A 40 -3.03 4.51 -11.72
CA SER A 40 -3.11 5.30 -12.92
C SER A 40 -4.23 6.34 -12.81
N PHE A 41 -4.18 7.36 -13.67
CA PHE A 41 -5.17 8.43 -13.61
C PHE A 41 -6.32 8.26 -14.60
N LEU A 42 -7.36 7.52 -14.19
CA LEU A 42 -8.52 7.36 -15.05
C LEU A 42 -9.06 8.74 -15.35
N GLY A 43 -9.01 9.58 -14.32
CA GLY A 43 -9.46 10.96 -14.39
C GLY A 43 -9.00 11.68 -13.12
N GLU A 44 -8.97 13.01 -13.16
CA GLU A 44 -8.54 13.78 -12.00
C GLU A 44 -9.30 13.32 -10.76
N ASP A 45 -10.54 12.90 -10.95
CA ASP A 45 -11.37 12.42 -9.84
C ASP A 45 -11.57 10.91 -9.95
N GLU A 46 -10.73 10.27 -10.73
CA GLU A 46 -10.81 8.82 -10.91
C GLU A 46 -9.43 8.20 -11.09
N LEU A 47 -9.05 7.33 -10.17
CA LEU A 47 -7.76 6.65 -10.22
C LEU A 47 -7.95 5.15 -10.09
N LYS A 48 -7.17 4.38 -10.82
CA LYS A 48 -7.26 2.92 -10.77
C LYS A 48 -6.07 2.35 -10.02
N VAL A 49 -6.32 1.66 -8.90
CA VAL A 49 -5.23 1.04 -8.12
C VAL A 49 -5.45 -0.46 -8.06
N SER A 50 -4.34 -1.17 -8.21
CA SER A 50 -4.37 -2.62 -8.25
C SER A 50 -3.45 -3.25 -7.22
N TYR A 51 -3.81 -4.47 -6.78
CA TYR A 51 -3.00 -5.20 -5.81
C TYR A 51 -2.64 -6.58 -6.36
N ALA A 52 -1.37 -6.95 -6.24
CA ALA A 52 -0.91 -8.26 -6.69
C ALA A 52 -0.23 -8.97 -5.54
N VAL A 53 -0.87 -10.03 -5.01
CA VAL A 53 -0.32 -10.76 -3.87
C VAL A 53 0.08 -12.19 -4.28
N PRO A 54 1.35 -12.53 -4.20
CA PRO A 54 1.83 -13.90 -4.55
C PRO A 54 1.64 -14.87 -3.40
N LYS A 55 0.82 -15.90 -3.63
CA LYS A 55 0.57 -16.91 -2.60
C LYS A 55 1.35 -18.19 -2.90
N PRO A 56 2.46 -18.43 -2.22
CA PRO A 56 3.26 -19.67 -2.46
C PRO A 56 2.38 -20.89 -2.72
N ASN A 57 1.13 -20.83 -2.30
CA ASN A 57 0.19 -21.93 -2.48
C ASN A 57 -0.67 -21.72 -3.72
N GLY A 58 -0.87 -20.45 -4.09
CA GLY A 58 -1.68 -20.12 -5.26
C GLY A 58 -1.26 -18.76 -5.84
N CYS A 59 -2.19 -18.13 -6.55
CA CYS A 59 -1.91 -16.83 -7.17
C CYS A 59 -3.15 -15.94 -7.10
N ARG A 60 -3.07 -14.84 -6.35
CA ARG A 60 -4.21 -13.92 -6.23
C ARG A 60 -3.87 -12.56 -6.82
N LYS A 61 -4.52 -12.24 -7.93
CA LYS A 61 -4.31 -10.96 -8.60
C LYS A 61 -5.64 -10.32 -8.99
N TRP A 62 -5.81 -9.04 -8.69
CA TRP A 62 -7.06 -8.36 -9.02
C TRP A 62 -6.83 -6.84 -9.12
N GLU A 63 -7.87 -6.13 -9.55
CA GLU A 63 -7.79 -4.68 -9.72
C GLU A 63 -8.82 -3.97 -8.85
N THR A 64 -8.63 -2.66 -8.67
CA THR A 64 -9.53 -1.87 -7.84
C THR A 64 -9.57 -0.42 -8.34
N THR A 65 -10.75 0.21 -8.25
CA THR A 65 -10.91 1.59 -8.70
C THR A 65 -11.00 2.56 -7.52
N PHE A 66 -10.16 3.59 -7.52
CA PHE A 66 -10.14 4.59 -6.46
C PHE A 66 -10.46 5.97 -7.02
N LYS A 67 -11.32 6.72 -6.33
CA LYS A 67 -11.70 8.06 -6.78
C LYS A 67 -11.26 9.12 -5.77
N LYS A 68 -10.88 10.29 -6.28
CA LYS A 68 -10.42 11.37 -5.40
C LYS A 68 -11.57 11.99 -4.63
N THR A 69 -11.39 12.13 -3.32
CA THR A 69 -12.41 12.72 -2.45
C THR A 69 -11.78 13.79 -1.57
N SER A 70 -12.62 14.50 -0.81
CA SER A 70 -12.14 15.55 0.08
C SER A 70 -12.06 15.04 1.50
N ASP A 71 -12.35 13.75 1.67
CA ASP A 71 -12.34 13.09 2.98
C ASP A 71 -11.54 13.86 4.02
N ASP A 72 -10.30 14.24 3.67
CA ASP A 72 -9.46 14.98 4.60
C ASP A 72 -8.30 15.64 3.87
N GLY A 73 -8.61 16.60 3.00
CA GLY A 73 -7.59 17.31 2.24
C GLY A 73 -7.35 16.65 0.88
N GLU A 74 -6.32 15.82 0.81
CA GLU A 74 -5.99 15.09 -0.42
C GLU A 74 -6.01 13.60 -0.17
N VAL A 75 -7.17 12.96 -0.37
CA VAL A 75 -7.28 11.52 -0.14
C VAL A 75 -8.06 10.84 -1.26
N TYR A 76 -7.75 9.56 -1.50
CA TYR A 76 -8.43 8.79 -2.53
C TYR A 76 -9.22 7.66 -1.88
N TYR A 77 -10.29 7.21 -2.53
CA TYR A 77 -11.13 6.14 -1.97
C TYR A 77 -11.88 5.35 -3.03
N SER A 78 -11.98 4.03 -2.82
CA SER A 78 -12.71 3.17 -3.74
C SER A 78 -14.07 2.82 -3.14
N GLU A 79 -15.10 3.48 -3.63
CA GLU A 79 -16.46 3.26 -3.13
C GLU A 79 -16.85 1.78 -3.20
N GLU A 80 -16.46 1.11 -4.28
CA GLU A 80 -16.81 -0.29 -4.46
C GLU A 80 -16.10 -1.20 -3.46
N ALA A 81 -14.86 -0.88 -3.13
CA ALA A 81 -14.08 -1.71 -2.20
C ALA A 81 -14.00 -1.09 -0.81
N LYS A 82 -14.78 -0.03 -0.57
CA LYS A 82 -14.78 0.64 0.73
C LYS A 82 -13.37 0.65 1.32
N LYS A 83 -12.46 1.32 0.61
CA LYS A 83 -11.07 1.42 1.04
C LYS A 83 -10.51 2.81 0.72
N LYS A 84 -9.86 3.43 1.71
CA LYS A 84 -9.31 4.77 1.54
C LYS A 84 -7.82 4.82 1.86
N VAL A 85 -7.05 5.47 0.99
CA VAL A 85 -5.62 5.61 1.21
C VAL A 85 -5.19 7.06 0.99
N GLU A 86 -4.51 7.61 2.00
CA GLU A 86 -4.08 9.02 1.96
C GLU A 86 -2.58 9.15 2.15
N VAL A 87 -1.96 9.99 1.33
CA VAL A 87 -0.53 10.20 1.43
C VAL A 87 -0.14 10.72 2.81
N LEU A 88 0.27 9.80 3.68
CA LEU A 88 0.69 10.15 5.03
C LEU A 88 2.19 10.45 5.00
N ASP A 89 2.81 9.96 3.94
CA ASP A 89 4.23 10.13 3.70
C ASP A 89 4.55 9.43 2.38
N THR A 90 5.06 10.17 1.41
CA THR A 90 5.34 9.57 0.11
C THR A 90 6.57 10.21 -0.54
N ASP A 91 7.57 9.38 -0.82
CA ASP A 91 8.78 9.86 -1.47
C ASP A 91 8.55 9.95 -2.95
N TYR A 92 7.67 9.06 -3.43
CA TYR A 92 7.31 9.03 -4.84
C TYR A 92 8.53 8.70 -5.71
N LYS A 93 9.61 8.19 -5.12
CA LYS A 93 10.80 7.87 -5.90
C LYS A 93 11.62 6.77 -5.22
N SER A 94 11.45 6.61 -3.90
CA SER A 94 12.19 5.60 -3.16
C SER A 94 11.28 4.74 -2.29
N TYR A 95 10.51 5.38 -1.41
CA TYR A 95 9.60 4.65 -0.53
C TYR A 95 8.47 5.56 -0.07
N ALA A 96 7.38 4.98 0.42
CA ALA A 96 6.24 5.79 0.86
C ALA A 96 5.47 5.10 1.98
N VAL A 97 4.97 5.92 2.91
CA VAL A 97 4.17 5.43 4.03
C VAL A 97 2.79 6.04 3.91
N ILE A 98 1.78 5.21 3.71
CA ILE A 98 0.42 5.71 3.53
C ILE A 98 -0.53 5.09 4.54
N TYR A 99 -1.56 5.86 4.91
CA TYR A 99 -2.54 5.38 5.87
C TYR A 99 -3.74 4.80 5.15
N ALA A 100 -3.83 3.48 5.16
CA ALA A 100 -4.93 2.77 4.49
C ALA A 100 -5.97 2.32 5.51
N THR A 101 -7.24 2.45 5.14
CA THR A 101 -8.32 2.06 6.02
C THR A 101 -9.48 1.46 5.23
N ARG A 102 -9.95 0.30 5.69
CA ARG A 102 -11.06 -0.40 5.05
C ARG A 102 -12.14 -0.63 6.09
N VAL A 103 -13.39 -0.33 5.75
CA VAL A 103 -14.49 -0.50 6.71
C VAL A 103 -15.57 -1.42 6.17
N LYS A 104 -15.79 -2.53 6.87
CA LYS A 104 -16.80 -3.49 6.48
C LYS A 104 -18.06 -3.27 7.33
N ASP A 105 -19.16 -3.89 6.94
CA ASP A 105 -20.40 -3.73 7.68
C ASP A 105 -20.24 -4.19 9.12
N GLY A 106 -20.21 -3.23 10.05
CA GLY A 106 -20.08 -3.54 11.47
C GLY A 106 -18.63 -3.54 11.94
N ARG A 107 -17.68 -3.54 10.99
CA ARG A 107 -16.26 -3.57 11.36
C ARG A 107 -15.48 -2.44 10.68
N THR A 108 -14.62 -1.77 11.45
CA THR A 108 -13.79 -0.68 10.94
C THR A 108 -12.33 -0.90 11.35
N LEU A 109 -11.40 -0.58 10.45
CA LEU A 109 -9.98 -0.74 10.78
C LEU A 109 -9.07 0.16 9.99
N HIS A 110 -7.89 0.38 10.55
CA HIS A 110 -6.87 1.19 9.91
C HIS A 110 -5.57 0.40 9.86
N MET A 111 -4.69 0.71 8.92
CA MET A 111 -3.41 0.00 8.81
C MET A 111 -2.38 0.84 8.06
N MET A 112 -1.10 0.59 8.34
CA MET A 112 -0.02 1.31 7.67
C MET A 112 0.54 0.44 6.55
N ARG A 113 0.87 1.06 5.42
CA ARG A 113 1.41 0.31 4.29
C ARG A 113 2.71 0.93 3.80
N LEU A 114 3.75 0.11 3.67
CA LEU A 114 5.06 0.57 3.22
C LEU A 114 5.38 -0.04 1.87
N TYR A 115 5.70 0.83 0.90
CA TYR A 115 6.02 0.38 -0.44
C TYR A 115 7.44 0.79 -0.82
N SER A 116 8.01 0.09 -1.80
CA SER A 116 9.37 0.37 -2.28
C SER A 116 9.31 0.67 -3.78
N ARG A 117 10.17 1.55 -4.27
CA ARG A 117 10.18 1.88 -5.68
C ARG A 117 10.96 0.83 -6.46
N SER A 118 11.86 0.13 -5.77
CA SER A 118 12.67 -0.92 -6.39
C SER A 118 12.59 -2.21 -5.57
N PRO A 119 12.57 -3.36 -6.22
CA PRO A 119 12.50 -4.68 -5.52
C PRO A 119 13.31 -4.69 -4.22
N GLU A 120 14.28 -3.79 -4.12
CA GLU A 120 15.13 -3.71 -2.95
C GLU A 120 14.44 -2.91 -1.86
N VAL A 121 14.91 -3.08 -0.64
CA VAL A 121 14.36 -2.38 0.52
C VAL A 121 15.42 -1.48 1.16
N SER A 122 15.20 -0.17 1.10
CA SER A 122 16.15 0.77 1.68
C SER A 122 16.01 0.78 3.21
N PRO A 123 17.10 0.90 3.93
CA PRO A 123 17.06 0.92 5.42
C PRO A 123 16.35 2.16 5.96
N ALA A 124 16.37 3.24 5.16
CA ALA A 124 15.71 4.47 5.57
C ALA A 124 14.20 4.34 5.46
N ALA A 125 13.76 3.57 4.47
CA ALA A 125 12.33 3.35 4.26
C ALA A 125 11.72 2.58 5.41
N THR A 126 12.43 1.56 5.88
CA THR A 126 11.96 0.75 7.00
C THR A 126 12.10 1.54 8.31
N ALA A 127 13.11 2.39 8.38
CA ALA A 127 13.36 3.17 9.59
C ALA A 127 12.39 4.34 9.74
N ILE A 128 12.20 5.12 8.67
CA ILE A 128 11.26 6.22 8.72
C ILE A 128 9.91 5.64 9.11
N PHE A 129 9.65 4.50 8.52
CA PHE A 129 8.42 3.77 8.77
C PHE A 129 8.21 3.60 10.27
N ARG A 130 9.30 3.28 10.98
CA ARG A 130 9.24 3.08 12.42
C ARG A 130 9.00 4.38 13.19
N LYS A 131 9.63 5.46 12.74
CA LYS A 131 9.50 6.74 13.43
C LYS A 131 8.03 7.09 13.67
N LEU A 132 7.25 7.21 12.59
CA LEU A 132 5.84 7.54 12.73
C LEU A 132 5.11 6.44 13.50
N ALA A 133 5.37 5.20 13.12
CA ALA A 133 4.73 4.08 13.80
C ALA A 133 4.98 4.16 15.30
N GLY A 134 6.16 4.62 15.69
CA GLY A 134 6.48 4.76 17.10
C GLY A 134 5.58 5.81 17.72
N GLU A 135 5.32 6.87 16.95
CA GLU A 135 4.46 7.94 17.41
C GLU A 135 3.06 7.39 17.66
N ARG A 136 2.81 6.19 17.11
CA ARG A 136 1.51 5.54 17.29
C ARG A 136 1.62 4.44 18.35
N ASN A 137 2.78 4.41 19.03
CA ASN A 137 3.01 3.43 20.09
C ASN A 137 2.78 2.01 19.59
N TYR A 138 3.19 1.74 18.36
CA TYR A 138 3.05 0.41 17.78
C TYR A 138 4.20 -0.50 18.20
N THR A 139 4.07 -1.79 17.94
CA THR A 139 5.13 -2.76 18.28
C THR A 139 5.59 -3.50 17.02
N ASP A 140 6.83 -3.99 17.02
CA ASP A 140 7.36 -4.67 15.85
C ASP A 140 6.35 -5.66 15.27
N GLU A 141 5.82 -6.54 16.10
CA GLU A 141 4.87 -7.54 15.61
C GLU A 141 3.71 -6.88 14.87
N MET A 142 3.52 -5.59 15.11
CA MET A 142 2.43 -4.86 14.46
C MET A 142 2.78 -4.54 13.02
N VAL A 143 4.05 -4.65 12.69
CA VAL A 143 4.51 -4.39 11.32
C VAL A 143 5.31 -5.58 10.80
N ALA A 144 4.93 -6.08 9.62
CA ALA A 144 5.63 -7.24 9.05
C ALA A 144 6.24 -6.94 7.67
N MET A 145 7.57 -7.11 7.58
CA MET A 145 8.32 -6.88 6.38
C MET A 145 8.29 -8.15 5.52
N LEU A 146 8.34 -7.99 4.19
CA LEU A 146 8.27 -9.13 3.27
C LEU A 146 9.53 -9.28 2.40
N PRO A 147 9.92 -10.50 2.12
CA PRO A 147 11.12 -10.83 1.27
C PRO A 147 10.89 -10.56 -0.22
N ARG A 148 11.95 -10.23 -0.94
CA ARG A 148 11.85 -9.96 -2.37
C ARG A 148 11.25 -11.15 -3.12
N GLN A 149 11.21 -12.30 -2.46
CA GLN A 149 10.67 -13.50 -3.09
C GLN A 149 9.34 -13.20 -3.78
N GLU A 150 9.19 -13.71 -5.01
CA GLU A 150 7.97 -13.47 -5.78
C GLU A 150 7.48 -14.76 -6.44
N GLU A 151 6.16 -14.91 -6.53
CA GLU A 151 5.55 -16.08 -7.16
C GLU A 151 4.62 -15.60 -8.27
N CYS A 152 4.09 -14.40 -8.09
CA CYS A 152 3.18 -13.79 -9.07
C CYS A 152 3.55 -12.33 -9.27
N THR A 153 3.13 -11.75 -10.39
CA THR A 153 3.42 -10.35 -10.68
C THR A 153 2.38 -9.77 -11.62
N VAL A 154 2.31 -8.45 -11.69
CA VAL A 154 1.35 -7.79 -12.56
C VAL A 154 1.81 -7.87 -14.00
N ASP A 155 0.89 -7.66 -14.91
CA ASP A 155 1.21 -7.69 -16.33
C ASP A 155 1.66 -6.31 -16.79
N GLU A 156 2.24 -6.31 -17.96
CA GLU A 156 2.75 -5.07 -18.56
C GLU A 156 1.62 -4.06 -18.73
N VAL A 157 0.38 -4.55 -18.73
CA VAL A 157 -0.77 -3.68 -18.89
C VAL A 157 -2.03 -4.36 -18.36
N MET A 1 8.58 19.95 -11.42
CA MET A 1 9.88 20.46 -10.90
C MET A 1 9.82 20.52 -9.37
N THR A 2 8.95 21.39 -8.86
CA THR A 2 8.80 21.54 -7.42
C THR A 2 8.26 20.27 -6.79
N VAL A 3 7.85 19.32 -7.65
CA VAL A 3 7.31 18.05 -7.16
C VAL A 3 7.63 16.94 -8.17
N PRO A 4 7.78 15.72 -7.71
CA PRO A 4 8.08 14.55 -8.60
C PRO A 4 6.90 14.20 -9.50
N ASP A 5 7.20 13.79 -10.72
CA ASP A 5 6.15 13.42 -11.67
C ASP A 5 5.53 12.08 -11.27
N ARG A 6 4.23 12.12 -10.97
CA ARG A 6 3.52 10.91 -10.57
C ARG A 6 3.75 9.79 -11.60
N SER A 7 4.05 10.17 -12.83
CA SER A 7 4.29 9.19 -13.88
C SER A 7 5.45 8.28 -13.50
N GLU A 8 6.41 8.82 -12.77
CA GLU A 8 7.58 8.04 -12.35
C GLU A 8 7.16 6.86 -11.47
N ILE A 9 6.36 7.13 -10.45
CA ILE A 9 5.91 6.07 -9.55
C ILE A 9 4.69 5.36 -10.11
N ALA A 10 3.88 6.05 -10.90
CA ALA A 10 2.69 5.41 -11.46
C ALA A 10 3.10 4.38 -12.50
N GLY A 11 2.38 3.26 -12.50
CA GLY A 11 2.68 2.17 -13.43
C GLY A 11 3.09 0.92 -12.66
N LYS A 12 3.76 1.12 -11.53
CA LYS A 12 4.19 -0.02 -10.71
C LYS A 12 4.57 0.41 -9.28
N TRP A 13 3.75 0.02 -8.30
CA TRP A 13 4.03 0.33 -6.89
C TRP A 13 4.34 -0.99 -6.19
N TYR A 14 5.48 -1.07 -5.50
CA TYR A 14 5.86 -2.33 -4.84
C TYR A 14 5.55 -2.30 -3.34
N VAL A 15 4.73 -3.26 -2.90
CA VAL A 15 4.38 -3.40 -1.49
C VAL A 15 5.35 -4.38 -0.84
N VAL A 16 5.98 -3.98 0.28
CA VAL A 16 6.96 -4.87 0.92
C VAL A 16 6.87 -4.92 2.43
N ALA A 17 5.86 -4.29 3.01
CA ALA A 17 5.68 -4.37 4.46
C ALA A 17 4.47 -3.58 4.89
N LEU A 18 3.71 -4.12 5.82
CA LEU A 18 2.51 -3.43 6.27
C LEU A 18 2.24 -3.73 7.74
N ALA A 19 1.67 -2.75 8.44
CA ALA A 19 1.33 -2.90 9.86
C ALA A 19 -0.16 -2.77 10.03
N SER A 20 -0.66 -3.24 11.17
CA SER A 20 -2.09 -3.16 11.44
C SER A 20 -2.39 -3.43 12.89
N ASN A 21 -3.67 -3.38 13.23
CA ASN A 21 -4.13 -3.65 14.58
C ASN A 21 -5.02 -4.88 14.53
N THR A 22 -5.52 -5.18 13.33
CA THR A 22 -6.35 -6.35 13.13
C THR A 22 -5.46 -7.57 12.98
N GLU A 23 -5.41 -8.38 14.02
CA GLU A 23 -4.55 -9.55 14.04
C GLU A 23 -4.57 -10.29 12.71
N PHE A 24 -5.68 -10.22 12.01
CA PHE A 24 -5.81 -10.91 10.73
C PHE A 24 -4.70 -10.50 9.74
N PHE A 25 -4.50 -9.19 9.55
CA PHE A 25 -3.51 -8.71 8.57
C PHE A 25 -2.05 -8.92 9.00
N LEU A 26 -1.71 -8.55 10.22
CA LEU A 26 -0.32 -8.72 10.68
C LEU A 26 0.02 -10.21 10.81
N ARG A 27 -0.92 -10.96 11.37
CA ARG A 27 -0.70 -12.40 11.54
C ARG A 27 -0.42 -13.03 10.19
N GLU A 28 -1.25 -12.72 9.20
CA GLU A 28 -1.08 -13.29 7.87
C GLU A 28 0.02 -12.59 7.06
N LYS A 29 0.12 -11.26 7.16
CA LYS A 29 1.15 -10.56 6.41
C LYS A 29 2.49 -11.25 6.57
N ASP A 30 2.66 -11.90 7.72
CA ASP A 30 3.90 -12.59 8.03
C ASP A 30 4.12 -13.79 7.11
N LYS A 31 3.05 -14.39 6.58
CA LYS A 31 3.21 -15.58 5.74
C LYS A 31 3.29 -15.27 4.23
N MET A 32 2.81 -14.11 3.78
CA MET A 32 2.88 -13.82 2.34
C MET A 32 4.27 -13.34 1.93
N LYS A 33 4.41 -13.07 0.64
CA LYS A 33 5.66 -12.60 0.05
C LYS A 33 5.42 -11.20 -0.54
N MET A 34 6.48 -10.58 -1.07
CA MET A 34 6.36 -9.24 -1.62
C MET A 34 5.20 -9.14 -2.60
N ALA A 35 4.44 -8.04 -2.50
CA ALA A 35 3.29 -7.81 -3.37
C ALA A 35 3.54 -6.59 -4.24
N MET A 36 2.74 -6.42 -5.28
CA MET A 36 2.90 -5.30 -6.21
C MET A 36 1.56 -4.61 -6.45
N ALA A 37 1.64 -3.43 -7.03
CA ALA A 37 0.43 -2.65 -7.33
C ALA A 37 0.69 -1.67 -8.46
N ARG A 38 -0.38 -1.19 -9.09
CA ARG A 38 -0.24 -0.23 -10.19
C ARG A 38 -1.31 0.85 -10.05
N ILE A 39 -0.90 2.11 -10.20
CA ILE A 39 -1.80 3.25 -10.05
C ILE A 39 -1.83 4.04 -11.34
N SER A 40 -2.97 4.60 -11.69
CA SER A 40 -3.05 5.39 -12.91
C SER A 40 -4.18 6.40 -12.81
N PHE A 41 -4.14 7.42 -13.67
CA PHE A 41 -5.15 8.49 -13.61
C PHE A 41 -6.26 8.31 -14.64
N LEU A 42 -7.29 7.56 -14.25
CA LEU A 42 -8.45 7.39 -15.14
C LEU A 42 -8.97 8.77 -15.46
N GLY A 43 -8.94 9.61 -14.43
CA GLY A 43 -9.39 10.99 -14.51
C GLY A 43 -8.93 11.72 -13.25
N GLU A 44 -8.89 13.05 -13.30
CA GLU A 44 -8.46 13.82 -12.13
C GLU A 44 -9.23 13.37 -10.89
N ASP A 45 -10.48 12.96 -11.09
CA ASP A 45 -11.32 12.50 -9.98
C ASP A 45 -11.52 10.99 -10.08
N GLU A 46 -10.67 10.34 -10.85
CA GLU A 46 -10.78 8.88 -11.02
C GLU A 46 -9.39 8.27 -11.19
N LEU A 47 -9.02 7.40 -10.25
CA LEU A 47 -7.72 6.73 -10.30
C LEU A 47 -7.92 5.22 -10.16
N LYS A 48 -7.11 4.45 -10.88
CA LYS A 48 -7.20 2.99 -10.81
C LYS A 48 -6.02 2.42 -10.05
N VAL A 49 -6.28 1.75 -8.92
CA VAL A 49 -5.20 1.14 -8.14
C VAL A 49 -5.40 -0.36 -8.09
N SER A 50 -4.29 -1.06 -8.24
CA SER A 50 -4.30 -2.51 -8.31
C SER A 50 -3.43 -3.16 -7.23
N TYR A 51 -3.83 -4.35 -6.80
CA TYR A 51 -3.05 -5.09 -5.80
C TYR A 51 -2.70 -6.48 -6.32
N ALA A 52 -1.45 -6.87 -6.17
CA ALA A 52 -1.00 -8.20 -6.59
C ALA A 52 -0.39 -8.89 -5.38
N VAL A 53 -1.06 -9.92 -4.86
CA VAL A 53 -0.57 -10.62 -3.68
C VAL A 53 -0.14 -12.05 -4.01
N PRO A 54 1.04 -12.46 -3.62
CA PRO A 54 1.55 -13.83 -3.88
C PRO A 54 0.96 -14.84 -2.90
N LYS A 55 1.09 -16.11 -3.23
CA LYS A 55 0.57 -17.16 -2.36
C LYS A 55 1.21 -18.51 -2.72
N PRO A 56 2.35 -18.83 -2.16
CA PRO A 56 3.05 -20.11 -2.46
C PRO A 56 2.07 -21.28 -2.66
N ASN A 57 0.85 -21.12 -2.13
CA ASN A 57 -0.18 -22.16 -2.26
C ASN A 57 -1.22 -21.76 -3.31
N GLY A 58 -0.81 -20.89 -4.24
CA GLY A 58 -1.71 -20.42 -5.28
C GLY A 58 -1.32 -19.01 -5.74
N CYS A 59 -2.25 -18.31 -6.38
CA CYS A 59 -1.98 -16.96 -6.88
C CYS A 59 -3.22 -16.09 -6.75
N ARG A 60 -3.07 -14.87 -6.20
CA ARG A 60 -4.22 -13.96 -6.05
C ARG A 60 -3.89 -12.59 -6.63
N LYS A 61 -4.57 -12.25 -7.73
CA LYS A 61 -4.37 -10.96 -8.39
C LYS A 61 -5.71 -10.35 -8.76
N TRP A 62 -5.90 -9.07 -8.44
CA TRP A 62 -7.15 -8.38 -8.76
C TRP A 62 -6.90 -6.88 -8.90
N GLU A 63 -7.93 -6.15 -9.35
CA GLU A 63 -7.82 -4.69 -9.53
C GLU A 63 -8.86 -3.96 -8.70
N THR A 64 -8.66 -2.65 -8.55
CA THR A 64 -9.57 -1.82 -7.77
C THR A 64 -9.57 -0.38 -8.29
N THR A 65 -10.74 0.27 -8.27
CA THR A 65 -10.87 1.64 -8.74
C THR A 65 -10.97 2.62 -7.58
N PHE A 66 -10.13 3.65 -7.58
CA PHE A 66 -10.13 4.66 -6.51
C PHE A 66 -10.45 6.04 -7.10
N LYS A 67 -11.32 6.80 -6.44
CA LYS A 67 -11.68 8.14 -6.91
C LYS A 67 -11.25 9.20 -5.90
N LYS A 68 -10.86 10.36 -6.40
CA LYS A 68 -10.41 11.45 -5.54
C LYS A 68 -11.58 12.05 -4.77
N THR A 69 -11.41 12.15 -3.44
CA THR A 69 -12.44 12.72 -2.58
C THR A 69 -11.84 13.82 -1.71
N SER A 70 -12.70 14.55 -1.01
CA SER A 70 -12.25 15.63 -0.13
C SER A 70 -12.14 15.14 1.30
N ASP A 71 -12.40 13.85 1.48
CA ASP A 71 -12.36 13.20 2.80
C ASP A 71 -11.54 14.00 3.81
N ASP A 72 -10.35 14.45 3.42
CA ASP A 72 -9.51 15.22 4.33
C ASP A 72 -8.25 15.70 3.61
N GLY A 73 -8.37 16.86 2.96
CA GLY A 73 -7.25 17.43 2.23
C GLY A 73 -7.07 16.76 0.87
N GLU A 74 -6.08 15.89 0.77
CA GLU A 74 -5.80 15.17 -0.47
C GLU A 74 -5.85 13.66 -0.22
N VAL A 75 -7.02 13.05 -0.41
CA VAL A 75 -7.17 11.61 -0.18
C VAL A 75 -7.97 10.95 -1.30
N TYR A 76 -7.67 9.67 -1.54
CA TYR A 76 -8.36 8.90 -2.57
C TYR A 76 -9.15 7.78 -1.89
N TYR A 77 -10.24 7.33 -2.54
CA TYR A 77 -11.05 6.26 -1.95
C TYR A 77 -11.83 5.46 -2.99
N SER A 78 -11.94 4.15 -2.77
CA SER A 78 -12.70 3.29 -3.67
C SER A 78 -14.07 3.01 -3.07
N GLU A 79 -15.09 3.67 -3.57
CA GLU A 79 -16.45 3.51 -3.05
C GLU A 79 -16.90 2.05 -3.10
N GLU A 80 -16.52 1.34 -4.15
CA GLU A 80 -16.91 -0.06 -4.30
C GLU A 80 -16.15 -0.99 -3.34
N ALA A 81 -14.90 -0.66 -3.06
CA ALA A 81 -14.09 -1.50 -2.17
C ALA A 81 -13.99 -0.92 -0.75
N LYS A 82 -14.78 0.13 -0.48
CA LYS A 82 -14.75 0.76 0.85
C LYS A 82 -13.34 0.76 1.43
N LYS A 83 -12.44 1.41 0.72
CA LYS A 83 -11.04 1.51 1.13
C LYS A 83 -10.47 2.88 0.78
N LYS A 84 -9.84 3.52 1.76
CA LYS A 84 -9.27 4.85 1.58
C LYS A 84 -7.79 4.89 1.90
N VAL A 85 -7.01 5.54 1.03
CA VAL A 85 -5.58 5.68 1.26
C VAL A 85 -5.15 7.12 1.04
N GLU A 86 -4.48 7.68 2.06
CA GLU A 86 -4.05 9.08 2.03
C GLU A 86 -2.55 9.20 2.22
N VAL A 87 -1.93 10.06 1.41
CA VAL A 87 -0.50 10.27 1.51
C VAL A 87 -0.12 10.78 2.89
N LEU A 88 0.27 9.86 3.77
CA LEU A 88 0.69 10.20 5.12
C LEU A 88 2.19 10.49 5.09
N ASP A 89 2.81 9.98 4.04
CA ASP A 89 4.24 10.15 3.80
C ASP A 89 4.54 9.45 2.48
N THR A 90 5.05 10.18 1.50
CA THR A 90 5.31 9.58 0.20
C THR A 90 6.53 10.23 -0.47
N ASP A 91 7.51 9.40 -0.80
CA ASP A 91 8.71 9.88 -1.47
C ASP A 91 8.46 9.97 -2.96
N TYR A 92 7.56 9.12 -3.43
CA TYR A 92 7.19 9.09 -4.84
C TYR A 92 8.40 8.77 -5.72
N LYS A 93 9.47 8.24 -5.13
CA LYS A 93 10.66 7.91 -5.93
C LYS A 93 11.47 6.81 -5.25
N SER A 94 11.43 6.76 -3.92
CA SER A 94 12.19 5.76 -3.17
C SER A 94 11.28 4.87 -2.33
N TYR A 95 10.53 5.47 -1.41
CA TYR A 95 9.62 4.70 -0.55
C TYR A 95 8.48 5.59 -0.06
N ALA A 96 7.38 4.98 0.37
CA ALA A 96 6.25 5.77 0.85
C ALA A 96 5.47 5.05 1.95
N VAL A 97 4.99 5.83 2.90
CA VAL A 97 4.18 5.31 4.01
C VAL A 97 2.81 5.94 3.91
N ILE A 98 1.77 5.13 3.78
CA ILE A 98 0.42 5.64 3.61
C ILE A 98 -0.55 5.02 4.61
N TYR A 99 -1.56 5.80 4.98
CA TYR A 99 -2.56 5.34 5.94
C TYR A 99 -3.76 4.76 5.21
N ALA A 100 -3.88 3.43 5.23
CA ALA A 100 -4.98 2.74 4.57
C ALA A 100 -6.04 2.32 5.58
N THR A 101 -7.30 2.51 5.21
CA THR A 101 -8.40 2.14 6.09
C THR A 101 -9.55 1.54 5.31
N ARG A 102 -10.01 0.38 5.76
CA ARG A 102 -11.11 -0.32 5.12
C ARG A 102 -12.19 -0.56 6.16
N VAL A 103 -13.44 -0.22 5.84
CA VAL A 103 -14.53 -0.39 6.79
C VAL A 103 -15.61 -1.32 6.24
N LYS A 104 -15.78 -2.46 6.90
CA LYS A 104 -16.77 -3.44 6.50
C LYS A 104 -18.05 -3.21 7.29
N ASP A 105 -19.14 -3.84 6.88
CA ASP A 105 -20.40 -3.67 7.58
C ASP A 105 -20.27 -4.11 9.05
N GLY A 106 -20.26 -3.12 9.93
CA GLY A 106 -20.16 -3.38 11.37
C GLY A 106 -18.71 -3.42 11.86
N ARG A 107 -17.76 -3.45 10.94
CA ARG A 107 -16.34 -3.51 11.32
C ARG A 107 -15.53 -2.37 10.69
N THR A 108 -14.66 -1.77 11.50
CA THR A 108 -13.80 -0.67 11.04
C THR A 108 -12.36 -0.94 11.43
N LEU A 109 -11.42 -0.66 10.52
CA LEU A 109 -10.01 -0.88 10.83
C LEU A 109 -9.08 0.00 10.04
N HIS A 110 -7.89 0.18 10.59
CA HIS A 110 -6.85 0.96 9.94
C HIS A 110 -5.58 0.13 9.84
N MET A 111 -4.70 0.48 8.90
CA MET A 111 -3.44 -0.26 8.74
C MET A 111 -2.39 0.59 8.04
N MET A 112 -1.12 0.30 8.31
CA MET A 112 -0.02 1.03 7.67
C MET A 112 0.53 0.19 6.53
N ARG A 113 0.86 0.82 5.41
CA ARG A 113 1.40 0.09 4.26
C ARG A 113 2.69 0.75 3.79
N LEU A 114 3.73 -0.07 3.62
CA LEU A 114 5.03 0.42 3.18
C LEU A 114 5.37 -0.19 1.83
N TYR A 115 5.69 0.69 0.88
CA TYR A 115 6.01 0.27 -0.48
C TYR A 115 7.42 0.74 -0.87
N SER A 116 7.99 0.07 -1.86
CA SER A 116 9.32 0.41 -2.38
C SER A 116 9.25 0.68 -3.87
N ARG A 117 10.09 1.59 -4.36
CA ARG A 117 10.10 1.91 -5.78
C ARG A 117 10.84 0.84 -6.55
N SER A 118 11.73 0.15 -5.85
CA SER A 118 12.52 -0.91 -6.45
C SER A 118 12.42 -2.19 -5.61
N PRO A 119 12.43 -3.34 -6.24
CA PRO A 119 12.32 -4.64 -5.52
C PRO A 119 13.08 -4.63 -4.19
N GLU A 120 14.07 -3.74 -4.07
CA GLU A 120 14.85 -3.63 -2.85
C GLU A 120 14.25 -2.58 -1.93
N VAL A 121 14.61 -2.66 -0.66
CA VAL A 121 14.11 -1.71 0.34
C VAL A 121 15.27 -0.93 0.94
N SER A 122 15.11 0.40 1.03
CA SER A 122 16.15 1.25 1.60
C SER A 122 16.04 1.29 3.13
N PRO A 123 17.09 0.97 3.85
CA PRO A 123 17.07 0.98 5.34
C PRO A 123 16.33 2.21 5.90
N ALA A 124 16.31 3.28 5.12
CA ALA A 124 15.64 4.50 5.54
C ALA A 124 14.13 4.36 5.44
N ALA A 125 13.69 3.56 4.45
CA ALA A 125 12.26 3.35 4.25
C ALA A 125 11.65 2.59 5.44
N THR A 126 12.38 1.59 5.91
CA THR A 126 11.91 0.80 7.05
C THR A 126 12.05 1.59 8.35
N ALA A 127 13.06 2.45 8.42
CA ALA A 127 13.30 3.23 9.63
C ALA A 127 12.30 4.38 9.78
N ILE A 128 12.11 5.16 8.71
CA ILE A 128 11.15 6.26 8.76
C ILE A 128 9.80 5.65 9.12
N PHE A 129 9.56 4.50 8.53
CA PHE A 129 8.34 3.75 8.77
C PHE A 129 8.10 3.60 10.27
N ARG A 130 9.18 3.31 10.99
CA ARG A 130 9.09 3.11 12.44
C ARG A 130 8.82 4.43 13.18
N LYS A 131 9.43 5.52 12.71
CA LYS A 131 9.25 6.81 13.37
C LYS A 131 7.77 7.12 13.60
N LEU A 132 7.01 7.20 12.51
CA LEU A 132 5.58 7.49 12.63
C LEU A 132 4.87 6.38 13.41
N ALA A 133 5.26 5.14 13.13
CA ALA A 133 4.65 4.02 13.82
C ALA A 133 4.86 4.14 15.33
N GLY A 134 6.04 4.62 15.72
CA GLY A 134 6.32 4.80 17.15
C GLY A 134 5.39 5.84 17.72
N GLU A 135 5.12 6.87 16.92
CA GLU A 135 4.22 7.94 17.34
C GLU A 135 2.82 7.37 17.53
N ARG A 136 2.61 6.18 16.97
CA ARG A 136 1.31 5.50 17.09
C ARG A 136 1.37 4.44 18.19
N ASN A 137 2.48 4.44 18.93
CA ASN A 137 2.67 3.49 20.02
C ASN A 137 2.51 2.05 19.55
N TYR A 138 3.00 1.76 18.36
CA TYR A 138 2.91 0.41 17.81
C TYR A 138 4.09 -0.45 18.29
N THR A 139 4.01 -1.76 18.04
CA THR A 139 5.08 -2.68 18.43
C THR A 139 5.59 -3.42 17.19
N ASP A 140 6.84 -3.87 17.23
CA ASP A 140 7.43 -4.55 16.07
C ASP A 140 6.47 -5.58 15.48
N GLU A 141 5.94 -6.48 16.30
CA GLU A 141 5.04 -7.50 15.78
C GLU A 141 3.88 -6.88 15.01
N MET A 142 3.64 -5.59 15.24
CA MET A 142 2.55 -4.90 14.56
C MET A 142 2.93 -4.56 13.13
N VAL A 143 4.21 -4.65 12.82
CA VAL A 143 4.69 -4.39 11.46
C VAL A 143 5.49 -5.58 10.96
N ALA A 144 5.13 -6.08 9.77
CA ALA A 144 5.80 -7.25 9.21
C ALA A 144 6.45 -6.93 7.85
N MET A 145 7.78 -7.10 7.80
CA MET A 145 8.54 -6.87 6.62
C MET A 145 8.46 -8.14 5.77
N LEU A 146 8.47 -8.01 4.44
CA LEU A 146 8.35 -9.14 3.55
C LEU A 146 9.58 -9.27 2.62
N PRO A 147 10.08 -10.47 2.40
CA PRO A 147 11.27 -10.72 1.52
C PRO A 147 10.97 -10.46 0.04
N ARG A 148 12.02 -10.18 -0.73
CA ARG A 148 11.88 -9.90 -2.16
C ARG A 148 11.24 -11.07 -2.90
N GLN A 149 11.28 -12.26 -2.31
CA GLN A 149 10.71 -13.44 -2.96
C GLN A 149 9.37 -13.10 -3.62
N GLU A 150 9.19 -13.58 -4.85
CA GLU A 150 7.96 -13.31 -5.60
C GLU A 150 7.38 -14.59 -6.20
N GLU A 151 6.05 -14.70 -6.21
CA GLU A 151 5.38 -15.86 -6.77
C GLU A 151 4.38 -15.41 -7.83
N CYS A 152 3.80 -14.24 -7.60
CA CYS A 152 2.84 -13.65 -8.52
C CYS A 152 3.25 -12.22 -8.88
N THR A 153 2.96 -11.81 -10.11
CA THR A 153 3.32 -10.45 -10.54
C THR A 153 2.29 -9.92 -11.53
N VAL A 154 2.21 -8.60 -11.66
CA VAL A 154 1.28 -7.98 -12.56
C VAL A 154 1.71 -8.23 -13.99
N ASP A 155 0.78 -8.06 -14.91
CA ASP A 155 1.06 -8.24 -16.32
C ASP A 155 1.81 -7.04 -16.86
N GLU A 156 2.37 -7.23 -18.04
CA GLU A 156 3.13 -6.19 -18.71
C GLU A 156 2.23 -5.02 -19.09
N VAL A 157 0.93 -5.28 -19.18
CA VAL A 157 -0.04 -4.24 -19.54
C VAL A 157 0.26 -2.96 -18.77
N MET A 1 7.19 21.33 -13.48
CA MET A 1 6.63 22.05 -12.31
C MET A 1 7.44 21.72 -11.06
N THR A 2 7.31 22.55 -10.04
CA THR A 2 8.04 22.33 -8.79
C THR A 2 7.66 20.99 -8.18
N VAL A 3 6.39 20.61 -8.29
CA VAL A 3 5.92 19.35 -7.75
C VAL A 3 6.55 18.17 -8.52
N PRO A 4 6.76 17.05 -7.87
CA PRO A 4 7.35 15.85 -8.51
C PRO A 4 6.39 15.19 -9.50
N ASP A 5 6.95 14.47 -10.47
CA ASP A 5 6.12 13.80 -11.47
C ASP A 5 5.51 12.52 -10.89
N ARG A 6 4.23 12.31 -11.16
CA ARG A 6 3.54 11.13 -10.67
C ARG A 6 3.77 9.94 -11.60
N SER A 7 4.07 10.25 -12.86
CA SER A 7 4.32 9.21 -13.85
C SER A 7 5.47 8.31 -13.42
N GLU A 8 6.43 8.88 -12.70
CA GLU A 8 7.59 8.12 -12.25
C GLU A 8 7.18 6.95 -11.36
N ILE A 9 6.38 7.22 -10.34
CA ILE A 9 5.94 6.16 -9.44
C ILE A 9 4.72 5.43 -10.01
N ALA A 10 3.92 6.12 -10.82
CA ALA A 10 2.74 5.48 -11.39
C ALA A 10 3.15 4.46 -12.43
N GLY A 11 2.45 3.33 -12.42
CA GLY A 11 2.74 2.24 -13.36
C GLY A 11 3.12 0.98 -12.59
N LYS A 12 3.78 1.15 -11.44
CA LYS A 12 4.18 0.00 -10.63
C LYS A 12 4.58 0.42 -9.21
N TRP A 13 3.78 0.02 -8.23
CA TRP A 13 4.06 0.32 -6.82
C TRP A 13 4.37 -1.01 -6.12
N TYR A 14 5.49 -1.11 -5.42
CA TYR A 14 5.87 -2.36 -4.75
C TYR A 14 5.55 -2.33 -3.26
N VAL A 15 4.73 -3.28 -2.83
CA VAL A 15 4.37 -3.42 -1.41
C VAL A 15 5.37 -4.37 -0.75
N VAL A 16 5.94 -3.97 0.39
CA VAL A 16 6.95 -4.82 1.04
C VAL A 16 6.84 -4.85 2.56
N ALA A 17 5.83 -4.23 3.12
CA ALA A 17 5.63 -4.28 4.56
C ALA A 17 4.42 -3.47 4.96
N LEU A 18 3.64 -3.99 5.89
CA LEU A 18 2.44 -3.29 6.31
C LEU A 18 2.16 -3.54 7.79
N ALA A 19 1.58 -2.54 8.45
CA ALA A 19 1.24 -2.64 9.86
C ALA A 19 -0.26 -2.51 10.03
N SER A 20 -0.76 -2.95 11.17
CA SER A 20 -2.18 -2.90 11.44
C SER A 20 -2.46 -3.15 12.91
N ASN A 21 -3.74 -3.09 13.25
CA ASN A 21 -4.19 -3.35 14.61
C ASN A 21 -5.05 -4.60 14.61
N THR A 22 -5.49 -4.99 13.42
CA THR A 22 -6.30 -6.19 13.26
C THR A 22 -5.38 -7.40 13.14
N GLU A 23 -5.31 -8.17 14.20
CA GLU A 23 -4.42 -9.34 14.25
C GLU A 23 -4.48 -10.13 12.94
N PHE A 24 -5.61 -10.09 12.27
CA PHE A 24 -5.76 -10.84 11.03
C PHE A 24 -4.70 -10.44 9.98
N PHE A 25 -4.53 -9.14 9.75
CA PHE A 25 -3.58 -8.67 8.72
C PHE A 25 -2.11 -8.87 9.10
N LEU A 26 -1.72 -8.48 10.31
CA LEU A 26 -0.32 -8.63 10.71
C LEU A 26 0.02 -10.12 10.85
N ARG A 27 -0.92 -10.87 11.38
CA ARG A 27 -0.73 -12.30 11.55
C ARG A 27 -0.42 -12.95 10.20
N GLU A 28 -1.23 -12.62 9.19
CA GLU A 28 -1.06 -13.20 7.87
C GLU A 28 0.03 -12.49 7.05
N LYS A 29 0.10 -11.17 7.10
CA LYS A 29 1.11 -10.47 6.33
C LYS A 29 2.46 -11.12 6.54
N ASP A 30 2.64 -11.71 7.71
CA ASP A 30 3.89 -12.36 8.05
C ASP A 30 4.15 -13.59 7.18
N LYS A 31 3.10 -14.23 6.66
CA LYS A 31 3.29 -15.44 5.85
C LYS A 31 3.40 -15.16 4.35
N MET A 32 2.93 -14.00 3.86
CA MET A 32 3.03 -13.73 2.41
C MET A 32 4.41 -13.22 2.04
N LYS A 33 4.57 -12.96 0.75
CA LYS A 33 5.84 -12.45 0.19
C LYS A 33 5.61 -11.06 -0.41
N MET A 34 6.67 -10.44 -0.92
CA MET A 34 6.56 -9.11 -1.49
C MET A 34 5.44 -9.08 -2.55
N ALA A 35 4.69 -7.97 -2.54
CA ALA A 35 3.56 -7.80 -3.46
C ALA A 35 3.79 -6.62 -4.39
N MET A 36 2.97 -6.52 -5.43
CA MET A 36 3.09 -5.43 -6.41
C MET A 36 1.73 -4.75 -6.62
N ALA A 37 1.78 -3.53 -7.16
CA ALA A 37 0.57 -2.75 -7.41
C ALA A 37 0.81 -1.73 -8.51
N ARG A 38 -0.27 -1.22 -9.09
CA ARG A 38 -0.14 -0.21 -10.16
C ARG A 38 -1.22 0.86 -10.00
N ILE A 39 -0.83 2.12 -10.15
CA ILE A 39 -1.73 3.25 -9.99
C ILE A 39 -1.77 4.06 -11.28
N SER A 40 -2.91 4.62 -11.62
CA SER A 40 -2.99 5.42 -12.82
C SER A 40 -4.11 6.44 -12.70
N PHE A 41 -4.08 7.46 -13.56
CA PHE A 41 -5.08 8.52 -13.50
C PHE A 41 -6.20 8.35 -14.52
N LEU A 42 -7.24 7.59 -14.13
CA LEU A 42 -8.39 7.43 -15.01
C LEU A 42 -8.93 8.81 -15.32
N GLY A 43 -8.88 9.64 -14.28
CA GLY A 43 -9.34 11.02 -14.34
C GLY A 43 -8.89 11.74 -13.07
N GLU A 44 -8.86 13.06 -13.10
CA GLU A 44 -8.42 13.82 -11.92
C GLU A 44 -9.20 13.35 -10.70
N ASP A 45 -10.44 12.93 -10.90
CA ASP A 45 -11.28 12.44 -9.80
C ASP A 45 -11.47 10.93 -9.92
N GLU A 46 -10.61 10.29 -10.70
CA GLU A 46 -10.71 8.85 -10.88
C GLU A 46 -9.32 8.24 -11.06
N LEU A 47 -8.95 7.36 -10.13
CA LEU A 47 -7.65 6.70 -10.18
C LEU A 47 -7.84 5.18 -10.05
N LYS A 48 -7.05 4.41 -10.78
CA LYS A 48 -7.14 2.96 -10.72
C LYS A 48 -5.95 2.38 -9.96
N VAL A 49 -6.21 1.70 -8.84
CA VAL A 49 -5.13 1.09 -8.06
C VAL A 49 -5.33 -0.41 -8.01
N SER A 50 -4.23 -1.12 -8.16
CA SER A 50 -4.24 -2.57 -8.22
C SER A 50 -3.31 -3.22 -7.20
N TYR A 51 -3.69 -4.42 -6.77
CA TYR A 51 -2.87 -5.18 -5.82
C TYR A 51 -2.56 -6.55 -6.39
N ALA A 52 -1.29 -6.96 -6.28
CA ALA A 52 -0.87 -8.27 -6.75
C ALA A 52 -0.18 -8.99 -5.61
N VAL A 53 -0.84 -10.01 -5.06
CA VAL A 53 -0.28 -10.75 -3.92
C VAL A 53 0.03 -12.21 -4.31
N PRO A 54 1.21 -12.69 -4.02
CA PRO A 54 1.60 -14.09 -4.32
C PRO A 54 1.01 -15.05 -3.30
N LYS A 55 1.14 -16.34 -3.56
CA LYS A 55 0.61 -17.34 -2.65
C LYS A 55 1.24 -18.70 -2.95
N PRO A 56 2.32 -19.05 -2.30
CA PRO A 56 2.99 -20.37 -2.53
C PRO A 56 1.99 -21.50 -2.75
N ASN A 57 0.77 -21.32 -2.27
CA ASN A 57 -0.28 -22.32 -2.42
C ASN A 57 -1.29 -21.91 -3.48
N GLY A 58 -0.87 -21.04 -4.40
CA GLY A 58 -1.75 -20.56 -5.47
C GLY A 58 -1.33 -19.17 -5.93
N CYS A 59 -2.26 -18.45 -6.55
CA CYS A 59 -1.99 -17.09 -7.04
C CYS A 59 -3.20 -16.20 -6.87
N ARG A 60 -3.00 -14.97 -6.37
CA ARG A 60 -4.13 -14.05 -6.18
C ARG A 60 -3.79 -12.68 -6.74
N LYS A 61 -4.47 -12.30 -7.82
CA LYS A 61 -4.25 -10.99 -8.46
C LYS A 61 -5.60 -10.37 -8.83
N TRP A 62 -5.77 -9.09 -8.50
CA TRP A 62 -7.02 -8.40 -8.82
C TRP A 62 -6.77 -6.89 -8.96
N GLU A 63 -7.81 -6.17 -9.41
CA GLU A 63 -7.71 -4.72 -9.60
C GLU A 63 -8.72 -3.99 -8.73
N THR A 64 -8.50 -2.69 -8.55
CA THR A 64 -9.40 -1.87 -7.73
C THR A 64 -9.44 -0.44 -8.26
N THR A 65 -10.61 0.19 -8.18
CA THR A 65 -10.78 1.57 -8.66
C THR A 65 -10.88 2.55 -7.49
N PHE A 66 -10.04 3.59 -7.51
CA PHE A 66 -10.04 4.60 -6.44
C PHE A 66 -10.38 5.97 -7.02
N LYS A 67 -11.28 6.70 -6.34
CA LYS A 67 -11.67 8.03 -6.78
C LYS A 67 -11.29 9.08 -5.75
N LYS A 68 -10.93 10.27 -6.23
CA LYS A 68 -10.51 11.34 -5.33
C LYS A 68 -11.71 11.92 -4.59
N THR A 69 -11.58 12.02 -3.27
CA THR A 69 -12.65 12.57 -2.42
C THR A 69 -12.10 13.68 -1.54
N SER A 70 -13.00 14.40 -0.87
CA SER A 70 -12.59 15.49 0.01
C SER A 70 -12.44 14.99 1.43
N ASP A 71 -12.65 13.68 1.61
CA ASP A 71 -12.57 13.03 2.92
C ASP A 71 -11.76 13.85 3.93
N ASP A 72 -10.57 14.29 3.54
CA ASP A 72 -9.74 15.07 4.45
C ASP A 72 -8.48 15.56 3.75
N GLY A 73 -8.60 16.72 3.10
CA GLY A 73 -7.47 17.31 2.39
C GLY A 73 -7.26 16.65 1.03
N GLU A 74 -6.24 15.79 0.95
CA GLU A 74 -5.93 15.08 -0.29
C GLU A 74 -5.96 13.56 -0.05
N VAL A 75 -7.12 12.94 -0.26
CA VAL A 75 -7.26 11.50 -0.04
C VAL A 75 -8.02 10.83 -1.17
N TYR A 76 -7.70 9.56 -1.43
CA TYR A 76 -8.36 8.79 -2.48
C TYR A 76 -9.15 7.65 -1.83
N TYR A 77 -10.21 7.19 -2.49
CA TYR A 77 -11.01 6.09 -1.94
C TYR A 77 -11.77 5.30 -3.01
N SER A 78 -11.86 3.98 -2.81
CA SER A 78 -12.60 3.12 -3.73
C SER A 78 -13.96 2.78 -3.13
N GLU A 79 -14.99 3.44 -3.63
CA GLU A 79 -16.35 3.22 -3.13
C GLU A 79 -16.76 1.76 -3.29
N GLU A 80 -16.41 1.17 -4.43
CA GLU A 80 -16.79 -0.21 -4.70
C GLU A 80 -16.20 -1.19 -3.68
N ALA A 81 -14.98 -0.90 -3.21
CA ALA A 81 -14.31 -1.78 -2.25
C ALA A 81 -14.35 -1.22 -0.82
N LYS A 82 -14.69 0.05 -0.69
CA LYS A 82 -14.72 0.67 0.64
C LYS A 82 -13.32 0.66 1.26
N LYS A 83 -12.39 1.31 0.56
CA LYS A 83 -11.01 1.40 1.02
C LYS A 83 -10.44 2.78 0.73
N LYS A 84 -9.82 3.38 1.74
CA LYS A 84 -9.27 4.74 1.61
C LYS A 84 -7.79 4.79 1.96
N VAL A 85 -7.01 5.45 1.10
CA VAL A 85 -5.58 5.60 1.34
C VAL A 85 -5.16 7.05 1.11
N GLU A 86 -4.50 7.63 2.12
CA GLU A 86 -4.08 9.03 2.09
C GLU A 86 -2.58 9.17 2.29
N VAL A 87 -1.97 10.03 1.48
CA VAL A 87 -0.53 10.23 1.58
C VAL A 87 -0.16 10.76 2.97
N LEU A 88 0.22 9.84 3.85
CA LEU A 88 0.64 10.20 5.21
C LEU A 88 2.13 10.48 5.19
N ASP A 89 2.77 9.98 4.14
CA ASP A 89 4.18 10.16 3.90
C ASP A 89 4.50 9.45 2.59
N THR A 90 5.03 10.18 1.62
CA THR A 90 5.31 9.58 0.31
C THR A 90 6.54 10.22 -0.33
N ASP A 91 7.53 9.40 -0.64
CA ASP A 91 8.74 9.88 -1.29
C ASP A 91 8.49 9.99 -2.78
N TYR A 92 7.61 9.12 -3.27
CA TYR A 92 7.26 9.11 -4.69
C TYR A 92 8.46 8.81 -5.56
N LYS A 93 9.55 8.27 -4.98
CA LYS A 93 10.73 7.98 -5.77
C LYS A 93 11.56 6.86 -5.12
N SER A 94 11.40 6.70 -3.81
CA SER A 94 12.14 5.67 -3.07
C SER A 94 11.22 4.80 -2.22
N TYR A 95 10.45 5.42 -1.33
CA TYR A 95 9.54 4.67 -0.47
C TYR A 95 8.42 5.58 0.02
N ALA A 96 7.33 4.99 0.49
CA ALA A 96 6.19 5.77 0.98
C ALA A 96 5.44 5.06 2.09
N VAL A 97 4.97 5.86 3.05
CA VAL A 97 4.18 5.34 4.17
C VAL A 97 2.80 5.97 4.08
N ILE A 98 1.79 5.16 3.84
CA ILE A 98 0.44 5.67 3.66
C ILE A 98 -0.53 5.05 4.67
N TYR A 99 -1.55 5.82 5.04
CA TYR A 99 -2.54 5.35 5.99
C TYR A 99 -3.73 4.77 5.23
N ALA A 100 -3.83 3.43 5.25
CA ALA A 100 -4.91 2.74 4.56
C ALA A 100 -5.96 2.26 5.55
N THR A 101 -7.22 2.40 5.17
CA THR A 101 -8.31 1.98 6.03
C THR A 101 -9.47 1.40 5.22
N ARG A 102 -9.96 0.25 5.67
CA ARG A 102 -11.08 -0.42 5.02
C ARG A 102 -12.19 -0.60 6.03
N VAL A 103 -13.41 -0.21 5.69
CA VAL A 103 -14.53 -0.32 6.62
C VAL A 103 -15.60 -1.27 6.08
N LYS A 104 -15.82 -2.36 6.81
CA LYS A 104 -16.83 -3.34 6.42
C LYS A 104 -18.13 -3.05 7.15
N ASP A 105 -19.21 -3.68 6.73
CA ASP A 105 -20.50 -3.45 7.37
C ASP A 105 -20.42 -3.78 8.86
N GLY A 106 -20.45 -2.74 9.68
CA GLY A 106 -20.43 -2.91 11.14
C GLY A 106 -19.00 -2.92 11.71
N ARG A 107 -17.98 -2.91 10.84
CA ARG A 107 -16.60 -2.94 11.32
C ARG A 107 -15.73 -1.90 10.61
N THR A 108 -14.80 -1.31 11.37
CA THR A 108 -13.88 -0.31 10.84
C THR A 108 -12.44 -0.71 11.15
N LEU A 109 -11.51 -0.42 10.24
CA LEU A 109 -10.12 -0.79 10.46
C LEU A 109 -9.15 0.17 9.76
N HIS A 110 -8.00 0.40 10.41
CA HIS A 110 -6.95 1.26 9.87
C HIS A 110 -5.64 0.49 9.87
N MET A 111 -4.75 0.77 8.91
CA MET A 111 -3.48 0.05 8.83
C MET A 111 -2.44 0.87 8.07
N MET A 112 -1.16 0.63 8.36
CA MET A 112 -0.08 1.33 7.67
C MET A 112 0.49 0.42 6.58
N ARG A 113 0.83 1.01 5.44
CA ARG A 113 1.39 0.23 4.34
C ARG A 113 2.68 0.86 3.84
N LEU A 114 3.73 0.03 3.71
CA LEU A 114 5.03 0.50 3.25
C LEU A 114 5.36 -0.13 1.91
N TYR A 115 5.67 0.74 0.95
CA TYR A 115 5.99 0.29 -0.40
C TYR A 115 7.39 0.76 -0.83
N SER A 116 7.94 0.09 -1.84
CA SER A 116 9.26 0.44 -2.37
C SER A 116 9.12 0.84 -3.83
N ARG A 117 9.97 1.75 -4.31
CA ARG A 117 9.90 2.20 -5.69
C ARG A 117 10.61 1.19 -6.59
N SER A 118 11.61 0.52 -6.02
CA SER A 118 12.39 -0.46 -6.75
C SER A 118 12.29 -1.83 -6.08
N PRO A 119 12.28 -2.90 -6.85
CA PRO A 119 12.19 -4.28 -6.29
C PRO A 119 12.96 -4.44 -4.98
N GLU A 120 13.95 -3.57 -4.78
CA GLU A 120 14.76 -3.61 -3.57
C GLU A 120 14.12 -2.76 -2.49
N VAL A 121 14.54 -3.01 -1.25
CA VAL A 121 14.01 -2.26 -0.10
C VAL A 121 15.12 -1.48 0.59
N SER A 122 14.92 -0.18 0.73
CA SER A 122 15.90 0.68 1.37
C SER A 122 15.78 0.58 2.90
N PRO A 123 16.88 0.59 3.62
CA PRO A 123 16.87 0.49 5.10
C PRO A 123 16.26 1.73 5.75
N ALA A 124 16.35 2.86 5.06
CA ALA A 124 15.81 4.11 5.58
C ALA A 124 14.29 4.09 5.52
N ALA A 125 13.76 3.43 4.50
CA ALA A 125 12.31 3.33 4.33
C ALA A 125 11.68 2.60 5.51
N THR A 126 12.39 1.61 6.01
CA THR A 126 11.91 0.83 7.15
C THR A 126 12.04 1.63 8.44
N ALA A 127 13.06 2.49 8.51
CA ALA A 127 13.30 3.29 9.71
C ALA A 127 12.30 4.44 9.84
N ILE A 128 12.13 5.21 8.77
CA ILE A 128 11.18 6.31 8.81
C ILE A 128 9.83 5.73 9.20
N PHE A 129 9.57 4.58 8.61
CA PHE A 129 8.35 3.85 8.86
C PHE A 129 8.13 3.71 10.37
N ARG A 130 9.21 3.40 11.08
CA ARG A 130 9.15 3.21 12.53
C ARG A 130 8.89 4.53 13.27
N LYS A 131 9.51 5.62 12.80
CA LYS A 131 9.35 6.91 13.47
C LYS A 131 7.88 7.23 13.70
N LEU A 132 7.10 7.31 12.62
CA LEU A 132 5.68 7.61 12.75
C LEU A 132 4.98 6.51 13.53
N ALA A 133 5.33 5.27 13.22
CA ALA A 133 4.72 4.14 13.91
C ALA A 133 4.96 4.24 15.41
N GLY A 134 6.14 4.73 15.79
CA GLY A 134 6.46 4.88 17.21
C GLY A 134 5.55 5.94 17.82
N GLU A 135 5.29 6.99 17.05
CA GLU A 135 4.42 8.05 17.52
C GLU A 135 3.03 7.49 17.72
N ARG A 136 2.78 6.31 17.15
CA ARG A 136 1.48 5.65 17.29
C ARG A 136 1.57 4.56 18.36
N ASN A 137 2.69 4.54 19.08
CA ASN A 137 2.90 3.57 20.15
C ASN A 137 2.70 2.14 19.66
N TYR A 138 3.15 1.87 18.44
CA TYR A 138 3.03 0.53 17.88
C TYR A 138 4.20 -0.35 18.32
N THR A 139 4.07 -1.66 18.06
CA THR A 139 5.14 -2.62 18.42
C THR A 139 5.62 -3.35 17.16
N ASP A 140 6.85 -3.83 17.18
CA ASP A 140 7.40 -4.51 16.01
C ASP A 140 6.41 -5.51 15.42
N GLU A 141 5.87 -6.41 16.25
CA GLU A 141 4.94 -7.41 15.75
C GLU A 141 3.78 -6.75 15.00
N MET A 142 3.57 -5.47 15.23
CA MET A 142 2.48 -4.74 14.57
C MET A 142 2.84 -4.41 13.14
N VAL A 143 4.12 -4.52 12.81
CA VAL A 143 4.60 -4.25 11.45
C VAL A 143 5.37 -5.46 10.92
N ALA A 144 4.97 -5.95 9.75
CA ALA A 144 5.63 -7.13 9.18
C ALA A 144 6.36 -6.81 7.87
N MET A 145 7.70 -6.98 7.89
CA MET A 145 8.52 -6.75 6.74
C MET A 145 8.44 -8.01 5.86
N LEU A 146 8.46 -7.82 4.54
CA LEU A 146 8.33 -8.94 3.62
C LEU A 146 9.52 -9.05 2.64
N PRO A 147 10.02 -10.27 2.39
CA PRO A 147 11.16 -10.52 1.45
C PRO A 147 10.76 -10.44 -0.03
N ARG A 148 11.78 -10.38 -0.90
CA ARG A 148 11.57 -10.27 -2.35
C ARG A 148 10.97 -11.53 -2.98
N GLN A 149 10.95 -12.64 -2.25
CA GLN A 149 10.39 -13.88 -2.81
C GLN A 149 9.14 -13.57 -3.65
N GLU A 150 9.10 -14.05 -4.89
CA GLU A 150 7.97 -13.77 -5.77
C GLU A 150 7.40 -15.05 -6.38
N GLU A 151 6.07 -15.14 -6.42
CA GLU A 151 5.39 -16.29 -7.00
C GLU A 151 4.49 -15.82 -8.15
N CYS A 152 4.00 -14.59 -8.02
CA CYS A 152 3.14 -13.99 -9.02
C CYS A 152 3.51 -12.52 -9.23
N THR A 153 3.07 -11.95 -10.34
CA THR A 153 3.36 -10.55 -10.65
C THR A 153 2.28 -9.98 -11.57
N VAL A 154 2.19 -8.65 -11.63
CA VAL A 154 1.21 -8.00 -12.48
C VAL A 154 1.60 -8.18 -13.93
N ASP A 155 0.63 -7.98 -14.81
CA ASP A 155 0.88 -8.10 -16.23
C ASP A 155 1.59 -6.86 -16.74
N GLU A 156 2.12 -7.00 -17.93
CA GLU A 156 2.84 -5.91 -18.58
C GLU A 156 1.88 -5.02 -19.36
N VAL A 157 0.91 -5.63 -20.04
CA VAL A 157 -0.06 -4.88 -20.81
C VAL A 157 -1.31 -5.71 -21.07
N MET A 1 2.65 19.04 -8.35
CA MET A 1 3.37 19.66 -9.51
C MET A 1 4.86 19.74 -9.19
N THR A 2 5.21 20.63 -8.26
CA THR A 2 6.61 20.80 -7.88
C THR A 2 7.22 19.46 -7.49
N VAL A 3 6.45 18.63 -6.80
CA VAL A 3 6.93 17.32 -6.38
C VAL A 3 7.18 16.44 -7.60
N PRO A 4 8.09 15.50 -7.52
CA PRO A 4 8.40 14.58 -8.65
C PRO A 4 7.15 14.17 -9.42
N ASP A 5 7.30 14.02 -10.73
CA ASP A 5 6.17 13.63 -11.57
C ASP A 5 5.50 12.37 -11.04
N ARG A 6 4.20 12.24 -11.28
CA ARG A 6 3.46 11.08 -10.81
C ARG A 6 3.71 9.89 -11.72
N SER A 7 4.04 10.17 -12.97
CA SER A 7 4.32 9.10 -13.93
C SER A 7 5.44 8.21 -13.44
N GLU A 8 6.36 8.80 -12.68
CA GLU A 8 7.50 8.06 -12.16
C GLU A 8 7.06 6.90 -11.28
N ILE A 9 6.20 7.19 -10.29
CA ILE A 9 5.73 6.14 -9.39
C ILE A 9 4.55 5.38 -9.99
N ALA A 10 3.77 6.07 -10.82
CA ALA A 10 2.62 5.41 -11.43
C ALA A 10 3.08 4.42 -12.49
N GLY A 11 2.43 3.25 -12.52
CA GLY A 11 2.78 2.20 -13.47
C GLY A 11 3.22 0.96 -12.73
N LYS A 12 3.86 1.16 -11.56
CA LYS A 12 4.32 0.03 -10.76
C LYS A 12 4.66 0.45 -9.33
N TRP A 13 3.83 0.03 -8.37
CA TRP A 13 4.07 0.34 -6.95
C TRP A 13 4.39 -0.98 -6.24
N TYR A 14 5.50 -1.04 -5.51
CA TYR A 14 5.89 -2.29 -4.84
C TYR A 14 5.55 -2.25 -3.35
N VAL A 15 4.77 -3.25 -2.91
CA VAL A 15 4.39 -3.38 -1.50
C VAL A 15 5.38 -4.33 -0.82
N VAL A 16 5.97 -3.93 0.30
CA VAL A 16 6.96 -4.80 0.97
C VAL A 16 6.85 -4.83 2.48
N ALA A 17 5.82 -4.23 3.05
CA ALA A 17 5.62 -4.30 4.49
C ALA A 17 4.39 -3.54 4.90
N LEU A 18 3.61 -4.09 5.82
CA LEU A 18 2.39 -3.43 6.25
C LEU A 18 2.12 -3.72 7.73
N ALA A 19 1.52 -2.74 8.41
CA ALA A 19 1.19 -2.87 9.83
C ALA A 19 -0.32 -2.78 10.01
N SER A 20 -0.81 -3.24 11.14
CA SER A 20 -2.24 -3.21 11.40
C SER A 20 -2.52 -3.48 12.88
N ASN A 21 -3.81 -3.43 13.21
CA ASN A 21 -4.25 -3.69 14.57
C ASN A 21 -5.08 -4.96 14.56
N THR A 22 -5.49 -5.36 13.36
CA THR A 22 -6.27 -6.57 13.19
C THR A 22 -5.32 -7.75 13.04
N GLU A 23 -5.24 -8.56 14.09
CA GLU A 23 -4.33 -9.69 14.11
C GLU A 23 -4.32 -10.44 12.78
N PHE A 24 -5.44 -10.41 12.08
CA PHE A 24 -5.53 -11.11 10.80
C PHE A 24 -4.45 -10.65 9.81
N PHE A 25 -4.31 -9.34 9.62
CA PHE A 25 -3.34 -8.81 8.64
C PHE A 25 -1.87 -8.98 9.06
N LEU A 26 -1.53 -8.58 10.29
CA LEU A 26 -0.14 -8.70 10.73
C LEU A 26 0.25 -10.17 10.88
N ARG A 27 -0.61 -10.94 11.51
CA ARG A 27 -0.35 -12.36 11.69
C ARG A 27 -0.08 -13.02 10.35
N GLU A 28 -0.94 -12.72 9.37
CA GLU A 28 -0.80 -13.29 8.03
C GLU A 28 0.27 -12.58 7.20
N LYS A 29 0.34 -11.26 7.29
CA LYS A 29 1.33 -10.53 6.51
C LYS A 29 2.69 -11.19 6.65
N ASP A 30 2.90 -11.85 7.78
CA ASP A 30 4.16 -12.52 8.04
C ASP A 30 4.39 -13.72 7.12
N LYS A 31 3.30 -14.34 6.62
CA LYS A 31 3.47 -15.52 5.76
C LYS A 31 3.50 -15.20 4.27
N MET A 32 2.97 -14.06 3.82
CA MET A 32 3.02 -13.77 2.38
C MET A 32 4.40 -13.30 1.93
N LYS A 33 4.50 -13.02 0.65
CA LYS A 33 5.75 -12.54 0.03
C LYS A 33 5.53 -11.15 -0.55
N MET A 34 6.58 -10.52 -1.06
CA MET A 34 6.47 -9.19 -1.62
C MET A 34 5.32 -9.10 -2.63
N ALA A 35 4.54 -8.02 -2.53
CA ALA A 35 3.39 -7.81 -3.41
C ALA A 35 3.65 -6.59 -4.29
N MET A 36 2.86 -6.45 -5.35
CA MET A 36 3.01 -5.32 -6.27
C MET A 36 1.67 -4.66 -6.52
N ALA A 37 1.73 -3.45 -7.06
CA ALA A 37 0.52 -2.69 -7.35
C ALA A 37 0.76 -1.68 -8.45
N ARG A 38 -0.32 -1.22 -9.09
CA ARG A 38 -0.19 -0.21 -10.15
C ARG A 38 -1.28 0.83 -10.01
N ILE A 39 -0.91 2.11 -10.14
CA ILE A 39 -1.84 3.22 -9.99
C ILE A 39 -1.89 4.04 -11.27
N SER A 40 -3.05 4.57 -11.60
CA SER A 40 -3.16 5.38 -12.81
C SER A 40 -4.31 6.38 -12.67
N PHE A 41 -4.28 7.43 -13.48
CA PHE A 41 -5.31 8.47 -13.40
C PHE A 41 -6.40 8.30 -14.45
N LEU A 42 -7.42 7.52 -14.11
CA LEU A 42 -8.54 7.34 -15.02
C LEU A 42 -9.09 8.72 -15.35
N GLY A 43 -9.12 9.54 -14.32
CA GLY A 43 -9.60 10.91 -14.41
C GLY A 43 -9.16 11.69 -13.17
N GLU A 44 -9.15 13.01 -13.26
CA GLU A 44 -8.73 13.83 -12.13
C GLU A 44 -9.47 13.39 -10.87
N ASP A 45 -10.64 12.77 -11.04
CA ASP A 45 -11.44 12.30 -9.91
C ASP A 45 -11.64 10.79 -9.99
N GLU A 46 -10.88 10.15 -10.86
CA GLU A 46 -10.98 8.70 -11.02
C GLU A 46 -9.58 8.08 -11.10
N LEU A 47 -9.27 7.21 -10.14
CA LEU A 47 -7.95 6.57 -10.07
C LEU A 47 -8.08 5.05 -10.00
N LYS A 48 -7.24 4.35 -10.75
CA LYS A 48 -7.26 2.89 -10.75
C LYS A 48 -6.06 2.33 -9.99
N VAL A 49 -6.32 1.63 -8.88
CA VAL A 49 -5.24 1.03 -8.09
C VAL A 49 -5.41 -0.48 -8.02
N SER A 50 -4.29 -1.17 -8.14
CA SER A 50 -4.28 -2.62 -8.17
C SER A 50 -3.35 -3.22 -7.14
N TYR A 51 -3.68 -4.44 -6.71
CA TYR A 51 -2.86 -5.17 -5.73
C TYR A 51 -2.50 -6.54 -6.31
N ALA A 52 -1.23 -6.93 -6.17
CA ALA A 52 -0.77 -8.23 -6.66
C ALA A 52 -0.04 -8.97 -5.55
N VAL A 53 -0.65 -10.04 -5.06
CA VAL A 53 -0.05 -10.84 -3.98
C VAL A 53 0.31 -12.23 -4.51
N PRO A 54 1.59 -12.58 -4.55
CA PRO A 54 2.03 -13.91 -5.05
C PRO A 54 1.99 -14.98 -3.95
N LYS A 55 0.86 -15.06 -3.26
CA LYS A 55 0.69 -16.04 -2.19
C LYS A 55 1.08 -17.44 -2.68
N PRO A 56 2.18 -17.98 -2.23
CA PRO A 56 2.63 -19.34 -2.65
C PRO A 56 1.47 -20.35 -2.69
N ASN A 57 0.41 -20.05 -1.95
CA ASN A 57 -0.75 -20.94 -1.92
C ASN A 57 -1.65 -20.72 -3.14
N GLY A 58 -1.61 -19.51 -3.69
CA GLY A 58 -2.42 -19.19 -4.85
C GLY A 58 -2.16 -17.76 -5.33
N CYS A 59 -1.68 -17.64 -6.56
CA CYS A 59 -1.40 -16.33 -7.12
C CYS A 59 -2.67 -15.49 -7.22
N ARG A 60 -2.93 -14.70 -6.18
CA ARG A 60 -4.13 -13.86 -6.16
C ARG A 60 -3.82 -12.48 -6.73
N LYS A 61 -4.44 -12.16 -7.86
CA LYS A 61 -4.24 -10.87 -8.52
C LYS A 61 -5.57 -10.26 -8.93
N TRP A 62 -5.77 -8.99 -8.61
CA TRP A 62 -7.01 -8.31 -8.98
C TRP A 62 -6.78 -6.80 -9.05
N GLU A 63 -7.81 -6.07 -9.49
CA GLU A 63 -7.71 -4.62 -9.63
C GLU A 63 -8.74 -3.92 -8.75
N THR A 64 -8.52 -2.63 -8.51
CA THR A 64 -9.41 -1.83 -7.68
C THR A 64 -9.45 -0.38 -8.18
N THR A 65 -10.63 0.25 -8.09
CA THR A 65 -10.78 1.63 -8.55
C THR A 65 -10.91 2.60 -7.38
N PHE A 66 -10.07 3.64 -7.37
CA PHE A 66 -10.10 4.64 -6.32
C PHE A 66 -10.42 6.00 -6.93
N LYS A 67 -11.32 6.76 -6.31
CA LYS A 67 -11.71 8.06 -6.83
C LYS A 67 -11.31 9.17 -5.86
N LYS A 68 -10.94 10.32 -6.40
CA LYS A 68 -10.51 11.44 -5.57
C LYS A 68 -11.68 12.02 -4.79
N THR A 69 -11.52 12.10 -3.47
CA THR A 69 -12.56 12.64 -2.60
C THR A 69 -11.98 13.73 -1.70
N SER A 70 -12.86 14.42 -0.97
CA SER A 70 -12.42 15.47 -0.06
C SER A 70 -12.31 14.95 1.36
N ASP A 71 -12.54 13.64 1.50
CA ASP A 71 -12.50 12.96 2.80
C ASP A 71 -11.69 13.74 3.83
N ASP A 72 -10.50 14.20 3.46
CA ASP A 72 -9.67 14.96 4.38
C ASP A 72 -8.42 15.47 3.67
N GLY A 73 -8.55 16.62 3.03
CA GLY A 73 -7.43 17.21 2.31
C GLY A 73 -7.25 16.57 0.94
N GLU A 74 -6.24 15.71 0.84
CA GLU A 74 -5.95 15.00 -0.41
C GLU A 74 -5.98 13.50 -0.17
N VAL A 75 -7.13 12.88 -0.37
CA VAL A 75 -7.27 11.44 -0.14
C VAL A 75 -8.04 10.76 -1.27
N TYR A 76 -7.73 9.48 -1.51
CA TYR A 76 -8.41 8.71 -2.55
C TYR A 76 -9.21 7.60 -1.88
N TYR A 77 -10.29 7.16 -2.53
CA TYR A 77 -11.12 6.10 -1.95
C TYR A 77 -11.89 5.30 -3.01
N SER A 78 -11.97 3.98 -2.80
CA SER A 78 -12.72 3.12 -3.72
C SER A 78 -14.09 2.81 -3.11
N GLU A 79 -15.11 3.48 -3.63
CA GLU A 79 -16.47 3.30 -3.12
C GLU A 79 -16.91 1.83 -3.17
N GLU A 80 -16.53 1.14 -4.23
CA GLU A 80 -16.91 -0.26 -4.40
C GLU A 80 -16.18 -1.18 -3.42
N ALA A 81 -14.94 -0.84 -3.08
CA ALA A 81 -14.14 -1.67 -2.17
C ALA A 81 -14.05 -1.07 -0.77
N LYS A 82 -14.84 -0.02 -0.51
CA LYS A 82 -14.82 0.64 0.80
C LYS A 82 -13.41 0.62 1.39
N LYS A 83 -12.49 1.26 0.67
CA LYS A 83 -11.10 1.34 1.08
C LYS A 83 -10.51 2.71 0.76
N LYS A 84 -9.89 3.33 1.76
CA LYS A 84 -9.32 4.67 1.59
C LYS A 84 -7.84 4.71 1.94
N VAL A 85 -7.05 5.37 1.09
CA VAL A 85 -5.63 5.51 1.34
C VAL A 85 -5.20 6.96 1.11
N GLU A 86 -4.55 7.54 2.12
CA GLU A 86 -4.13 8.94 2.08
C GLU A 86 -2.63 9.09 2.28
N VAL A 87 -2.02 9.93 1.46
CA VAL A 87 -0.59 10.16 1.56
C VAL A 87 -0.21 10.62 2.97
N LEU A 88 0.22 9.67 3.79
CA LEU A 88 0.64 9.95 5.15
C LEU A 88 2.13 10.30 5.12
N ASP A 89 2.75 9.88 4.03
CA ASP A 89 4.16 10.11 3.76
C ASP A 89 4.46 9.45 2.42
N THR A 90 4.93 10.22 1.45
CA THR A 90 5.20 9.66 0.13
C THR A 90 6.39 10.35 -0.53
N ASP A 91 7.38 9.55 -0.91
CA ASP A 91 8.57 10.07 -1.57
C ASP A 91 8.33 10.11 -3.07
N TYR A 92 7.44 9.24 -3.53
CA TYR A 92 7.09 9.17 -4.94
C TYR A 92 8.33 8.90 -5.80
N LYS A 93 9.41 8.41 -5.20
CA LYS A 93 10.62 8.13 -5.97
C LYS A 93 11.46 7.04 -5.29
N SER A 94 11.42 7.00 -3.96
CA SER A 94 12.20 6.03 -3.19
C SER A 94 11.29 5.11 -2.38
N TYR A 95 10.51 5.69 -1.47
CA TYR A 95 9.61 4.91 -0.64
C TYR A 95 8.45 5.77 -0.15
N ALA A 96 7.36 5.14 0.26
CA ALA A 96 6.20 5.90 0.74
C ALA A 96 5.44 5.15 1.84
N VAL A 97 4.96 5.92 2.81
CA VAL A 97 4.18 5.37 3.92
C VAL A 97 2.79 5.98 3.86
N ILE A 98 1.77 5.13 3.73
CA ILE A 98 0.40 5.62 3.59
C ILE A 98 -0.54 4.97 4.60
N TYR A 99 -1.55 5.72 5.00
CA TYR A 99 -2.54 5.23 5.97
C TYR A 99 -3.75 4.66 5.24
N ALA A 100 -3.85 3.33 5.24
CA ALA A 100 -4.96 2.64 4.58
C ALA A 100 -6.00 2.19 5.59
N THR A 101 -7.26 2.34 5.22
CA THR A 101 -8.36 1.96 6.10
C THR A 101 -9.54 1.37 5.32
N ARG A 102 -10.05 0.25 5.80
CA ARG A 102 -11.18 -0.41 5.17
C ARG A 102 -12.32 -0.47 6.19
N VAL A 103 -13.51 -0.01 5.81
CA VAL A 103 -14.63 -0.01 6.76
C VAL A 103 -15.79 -0.87 6.25
N LYS A 104 -16.14 -1.88 7.03
CA LYS A 104 -17.24 -2.78 6.69
C LYS A 104 -18.47 -2.38 7.48
N ASP A 105 -19.61 -2.95 7.13
CA ASP A 105 -20.85 -2.60 7.82
C ASP A 105 -20.72 -2.89 9.32
N GLY A 106 -20.70 -1.82 10.11
CA GLY A 106 -20.60 -1.94 11.57
C GLY A 106 -19.18 -2.09 12.07
N ARG A 107 -18.22 -2.23 11.15
CA ARG A 107 -16.81 -2.41 11.56
C ARG A 107 -15.88 -1.45 10.82
N THR A 108 -14.90 -0.92 11.54
CA THR A 108 -13.91 0.00 10.97
C THR A 108 -12.51 -0.57 11.17
N LEU A 109 -11.59 -0.27 10.26
CA LEU A 109 -10.23 -0.79 10.36
C LEU A 109 -9.21 0.18 9.79
N HIS A 110 -8.03 0.16 10.40
CA HIS A 110 -6.93 0.98 9.95
C HIS A 110 -5.66 0.14 9.90
N MET A 111 -4.77 0.45 8.96
CA MET A 111 -3.53 -0.30 8.83
C MET A 111 -2.45 0.53 8.12
N MET A 112 -1.19 0.23 8.40
CA MET A 112 -0.08 0.95 7.77
C MET A 112 0.48 0.12 6.61
N ARG A 113 0.77 0.78 5.50
CA ARG A 113 1.31 0.08 4.34
C ARG A 113 2.59 0.76 3.85
N LEU A 114 3.63 -0.04 3.64
CA LEU A 114 4.93 0.47 3.19
C LEU A 114 5.28 -0.14 1.85
N TYR A 115 5.59 0.75 0.89
CA TYR A 115 5.94 0.33 -0.45
C TYR A 115 7.36 0.78 -0.81
N SER A 116 7.98 0.05 -1.74
CA SER A 116 9.34 0.39 -2.19
C SER A 116 9.31 0.68 -3.69
N ARG A 117 10.15 1.60 -4.14
CA ARG A 117 10.18 1.96 -5.56
C ARG A 117 10.99 0.92 -6.33
N SER A 118 11.89 0.23 -5.64
CA SER A 118 12.71 -0.80 -6.28
C SER A 118 12.53 -2.15 -5.58
N PRO A 119 12.53 -3.24 -6.31
CA PRO A 119 12.37 -4.60 -5.74
C PRO A 119 13.12 -4.76 -4.41
N GLU A 120 14.10 -3.89 -4.19
CA GLU A 120 14.91 -3.94 -2.98
C GLU A 120 14.24 -3.14 -1.87
N VAL A 121 14.73 -3.35 -0.66
CA VAL A 121 14.20 -2.65 0.52
C VAL A 121 15.28 -1.77 1.15
N SER A 122 15.08 -0.47 1.11
CA SER A 122 16.04 0.47 1.69
C SER A 122 15.87 0.55 3.21
N PRO A 123 16.95 0.65 3.95
CA PRO A 123 16.88 0.72 5.44
C PRO A 123 16.23 2.02 5.92
N ALA A 124 16.42 3.08 5.14
CA ALA A 124 15.83 4.38 5.48
C ALA A 124 14.31 4.33 5.39
N ALA A 125 13.82 3.66 4.34
CA ALA A 125 12.39 3.52 4.13
C ALA A 125 11.76 2.73 5.27
N THR A 126 12.46 1.71 5.71
CA THR A 126 11.98 0.87 6.81
C THR A 126 12.11 1.62 8.14
N ALA A 127 13.14 2.46 8.25
CA ALA A 127 13.37 3.21 9.48
C ALA A 127 12.41 4.39 9.66
N ILE A 128 12.26 5.21 8.61
CA ILE A 128 11.33 6.32 8.69
C ILE A 128 9.98 5.75 9.08
N PHE A 129 9.68 4.65 8.43
CA PHE A 129 8.47 3.92 8.68
C PHE A 129 8.31 3.69 10.18
N ARG A 130 9.43 3.37 10.82
CA ARG A 130 9.45 3.09 12.25
C ARG A 130 9.15 4.35 13.08
N LYS A 131 9.71 5.48 12.66
CA LYS A 131 9.51 6.73 13.40
C LYS A 131 8.03 6.99 13.66
N LEU A 132 7.24 7.10 12.59
CA LEU A 132 5.82 7.37 12.74
C LEU A 132 5.14 6.25 13.51
N ALA A 133 5.61 5.02 13.29
CA ALA A 133 5.03 3.87 13.98
C ALA A 133 5.11 4.07 15.49
N GLY A 134 6.26 4.57 15.97
CA GLY A 134 6.43 4.81 17.39
C GLY A 134 5.40 5.81 17.89
N GLU A 135 5.08 6.77 17.03
CA GLU A 135 4.10 7.79 17.36
C GLU A 135 2.71 7.17 17.44
N ARG A 136 2.57 5.96 16.88
CA ARG A 136 1.28 5.27 16.89
C ARG A 136 1.28 4.16 17.96
N ASN A 137 2.26 4.20 18.86
CA ASN A 137 2.35 3.20 19.93
C ASN A 137 2.32 1.78 19.37
N TYR A 138 2.91 1.62 18.21
CA TYR A 138 2.97 0.31 17.56
C TYR A 138 4.03 -0.59 18.18
N THR A 139 3.89 -1.90 17.97
CA THR A 139 4.87 -2.88 18.45
C THR A 139 5.38 -3.67 17.25
N ASP A 140 6.59 -4.18 17.34
CA ASP A 140 7.18 -4.91 16.21
C ASP A 140 6.16 -5.87 15.57
N GLU A 141 5.55 -6.73 16.37
CA GLU A 141 4.59 -7.70 15.83
C GLU A 141 3.49 -7.00 15.04
N MET A 142 3.31 -5.71 15.27
CA MET A 142 2.27 -4.95 14.57
C MET A 142 2.68 -4.62 13.15
N VAL A 143 3.99 -4.68 12.87
CA VAL A 143 4.50 -4.40 11.53
C VAL A 143 5.34 -5.56 11.03
N ALA A 144 5.02 -6.05 9.83
CA ALA A 144 5.77 -7.19 9.28
C ALA A 144 6.39 -6.86 7.92
N MET A 145 7.72 -7.00 7.84
CA MET A 145 8.47 -6.76 6.65
C MET A 145 8.41 -8.03 5.80
N LEU A 146 8.45 -7.88 4.47
CA LEU A 146 8.35 -9.03 3.59
C LEU A 146 9.59 -9.14 2.67
N PRO A 147 10.10 -10.34 2.45
CA PRO A 147 11.30 -10.58 1.59
C PRO A 147 11.01 -10.39 0.10
N ARG A 148 12.06 -10.17 -0.68
CA ARG A 148 11.92 -9.95 -2.13
C ARG A 148 11.34 -11.18 -2.84
N GLN A 149 11.32 -12.31 -2.15
CA GLN A 149 10.80 -13.55 -2.76
C GLN A 149 9.57 -13.27 -3.62
N GLU A 150 9.60 -13.76 -4.86
CA GLU A 150 8.48 -13.56 -5.80
C GLU A 150 8.06 -14.88 -6.44
N GLU A 151 6.75 -15.09 -6.54
CA GLU A 151 6.21 -16.29 -7.15
C GLU A 151 5.23 -15.91 -8.27
N CYS A 152 4.58 -14.76 -8.09
CA CYS A 152 3.64 -14.25 -9.08
C CYS A 152 3.86 -12.75 -9.28
N THR A 153 3.40 -12.24 -10.41
CA THR A 153 3.56 -10.83 -10.74
C THR A 153 2.45 -10.37 -11.69
N VAL A 154 2.23 -9.06 -11.77
CA VAL A 154 1.22 -8.51 -12.64
C VAL A 154 1.65 -8.69 -14.09
N ASP A 155 0.69 -8.58 -14.97
CA ASP A 155 0.98 -8.71 -16.39
C ASP A 155 1.68 -7.46 -16.88
N GLU A 156 2.25 -7.59 -18.05
CA GLU A 156 2.97 -6.51 -18.68
C GLU A 156 2.07 -5.29 -18.88
N VAL A 157 0.79 -5.54 -19.09
CA VAL A 157 -0.17 -4.46 -19.28
C VAL A 157 -1.59 -4.95 -19.03
N MET A 1 2.95 21.94 -13.23
CA MET A 1 4.18 21.12 -13.43
C MET A 1 5.30 21.67 -12.54
N THR A 2 5.54 20.96 -11.44
CA THR A 2 6.59 21.38 -10.51
C THR A 2 7.04 20.20 -9.65
N VAL A 3 6.12 19.68 -8.83
CA VAL A 3 6.43 18.56 -7.97
C VAL A 3 6.81 17.34 -8.81
N PRO A 4 7.62 16.44 -8.30
CA PRO A 4 8.04 15.22 -9.02
C PRO A 4 6.93 14.65 -9.88
N ASP A 5 7.28 14.22 -11.09
CA ASP A 5 6.28 13.64 -12.00
C ASP A 5 5.64 12.40 -11.38
N ARG A 6 4.31 12.31 -11.52
CA ARG A 6 3.58 11.17 -10.98
C ARG A 6 3.84 9.94 -11.83
N SER A 7 4.18 10.16 -13.10
CA SER A 7 4.46 9.07 -14.02
C SER A 7 5.57 8.17 -13.48
N GLU A 8 6.49 8.77 -12.74
CA GLU A 8 7.62 8.04 -12.18
C GLU A 8 7.14 6.89 -11.29
N ILE A 9 6.28 7.19 -10.32
CA ILE A 9 5.79 6.15 -9.42
C ILE A 9 4.62 5.40 -10.04
N ALA A 10 3.83 6.09 -10.85
CA ALA A 10 2.67 5.45 -11.47
C ALA A 10 3.12 4.46 -12.54
N GLY A 11 2.46 3.31 -12.57
CA GLY A 11 2.78 2.26 -13.52
C GLY A 11 3.22 1.00 -12.77
N LYS A 12 3.87 1.20 -11.62
CA LYS A 12 4.32 0.06 -10.83
C LYS A 12 4.68 0.49 -9.39
N TRP A 13 3.85 0.08 -8.42
CA TRP A 13 4.11 0.37 -7.01
C TRP A 13 4.43 -0.94 -6.31
N TYR A 14 5.55 -1.03 -5.59
CA TYR A 14 5.93 -2.28 -4.93
C TYR A 14 5.59 -2.27 -3.44
N VAL A 15 4.80 -3.25 -3.02
CA VAL A 15 4.43 -3.40 -1.61
C VAL A 15 5.40 -4.38 -0.94
N VAL A 16 5.99 -3.99 0.20
CA VAL A 16 6.95 -4.86 0.87
C VAL A 16 6.84 -4.87 2.38
N ALA A 17 5.81 -4.24 2.94
CA ALA A 17 5.63 -4.29 4.39
C ALA A 17 4.39 -3.51 4.80
N LEU A 18 3.63 -4.05 5.74
CA LEU A 18 2.41 -3.39 6.17
C LEU A 18 2.13 -3.69 7.65
N ALA A 19 1.53 -2.70 8.33
CA ALA A 19 1.19 -2.84 9.75
C ALA A 19 -0.32 -2.76 9.92
N SER A 20 -0.81 -3.23 11.06
CA SER A 20 -2.24 -3.20 11.32
C SER A 20 -2.53 -3.46 12.78
N ASN A 21 -3.81 -3.42 13.12
CA ASN A 21 -4.26 -3.69 14.47
C ASN A 21 -5.06 -4.98 14.48
N THR A 22 -5.43 -5.41 13.27
CA THR A 22 -6.19 -6.65 13.12
C THR A 22 -5.21 -7.83 13.00
N GLU A 23 -5.11 -8.59 14.08
CA GLU A 23 -4.18 -9.71 14.13
C GLU A 23 -4.19 -10.50 12.83
N PHE A 24 -5.31 -10.51 12.14
CA PHE A 24 -5.41 -11.26 10.89
C PHE A 24 -4.36 -10.83 9.86
N PHE A 25 -4.22 -9.52 9.63
CA PHE A 25 -3.28 -9.02 8.61
C PHE A 25 -1.80 -9.18 9.02
N LEU A 26 -1.44 -8.77 10.23
CA LEU A 26 -0.05 -8.88 10.66
C LEU A 26 0.34 -10.34 10.83
N ARG A 27 -0.54 -11.10 11.45
CA ARG A 27 -0.28 -12.52 11.66
C ARG A 27 0.00 -13.20 10.32
N GLU A 28 -0.84 -12.93 9.33
CA GLU A 28 -0.68 -13.55 8.02
C GLU A 28 0.38 -12.82 7.17
N LYS A 29 0.42 -11.50 7.23
CA LYS A 29 1.40 -10.78 6.43
C LYS A 29 2.78 -11.40 6.58
N ASP A 30 3.01 -12.02 7.73
CA ASP A 30 4.29 -12.64 8.01
C ASP A 30 4.53 -13.87 7.14
N LYS A 31 3.45 -14.52 6.66
CA LYS A 31 3.63 -15.73 5.86
C LYS A 31 3.68 -15.47 4.34
N MET A 32 3.14 -14.34 3.87
CA MET A 32 3.20 -14.08 2.42
C MET A 32 4.56 -13.54 2.00
N LYS A 33 4.67 -13.23 0.71
CA LYS A 33 5.90 -12.67 0.16
C LYS A 33 5.61 -11.24 -0.28
N MET A 34 6.61 -10.57 -0.83
CA MET A 34 6.43 -9.19 -1.22
C MET A 34 5.29 -9.06 -2.25
N ALA A 35 4.54 -7.95 -2.17
CA ALA A 35 3.40 -7.73 -3.06
C ALA A 35 3.66 -6.53 -3.98
N MET A 36 2.86 -6.43 -5.04
CA MET A 36 3.01 -5.34 -6.01
C MET A 36 1.66 -4.68 -6.29
N ALA A 37 1.72 -3.47 -6.84
CA ALA A 37 0.52 -2.71 -7.17
C ALA A 37 0.81 -1.70 -8.27
N ARG A 38 -0.23 -1.21 -8.92
CA ARG A 38 -0.05 -0.20 -9.99
C ARG A 38 -1.16 0.83 -9.91
N ILE A 39 -0.80 2.10 -10.08
CA ILE A 39 -1.72 3.22 -9.98
C ILE A 39 -1.75 3.99 -11.29
N SER A 40 -2.91 4.52 -11.66
CA SER A 40 -2.99 5.29 -12.89
C SER A 40 -4.08 6.34 -12.79
N PHE A 41 -4.01 7.37 -13.63
CA PHE A 41 -4.98 8.46 -13.56
C PHE A 41 -6.12 8.31 -14.57
N LEU A 42 -7.17 7.62 -14.17
CA LEU A 42 -8.34 7.47 -15.03
C LEU A 42 -8.85 8.88 -15.35
N GLY A 43 -8.77 9.71 -14.32
CA GLY A 43 -9.18 11.10 -14.39
C GLY A 43 -8.68 11.83 -13.14
N GLU A 44 -8.57 13.15 -13.20
CA GLU A 44 -8.10 13.91 -12.05
C GLU A 44 -8.87 13.52 -10.80
N ASP A 45 -10.11 13.08 -10.98
CA ASP A 45 -10.95 12.66 -9.86
C ASP A 45 -11.17 11.15 -9.90
N GLU A 46 -10.47 10.47 -10.81
CA GLU A 46 -10.59 9.03 -10.95
C GLU A 46 -9.22 8.37 -11.10
N LEU A 47 -8.88 7.49 -10.17
CA LEU A 47 -7.60 6.78 -10.21
C LEU A 47 -7.82 5.28 -10.07
N LYS A 48 -7.03 4.50 -10.80
CA LYS A 48 -7.14 3.05 -10.76
C LYS A 48 -5.96 2.46 -9.99
N VAL A 49 -6.25 1.75 -8.89
CA VAL A 49 -5.18 1.13 -8.09
C VAL A 49 -5.41 -0.37 -8.02
N SER A 50 -4.30 -1.09 -8.14
CA SER A 50 -4.31 -2.54 -8.16
C SER A 50 -3.42 -3.14 -7.10
N TYR A 51 -3.80 -4.34 -6.64
CA TYR A 51 -3.01 -5.06 -5.64
C TYR A 51 -2.64 -6.45 -6.15
N ALA A 52 -1.38 -6.83 -5.99
CA ALA A 52 -0.91 -8.14 -6.40
C ALA A 52 -0.23 -8.83 -5.22
N VAL A 53 -0.89 -9.85 -4.67
CA VAL A 53 -0.34 -10.57 -3.52
C VAL A 53 0.00 -12.01 -3.88
N PRO A 54 1.22 -12.45 -3.67
CA PRO A 54 1.63 -13.85 -3.98
C PRO A 54 1.20 -14.81 -2.89
N LYS A 55 0.36 -15.77 -3.26
CA LYS A 55 -0.14 -16.76 -2.30
C LYS A 55 0.11 -18.18 -2.82
N PRO A 56 1.25 -18.76 -2.51
CA PRO A 56 1.59 -20.14 -2.97
C PRO A 56 0.37 -21.06 -3.04
N ASN A 57 -0.64 -20.76 -2.23
CA ASN A 57 -1.86 -21.56 -2.21
C ASN A 57 -2.84 -21.09 -3.28
N GLY A 58 -2.33 -20.32 -4.24
CA GLY A 58 -3.16 -19.78 -5.32
C GLY A 58 -2.95 -18.28 -5.47
N CYS A 59 -2.07 -17.91 -6.40
CA CYS A 59 -1.78 -16.49 -6.62
C CYS A 59 -3.05 -15.69 -6.76
N ARG A 60 -3.18 -14.62 -5.97
CA ARG A 60 -4.36 -13.76 -6.00
C ARG A 60 -4.00 -12.41 -6.61
N LYS A 61 -4.61 -12.09 -7.74
CA LYS A 61 -4.37 -10.82 -8.42
C LYS A 61 -5.69 -10.18 -8.85
N TRP A 62 -5.85 -8.89 -8.56
CA TRP A 62 -7.07 -8.20 -8.93
C TRP A 62 -6.82 -6.69 -9.04
N GLU A 63 -7.85 -5.96 -9.49
CA GLU A 63 -7.75 -4.52 -9.66
C GLU A 63 -8.78 -3.80 -8.81
N THR A 64 -8.57 -2.49 -8.61
CA THR A 64 -9.47 -1.69 -7.81
C THR A 64 -9.51 -0.24 -8.31
N THR A 65 -10.68 0.38 -8.28
CA THR A 65 -10.84 1.75 -8.74
C THR A 65 -10.94 2.72 -7.56
N PHE A 66 -10.09 3.76 -7.56
CA PHE A 66 -10.09 4.75 -6.49
C PHE A 66 -10.40 6.13 -7.07
N LYS A 67 -11.30 6.86 -6.40
CA LYS A 67 -11.70 8.19 -6.86
C LYS A 67 -11.31 9.25 -5.82
N LYS A 68 -10.94 10.43 -6.30
CA LYS A 68 -10.54 11.51 -5.41
C LYS A 68 -11.74 12.05 -4.63
N THR A 69 -11.59 12.12 -3.30
CA THR A 69 -12.65 12.62 -2.44
C THR A 69 -12.11 13.72 -1.54
N SER A 70 -13.00 14.41 -0.83
CA SER A 70 -12.58 15.48 0.07
C SER A 70 -12.46 14.95 1.49
N ASP A 71 -12.68 13.65 1.63
CA ASP A 71 -12.63 12.97 2.93
C ASP A 71 -11.82 13.74 3.97
N ASP A 72 -10.63 14.21 3.60
CA ASP A 72 -9.79 14.96 4.51
C ASP A 72 -8.55 15.48 3.81
N GLY A 73 -8.68 16.64 3.19
CA GLY A 73 -7.56 17.24 2.48
C GLY A 73 -7.37 16.60 1.11
N GLU A 74 -6.35 15.75 1.00
CA GLU A 74 -6.06 15.05 -0.26
C GLU A 74 -6.08 13.54 -0.03
N VAL A 75 -7.24 12.91 -0.24
CA VAL A 75 -7.36 11.47 -0.03
C VAL A 75 -8.13 10.81 -1.16
N TYR A 76 -7.81 9.55 -1.42
CA TYR A 76 -8.47 8.78 -2.48
C TYR A 76 -9.26 7.63 -1.85
N TYR A 77 -10.32 7.17 -2.54
CA TYR A 77 -11.12 6.08 -1.99
C TYR A 77 -11.85 5.29 -3.08
N SER A 78 -11.93 3.97 -2.90
CA SER A 78 -12.64 3.11 -3.83
C SER A 78 -14.01 2.75 -3.26
N GLU A 79 -15.04 3.41 -3.77
CA GLU A 79 -16.40 3.18 -3.29
C GLU A 79 -16.80 1.71 -3.37
N GLU A 80 -16.41 1.05 -4.45
CA GLU A 80 -16.75 -0.36 -4.63
C GLU A 80 -16.01 -1.27 -3.66
N ALA A 81 -14.79 -0.90 -3.30
CA ALA A 81 -13.99 -1.73 -2.38
C ALA A 81 -13.94 -1.13 -0.97
N LYS A 82 -14.75 -0.11 -0.71
CA LYS A 82 -14.77 0.52 0.62
C LYS A 82 -13.37 0.54 1.23
N LYS A 83 -12.46 1.23 0.54
CA LYS A 83 -11.07 1.34 0.98
C LYS A 83 -10.52 2.73 0.69
N LYS A 84 -9.89 3.33 1.69
CA LYS A 84 -9.34 4.68 1.56
C LYS A 84 -7.87 4.72 1.90
N VAL A 85 -7.08 5.40 1.05
CA VAL A 85 -5.66 5.55 1.29
C VAL A 85 -5.24 7.00 1.08
N GLU A 86 -4.58 7.56 2.10
CA GLU A 86 -4.16 8.96 2.08
C GLU A 86 -2.67 9.11 2.27
N VAL A 87 -2.05 9.97 1.46
CA VAL A 87 -0.62 10.19 1.55
C VAL A 87 -0.23 10.69 2.94
N LEU A 88 0.19 9.75 3.79
CA LEU A 88 0.61 10.07 5.15
C LEU A 88 2.10 10.39 5.11
N ASP A 89 2.72 9.94 4.03
CA ASP A 89 4.14 10.14 3.78
C ASP A 89 4.44 9.48 2.44
N THR A 90 4.93 10.24 1.48
CA THR A 90 5.21 9.68 0.16
C THR A 90 6.40 10.36 -0.49
N ASP A 91 7.39 9.55 -0.86
CA ASP A 91 8.59 10.07 -1.52
C ASP A 91 8.34 10.16 -3.01
N TYR A 92 7.46 9.29 -3.49
CA TYR A 92 7.11 9.25 -4.90
C TYR A 92 8.34 9.01 -5.77
N LYS A 93 9.44 8.52 -5.19
CA LYS A 93 10.65 8.28 -5.97
C LYS A 93 11.49 7.19 -5.32
N SER A 94 11.36 7.02 -4.01
CA SER A 94 12.14 6.00 -3.28
C SER A 94 11.24 5.10 -2.46
N TYR A 95 10.47 5.68 -1.53
CA TYR A 95 9.58 4.90 -0.69
C TYR A 95 8.43 5.76 -0.17
N ALA A 96 7.34 5.12 0.24
CA ALA A 96 6.19 5.88 0.74
C ALA A 96 5.44 5.14 1.83
N VAL A 97 4.96 5.90 2.80
CA VAL A 97 4.19 5.35 3.92
C VAL A 97 2.80 5.97 3.87
N ILE A 98 1.77 5.13 3.73
CA ILE A 98 0.41 5.63 3.59
C ILE A 98 -0.55 4.97 4.58
N TYR A 99 -1.56 5.71 4.99
CA TYR A 99 -2.54 5.21 5.94
C TYR A 99 -3.76 4.65 5.20
N ALA A 100 -3.86 3.31 5.18
CA ALA A 100 -4.96 2.64 4.51
C ALA A 100 -6.01 2.17 5.51
N THR A 101 -7.28 2.29 5.13
CA THR A 101 -8.37 1.88 6.00
C THR A 101 -9.52 1.26 5.21
N ARG A 102 -10.00 0.12 5.68
CA ARG A 102 -11.12 -0.57 5.03
C ARG A 102 -12.26 -0.69 6.03
N VAL A 103 -13.46 -0.26 5.66
CA VAL A 103 -14.60 -0.32 6.58
C VAL A 103 -15.69 -1.24 6.05
N LYS A 104 -15.99 -2.28 6.81
CA LYS A 104 -17.02 -3.25 6.43
C LYS A 104 -18.30 -2.92 7.18
N ASP A 105 -19.40 -3.53 6.78
CA ASP A 105 -20.67 -3.28 7.44
C ASP A 105 -20.59 -3.60 8.92
N GLY A 106 -20.62 -2.55 9.74
CA GLY A 106 -20.59 -2.72 11.19
C GLY A 106 -19.17 -2.74 11.76
N ARG A 107 -18.15 -2.74 10.89
CA ARG A 107 -16.76 -2.78 11.38
C ARG A 107 -15.87 -1.80 10.63
N THR A 108 -14.90 -1.23 11.35
CA THR A 108 -13.94 -0.28 10.79
C THR A 108 -12.52 -0.79 11.02
N LEU A 109 -11.60 -0.46 10.11
CA LEU A 109 -10.23 -0.94 10.24
C LEU A 109 -9.23 0.05 9.69
N HIS A 110 -8.06 0.07 10.31
CA HIS A 110 -6.98 0.93 9.86
C HIS A 110 -5.69 0.11 9.81
N MET A 111 -4.80 0.44 8.87
CA MET A 111 -3.54 -0.29 8.75
C MET A 111 -2.48 0.55 8.04
N MET A 112 -1.21 0.26 8.32
CA MET A 112 -0.11 0.98 7.69
C MET A 112 0.45 0.16 6.53
N ARG A 113 0.76 0.83 5.42
CA ARG A 113 1.30 0.12 4.26
C ARG A 113 2.58 0.79 3.78
N LEU A 114 3.62 -0.02 3.57
CA LEU A 114 4.92 0.49 3.12
C LEU A 114 5.28 -0.13 1.79
N TYR A 115 5.60 0.74 0.83
CA TYR A 115 5.95 0.31 -0.52
C TYR A 115 7.35 0.79 -0.91
N SER A 116 7.94 0.12 -1.90
CA SER A 116 9.26 0.48 -2.41
C SER A 116 9.15 0.87 -3.87
N ARG A 117 10.00 1.78 -4.33
CA ARG A 117 9.95 2.22 -5.73
C ARG A 117 10.65 1.19 -6.61
N SER A 118 11.60 0.49 -6.02
CA SER A 118 12.37 -0.53 -6.74
C SER A 118 12.31 -1.86 -5.99
N PRO A 119 12.27 -2.97 -6.69
CA PRO A 119 12.21 -4.31 -6.07
C PRO A 119 13.05 -4.41 -4.79
N GLU A 120 14.04 -3.52 -4.67
CA GLU A 120 14.90 -3.50 -3.50
C GLU A 120 14.24 -2.74 -2.37
N VAL A 121 14.73 -2.98 -1.16
CA VAL A 121 14.20 -2.33 0.03
C VAL A 121 15.28 -1.49 0.69
N SER A 122 15.06 -0.18 0.74
CA SER A 122 16.03 0.74 1.33
C SER A 122 15.90 0.71 2.87
N PRO A 123 16.99 0.78 3.58
CA PRO A 123 16.97 0.76 5.08
C PRO A 123 16.33 2.02 5.65
N ALA A 124 16.43 3.12 4.92
CA ALA A 124 15.85 4.38 5.36
C ALA A 124 14.33 4.33 5.27
N ALA A 125 13.84 3.65 4.24
CA ALA A 125 12.40 3.52 4.03
C ALA A 125 11.77 2.74 5.18
N THR A 126 12.47 1.70 5.62
CA THR A 126 11.99 0.89 6.73
C THR A 126 12.14 1.63 8.06
N ALA A 127 13.17 2.47 8.16
CA ALA A 127 13.42 3.22 9.38
C ALA A 127 12.46 4.40 9.56
N ILE A 128 12.28 5.22 8.52
CA ILE A 128 11.36 6.33 8.61
C ILE A 128 10.01 5.76 9.01
N PHE A 129 9.71 4.64 8.37
CA PHE A 129 8.50 3.92 8.64
C PHE A 129 8.35 3.70 10.14
N ARG A 130 9.47 3.39 10.78
CA ARG A 130 9.49 3.12 12.21
C ARG A 130 9.20 4.39 13.03
N LYS A 131 9.76 5.52 12.60
CA LYS A 131 9.56 6.77 13.32
C LYS A 131 8.08 7.03 13.60
N LEU A 132 7.29 7.12 12.53
CA LEU A 132 5.86 7.37 12.69
C LEU A 132 5.20 6.24 13.47
N ALA A 133 5.69 5.03 13.28
CA ALA A 133 5.14 3.88 13.99
C ALA A 133 5.23 4.09 15.49
N GLY A 134 6.37 4.58 15.95
CA GLY A 134 6.57 4.85 17.37
C GLY A 134 5.53 5.86 17.86
N GLU A 135 5.22 6.81 16.99
CA GLU A 135 4.23 7.83 17.31
C GLU A 135 2.84 7.21 17.41
N ARG A 136 2.70 5.99 16.88
CA ARG A 136 1.42 5.29 16.92
C ARG A 136 1.43 4.20 18.00
N ASN A 137 2.43 4.24 18.88
CA ASN A 137 2.52 3.25 19.96
C ASN A 137 2.48 1.83 19.40
N TYR A 138 3.05 1.66 18.22
CA TYR A 138 3.08 0.35 17.57
C TYR A 138 4.13 -0.57 18.19
N THR A 139 3.96 -1.88 17.98
CA THR A 139 4.92 -2.87 18.45
C THR A 139 5.41 -3.68 17.26
N ASP A 140 6.62 -4.21 17.34
CA ASP A 140 7.18 -4.95 16.20
C ASP A 140 6.15 -5.89 15.58
N GLU A 141 5.53 -6.73 16.38
CA GLU A 141 4.55 -7.68 15.85
C GLU A 141 3.44 -6.98 15.06
N MET A 142 3.29 -5.67 15.29
CA MET A 142 2.25 -4.91 14.59
C MET A 142 2.67 -4.56 13.17
N VAL A 143 3.97 -4.63 12.90
CA VAL A 143 4.48 -4.33 11.56
C VAL A 143 5.30 -5.51 11.04
N ALA A 144 4.93 -6.01 9.87
CA ALA A 144 5.62 -7.15 9.28
C ALA A 144 6.33 -6.76 7.98
N MET A 145 7.67 -6.84 8.01
CA MET A 145 8.47 -6.54 6.88
C MET A 145 8.52 -7.80 6.00
N LEU A 146 8.59 -7.63 4.67
CA LEU A 146 8.64 -8.75 3.78
C LEU A 146 9.86 -8.67 2.85
N PRO A 147 10.53 -9.79 2.61
CA PRO A 147 11.77 -9.85 1.75
C PRO A 147 11.49 -9.76 0.25
N ARG A 148 12.57 -9.61 -0.52
CA ARG A 148 12.51 -9.51 -1.96
C ARG A 148 11.85 -10.74 -2.60
N GLN A 149 11.57 -11.75 -1.78
CA GLN A 149 10.99 -12.99 -2.27
C GLN A 149 9.68 -12.74 -3.03
N GLU A 150 9.62 -13.28 -4.26
CA GLU A 150 8.44 -13.13 -5.11
C GLU A 150 8.05 -14.49 -5.70
N GLU A 151 6.74 -14.73 -5.81
CA GLU A 151 6.25 -15.99 -6.38
C GLU A 151 5.24 -15.70 -7.48
N CYS A 152 4.54 -14.57 -7.35
CA CYS A 152 3.55 -14.16 -8.34
C CYS A 152 3.73 -12.67 -8.64
N THR A 153 3.27 -12.24 -9.80
CA THR A 153 3.39 -10.84 -10.21
C THR A 153 2.31 -10.47 -11.21
N VAL A 154 2.07 -9.17 -11.38
CA VAL A 154 1.08 -8.69 -12.30
C VAL A 154 1.51 -8.99 -13.74
N ASP A 155 0.55 -8.97 -14.63
CA ASP A 155 0.84 -9.21 -16.03
C ASP A 155 1.42 -7.96 -16.67
N GLU A 156 1.98 -8.17 -17.84
CA GLU A 156 2.60 -7.10 -18.60
C GLU A 156 1.56 -6.04 -18.98
N VAL A 157 0.33 -6.49 -19.22
CA VAL A 157 -0.74 -5.58 -19.58
C VAL A 157 -2.11 -6.23 -19.36
N MET A 1 -0.26 25.20 -11.71
CA MET A 1 0.03 24.22 -12.80
C MET A 1 1.09 23.23 -12.31
N THR A 2 1.87 23.65 -11.32
CA THR A 2 2.91 22.79 -10.78
C THR A 2 2.32 21.51 -10.21
N VAL A 3 2.96 20.38 -10.53
CA VAL A 3 2.48 19.09 -10.06
C VAL A 3 3.66 18.11 -9.90
N PRO A 4 3.57 17.18 -8.99
CA PRO A 4 4.67 16.19 -8.76
C PRO A 4 4.77 15.18 -9.90
N ASP A 5 5.94 14.57 -10.05
CA ASP A 5 6.16 13.60 -11.12
C ASP A 5 5.41 12.31 -10.81
N ARG A 6 4.08 12.36 -10.92
CA ARG A 6 3.25 11.20 -10.66
C ARG A 6 3.58 10.07 -11.62
N SER A 7 3.91 10.42 -12.86
CA SER A 7 4.24 9.43 -13.87
C SER A 7 5.39 8.54 -13.41
N GLU A 8 6.30 9.11 -12.64
CA GLU A 8 7.46 8.36 -12.15
C GLU A 8 7.03 7.16 -11.30
N ILE A 9 6.18 7.40 -10.30
CA ILE A 9 5.73 6.33 -9.43
C ILE A 9 4.55 5.57 -10.05
N ALA A 10 3.76 6.26 -10.87
CA ALA A 10 2.62 5.60 -11.48
C ALA A 10 3.06 4.65 -12.57
N GLY A 11 2.42 3.48 -12.61
CA GLY A 11 2.75 2.44 -13.57
C GLY A 11 3.21 1.18 -12.85
N LYS A 12 3.86 1.36 -11.69
CA LYS A 12 4.33 0.22 -10.92
C LYS A 12 4.68 0.63 -9.49
N TRP A 13 3.86 0.19 -8.52
CA TRP A 13 4.12 0.47 -7.11
C TRP A 13 4.45 -0.86 -6.43
N TYR A 14 5.57 -0.94 -5.72
CA TYR A 14 5.97 -2.20 -5.09
C TYR A 14 5.64 -2.22 -3.59
N VAL A 15 4.86 -3.22 -3.19
CA VAL A 15 4.49 -3.38 -1.78
C VAL A 15 5.45 -4.37 -1.13
N VAL A 16 6.06 -4.01 0.00
CA VAL A 16 7.02 -4.90 0.65
C VAL A 16 6.91 -4.92 2.16
N ALA A 17 5.87 -4.31 2.71
CA ALA A 17 5.70 -4.36 4.16
C ALA A 17 4.47 -3.60 4.59
N LEU A 18 3.71 -4.14 5.54
CA LEU A 18 2.49 -3.49 5.99
C LEU A 18 2.20 -3.82 7.45
N ALA A 19 1.60 -2.87 8.16
CA ALA A 19 1.26 -3.05 9.57
C ALA A 19 -0.25 -2.94 9.74
N SER A 20 -0.74 -3.41 10.88
CA SER A 20 -2.17 -3.36 11.16
C SER A 20 -2.44 -3.63 12.62
N ASN A 21 -3.72 -3.59 12.98
CA ASN A 21 -4.15 -3.86 14.34
C ASN A 21 -4.97 -5.14 14.35
N THR A 22 -5.35 -5.58 13.16
CA THR A 22 -6.12 -6.81 13.03
C THR A 22 -5.17 -8.00 12.87
N GLU A 23 -5.06 -8.79 13.92
CA GLU A 23 -4.16 -9.93 13.93
C GLU A 23 -4.19 -10.69 12.61
N PHE A 24 -5.33 -10.67 11.93
CA PHE A 24 -5.47 -11.38 10.67
C PHE A 24 -4.41 -10.94 9.65
N PHE A 25 -4.25 -9.63 9.44
CA PHE A 25 -3.31 -9.13 8.43
C PHE A 25 -1.83 -9.33 8.81
N LEU A 26 -1.44 -8.97 10.03
CA LEU A 26 -0.05 -9.12 10.44
C LEU A 26 0.30 -10.60 10.55
N ARG A 27 -0.64 -11.37 11.06
CA ARG A 27 -0.43 -12.80 11.21
C ARG A 27 -0.11 -13.43 9.86
N GLU A 28 -0.94 -13.11 8.85
CA GLU A 28 -0.75 -13.67 7.52
C GLU A 28 0.34 -12.94 6.71
N LYS A 29 0.40 -11.62 6.77
CA LYS A 29 1.41 -10.90 6.00
C LYS A 29 2.78 -11.54 6.23
N ASP A 30 2.94 -12.13 7.40
CA ASP A 30 4.21 -12.76 7.75
C ASP A 30 4.50 -13.98 6.88
N LYS A 31 3.46 -14.63 6.33
CA LYS A 31 3.69 -15.84 5.52
C LYS A 31 3.74 -15.58 4.01
N MET A 32 3.22 -14.45 3.52
CA MET A 32 3.29 -14.20 2.06
C MET A 32 4.64 -13.62 1.69
N LYS A 33 4.78 -13.31 0.40
CA LYS A 33 6.00 -12.72 -0.12
C LYS A 33 5.70 -11.28 -0.49
N MET A 34 6.69 -10.57 -1.02
CA MET A 34 6.50 -9.18 -1.37
C MET A 34 5.36 -9.03 -2.38
N ALA A 35 4.61 -7.93 -2.28
CA ALA A 35 3.47 -7.70 -3.18
C ALA A 35 3.71 -6.48 -4.07
N MET A 36 2.91 -6.36 -5.13
CA MET A 36 3.04 -5.24 -6.06
C MET A 36 1.69 -4.59 -6.32
N ALA A 37 1.75 -3.38 -6.88
CA ALA A 37 0.54 -2.64 -7.19
C ALA A 37 0.83 -1.62 -8.29
N ARG A 38 -0.22 -1.14 -8.96
CA ARG A 38 -0.04 -0.14 -10.02
C ARG A 38 -1.15 0.89 -9.93
N ILE A 39 -0.79 2.17 -10.08
CA ILE A 39 -1.73 3.27 -9.98
C ILE A 39 -1.77 4.05 -11.28
N SER A 40 -2.92 4.56 -11.65
CA SER A 40 -3.03 5.32 -12.88
C SER A 40 -4.15 6.35 -12.76
N PHE A 41 -4.11 7.37 -13.60
CA PHE A 41 -5.11 8.43 -13.54
C PHE A 41 -6.23 8.29 -14.57
N LEU A 42 -7.26 7.54 -14.19
CA LEU A 42 -8.42 7.38 -15.08
C LEU A 42 -8.95 8.78 -15.39
N GLY A 43 -8.90 9.60 -14.37
CA GLY A 43 -9.35 10.99 -14.44
C GLY A 43 -8.89 11.71 -13.17
N GLU A 44 -8.85 13.03 -13.21
CA GLU A 44 -8.42 13.80 -12.04
C GLU A 44 -9.19 13.33 -10.80
N ASP A 45 -10.44 12.92 -11.00
CA ASP A 45 -11.27 12.45 -9.90
C ASP A 45 -11.46 10.94 -9.99
N GLU A 46 -10.64 10.30 -10.82
CA GLU A 46 -10.72 8.86 -10.99
C GLU A 46 -9.34 8.25 -11.14
N LEU A 47 -8.97 7.37 -10.21
CA LEU A 47 -7.67 6.71 -10.25
C LEU A 47 -7.85 5.20 -10.11
N LYS A 48 -7.04 4.45 -10.84
CA LYS A 48 -7.12 2.98 -10.79
C LYS A 48 -5.95 2.42 -10.01
N VAL A 49 -6.22 1.71 -8.91
CA VAL A 49 -5.16 1.10 -8.11
C VAL A 49 -5.36 -0.40 -8.06
N SER A 50 -4.24 -1.10 -8.18
CA SER A 50 -4.23 -2.55 -8.24
C SER A 50 -3.35 -3.16 -7.17
N TYR A 51 -3.71 -4.38 -6.73
CA TYR A 51 -2.94 -5.09 -5.72
C TYR A 51 -2.56 -6.49 -6.21
N ALA A 52 -1.30 -6.85 -6.02
CA ALA A 52 -0.81 -8.18 -6.39
C ALA A 52 -0.20 -8.83 -5.16
N VAL A 53 -0.88 -9.84 -4.62
CA VAL A 53 -0.39 -10.51 -3.41
C VAL A 53 -0.06 -11.98 -3.69
N PRO A 54 1.18 -12.39 -3.49
CA PRO A 54 1.58 -13.81 -3.72
C PRO A 54 1.17 -14.70 -2.55
N LYS A 55 0.58 -15.84 -2.85
CA LYS A 55 0.15 -16.77 -1.81
C LYS A 55 0.29 -18.21 -2.30
N PRO A 56 1.47 -18.78 -2.21
CA PRO A 56 1.71 -20.18 -2.65
C PRO A 56 0.54 -21.11 -2.34
N ASN A 57 -0.28 -20.72 -1.37
CA ASN A 57 -1.44 -21.53 -0.98
C ASN A 57 -2.69 -21.06 -1.72
N GLY A 58 -2.50 -20.28 -2.78
CA GLY A 58 -3.62 -19.77 -3.56
C GLY A 58 -3.38 -18.30 -3.93
N CYS A 59 -2.47 -18.07 -4.87
CA CYS A 59 -2.16 -16.71 -5.31
C CYS A 59 -3.43 -15.95 -5.64
N ARG A 60 -3.46 -14.66 -5.28
CA ARG A 60 -4.63 -13.82 -5.56
C ARG A 60 -4.20 -12.50 -6.19
N LYS A 61 -4.74 -12.22 -7.38
CA LYS A 61 -4.42 -10.99 -8.09
C LYS A 61 -5.70 -10.34 -8.62
N TRP A 62 -5.86 -9.03 -8.41
CA TRP A 62 -7.04 -8.34 -8.88
C TRP A 62 -6.79 -6.84 -9.00
N GLU A 63 -7.81 -6.12 -9.47
CA GLU A 63 -7.70 -4.67 -9.65
C GLU A 63 -8.76 -3.94 -8.83
N THR A 64 -8.56 -2.64 -8.65
CA THR A 64 -9.49 -1.83 -7.87
C THR A 64 -9.50 -0.39 -8.37
N THR A 65 -10.68 0.24 -8.35
CA THR A 65 -10.81 1.62 -8.81
C THR A 65 -10.93 2.59 -7.63
N PHE A 66 -10.10 3.63 -7.62
CA PHE A 66 -10.11 4.62 -6.54
C PHE A 66 -10.44 6.00 -7.11
N LYS A 67 -11.33 6.73 -6.44
CA LYS A 67 -11.70 8.08 -6.88
C LYS A 67 -11.30 9.12 -5.85
N LYS A 68 -10.91 10.30 -6.33
CA LYS A 68 -10.49 11.37 -5.44
C LYS A 68 -11.67 11.96 -4.68
N THR A 69 -11.52 12.06 -3.36
CA THR A 69 -12.57 12.61 -2.51
C THR A 69 -12.00 13.70 -1.61
N SER A 70 -12.88 14.39 -0.89
CA SER A 70 -12.44 15.46 0.01
C SER A 70 -12.35 14.93 1.44
N ASP A 71 -12.59 13.64 1.59
CA ASP A 71 -12.56 12.97 2.91
C ASP A 71 -11.77 13.76 3.95
N ASP A 72 -10.58 14.22 3.58
CA ASP A 72 -9.75 15.00 4.50
C ASP A 72 -8.50 15.52 3.80
N GLY A 73 -8.64 16.67 3.18
CA GLY A 73 -7.52 17.28 2.47
C GLY A 73 -7.33 16.64 1.10
N GLU A 74 -6.30 15.79 1.00
CA GLU A 74 -6.01 15.09 -0.26
C GLU A 74 -6.03 13.58 -0.04
N VAL A 75 -7.18 12.95 -0.24
CA VAL A 75 -7.32 11.51 -0.04
C VAL A 75 -8.09 10.85 -1.17
N TYR A 76 -7.77 9.58 -1.44
CA TYR A 76 -8.43 8.82 -2.49
C TYR A 76 -9.23 7.68 -1.87
N TYR A 77 -10.29 7.23 -2.54
CA TYR A 77 -11.10 6.13 -1.99
C TYR A 77 -11.85 5.36 -3.07
N SER A 78 -11.97 4.04 -2.88
CA SER A 78 -12.70 3.19 -3.81
C SER A 78 -14.07 2.84 -3.21
N GLU A 79 -15.10 3.52 -3.69
CA GLU A 79 -16.45 3.30 -3.19
C GLU A 79 -16.86 1.83 -3.25
N GLU A 80 -16.46 1.15 -4.31
CA GLU A 80 -16.82 -0.26 -4.49
C GLU A 80 -16.06 -1.18 -3.53
N ALA A 81 -14.83 -0.81 -3.19
CA ALA A 81 -14.01 -1.63 -2.30
C ALA A 81 -13.92 -1.06 -0.88
N LYS A 82 -14.73 -0.04 -0.59
CA LYS A 82 -14.73 0.59 0.74
C LYS A 82 -13.31 0.59 1.31
N LYS A 83 -12.41 1.24 0.59
CA LYS A 83 -11.01 1.33 1.01
C LYS A 83 -10.45 2.72 0.69
N LYS A 84 -9.85 3.35 1.70
CA LYS A 84 -9.30 4.70 1.54
C LYS A 84 -7.82 4.75 1.88
N VAL A 85 -7.04 5.42 1.03
CA VAL A 85 -5.61 5.57 1.27
C VAL A 85 -5.20 7.02 1.05
N GLU A 86 -4.53 7.58 2.06
CA GLU A 86 -4.10 8.99 2.03
C GLU A 86 -2.60 9.13 2.22
N VAL A 87 -1.98 9.97 1.40
CA VAL A 87 -0.55 10.17 1.48
C VAL A 87 -0.16 10.64 2.89
N LEU A 88 0.27 9.69 3.71
CA LEU A 88 0.71 9.99 5.07
C LEU A 88 2.20 10.29 5.03
N ASP A 89 2.82 9.86 3.95
CA ASP A 89 4.23 10.05 3.70
C ASP A 89 4.54 9.39 2.35
N THR A 90 5.02 10.15 1.38
CA THR A 90 5.27 9.59 0.07
C THR A 90 6.48 10.26 -0.58
N ASP A 91 7.47 9.45 -0.92
CA ASP A 91 8.69 9.96 -1.56
C ASP A 91 8.45 10.06 -3.07
N TYR A 92 7.58 9.19 -3.56
CA TYR A 92 7.24 9.16 -4.97
C TYR A 92 8.46 8.81 -5.82
N LYS A 93 9.52 8.28 -5.21
CA LYS A 93 10.71 7.93 -5.97
C LYS A 93 11.52 6.87 -5.24
N SER A 94 11.51 6.91 -3.90
CA SER A 94 12.27 5.94 -3.10
C SER A 94 11.35 5.02 -2.32
N TYR A 95 10.54 5.59 -1.42
CA TYR A 95 9.62 4.80 -0.61
C TYR A 95 8.47 5.67 -0.12
N ALA A 96 7.37 5.04 0.29
CA ALA A 96 6.22 5.80 0.76
C ALA A 96 5.46 5.08 1.88
N VAL A 97 4.97 5.86 2.83
CA VAL A 97 4.18 5.33 3.95
C VAL A 97 2.81 5.97 3.87
N ILE A 98 1.78 5.14 3.76
CA ILE A 98 0.42 5.64 3.60
C ILE A 98 -0.53 5.01 4.61
N TYR A 99 -1.56 5.79 4.98
CA TYR A 99 -2.55 5.32 5.93
C TYR A 99 -3.76 4.74 5.20
N ALA A 100 -3.86 3.42 5.24
CA ALA A 100 -4.95 2.71 4.56
C ALA A 100 -5.99 2.27 5.57
N THR A 101 -7.26 2.39 5.19
CA THR A 101 -8.36 2.01 6.08
C THR A 101 -9.51 1.38 5.29
N ARG A 102 -9.97 0.22 5.76
CA ARG A 102 -11.08 -0.48 5.13
C ARG A 102 -12.22 -0.56 6.12
N VAL A 103 -13.42 -0.12 5.75
CA VAL A 103 -14.55 -0.15 6.69
C VAL A 103 -15.65 -1.07 6.17
N LYS A 104 -15.92 -2.12 6.93
CA LYS A 104 -16.96 -3.07 6.58
C LYS A 104 -18.24 -2.71 7.32
N ASP A 105 -19.35 -3.34 6.95
CA ASP A 105 -20.61 -3.05 7.60
C ASP A 105 -20.51 -3.30 9.11
N GLY A 106 -20.52 -2.22 9.88
CA GLY A 106 -20.46 -2.33 11.34
C GLY A 106 -19.04 -2.40 11.88
N ARG A 107 -18.04 -2.46 11.00
CA ARG A 107 -16.65 -2.55 11.45
C ARG A 107 -15.73 -1.57 10.71
N THR A 108 -14.77 -1.02 11.45
CA THR A 108 -13.80 -0.07 10.89
C THR A 108 -12.39 -0.62 11.08
N LEU A 109 -11.47 -0.30 10.16
CA LEU A 109 -10.11 -0.80 10.26
C LEU A 109 -9.10 0.18 9.73
N HIS A 110 -7.91 0.13 10.33
CA HIS A 110 -6.82 0.97 9.91
C HIS A 110 -5.54 0.15 9.82
N MET A 111 -4.66 0.47 8.86
CA MET A 111 -3.42 -0.27 8.70
C MET A 111 -2.37 0.57 7.96
N MET A 112 -1.10 0.30 8.22
CA MET A 112 -0.01 1.02 7.54
C MET A 112 0.53 0.17 6.41
N ARG A 113 0.84 0.78 5.28
CA ARG A 113 1.38 0.06 4.14
C ARG A 113 2.67 0.72 3.66
N LEU A 114 3.72 -0.10 3.50
CA LEU A 114 5.02 0.39 3.07
C LEU A 114 5.37 -0.19 1.70
N TYR A 115 5.68 0.70 0.77
CA TYR A 115 6.02 0.30 -0.59
C TYR A 115 7.42 0.78 -0.97
N SER A 116 8.00 0.15 -1.99
CA SER A 116 9.33 0.51 -2.48
C SER A 116 9.25 0.82 -3.96
N ARG A 117 10.09 1.74 -4.44
CA ARG A 117 10.09 2.09 -5.86
C ARG A 117 10.89 1.07 -6.64
N SER A 118 11.82 0.41 -5.95
CA SER A 118 12.68 -0.59 -6.58
C SER A 118 12.52 -1.94 -5.85
N PRO A 119 12.57 -3.04 -6.56
CA PRO A 119 12.44 -4.39 -5.94
C PRO A 119 13.11 -4.49 -4.57
N GLU A 120 14.09 -3.62 -4.33
CA GLU A 120 14.80 -3.62 -3.06
C GLU A 120 14.16 -2.64 -2.09
N VAL A 121 14.54 -2.74 -0.82
CA VAL A 121 14.01 -1.87 0.22
C VAL A 121 15.12 -1.02 0.83
N SER A 122 14.92 0.29 0.85
CA SER A 122 15.93 1.19 1.41
C SER A 122 15.86 1.17 2.94
N PRO A 123 16.93 0.79 3.63
CA PRO A 123 16.95 0.75 5.12
C PRO A 123 16.25 1.96 5.73
N ALA A 124 16.29 3.09 5.02
CA ALA A 124 15.67 4.31 5.51
C ALA A 124 14.16 4.21 5.43
N ALA A 125 13.67 3.49 4.41
CA ALA A 125 12.23 3.33 4.23
C ALA A 125 11.63 2.54 5.38
N THR A 126 12.36 1.53 5.83
CA THR A 126 11.89 0.71 6.95
C THR A 126 12.02 1.47 8.27
N ALA A 127 13.03 2.33 8.37
CA ALA A 127 13.26 3.09 9.60
C ALA A 127 12.27 4.24 9.75
N ILE A 128 12.09 5.04 8.69
CA ILE A 128 11.14 6.13 8.75
C ILE A 128 9.80 5.53 9.10
N PHE A 129 9.55 4.39 8.48
CA PHE A 129 8.33 3.65 8.70
C PHE A 129 8.09 3.47 10.20
N ARG A 130 9.16 3.16 10.93
CA ARG A 130 9.07 2.95 12.37
C ARG A 130 8.80 4.25 13.13
N LYS A 131 9.42 5.35 12.69
CA LYS A 131 9.24 6.62 13.38
C LYS A 131 7.77 6.95 13.60
N LEU A 132 7.01 7.05 12.50
CA LEU A 132 5.59 7.36 12.62
C LEU A 132 4.86 6.25 13.38
N ALA A 133 5.19 5.01 13.04
CA ALA A 133 4.56 3.88 13.71
C ALA A 133 4.73 4.00 15.22
N GLY A 134 5.90 4.48 15.65
CA GLY A 134 6.15 4.65 17.07
C GLY A 134 5.21 5.69 17.64
N GLU A 135 4.94 6.72 16.84
CA GLU A 135 4.03 7.77 17.25
C GLU A 135 2.64 7.18 17.44
N ARG A 136 2.43 5.99 16.89
CA ARG A 136 1.14 5.30 17.00
C ARG A 136 1.23 4.22 18.08
N ASN A 137 2.33 4.23 18.83
CA ASN A 137 2.53 3.26 19.90
C ASN A 137 2.37 1.83 19.41
N TYR A 138 2.85 1.58 18.22
CA TYR A 138 2.76 0.23 17.64
C TYR A 138 3.93 -0.64 18.12
N THR A 139 3.83 -1.94 17.87
CA THR A 139 4.89 -2.89 18.26
C THR A 139 5.43 -3.62 17.03
N ASP A 140 6.67 -4.07 17.09
CA ASP A 140 7.26 -4.75 15.94
C ASP A 140 6.30 -5.77 15.32
N GLU A 141 5.74 -6.66 16.12
CA GLU A 141 4.83 -7.68 15.59
C GLU A 141 3.69 -7.02 14.81
N MET A 142 3.46 -5.74 15.05
CA MET A 142 2.38 -5.03 14.36
C MET A 142 2.78 -4.68 12.93
N VAL A 143 4.07 -4.76 12.65
CA VAL A 143 4.57 -4.49 11.29
C VAL A 143 5.32 -5.70 10.75
N ALA A 144 4.89 -6.19 9.60
CA ALA A 144 5.52 -7.36 9.00
C ALA A 144 6.33 -6.98 7.76
N MET A 145 7.66 -7.08 7.88
CA MET A 145 8.55 -6.77 6.79
C MET A 145 8.61 -8.00 5.88
N LEU A 146 8.68 -7.79 4.55
CA LEU A 146 8.73 -8.89 3.63
C LEU A 146 9.97 -8.78 2.71
N PRO A 147 10.64 -9.88 2.45
CA PRO A 147 11.88 -9.92 1.59
C PRO A 147 11.60 -9.76 0.09
N ARG A 148 12.68 -9.56 -0.66
CA ARG A 148 12.63 -9.39 -2.12
C ARG A 148 11.96 -10.58 -2.81
N GLN A 149 11.64 -11.61 -2.05
CA GLN A 149 11.04 -12.81 -2.62
C GLN A 149 9.69 -12.52 -3.29
N GLU A 150 9.53 -13.03 -4.52
CA GLU A 150 8.30 -12.83 -5.29
C GLU A 150 7.83 -14.16 -5.90
N GLU A 151 6.51 -14.34 -5.96
CA GLU A 151 5.93 -15.55 -6.54
C GLU A 151 4.87 -15.14 -7.57
N CYS A 152 4.19 -14.03 -7.26
CA CYS A 152 3.17 -13.49 -8.15
C CYS A 152 3.53 -12.07 -8.52
N THR A 153 3.26 -11.68 -9.75
CA THR A 153 3.59 -10.33 -10.21
C THR A 153 2.54 -9.81 -11.18
N VAL A 154 2.43 -8.48 -11.28
CA VAL A 154 1.47 -7.86 -12.16
C VAL A 154 1.95 -7.96 -13.60
N ASP A 155 1.02 -7.78 -14.52
CA ASP A 155 1.35 -7.83 -15.93
C ASP A 155 1.92 -6.50 -16.39
N GLU A 156 2.50 -6.54 -17.56
CA GLU A 156 3.10 -5.37 -18.16
C GLU A 156 2.07 -4.26 -18.33
N VAL A 157 0.83 -4.65 -18.61
CA VAL A 157 -0.24 -3.68 -18.80
C VAL A 157 -1.60 -4.33 -18.60
N MET A 1 3.77 24.85 -9.97
CA MET A 1 3.80 23.90 -11.13
C MET A 1 4.98 22.95 -10.98
N THR A 2 5.67 23.04 -9.84
CA THR A 2 6.81 22.17 -9.59
C THR A 2 6.36 20.82 -9.07
N VAL A 3 5.19 20.37 -9.52
CA VAL A 3 4.65 19.09 -9.10
C VAL A 3 5.63 17.97 -9.45
N PRO A 4 5.67 16.91 -8.66
CA PRO A 4 6.58 15.77 -8.91
C PRO A 4 6.14 14.94 -10.12
N ASP A 5 7.06 14.14 -10.65
CA ASP A 5 6.76 13.29 -11.79
C ASP A 5 5.96 12.07 -11.37
N ARG A 6 4.64 12.17 -11.44
CA ARG A 6 3.78 11.06 -11.06
C ARG A 6 4.05 9.84 -11.94
N SER A 7 4.40 10.09 -13.20
CA SER A 7 4.68 9.01 -14.13
C SER A 7 5.78 8.11 -13.59
N GLU A 8 6.69 8.70 -12.82
CA GLU A 8 7.81 7.94 -12.25
C GLU A 8 7.32 6.80 -11.36
N ILE A 9 6.46 7.12 -10.39
CA ILE A 9 5.94 6.09 -9.48
C ILE A 9 4.76 5.35 -10.11
N ALA A 10 3.98 6.04 -10.93
CA ALA A 10 2.83 5.40 -11.55
C ALA A 10 3.28 4.40 -12.61
N GLY A 11 2.62 3.25 -12.64
CA GLY A 11 2.95 2.19 -13.58
C GLY A 11 3.39 0.94 -12.82
N LYS A 12 4.02 1.14 -11.66
CA LYS A 12 4.49 0.01 -10.86
C LYS A 12 4.83 0.44 -9.43
N TRP A 13 4.00 0.04 -8.46
CA TRP A 13 4.25 0.35 -7.05
C TRP A 13 4.56 -0.97 -6.34
N TYR A 14 5.67 -1.05 -5.62
CA TYR A 14 6.05 -2.31 -4.96
C TYR A 14 5.70 -2.30 -3.48
N VAL A 15 4.89 -3.28 -3.08
CA VAL A 15 4.51 -3.43 -1.67
C VAL A 15 5.44 -4.43 -1.00
N VAL A 16 6.06 -4.05 0.13
CA VAL A 16 7.00 -4.95 0.79
C VAL A 16 6.86 -4.97 2.31
N ALA A 17 5.82 -4.36 2.86
CA ALA A 17 5.61 -4.43 4.31
C ALA A 17 4.38 -3.66 4.70
N LEU A 18 3.59 -4.21 5.63
CA LEU A 18 2.36 -3.55 6.05
C LEU A 18 2.09 -3.82 7.53
N ALA A 19 1.52 -2.84 8.21
CA ALA A 19 1.17 -2.97 9.62
C ALA A 19 -0.33 -2.84 9.80
N SER A 20 -0.83 -3.28 10.95
CA SER A 20 -2.26 -3.21 11.22
C SER A 20 -2.56 -3.43 12.69
N ASN A 21 -3.84 -3.36 13.02
CA ASN A 21 -4.29 -3.58 14.39
C ASN A 21 -5.06 -4.89 14.44
N THR A 22 -5.38 -5.40 13.25
CA THR A 22 -6.11 -6.65 13.13
C THR A 22 -5.13 -7.81 12.99
N GLU A 23 -5.00 -8.57 14.06
CA GLU A 23 -4.06 -9.69 14.08
C GLU A 23 -4.09 -10.49 12.79
N PHE A 24 -5.22 -10.49 12.11
CA PHE A 24 -5.35 -11.23 10.86
C PHE A 24 -4.30 -10.80 9.82
N PHE A 25 -4.16 -9.50 9.59
CA PHE A 25 -3.24 -8.99 8.57
C PHE A 25 -1.76 -9.17 8.94
N LEU A 26 -1.37 -8.79 10.15
CA LEU A 26 0.03 -8.94 10.55
C LEU A 26 0.40 -10.41 10.72
N ARG A 27 -0.51 -11.17 11.30
CA ARG A 27 -0.29 -12.59 11.50
C ARG A 27 0.00 -13.26 10.16
N GLU A 28 -0.82 -12.99 9.17
CA GLU A 28 -0.66 -13.60 7.84
C GLU A 28 0.40 -12.88 7.00
N LYS A 29 0.44 -11.55 7.05
CA LYS A 29 1.42 -10.84 6.24
C LYS A 29 2.80 -11.44 6.42
N ASP A 30 3.02 -12.03 7.60
CA ASP A 30 4.31 -12.63 7.91
C ASP A 30 4.58 -13.88 7.07
N LYS A 31 3.53 -14.54 6.55
CA LYS A 31 3.74 -15.76 5.78
C LYS A 31 3.76 -15.53 4.26
N MET A 32 3.21 -14.43 3.75
CA MET A 32 3.24 -14.22 2.30
C MET A 32 4.58 -13.68 1.85
N LYS A 33 4.65 -13.35 0.56
CA LYS A 33 5.87 -12.78 -0.02
C LYS A 33 5.59 -11.34 -0.40
N MET A 34 6.59 -10.64 -0.93
CA MET A 34 6.41 -9.24 -1.27
C MET A 34 5.28 -9.07 -2.29
N ALA A 35 4.55 -7.95 -2.19
CA ALA A 35 3.43 -7.69 -3.09
C ALA A 35 3.71 -6.51 -4.02
N MET A 36 2.93 -6.42 -5.10
CA MET A 36 3.09 -5.37 -6.10
C MET A 36 1.75 -4.71 -6.41
N ALA A 37 1.82 -3.50 -6.97
CA ALA A 37 0.62 -2.75 -7.34
C ALA A 37 0.93 -1.73 -8.43
N ARG A 38 -0.12 -1.24 -9.10
CA ARG A 38 0.06 -0.22 -10.15
C ARG A 38 -1.04 0.82 -10.06
N ILE A 39 -0.68 2.09 -10.23
CA ILE A 39 -1.61 3.21 -10.11
C ILE A 39 -1.63 4.01 -11.40
N SER A 40 -2.78 4.55 -11.76
CA SER A 40 -2.87 5.36 -12.95
C SER A 40 -3.96 6.41 -12.81
N PHE A 41 -3.88 7.46 -13.63
CA PHE A 41 -4.84 8.55 -13.52
C PHE A 41 -5.99 8.45 -14.54
N LEU A 42 -7.05 7.74 -14.16
CA LEU A 42 -8.22 7.64 -15.03
C LEU A 42 -8.72 9.05 -15.30
N GLY A 43 -8.68 9.85 -14.24
CA GLY A 43 -9.10 11.24 -14.27
C GLY A 43 -8.66 11.92 -12.98
N GLU A 44 -8.62 13.25 -12.99
CA GLU A 44 -8.20 13.99 -11.79
C GLU A 44 -8.98 13.50 -10.58
N ASP A 45 -10.24 13.12 -10.78
CA ASP A 45 -11.08 12.62 -9.70
C ASP A 45 -11.30 11.12 -9.85
N GLU A 46 -10.45 10.48 -10.64
CA GLU A 46 -10.57 9.04 -10.86
C GLU A 46 -9.19 8.41 -11.04
N LEU A 47 -8.83 7.50 -10.14
CA LEU A 47 -7.55 6.81 -10.21
C LEU A 47 -7.75 5.30 -10.13
N LYS A 48 -6.96 4.55 -10.89
CA LYS A 48 -7.07 3.10 -10.88
C LYS A 48 -5.88 2.50 -10.13
N VAL A 49 -6.17 1.77 -9.04
CA VAL A 49 -5.11 1.13 -8.25
C VAL A 49 -5.34 -0.37 -8.21
N SER A 50 -4.25 -1.08 -8.36
CA SER A 50 -4.28 -2.53 -8.41
C SER A 50 -3.39 -3.15 -7.35
N TYR A 51 -3.80 -4.33 -6.88
CA TYR A 51 -3.03 -5.06 -5.87
C TYR A 51 -2.65 -6.44 -6.39
N ALA A 52 -1.38 -6.80 -6.22
CA ALA A 52 -0.90 -8.11 -6.63
C ALA A 52 -0.24 -8.75 -5.41
N VAL A 53 -0.90 -9.75 -4.84
CA VAL A 53 -0.39 -10.41 -3.64
C VAL A 53 -0.05 -11.88 -3.89
N PRO A 54 1.13 -12.32 -3.52
CA PRO A 54 1.54 -13.74 -3.69
C PRO A 54 0.98 -14.62 -2.59
N LYS A 55 0.55 -15.82 -2.93
CA LYS A 55 0.01 -16.75 -1.95
C LYS A 55 0.21 -18.17 -2.43
N PRO A 56 1.40 -18.71 -2.28
CA PRO A 56 1.72 -20.10 -2.71
C PRO A 56 0.57 -21.08 -2.47
N ASN A 57 -0.36 -20.70 -1.59
CA ASN A 57 -1.51 -21.55 -1.28
C ASN A 57 -2.75 -21.10 -2.06
N GLY A 58 -2.54 -20.27 -3.08
CA GLY A 58 -3.64 -19.77 -3.89
C GLY A 58 -3.43 -18.30 -4.24
N CYS A 59 -2.56 -18.05 -5.21
CA CYS A 59 -2.26 -16.68 -5.63
C CYS A 59 -3.53 -15.88 -5.86
N ARG A 60 -3.51 -14.60 -5.50
CA ARG A 60 -4.67 -13.73 -5.66
C ARG A 60 -4.26 -12.41 -6.32
N LYS A 61 -4.81 -12.15 -7.51
CA LYS A 61 -4.51 -10.92 -8.24
C LYS A 61 -5.80 -10.29 -8.77
N TRP A 62 -5.95 -8.98 -8.55
CA TRP A 62 -7.14 -8.29 -9.02
C TRP A 62 -6.89 -6.78 -9.13
N GLU A 63 -7.90 -6.07 -9.62
CA GLU A 63 -7.80 -4.61 -9.79
C GLU A 63 -8.84 -3.89 -8.96
N THR A 64 -8.63 -2.59 -8.76
CA THR A 64 -9.55 -1.78 -7.98
C THR A 64 -9.51 -0.33 -8.44
N THR A 65 -10.67 0.33 -8.42
CA THR A 65 -10.76 1.73 -8.85
C THR A 65 -10.88 2.66 -7.65
N PHE A 66 -10.05 3.71 -7.62
CA PHE A 66 -10.06 4.68 -6.53
C PHE A 66 -10.38 6.08 -7.07
N LYS A 67 -11.27 6.78 -6.38
CA LYS A 67 -11.65 8.14 -6.79
C LYS A 67 -11.27 9.16 -5.72
N LYS A 68 -10.90 10.36 -6.16
CA LYS A 68 -10.50 11.40 -5.22
C LYS A 68 -11.71 11.96 -4.47
N THR A 69 -11.59 12.04 -3.15
CA THR A 69 -12.67 12.57 -2.32
C THR A 69 -12.13 13.64 -1.37
N SER A 70 -13.03 14.30 -0.65
CA SER A 70 -12.62 15.35 0.28
C SER A 70 -12.53 14.79 1.70
N ASP A 71 -12.81 13.49 1.81
CA ASP A 71 -12.79 12.79 3.10
C ASP A 71 -12.00 13.54 4.16
N ASP A 72 -10.79 13.97 3.82
CA ASP A 72 -9.95 14.70 4.77
C ASP A 72 -8.69 15.21 4.09
N GLY A 73 -8.81 16.39 3.48
CA GLY A 73 -7.68 16.99 2.79
C GLY A 73 -7.47 16.35 1.42
N GLU A 74 -6.45 15.50 1.33
CA GLU A 74 -6.14 14.81 0.07
C GLU A 74 -6.18 13.29 0.28
N VAL A 75 -7.32 12.67 0.04
CA VAL A 75 -7.46 11.23 0.22
C VAL A 75 -8.20 10.59 -0.93
N TYR A 76 -7.87 9.34 -1.23
CA TYR A 76 -8.51 8.61 -2.32
C TYR A 76 -9.35 7.47 -1.74
N TYR A 77 -10.41 7.08 -2.45
CA TYR A 77 -11.29 6.02 -1.96
C TYR A 77 -12.03 5.28 -3.08
N SER A 78 -12.15 3.96 -2.92
CA SER A 78 -12.87 3.13 -3.87
C SER A 78 -14.23 2.76 -3.28
N GLU A 79 -15.27 3.44 -3.75
CA GLU A 79 -16.63 3.21 -3.25
C GLU A 79 -17.01 1.74 -3.29
N GLU A 80 -16.58 1.03 -4.33
CA GLU A 80 -16.93 -0.38 -4.48
C GLU A 80 -16.14 -1.28 -3.54
N ALA A 81 -14.90 -0.89 -3.21
CA ALA A 81 -14.06 -1.72 -2.33
C ALA A 81 -13.97 -1.15 -0.92
N LYS A 82 -14.77 -0.13 -0.62
CA LYS A 82 -14.75 0.49 0.72
C LYS A 82 -13.34 0.49 1.30
N LYS A 83 -12.44 1.13 0.57
CA LYS A 83 -11.04 1.22 0.97
C LYS A 83 -10.46 2.56 0.55
N LYS A 84 -9.82 3.26 1.50
CA LYS A 84 -9.23 4.57 1.22
C LYS A 84 -7.77 4.63 1.64
N VAL A 85 -6.97 5.33 0.83
CA VAL A 85 -5.55 5.50 1.15
C VAL A 85 -5.15 6.95 0.93
N GLU A 86 -4.51 7.52 1.97
CA GLU A 86 -4.12 8.93 1.93
C GLU A 86 -2.62 9.08 2.12
N VAL A 87 -2.02 9.94 1.31
CA VAL A 87 -0.59 10.17 1.40
C VAL A 87 -0.21 10.67 2.80
N LEU A 88 0.21 9.73 3.65
CA LEU A 88 0.63 10.06 5.00
C LEU A 88 2.12 10.36 4.99
N ASP A 89 2.75 9.90 3.92
CA ASP A 89 4.18 10.10 3.68
C ASP A 89 4.50 9.43 2.35
N THR A 90 5.00 10.19 1.39
CA THR A 90 5.29 9.61 0.08
C THR A 90 6.49 10.31 -0.57
N ASP A 91 7.49 9.50 -0.90
CA ASP A 91 8.69 10.01 -1.55
C ASP A 91 8.47 10.09 -3.04
N TYR A 92 7.60 9.22 -3.53
CA TYR A 92 7.27 9.17 -4.94
C TYR A 92 8.49 8.88 -5.80
N LYS A 93 9.58 8.39 -5.20
CA LYS A 93 10.78 8.10 -5.95
C LYS A 93 11.61 7.01 -5.26
N SER A 94 11.55 6.99 -3.92
CA SER A 94 12.31 6.01 -3.13
C SER A 94 11.39 5.07 -2.36
N TYR A 95 10.59 5.64 -1.46
CA TYR A 95 9.67 4.84 -0.65
C TYR A 95 8.52 5.70 -0.16
N ALA A 96 7.42 5.07 0.26
CA ALA A 96 6.26 5.83 0.73
C ALA A 96 5.50 5.09 1.83
N VAL A 97 5.00 5.87 2.79
CA VAL A 97 4.20 5.32 3.90
C VAL A 97 2.83 5.94 3.80
N ILE A 98 1.80 5.11 3.68
CA ILE A 98 0.44 5.61 3.51
C ILE A 98 -0.51 4.97 4.52
N TYR A 99 -1.53 5.74 4.90
CA TYR A 99 -2.52 5.26 5.87
C TYR A 99 -3.74 4.70 5.14
N ALA A 100 -3.85 3.37 5.15
CA ALA A 100 -4.96 2.68 4.48
C ALA A 100 -5.99 2.23 5.50
N THR A 101 -7.26 2.34 5.12
CA THR A 101 -8.35 1.94 6.01
C THR A 101 -9.50 1.31 5.23
N ARG A 102 -9.97 0.17 5.71
CA ARG A 102 -11.09 -0.54 5.09
C ARG A 102 -12.22 -0.63 6.09
N VAL A 103 -13.42 -0.18 5.72
CA VAL A 103 -14.55 -0.21 6.65
C VAL A 103 -15.65 -1.13 6.14
N LYS A 104 -15.93 -2.19 6.90
CA LYS A 104 -16.96 -3.14 6.54
C LYS A 104 -18.24 -2.79 7.29
N ASP A 105 -19.34 -3.43 6.91
CA ASP A 105 -20.60 -3.14 7.56
C ASP A 105 -20.53 -3.41 9.06
N GLY A 106 -20.53 -2.33 9.84
CA GLY A 106 -20.48 -2.44 11.30
C GLY A 106 -19.06 -2.48 11.86
N ARG A 107 -18.06 -2.51 10.98
CA ARG A 107 -16.67 -2.58 11.46
C ARG A 107 -15.76 -1.61 10.69
N THR A 108 -14.80 -1.03 11.42
CA THR A 108 -13.84 -0.09 10.83
C THR A 108 -12.42 -0.62 11.05
N LEU A 109 -11.51 -0.31 10.11
CA LEU A 109 -10.14 -0.80 10.24
C LEU A 109 -9.13 0.18 9.69
N HIS A 110 -7.96 0.18 10.30
CA HIS A 110 -6.88 1.03 9.86
C HIS A 110 -5.60 0.20 9.78
N MET A 111 -4.73 0.53 8.82
CA MET A 111 -3.48 -0.22 8.67
C MET A 111 -2.43 0.61 7.93
N MET A 112 -1.15 0.33 8.19
CA MET A 112 -0.07 1.04 7.52
C MET A 112 0.49 0.17 6.40
N ARG A 113 0.80 0.79 5.27
CA ARG A 113 1.35 0.04 4.14
C ARG A 113 2.63 0.70 3.66
N LEU A 114 3.68 -0.11 3.52
CA LEU A 114 4.98 0.38 3.09
C LEU A 114 5.36 -0.23 1.75
N TYR A 115 5.69 0.65 0.81
CA TYR A 115 6.05 0.25 -0.54
C TYR A 115 7.45 0.74 -0.92
N SER A 116 8.04 0.09 -1.91
CA SER A 116 9.37 0.47 -2.41
C SER A 116 9.28 0.82 -3.88
N ARG A 117 10.13 1.73 -4.35
CA ARG A 117 10.12 2.12 -5.76
C ARG A 117 10.91 1.10 -6.57
N SER A 118 11.82 0.41 -5.90
CA SER A 118 12.66 -0.59 -6.55
C SER A 118 12.51 -1.95 -5.83
N PRO A 119 12.55 -3.03 -6.56
CA PRO A 119 12.42 -4.40 -5.97
C PRO A 119 13.09 -4.52 -4.60
N GLU A 120 14.07 -3.65 -4.35
CA GLU A 120 14.79 -3.67 -3.07
C GLU A 120 14.16 -2.68 -2.10
N VAL A 121 14.55 -2.79 -0.84
CA VAL A 121 14.03 -1.91 0.20
C VAL A 121 15.17 -1.08 0.81
N SER A 122 14.99 0.24 0.84
CA SER A 122 16.00 1.13 1.40
C SER A 122 15.92 1.13 2.93
N PRO A 123 16.97 0.75 3.62
CA PRO A 123 16.98 0.72 5.11
C PRO A 123 16.31 1.96 5.70
N ALA A 124 16.37 3.07 4.98
CA ALA A 124 15.77 4.30 5.46
C ALA A 124 14.24 4.23 5.37
N ALA A 125 13.75 3.53 4.36
CA ALA A 125 12.31 3.37 4.16
C ALA A 125 11.70 2.60 5.32
N THR A 126 12.41 1.59 5.78
CA THR A 126 11.94 0.78 6.90
C THR A 126 12.08 1.55 8.21
N ALA A 127 13.09 2.41 8.32
CA ALA A 127 13.33 3.16 9.54
C ALA A 127 12.34 4.32 9.69
N ILE A 128 12.15 5.11 8.64
CA ILE A 128 11.21 6.21 8.71
C ILE A 128 9.86 5.61 9.08
N PHE A 129 9.61 4.47 8.47
CA PHE A 129 8.39 3.72 8.71
C PHE A 129 8.16 3.55 10.22
N ARG A 130 9.24 3.23 10.93
CA ARG A 130 9.17 3.01 12.37
C ARG A 130 8.90 4.32 13.13
N LYS A 131 9.51 5.41 12.70
CA LYS A 131 9.32 6.70 13.39
C LYS A 131 7.85 7.01 13.59
N LEU A 132 7.09 7.11 12.51
CA LEU A 132 5.67 7.42 12.61
C LEU A 132 4.94 6.31 13.37
N ALA A 133 5.26 5.07 13.04
CA ALA A 133 4.63 3.95 13.72
C ALA A 133 4.80 4.07 15.23
N GLY A 134 5.97 4.53 15.66
CA GLY A 134 6.22 4.71 17.08
C GLY A 134 5.27 5.75 17.63
N GLU A 135 5.01 6.78 16.83
CA GLU A 135 4.09 7.84 17.23
C GLU A 135 2.70 7.25 17.41
N ARG A 136 2.50 6.05 16.86
CA ARG A 136 1.22 5.36 16.98
C ARG A 136 1.29 4.29 18.07
N ASN A 137 2.39 4.31 18.82
CA ASN A 137 2.58 3.36 19.91
C ASN A 137 2.42 1.91 19.43
N TYR A 138 2.90 1.65 18.23
CA TYR A 138 2.81 0.31 17.66
C TYR A 138 3.97 -0.57 18.15
N THR A 139 3.88 -1.88 17.90
CA THR A 139 4.94 -2.81 18.29
C THR A 139 5.45 -3.55 17.04
N ASP A 140 6.69 -4.01 17.09
CA ASP A 140 7.28 -4.69 15.93
C ASP A 140 6.31 -5.69 15.32
N GLU A 141 5.75 -6.59 16.13
CA GLU A 141 4.83 -7.59 15.61
C GLU A 141 3.68 -6.94 14.84
N MET A 142 3.46 -5.65 15.08
CA MET A 142 2.39 -4.94 14.40
C MET A 142 2.76 -4.59 12.97
N VAL A 143 4.05 -4.67 12.67
CA VAL A 143 4.55 -4.40 11.31
C VAL A 143 5.30 -5.61 10.78
N ALA A 144 4.87 -6.10 9.63
CA ALA A 144 5.50 -7.27 9.02
C ALA A 144 6.30 -6.90 7.78
N MET A 145 7.63 -6.99 7.89
CA MET A 145 8.51 -6.70 6.80
C MET A 145 8.57 -7.95 5.92
N LEU A 146 8.66 -7.77 4.60
CA LEU A 146 8.72 -8.88 3.69
C LEU A 146 9.95 -8.75 2.77
N PRO A 147 10.65 -9.84 2.50
CA PRO A 147 11.88 -9.86 1.63
C PRO A 147 11.57 -9.72 0.14
N ARG A 148 12.63 -9.55 -0.65
CA ARG A 148 12.52 -9.39 -2.10
C ARG A 148 11.78 -10.55 -2.75
N GLN A 149 11.49 -11.59 -1.97
CA GLN A 149 10.82 -12.78 -2.49
C GLN A 149 9.52 -12.43 -3.23
N GLU A 150 9.42 -12.92 -4.47
CA GLU A 150 8.23 -12.68 -5.30
C GLU A 150 7.73 -14.01 -5.87
N GLU A 151 6.39 -14.18 -5.89
CA GLU A 151 5.79 -15.41 -6.42
C GLU A 151 4.75 -15.05 -7.48
N CYS A 152 4.06 -13.94 -7.25
CA CYS A 152 3.04 -13.47 -8.18
C CYS A 152 3.39 -12.06 -8.65
N THR A 153 3.14 -11.82 -9.92
CA THR A 153 3.42 -10.51 -10.52
C THR A 153 2.44 -10.20 -11.64
N VAL A 154 2.26 -8.92 -11.95
CA VAL A 154 1.36 -8.51 -13.00
C VAL A 154 1.98 -8.81 -14.36
N ASP A 155 1.16 -8.85 -15.37
CA ASP A 155 1.63 -9.11 -16.72
C ASP A 155 2.36 -7.89 -17.27
N GLU A 156 3.07 -8.13 -18.33
CA GLU A 156 3.84 -7.09 -19.00
C GLU A 156 2.91 -6.04 -19.61
N VAL A 157 1.77 -6.50 -20.13
CA VAL A 157 0.80 -5.60 -20.74
C VAL A 157 -0.49 -6.33 -21.05
N MET A 1 5.20 22.27 -11.69
CA MET A 1 5.00 23.37 -10.70
C MET A 1 5.92 23.16 -9.51
N THR A 2 5.69 22.06 -8.80
CA THR A 2 6.51 21.74 -7.62
C THR A 2 6.36 20.27 -7.25
N VAL A 3 5.18 19.71 -7.50
CA VAL A 3 4.93 18.31 -7.18
C VAL A 3 5.84 17.41 -8.00
N PRO A 4 6.20 16.26 -7.48
CA PRO A 4 7.08 15.29 -8.20
C PRO A 4 6.40 14.67 -9.42
N ASP A 5 7.17 13.93 -10.20
CA ASP A 5 6.62 13.29 -11.40
C ASP A 5 5.80 12.06 -11.02
N ARG A 6 4.50 12.13 -11.26
CA ARG A 6 3.61 11.01 -10.95
C ARG A 6 3.89 9.83 -11.86
N SER A 7 4.24 10.12 -13.11
CA SER A 7 4.53 9.07 -14.09
C SER A 7 5.65 8.17 -13.57
N GLU A 8 6.57 8.74 -12.80
CA GLU A 8 7.69 7.99 -12.27
C GLU A 8 7.22 6.84 -11.38
N ILE A 9 6.36 7.14 -10.41
CA ILE A 9 5.86 6.11 -9.50
C ILE A 9 4.66 5.37 -10.12
N ALA A 10 3.89 6.07 -10.93
CA ALA A 10 2.73 5.42 -11.54
C ALA A 10 3.16 4.45 -12.61
N GLY A 11 2.49 3.29 -12.64
CA GLY A 11 2.81 2.25 -13.60
C GLY A 11 3.26 0.99 -12.85
N LYS A 12 3.91 1.19 -11.71
CA LYS A 12 4.38 0.06 -10.91
C LYS A 12 4.75 0.49 -9.49
N TRP A 13 3.92 0.07 -8.52
CA TRP A 13 4.18 0.37 -7.11
C TRP A 13 4.50 -0.95 -6.40
N TYR A 14 5.63 -1.03 -5.69
CA TYR A 14 6.02 -2.29 -5.04
C TYR A 14 5.68 -2.28 -3.55
N VAL A 15 4.88 -3.25 -3.14
CA VAL A 15 4.52 -3.41 -1.73
C VAL A 15 5.46 -4.40 -1.07
N VAL A 16 6.05 -4.03 0.07
CA VAL A 16 6.99 -4.93 0.73
C VAL A 16 6.86 -4.95 2.25
N ALA A 17 5.82 -4.33 2.80
CA ALA A 17 5.61 -4.41 4.25
C ALA A 17 4.39 -3.62 4.67
N LEU A 18 3.61 -4.17 5.61
CA LEU A 18 2.40 -3.49 6.04
C LEU A 18 2.13 -3.77 7.52
N ALA A 19 1.54 -2.78 8.20
CA ALA A 19 1.21 -2.91 9.62
C ALA A 19 -0.30 -2.79 9.81
N SER A 20 -0.79 -3.24 10.96
CA SER A 20 -2.21 -3.17 11.24
C SER A 20 -2.51 -3.39 12.72
N ASN A 21 -3.78 -3.31 13.06
CA ASN A 21 -4.23 -3.52 14.42
C ASN A 21 -5.00 -4.83 14.48
N THR A 22 -5.31 -5.36 13.31
CA THR A 22 -6.03 -6.62 13.19
C THR A 22 -5.04 -7.77 13.11
N GLU A 23 -4.91 -8.52 14.20
CA GLU A 23 -3.97 -9.63 14.26
C GLU A 23 -4.00 -10.47 12.99
N PHE A 24 -5.13 -10.49 12.32
CA PHE A 24 -5.27 -11.27 11.09
C PHE A 24 -4.23 -10.87 10.04
N PHE A 25 -4.09 -9.57 9.77
CA PHE A 25 -3.17 -9.11 8.73
C PHE A 25 -1.69 -9.31 9.08
N LEU A 26 -1.28 -8.97 10.29
CA LEU A 26 0.13 -9.15 10.66
C LEU A 26 0.44 -10.64 10.75
N ARG A 27 -0.54 -11.39 11.24
CA ARG A 27 -0.37 -12.83 11.37
C ARG A 27 -0.08 -13.45 10.00
N GLU A 28 -0.89 -13.09 9.01
CA GLU A 28 -0.73 -13.65 7.67
C GLU A 28 0.36 -12.93 6.86
N LYS A 29 0.43 -11.61 6.92
CA LYS A 29 1.45 -10.90 6.15
C LYS A 29 2.81 -11.54 6.37
N ASP A 30 2.99 -12.11 7.55
CA ASP A 30 4.25 -12.74 7.90
C ASP A 30 4.53 -13.98 7.04
N LYS A 31 3.49 -14.62 6.48
CA LYS A 31 3.72 -15.83 5.69
C LYS A 31 3.76 -15.58 4.17
N MET A 32 3.23 -14.47 3.67
CA MET A 32 3.28 -14.23 2.22
C MET A 32 4.62 -13.67 1.81
N LYS A 33 4.74 -13.33 0.52
CA LYS A 33 5.95 -12.74 -0.01
C LYS A 33 5.65 -11.29 -0.40
N MET A 34 6.64 -10.60 -0.92
CA MET A 34 6.46 -9.21 -1.28
C MET A 34 5.33 -9.07 -2.31
N ALA A 35 4.58 -7.96 -2.21
CA ALA A 35 3.45 -7.72 -3.11
C ALA A 35 3.70 -6.51 -4.01
N MET A 36 2.89 -6.38 -5.06
CA MET A 36 3.04 -5.26 -5.99
C MET A 36 1.69 -4.61 -6.27
N ALA A 37 1.75 -3.42 -6.86
CA ALA A 37 0.54 -2.68 -7.19
C ALA A 37 0.84 -1.68 -8.31
N ARG A 38 -0.21 -1.22 -8.99
CA ARG A 38 -0.03 -0.23 -10.06
C ARG A 38 -1.13 0.82 -9.98
N ILE A 39 -0.75 2.09 -10.15
CA ILE A 39 -1.68 3.21 -10.04
C ILE A 39 -1.70 3.99 -11.34
N SER A 40 -2.85 4.52 -11.70
CA SER A 40 -2.95 5.31 -12.92
C SER A 40 -4.05 6.36 -12.78
N PHE A 41 -3.98 7.40 -13.60
CA PHE A 41 -4.96 8.48 -13.51
C PHE A 41 -6.09 8.37 -14.53
N LEU A 42 -7.15 7.66 -14.14
CA LEU A 42 -8.31 7.54 -15.01
C LEU A 42 -8.83 8.95 -15.28
N GLY A 43 -8.81 9.74 -14.23
CA GLY A 43 -9.25 11.12 -14.27
C GLY A 43 -8.81 11.83 -12.99
N GLU A 44 -8.79 13.15 -13.00
CA GLU A 44 -8.37 13.90 -11.81
C GLU A 44 -9.13 13.40 -10.58
N ASP A 45 -10.38 13.01 -10.78
CA ASP A 45 -11.21 12.50 -9.69
C ASP A 45 -11.42 11.01 -9.84
N GLU A 46 -10.56 10.37 -10.62
CA GLU A 46 -10.66 8.93 -10.83
C GLU A 46 -9.28 8.31 -11.00
N LEU A 47 -8.92 7.40 -10.09
CA LEU A 47 -7.62 6.73 -10.15
C LEU A 47 -7.82 5.22 -10.05
N LYS A 48 -7.01 4.47 -10.79
CA LYS A 48 -7.10 3.01 -10.77
C LYS A 48 -5.92 2.42 -10.02
N VAL A 49 -6.19 1.71 -8.91
CA VAL A 49 -5.12 1.09 -8.14
C VAL A 49 -5.32 -0.41 -8.09
N SER A 50 -4.21 -1.12 -8.23
CA SER A 50 -4.21 -2.57 -8.27
C SER A 50 -3.35 -3.18 -7.18
N TYR A 51 -3.73 -4.38 -6.73
CA TYR A 51 -2.97 -5.09 -5.70
C TYR A 51 -2.59 -6.48 -6.19
N ALA A 52 -1.33 -6.84 -6.00
CA ALA A 52 -0.84 -8.17 -6.38
C ALA A 52 -0.21 -8.83 -5.16
N VAL A 53 -0.87 -9.85 -4.62
CA VAL A 53 -0.37 -10.54 -3.43
C VAL A 53 -0.04 -12.01 -3.75
N PRO A 54 1.19 -12.43 -3.57
CA PRO A 54 1.59 -13.84 -3.84
C PRO A 54 1.18 -14.76 -2.69
N LYS A 55 0.42 -15.81 -3.00
CA LYS A 55 -0.04 -16.75 -1.98
C LYS A 55 0.13 -18.18 -2.49
N PRO A 56 1.31 -18.74 -2.39
CA PRO A 56 1.57 -20.13 -2.84
C PRO A 56 0.38 -21.07 -2.63
N ASN A 57 -0.46 -20.75 -1.64
CA ASN A 57 -1.63 -21.57 -1.33
C ASN A 57 -2.85 -21.07 -2.11
N GLY A 58 -2.62 -20.27 -3.13
CA GLY A 58 -3.70 -19.72 -3.94
C GLY A 58 -3.44 -18.25 -4.27
N CYS A 59 -2.50 -18.00 -5.18
CA CYS A 59 -2.15 -16.64 -5.56
C CYS A 59 -3.42 -15.85 -5.88
N ARG A 60 -3.45 -14.60 -5.42
CA ARG A 60 -4.60 -13.73 -5.66
C ARG A 60 -4.17 -12.42 -6.32
N LYS A 61 -4.69 -12.16 -7.50
CA LYS A 61 -4.37 -10.93 -8.24
C LYS A 61 -5.65 -10.30 -8.77
N TRP A 62 -5.79 -8.99 -8.56
CA TRP A 62 -6.99 -8.29 -9.03
C TRP A 62 -6.73 -6.79 -9.11
N GLU A 63 -7.75 -6.07 -9.59
CA GLU A 63 -7.66 -4.61 -9.74
C GLU A 63 -8.71 -3.92 -8.88
N THR A 64 -8.53 -2.61 -8.68
CA THR A 64 -9.46 -1.82 -7.88
C THR A 64 -9.46 -0.36 -8.33
N THR A 65 -10.64 0.27 -8.30
CA THR A 65 -10.77 1.66 -8.72
C THR A 65 -10.89 2.60 -7.51
N PHE A 66 -10.05 3.63 -7.49
CA PHE A 66 -10.06 4.61 -6.39
C PHE A 66 -10.37 6.00 -6.94
N LYS A 67 -11.26 6.73 -6.27
CA LYS A 67 -11.64 8.07 -6.72
C LYS A 67 -11.26 9.12 -5.67
N LYS A 68 -10.87 10.30 -6.13
CA LYS A 68 -10.47 11.37 -5.22
C LYS A 68 -11.66 11.99 -4.51
N THR A 69 -11.55 12.14 -3.19
CA THR A 69 -12.61 12.73 -2.38
C THR A 69 -12.04 13.80 -1.47
N SER A 70 -12.93 14.49 -0.75
CA SER A 70 -12.50 15.54 0.17
C SER A 70 -12.46 15.01 1.59
N ASP A 71 -12.76 13.72 1.73
CA ASP A 71 -12.79 13.04 3.03
C ASP A 71 -11.97 13.78 4.09
N ASP A 72 -10.75 14.20 3.74
CA ASP A 72 -9.90 14.91 4.69
C ASP A 72 -8.64 15.39 3.99
N GLY A 73 -8.75 16.55 3.36
CA GLY A 73 -7.62 17.13 2.66
C GLY A 73 -7.43 16.48 1.29
N GLU A 74 -6.43 15.61 1.20
CA GLU A 74 -6.14 14.89 -0.05
C GLU A 74 -6.19 13.39 0.19
N VAL A 75 -7.35 12.78 -0.03
CA VAL A 75 -7.50 11.34 0.18
C VAL A 75 -8.27 10.69 -0.96
N TYR A 76 -7.96 9.43 -1.23
CA TYR A 76 -8.63 8.69 -2.31
C TYR A 76 -9.50 7.57 -1.72
N TYR A 77 -10.55 7.18 -2.44
CA TYR A 77 -11.45 6.13 -1.94
C TYR A 77 -12.13 5.34 -3.05
N SER A 78 -12.19 4.01 -2.88
CA SER A 78 -12.85 3.14 -3.84
C SER A 78 -14.23 2.75 -3.31
N GLU A 79 -15.25 3.38 -3.86
CA GLU A 79 -16.62 3.13 -3.43
C GLU A 79 -16.96 1.63 -3.49
N GLU A 80 -16.49 0.96 -4.53
CA GLU A 80 -16.78 -0.47 -4.71
C GLU A 80 -16.05 -1.34 -3.67
N ALA A 81 -14.81 -0.98 -3.34
CA ALA A 81 -14.03 -1.77 -2.39
C ALA A 81 -14.02 -1.15 -0.98
N LYS A 82 -14.83 -0.11 -0.78
CA LYS A 82 -14.87 0.56 0.53
C LYS A 82 -13.48 0.60 1.16
N LYS A 83 -12.58 1.30 0.49
CA LYS A 83 -11.20 1.43 0.97
C LYS A 83 -10.58 2.73 0.47
N LYS A 84 -9.93 3.45 1.39
CA LYS A 84 -9.29 4.72 1.04
C LYS A 84 -7.86 4.76 1.54
N VAL A 85 -7.01 5.45 0.78
CA VAL A 85 -5.62 5.59 1.15
C VAL A 85 -5.20 7.06 1.01
N GLU A 86 -4.58 7.58 2.07
CA GLU A 86 -4.18 8.99 2.12
C GLU A 86 -2.68 9.12 2.27
N VAL A 87 -2.11 9.96 1.42
CA VAL A 87 -0.67 10.19 1.46
C VAL A 87 -0.24 10.66 2.86
N LEU A 88 0.22 9.70 3.66
CA LEU A 88 0.69 10.00 5.02
C LEU A 88 2.18 10.30 4.97
N ASP A 89 2.79 9.86 3.88
CA ASP A 89 4.21 10.06 3.61
C ASP A 89 4.51 9.39 2.29
N THR A 90 5.01 10.15 1.32
CA THR A 90 5.28 9.58 0.00
C THR A 90 6.49 10.25 -0.65
N ASP A 91 7.49 9.44 -0.98
CA ASP A 91 8.70 9.94 -1.63
C ASP A 91 8.48 10.02 -3.12
N TYR A 92 7.60 9.15 -3.62
CA TYR A 92 7.28 9.11 -5.03
C TYR A 92 8.50 8.79 -5.88
N LYS A 93 9.58 8.29 -5.27
CA LYS A 93 10.78 7.97 -6.02
C LYS A 93 11.60 6.89 -5.30
N SER A 94 11.51 6.85 -3.97
CA SER A 94 12.27 5.87 -3.19
C SER A 94 11.35 4.96 -2.38
N TYR A 95 10.56 5.55 -1.48
CA TYR A 95 9.65 4.78 -0.65
C TYR A 95 8.49 5.65 -0.18
N ALA A 96 7.39 5.03 0.23
CA ALA A 96 6.23 5.80 0.69
C ALA A 96 5.47 5.08 1.78
N VAL A 97 4.99 5.87 2.75
CA VAL A 97 4.20 5.34 3.86
C VAL A 97 2.81 5.97 3.80
N ILE A 98 1.79 5.15 3.64
CA ILE A 98 0.43 5.66 3.50
C ILE A 98 -0.52 4.97 4.48
N TYR A 99 -1.54 5.72 4.91
CA TYR A 99 -2.51 5.20 5.86
C TYR A 99 -3.74 4.65 5.13
N ALA A 100 -3.83 3.32 5.09
CA ALA A 100 -4.94 2.64 4.41
C ALA A 100 -5.96 2.15 5.42
N THR A 101 -7.23 2.23 5.05
CA THR A 101 -8.31 1.79 5.94
C THR A 101 -9.45 1.16 5.15
N ARG A 102 -9.95 0.03 5.65
CA ARG A 102 -11.07 -0.68 5.03
C ARG A 102 -12.21 -0.74 6.02
N VAL A 103 -13.40 -0.29 5.63
CA VAL A 103 -14.54 -0.29 6.54
C VAL A 103 -15.66 -1.19 6.03
N LYS A 104 -16.00 -2.20 6.82
CA LYS A 104 -17.07 -3.14 6.46
C LYS A 104 -18.33 -2.76 7.20
N ASP A 105 -19.45 -3.36 6.83
CA ASP A 105 -20.71 -3.05 7.48
C ASP A 105 -20.63 -3.33 8.98
N GLY A 106 -20.63 -2.26 9.76
CA GLY A 106 -20.59 -2.37 11.22
C GLY A 106 -19.17 -2.45 11.78
N ARG A 107 -18.16 -2.52 10.90
CA ARG A 107 -16.78 -2.62 11.36
C ARG A 107 -15.85 -1.68 10.61
N THR A 108 -14.89 -1.11 11.33
CA THR A 108 -13.90 -0.19 10.75
C THR A 108 -12.49 -0.73 11.00
N LEU A 109 -11.57 -0.44 10.09
CA LEU A 109 -10.21 -0.94 10.23
C LEU A 109 -9.19 0.01 9.64
N HIS A 110 -8.03 0.04 10.27
CA HIS A 110 -6.93 0.85 9.78
C HIS A 110 -5.67 0.01 9.67
N MET A 111 -4.79 0.35 8.72
CA MET A 111 -3.55 -0.42 8.55
C MET A 111 -2.48 0.42 7.87
N MET A 112 -1.22 0.10 8.13
CA MET A 112 -0.10 0.82 7.52
C MET A 112 0.46 0.02 6.35
N ARG A 113 0.78 0.70 5.26
CA ARG A 113 1.34 0.02 4.09
C ARG A 113 2.63 0.69 3.63
N LEU A 114 3.67 -0.10 3.45
CA LEU A 114 4.98 0.40 3.03
C LEU A 114 5.36 -0.21 1.68
N TYR A 115 5.69 0.67 0.74
CA TYR A 115 6.06 0.27 -0.60
C TYR A 115 7.47 0.75 -0.96
N SER A 116 8.06 0.09 -1.95
CA SER A 116 9.40 0.45 -2.43
C SER A 116 9.33 0.77 -3.91
N ARG A 117 10.17 1.69 -4.38
CA ARG A 117 10.18 2.05 -5.79
C ARG A 117 10.99 1.02 -6.59
N SER A 118 11.89 0.34 -5.89
CA SER A 118 12.74 -0.68 -6.51
C SER A 118 12.58 -2.01 -5.78
N PRO A 119 12.62 -3.12 -6.50
CA PRO A 119 12.47 -4.47 -5.90
C PRO A 119 13.13 -4.58 -4.53
N GLU A 120 14.11 -3.72 -4.27
CA GLU A 120 14.81 -3.72 -2.99
C GLU A 120 14.20 -2.72 -2.03
N VAL A 121 14.59 -2.80 -0.76
CA VAL A 121 14.08 -1.90 0.27
C VAL A 121 15.22 -1.08 0.86
N SER A 122 15.06 0.24 0.88
CA SER A 122 16.09 1.12 1.42
C SER A 122 16.01 1.16 2.95
N PRO A 123 17.07 0.80 3.65
CA PRO A 123 17.07 0.81 5.15
C PRO A 123 16.38 2.04 5.72
N ALA A 124 16.43 3.14 4.97
CA ALA A 124 15.80 4.38 5.42
C ALA A 124 14.28 4.29 5.31
N ALA A 125 13.82 3.55 4.30
CA ALA A 125 12.39 3.38 4.08
C ALA A 125 11.75 2.60 5.23
N THR A 126 12.46 1.57 5.70
CA THR A 126 11.97 0.76 6.81
C THR A 126 12.12 1.51 8.13
N ALA A 127 13.16 2.34 8.24
CA ALA A 127 13.40 3.08 9.48
C ALA A 127 12.43 4.24 9.64
N ILE A 128 12.25 5.05 8.59
CA ILE A 128 11.32 6.16 8.67
C ILE A 128 9.97 5.58 9.04
N PHE A 129 9.71 4.44 8.44
CA PHE A 129 8.48 3.71 8.68
C PHE A 129 8.25 3.53 10.18
N ARG A 130 9.33 3.20 10.89
CA ARG A 130 9.26 2.97 12.33
C ARG A 130 8.99 4.27 13.11
N LYS A 131 9.62 5.36 12.68
CA LYS A 131 9.45 6.63 13.38
C LYS A 131 7.97 6.98 13.59
N LEU A 132 7.23 7.08 12.49
CA LEU A 132 5.81 7.42 12.60
C LEU A 132 5.05 6.33 13.35
N ALA A 133 5.34 5.08 13.03
CA ALA A 133 4.68 3.97 13.69
C ALA A 133 4.85 4.10 15.20
N GLY A 134 6.03 4.57 15.64
CA GLY A 134 6.27 4.74 17.06
C GLY A 134 5.33 5.80 17.62
N GLU A 135 5.09 6.83 16.82
CA GLU A 135 4.19 7.89 17.23
C GLU A 135 2.79 7.33 17.40
N ARG A 136 2.57 6.13 16.85
CA ARG A 136 1.27 5.47 16.96
C ARG A 136 1.34 4.40 18.06
N ASN A 137 2.44 4.40 18.81
CA ASN A 137 2.62 3.44 19.90
C ASN A 137 2.42 2.02 19.43
N TYR A 138 2.89 1.72 18.24
CA TYR A 138 2.77 0.37 17.68
C TYR A 138 3.92 -0.52 18.15
N THR A 139 3.80 -1.83 17.91
CA THR A 139 4.86 -2.77 18.30
C THR A 139 5.37 -3.52 17.06
N ASP A 140 6.61 -4.00 17.11
CA ASP A 140 7.19 -4.68 15.96
C ASP A 140 6.21 -5.69 15.35
N GLU A 141 5.66 -6.58 16.17
CA GLU A 141 4.74 -7.58 15.65
C GLU A 141 3.60 -6.95 14.87
N MET A 142 3.36 -5.66 15.10
CA MET A 142 2.28 -4.96 14.41
C MET A 142 2.68 -4.61 12.98
N VAL A 143 3.97 -4.67 12.71
CA VAL A 143 4.48 -4.40 11.35
C VAL A 143 5.25 -5.60 10.84
N ALA A 144 4.86 -6.10 9.67
CA ALA A 144 5.52 -7.26 9.08
C ALA A 144 6.30 -6.88 7.82
N MET A 145 7.63 -6.97 7.92
CA MET A 145 8.51 -6.67 6.83
C MET A 145 8.56 -7.91 5.94
N LEU A 146 8.65 -7.74 4.62
CA LEU A 146 8.70 -8.86 3.72
C LEU A 146 9.93 -8.75 2.79
N PRO A 147 10.62 -9.86 2.55
CA PRO A 147 11.84 -9.89 1.67
C PRO A 147 11.54 -9.81 0.18
N ARG A 148 12.60 -9.71 -0.61
CA ARG A 148 12.50 -9.61 -2.07
C ARG A 148 11.72 -10.78 -2.67
N GLN A 149 11.39 -11.76 -1.83
CA GLN A 149 10.68 -12.96 -2.30
C GLN A 149 9.43 -12.61 -3.11
N GLU A 150 9.39 -13.09 -4.35
CA GLU A 150 8.26 -12.83 -5.25
C GLU A 150 7.79 -14.14 -5.91
N GLU A 151 6.47 -14.29 -6.03
CA GLU A 151 5.89 -15.49 -6.66
C GLU A 151 4.85 -15.06 -7.69
N CYS A 152 4.19 -13.94 -7.41
CA CYS A 152 3.18 -13.39 -8.32
C CYS A 152 3.56 -11.97 -8.69
N THR A 153 3.28 -11.58 -9.94
CA THR A 153 3.62 -10.24 -10.40
C THR A 153 2.58 -9.74 -11.39
N VAL A 154 2.48 -8.42 -11.52
CA VAL A 154 1.54 -7.80 -12.43
C VAL A 154 2.00 -7.97 -13.87
N ASP A 155 1.08 -7.81 -14.78
CA ASP A 155 1.39 -7.93 -16.20
C ASP A 155 2.13 -6.71 -16.69
N GLU A 156 2.70 -6.87 -17.87
CA GLU A 156 3.46 -5.80 -18.50
C GLU A 156 2.60 -4.56 -18.71
N VAL A 157 1.31 -4.78 -18.93
CA VAL A 157 0.38 -3.68 -19.14
C VAL A 157 -1.05 -4.13 -18.90
N MET A 1 4.51 22.40 -13.33
CA MET A 1 5.48 23.34 -12.71
C MET A 1 5.67 22.97 -11.24
N THR A 2 6.10 21.73 -11.00
CA THR A 2 6.31 21.26 -9.64
C THR A 2 7.11 19.97 -9.63
N VAL A 3 8.21 19.96 -10.39
CA VAL A 3 9.09 18.79 -10.48
C VAL A 3 8.28 17.49 -10.37
N PRO A 4 7.46 17.22 -11.34
CA PRO A 4 6.61 15.99 -11.36
C PRO A 4 7.42 14.73 -11.02
N ASP A 5 6.71 13.66 -10.65
CA ASP A 5 7.37 12.41 -10.31
C ASP A 5 6.35 11.27 -10.21
N ARG A 6 5.13 11.56 -10.63
CA ARG A 6 4.07 10.55 -10.58
C ARG A 6 4.38 9.39 -11.54
N SER A 7 4.95 9.74 -12.68
CA SER A 7 5.31 8.73 -13.69
C SER A 7 6.39 7.79 -13.17
N GLU A 8 7.24 8.30 -12.28
CA GLU A 8 8.34 7.51 -11.74
C GLU A 8 7.81 6.26 -11.02
N ILE A 9 6.86 6.44 -10.10
CA ILE A 9 6.32 5.31 -9.37
C ILE A 9 5.13 4.68 -10.09
N ALA A 10 4.30 5.54 -10.69
CA ALA A 10 3.13 5.03 -11.39
C ALA A 10 3.55 3.96 -12.39
N GLY A 11 2.80 2.87 -12.43
CA GLY A 11 3.11 1.76 -13.32
C GLY A 11 3.48 0.54 -12.48
N LYS A 12 4.10 0.78 -11.32
CA LYS A 12 4.49 -0.31 -10.42
C LYS A 12 4.76 0.20 -9.00
N TRP A 13 3.90 -0.16 -8.05
CA TRP A 13 4.09 0.23 -6.65
C TRP A 13 4.37 -1.05 -5.87
N TYR A 14 5.45 -1.10 -5.10
CA TYR A 14 5.80 -2.34 -4.38
C TYR A 14 5.38 -2.27 -2.90
N VAL A 15 4.66 -3.29 -2.46
CA VAL A 15 4.21 -3.39 -1.07
C VAL A 15 5.07 -4.42 -0.34
N VAL A 16 5.99 -3.95 0.51
CA VAL A 16 6.86 -4.87 1.25
C VAL A 16 6.58 -4.86 2.73
N ALA A 17 6.07 -3.74 3.23
CA ALA A 17 5.77 -3.60 4.65
C ALA A 17 4.27 -3.49 4.86
N LEU A 18 3.83 -3.94 6.03
CA LEU A 18 2.43 -3.87 6.38
C LEU A 18 2.24 -3.78 7.88
N ALA A 19 1.13 -3.17 8.29
CA ALA A 19 0.81 -3.02 9.69
C ALA A 19 -0.70 -2.93 9.86
N SER A 20 -1.20 -3.36 11.00
CA SER A 20 -2.64 -3.31 11.25
C SER A 20 -2.95 -3.53 12.72
N ASN A 21 -4.23 -3.45 13.04
CA ASN A 21 -4.69 -3.68 14.41
C ASN A 21 -5.47 -4.96 14.45
N THR A 22 -5.79 -5.45 13.26
CA THR A 22 -6.50 -6.68 13.12
C THR A 22 -5.50 -7.83 13.22
N GLU A 23 -5.48 -8.49 14.37
CA GLU A 23 -4.54 -9.59 14.62
C GLU A 23 -4.44 -10.53 13.42
N PHE A 24 -5.53 -10.67 12.68
CA PHE A 24 -5.53 -11.58 11.52
C PHE A 24 -4.51 -11.14 10.46
N PHE A 25 -4.43 -9.85 10.17
CA PHE A 25 -3.51 -9.36 9.13
C PHE A 25 -2.03 -9.55 9.52
N LEU A 26 -1.67 -9.18 10.74
CA LEU A 26 -0.29 -9.34 11.18
C LEU A 26 0.06 -10.82 11.25
N ARG A 27 -0.94 -11.62 11.57
CA ARG A 27 -0.77 -13.05 11.68
C ARG A 27 -0.41 -13.66 10.33
N GLU A 28 -1.20 -13.33 9.30
CA GLU A 28 -0.99 -13.91 7.98
C GLU A 28 0.03 -13.14 7.13
N LYS A 29 0.03 -11.82 7.14
CA LYS A 29 0.98 -11.08 6.31
C LYS A 29 2.42 -11.35 6.74
N ASP A 30 2.63 -11.53 8.04
CA ASP A 30 3.96 -11.80 8.54
C ASP A 30 4.50 -13.06 7.89
N LYS A 31 3.60 -13.83 7.31
CA LYS A 31 3.96 -15.08 6.66
C LYS A 31 4.12 -14.90 5.15
N MET A 32 3.47 -13.89 4.56
CA MET A 32 3.57 -13.67 3.11
C MET A 32 4.89 -12.99 2.76
N LYS A 33 4.98 -12.59 1.49
CA LYS A 33 6.17 -11.91 0.99
C LYS A 33 5.77 -10.62 0.29
N MET A 34 6.67 -10.10 -0.53
CA MET A 34 6.45 -8.85 -1.24
C MET A 34 5.28 -8.90 -2.22
N ALA A 35 4.45 -7.86 -2.16
CA ALA A 35 3.29 -7.74 -3.05
C ALA A 35 3.54 -6.57 -4.01
N MET A 36 2.79 -6.51 -5.11
CA MET A 36 2.97 -5.44 -6.10
C MET A 36 1.65 -4.77 -6.45
N ALA A 37 1.75 -3.57 -7.03
CA ALA A 37 0.55 -2.82 -7.41
C ALA A 37 0.86 -1.83 -8.54
N ARG A 38 -0.20 -1.37 -9.23
CA ARG A 38 -0.05 -0.43 -10.33
C ARG A 38 -1.13 0.64 -10.23
N ILE A 39 -0.76 1.90 -10.37
CA ILE A 39 -1.69 3.01 -10.25
C ILE A 39 -1.77 3.77 -11.57
N SER A 40 -2.95 4.24 -11.95
CA SER A 40 -3.07 4.97 -13.21
C SER A 40 -4.07 6.11 -13.06
N PHE A 41 -3.84 7.18 -13.82
CA PHE A 41 -4.69 8.37 -13.73
C PHE A 41 -5.89 8.33 -14.67
N LEU A 42 -7.00 7.79 -14.18
CA LEU A 42 -8.23 7.77 -14.99
C LEU A 42 -8.63 9.21 -15.26
N GLY A 43 -8.59 9.99 -14.19
CA GLY A 43 -8.92 11.40 -14.22
C GLY A 43 -8.39 12.08 -12.97
N GLU A 44 -8.25 13.40 -13.01
CA GLU A 44 -7.72 14.12 -11.86
C GLU A 44 -8.50 13.76 -10.59
N ASP A 45 -9.74 13.29 -10.77
CA ASP A 45 -10.57 12.92 -9.62
C ASP A 45 -10.85 11.42 -9.62
N GLU A 46 -10.13 10.67 -10.46
CA GLU A 46 -10.31 9.23 -10.54
C GLU A 46 -9.00 8.54 -10.91
N LEU A 47 -8.65 7.49 -10.15
CA LEU A 47 -7.42 6.73 -10.42
C LEU A 47 -7.69 5.23 -10.27
N LYS A 48 -6.95 4.44 -11.02
CA LYS A 48 -7.08 2.98 -10.97
C LYS A 48 -5.89 2.36 -10.25
N VAL A 49 -6.14 1.62 -9.16
CA VAL A 49 -5.04 0.98 -8.42
C VAL A 49 -5.23 -0.52 -8.42
N SER A 50 -4.12 -1.21 -8.62
CA SER A 50 -4.10 -2.65 -8.72
C SER A 50 -3.30 -3.28 -7.58
N TYR A 51 -3.74 -4.45 -7.13
CA TYR A 51 -3.05 -5.16 -6.06
C TYR A 51 -2.66 -6.55 -6.54
N ALA A 52 -1.41 -6.92 -6.33
CA ALA A 52 -0.93 -8.23 -6.74
C ALA A 52 -0.23 -8.91 -5.57
N VAL A 53 -0.84 -9.97 -5.04
CA VAL A 53 -0.30 -10.69 -3.90
C VAL A 53 0.15 -12.09 -4.30
N PRO A 54 1.34 -12.51 -3.90
CA PRO A 54 1.85 -13.87 -4.23
C PRO A 54 1.16 -14.95 -3.43
N LYS A 55 1.08 -16.14 -4.01
CA LYS A 55 0.45 -17.27 -3.34
C LYS A 55 1.07 -18.59 -3.82
N PRO A 56 2.11 -19.06 -3.16
CA PRO A 56 2.78 -20.33 -3.56
C PRO A 56 1.78 -21.41 -4.01
N ASN A 57 0.51 -21.24 -3.63
CA ASN A 57 -0.53 -22.19 -4.01
C ASN A 57 -1.39 -21.62 -5.13
N GLY A 58 -0.83 -20.68 -5.88
CA GLY A 58 -1.56 -20.05 -6.99
C GLY A 58 -1.22 -18.56 -7.09
N CYS A 59 -2.17 -17.76 -7.58
CA CYS A 59 -1.96 -16.32 -7.71
C CYS A 59 -3.24 -15.56 -7.40
N ARG A 60 -3.14 -14.46 -6.65
CA ARG A 60 -4.32 -13.67 -6.31
C ARG A 60 -4.13 -12.21 -6.74
N LYS A 61 -4.90 -11.79 -7.74
CA LYS A 61 -4.82 -10.42 -8.24
C LYS A 61 -6.19 -9.83 -8.49
N TRP A 62 -6.38 -8.59 -8.06
CA TRP A 62 -7.64 -7.88 -8.24
C TRP A 62 -7.36 -6.41 -8.51
N GLU A 63 -8.36 -5.69 -9.05
CA GLU A 63 -8.18 -4.27 -9.36
C GLU A 63 -9.30 -3.43 -8.74
N THR A 64 -8.96 -2.20 -8.34
CA THR A 64 -9.94 -1.30 -7.72
C THR A 64 -9.75 0.13 -8.21
N THR A 65 -10.87 0.83 -8.37
CA THR A 65 -10.85 2.23 -8.81
C THR A 65 -11.11 3.15 -7.62
N PHE A 66 -10.46 4.32 -7.62
CA PHE A 66 -10.65 5.27 -6.53
C PHE A 66 -11.20 6.59 -7.05
N LYS A 67 -12.23 7.11 -6.38
CA LYS A 67 -12.84 8.37 -6.76
C LYS A 67 -12.73 9.38 -5.62
N LYS A 68 -12.60 10.66 -6.00
CA LYS A 68 -12.47 11.76 -5.02
C LYS A 68 -13.79 12.06 -4.32
N THR A 69 -13.79 11.95 -3.00
CA THR A 69 -14.98 12.23 -2.19
C THR A 69 -14.64 13.22 -1.08
N SER A 70 -15.66 13.69 -0.37
CA SER A 70 -15.45 14.63 0.72
C SER A 70 -14.93 13.90 1.96
N ASP A 71 -13.82 13.20 1.81
CA ASP A 71 -13.23 12.45 2.91
C ASP A 71 -12.71 13.40 4.00
N ASP A 72 -11.45 13.81 3.89
CA ASP A 72 -10.86 14.70 4.87
C ASP A 72 -9.53 15.26 4.39
N GLY A 73 -9.59 16.42 3.78
CA GLY A 73 -8.39 17.07 3.26
C GLY A 73 -7.97 16.44 1.94
N GLU A 74 -6.90 15.64 1.98
CA GLU A 74 -6.42 14.97 0.77
C GLU A 74 -6.40 13.46 0.97
N VAL A 75 -7.51 12.80 0.68
CA VAL A 75 -7.60 11.34 0.81
C VAL A 75 -8.33 10.74 -0.37
N TYR A 76 -8.03 9.49 -0.66
CA TYR A 76 -8.64 8.81 -1.80
C TYR A 76 -9.63 7.75 -1.31
N TYR A 77 -10.76 7.59 -2.03
CA TYR A 77 -11.80 6.64 -1.59
C TYR A 77 -12.50 5.92 -2.74
N SER A 78 -12.56 4.59 -2.62
CA SER A 78 -13.25 3.76 -3.61
C SER A 78 -14.62 3.35 -3.06
N GLU A 79 -15.66 4.01 -3.54
CA GLU A 79 -17.02 3.75 -3.08
C GLU A 79 -17.39 2.27 -3.14
N GLU A 80 -16.94 1.58 -4.19
CA GLU A 80 -17.27 0.16 -4.36
C GLU A 80 -16.48 -0.74 -3.42
N ALA A 81 -15.21 -0.42 -3.16
CA ALA A 81 -14.37 -1.25 -2.31
C ALA A 81 -14.30 -0.73 -0.87
N LYS A 82 -15.13 0.25 -0.54
CA LYS A 82 -15.13 0.83 0.82
C LYS A 82 -13.73 0.78 1.42
N LYS A 83 -12.81 1.39 0.70
CA LYS A 83 -11.41 1.44 1.13
C LYS A 83 -10.73 2.70 0.61
N LYS A 84 -10.03 3.39 1.51
CA LYS A 84 -9.35 4.63 1.15
C LYS A 84 -7.90 4.60 1.57
N VAL A 85 -7.04 5.23 0.76
CA VAL A 85 -5.64 5.30 1.07
C VAL A 85 -5.15 6.75 1.01
N GLU A 86 -4.46 7.16 2.08
CA GLU A 86 -3.98 8.54 2.19
C GLU A 86 -2.47 8.59 2.25
N VAL A 87 -1.91 9.44 1.41
CA VAL A 87 -0.47 9.59 1.30
C VAL A 87 0.12 10.63 2.25
N LEU A 88 0.66 10.19 3.39
CA LEU A 88 1.27 11.13 4.32
C LEU A 88 2.65 11.52 3.82
N ASP A 89 3.50 10.52 3.60
CA ASP A 89 4.85 10.76 3.10
C ASP A 89 5.12 9.83 1.92
N THR A 90 5.60 10.38 0.82
CA THR A 90 5.86 9.59 -0.37
C THR A 90 7.10 10.13 -1.10
N ASP A 91 8.10 9.27 -1.30
CA ASP A 91 9.32 9.67 -1.99
C ASP A 91 9.06 9.77 -3.48
N TYR A 92 8.13 8.95 -3.95
CA TYR A 92 7.77 8.93 -5.37
C TYR A 92 8.95 8.48 -6.22
N LYS A 93 9.98 7.88 -5.62
CA LYS A 93 11.14 7.46 -6.40
C LYS A 93 11.97 6.41 -5.66
N SER A 94 11.77 6.28 -4.35
CA SER A 94 12.53 5.33 -3.56
C SER A 94 11.62 4.51 -2.64
N TYR A 95 10.84 5.21 -1.83
CA TYR A 95 9.93 4.54 -0.91
C TYR A 95 8.82 5.49 -0.47
N ALA A 96 7.75 4.94 0.10
CA ALA A 96 6.64 5.77 0.55
C ALA A 96 5.86 5.12 1.68
N VAL A 97 5.33 5.94 2.57
CA VAL A 97 4.54 5.46 3.71
C VAL A 97 3.13 6.01 3.56
N ILE A 98 2.13 5.12 3.51
CA ILE A 98 0.75 5.55 3.30
C ILE A 98 -0.20 4.99 4.37
N TYR A 99 -1.21 5.78 4.70
CA TYR A 99 -2.20 5.38 5.69
C TYR A 99 -3.43 4.78 5.01
N ALA A 100 -3.60 3.47 5.19
CA ALA A 100 -4.72 2.74 4.59
C ALA A 100 -5.82 2.49 5.62
N THR A 101 -7.05 2.79 5.24
CA THR A 101 -8.20 2.60 6.13
C THR A 101 -9.35 1.93 5.37
N ARG A 102 -9.84 0.82 5.90
CA ARG A 102 -10.94 0.09 5.27
C ARG A 102 -12.07 -0.06 6.26
N VAL A 103 -13.29 0.32 5.88
CA VAL A 103 -14.43 0.23 6.78
C VAL A 103 -15.49 -0.72 6.23
N LYS A 104 -15.76 -1.78 6.98
CA LYS A 104 -16.77 -2.76 6.58
C LYS A 104 -18.08 -2.44 7.28
N ASP A 105 -19.15 -3.09 6.86
CA ASP A 105 -20.45 -2.82 7.46
C ASP A 105 -20.41 -3.07 8.96
N GLY A 106 -20.47 -1.99 9.73
CA GLY A 106 -20.48 -2.08 11.19
C GLY A 106 -19.09 -2.13 11.80
N ARG A 107 -18.05 -2.15 10.97
CA ARG A 107 -16.67 -2.21 11.50
C ARG A 107 -15.73 -1.26 10.76
N THR A 108 -14.77 -0.73 11.51
CA THR A 108 -13.76 0.19 10.95
C THR A 108 -12.38 -0.44 11.06
N LEU A 109 -11.44 -0.01 10.22
CA LEU A 109 -10.10 -0.58 10.25
C LEU A 109 -9.05 0.43 9.82
N HIS A 110 -7.84 0.21 10.30
CA HIS A 110 -6.71 1.06 9.97
C HIS A 110 -5.45 0.23 9.84
N MET A 111 -4.56 0.61 8.92
CA MET A 111 -3.31 -0.12 8.74
C MET A 111 -2.25 0.78 8.10
N MET A 112 -1.00 0.54 8.45
CA MET A 112 0.11 1.32 7.89
C MET A 112 0.94 0.43 6.97
N ARG A 113 1.49 1.00 5.91
CA ARG A 113 2.29 0.24 4.96
C ARG A 113 3.45 1.07 4.44
N LEU A 114 4.47 0.39 3.91
CA LEU A 114 5.64 1.07 3.35
C LEU A 114 5.96 0.51 1.97
N TYR A 115 6.21 1.41 1.02
CA TYR A 115 6.49 1.00 -0.36
C TYR A 115 7.97 1.19 -0.70
N SER A 116 8.41 0.53 -1.77
CA SER A 116 9.79 0.62 -2.22
C SER A 116 9.82 0.77 -3.74
N ARG A 117 10.80 1.48 -4.26
CA ARG A 117 10.91 1.66 -5.70
C ARG A 117 11.57 0.45 -6.34
N SER A 118 12.29 -0.30 -5.51
CA SER A 118 12.99 -1.51 -5.96
C SER A 118 12.58 -2.71 -5.10
N PRO A 119 12.45 -3.88 -5.68
CA PRO A 119 12.06 -5.11 -4.94
C PRO A 119 12.67 -5.17 -3.54
N GLU A 120 13.78 -4.45 -3.34
CA GLU A 120 14.45 -4.42 -2.06
C GLU A 120 13.96 -3.24 -1.22
N VAL A 121 14.42 -3.19 0.03
CA VAL A 121 14.05 -2.12 0.95
C VAL A 121 15.27 -1.32 1.37
N SER A 122 15.16 0.00 1.31
CA SER A 122 16.28 0.87 1.68
C SER A 122 16.26 1.15 3.19
N PRO A 123 17.37 1.01 3.87
CA PRO A 123 17.43 1.26 5.35
C PRO A 123 16.61 2.48 5.75
N ALA A 124 16.61 3.50 4.91
CA ALA A 124 15.86 4.72 5.18
C ALA A 124 14.37 4.50 5.00
N ALA A 125 14.02 3.64 4.04
CA ALA A 125 12.62 3.35 3.76
C ALA A 125 11.99 2.60 4.93
N THR A 126 12.71 1.62 5.46
CA THR A 126 12.23 0.82 6.58
C THR A 126 12.26 1.65 7.86
N ALA A 127 13.23 2.55 7.96
CA ALA A 127 13.38 3.37 9.16
C ALA A 127 12.37 4.52 9.26
N ILE A 128 12.21 5.28 8.18
CA ILE A 128 11.24 6.36 8.19
C ILE A 128 9.89 5.76 8.50
N PHE A 129 9.70 4.60 7.91
CA PHE A 129 8.49 3.82 8.07
C PHE A 129 8.25 3.54 9.55
N ARG A 130 9.31 3.14 10.25
CA ARG A 130 9.22 2.84 11.67
C ARG A 130 8.99 4.10 12.50
N LYS A 131 9.66 5.19 12.11
CA LYS A 131 9.53 6.45 12.85
C LYS A 131 8.06 6.81 13.04
N LEU A 132 7.33 6.96 11.95
CA LEU A 132 5.92 7.30 12.03
C LEU A 132 5.19 6.21 12.80
N ALA A 133 5.48 4.97 12.46
CA ALA A 133 4.85 3.84 13.13
C ALA A 133 5.05 3.96 14.63
N GLY A 134 6.18 4.54 15.04
CA GLY A 134 6.47 4.73 16.47
C GLY A 134 5.50 5.74 17.05
N GLU A 135 5.22 6.78 16.27
CA GLU A 135 4.30 7.81 16.70
C GLU A 135 2.92 7.21 16.90
N ARG A 136 2.71 6.01 16.35
CA ARG A 136 1.43 5.33 16.49
C ARG A 136 1.53 4.20 17.53
N ASN A 137 2.60 4.21 18.31
CA ASN A 137 2.81 3.20 19.35
C ASN A 137 2.74 1.78 18.77
N TYR A 138 3.29 1.63 17.59
CA TYR A 138 3.29 0.33 16.91
C TYR A 138 4.24 -0.66 17.60
N THR A 139 3.94 -1.95 17.48
CA THR A 139 4.77 -3.00 18.05
C THR A 139 5.22 -3.96 16.95
N ASP A 140 6.36 -4.61 17.14
CA ASP A 140 6.86 -5.50 16.11
C ASP A 140 5.74 -6.37 15.52
N GLU A 141 5.02 -7.08 16.37
CA GLU A 141 3.94 -7.94 15.89
C GLU A 141 2.87 -7.16 15.14
N MET A 142 2.79 -5.86 15.40
CA MET A 142 1.80 -5.02 14.73
C MET A 142 2.25 -4.66 13.33
N VAL A 143 3.57 -4.73 13.10
CA VAL A 143 4.14 -4.38 11.80
C VAL A 143 5.08 -5.49 11.31
N ALA A 144 4.87 -5.96 10.07
CA ALA A 144 5.72 -7.03 9.53
C ALA A 144 6.30 -6.67 8.15
N MET A 145 7.63 -6.74 8.04
CA MET A 145 8.33 -6.45 6.81
C MET A 145 8.34 -7.70 5.90
N LEU A 146 8.40 -7.50 4.58
CA LEU A 146 8.43 -8.62 3.64
C LEU A 146 9.76 -8.60 2.85
N PRO A 147 10.41 -9.74 2.66
CA PRO A 147 11.70 -9.81 1.90
C PRO A 147 11.50 -9.82 0.38
N ARG A 148 12.62 -9.72 -0.35
CA ARG A 148 12.59 -9.72 -1.81
C ARG A 148 11.96 -10.98 -2.38
N GLN A 149 11.78 -11.99 -1.53
CA GLN A 149 11.18 -13.25 -1.99
C GLN A 149 9.93 -12.98 -2.82
N GLU A 150 9.91 -13.49 -4.05
CA GLU A 150 8.76 -13.28 -4.93
C GLU A 150 8.33 -14.60 -5.57
N GLU A 151 7.02 -14.78 -5.69
CA GLU A 151 6.45 -15.99 -6.31
C GLU A 151 5.71 -15.57 -7.57
N CYS A 152 4.49 -15.08 -7.40
CA CYS A 152 3.68 -14.64 -8.53
C CYS A 152 3.92 -13.16 -8.78
N THR A 153 3.53 -12.70 -9.95
CA THR A 153 3.71 -11.30 -10.32
C THR A 153 2.69 -10.89 -11.39
N VAL A 154 2.51 -9.59 -11.57
CA VAL A 154 1.58 -9.09 -12.56
C VAL A 154 2.08 -9.40 -13.96
N ASP A 155 1.17 -9.81 -14.82
CA ASP A 155 1.53 -10.14 -16.20
C ASP A 155 1.77 -8.87 -17.00
N GLU A 156 2.87 -8.86 -17.76
CA GLU A 156 3.22 -7.72 -18.58
C GLU A 156 2.18 -7.51 -19.68
N VAL A 157 1.57 -8.60 -20.11
CA VAL A 157 0.55 -8.53 -21.16
C VAL A 157 -0.39 -7.35 -20.93
N MET A 1 4.46 19.57 -17.31
CA MET A 1 3.84 20.47 -16.30
C MET A 1 4.59 20.35 -14.97
N THR A 2 4.06 19.55 -14.07
CA THR A 2 4.69 19.35 -12.77
C THR A 2 5.96 18.51 -12.91
N VAL A 3 6.97 18.84 -12.13
CA VAL A 3 8.23 18.12 -12.16
C VAL A 3 7.98 16.60 -12.08
N PRO A 4 8.59 15.82 -12.94
CA PRO A 4 8.40 14.33 -12.92
C PRO A 4 8.34 13.78 -11.50
N ASP A 5 7.41 12.86 -11.27
CA ASP A 5 7.25 12.26 -9.95
C ASP A 5 6.17 11.17 -9.98
N ARG A 6 4.99 11.54 -10.46
CA ARG A 6 3.88 10.60 -10.55
C ARG A 6 4.20 9.47 -11.52
N SER A 7 4.81 9.84 -12.64
CA SER A 7 5.17 8.87 -13.67
C SER A 7 6.27 7.94 -13.17
N GLU A 8 7.13 8.46 -12.30
CA GLU A 8 8.24 7.66 -11.77
C GLU A 8 7.74 6.41 -11.05
N ILE A 9 6.78 6.58 -10.14
CA ILE A 9 6.26 5.42 -9.40
C ILE A 9 5.09 4.80 -10.14
N ALA A 10 4.26 5.63 -10.76
CA ALA A 10 3.10 5.11 -11.47
C ALA A 10 3.55 4.08 -12.48
N GLY A 11 2.81 2.97 -12.54
CA GLY A 11 3.13 1.88 -13.45
C GLY A 11 3.54 0.65 -12.64
N LYS A 12 4.16 0.90 -11.49
CA LYS A 12 4.60 -0.20 -10.61
C LYS A 12 4.86 0.30 -9.18
N TRP A 13 3.99 -0.08 -8.24
CA TRP A 13 4.18 0.29 -6.84
C TRP A 13 4.47 -1.00 -6.06
N TYR A 14 5.56 -1.02 -5.30
CA TYR A 14 5.93 -2.25 -4.57
C TYR A 14 5.54 -2.18 -3.10
N VAL A 15 4.85 -3.22 -2.62
CA VAL A 15 4.43 -3.31 -1.23
C VAL A 15 5.30 -4.33 -0.49
N VAL A 16 6.02 -3.89 0.54
CA VAL A 16 6.89 -4.82 1.28
C VAL A 16 6.51 -4.94 2.75
N ALA A 17 5.90 -3.90 3.32
CA ALA A 17 5.51 -3.96 4.73
C ALA A 17 4.03 -3.75 4.89
N LEU A 18 3.56 -4.06 6.09
CA LEU A 18 2.16 -3.89 6.43
C LEU A 18 2.01 -3.73 7.93
N ALA A 19 0.96 -3.03 8.32
CA ALA A 19 0.67 -2.81 9.73
C ALA A 19 -0.83 -2.78 9.93
N SER A 20 -1.31 -3.28 11.05
CA SER A 20 -2.74 -3.31 11.30
C SER A 20 -3.05 -3.63 12.75
N ASN A 21 -4.33 -3.65 13.06
CA ASN A 21 -4.78 -3.97 14.40
C ASN A 21 -5.46 -5.33 14.36
N THR A 22 -5.67 -5.79 13.13
CA THR A 22 -6.30 -7.07 12.92
C THR A 22 -5.25 -8.17 13.10
N GLU A 23 -5.24 -8.79 14.29
CA GLU A 23 -4.26 -9.83 14.58
C GLU A 23 -4.15 -10.77 13.39
N PHE A 24 -5.25 -10.91 12.67
CA PHE A 24 -5.31 -11.78 11.51
C PHE A 24 -4.30 -11.37 10.42
N PHE A 25 -4.24 -10.07 10.09
CA PHE A 25 -3.34 -9.59 9.03
C PHE A 25 -1.86 -9.72 9.43
N LEU A 26 -1.49 -9.29 10.62
CA LEU A 26 -0.10 -9.39 11.06
C LEU A 26 0.28 -10.87 11.13
N ARG A 27 -0.71 -11.67 11.46
CA ARG A 27 -0.51 -13.11 11.57
C ARG A 27 -0.21 -13.72 10.19
N GLU A 28 -1.03 -13.37 9.20
CA GLU A 28 -0.87 -13.93 7.86
C GLU A 28 0.16 -13.20 7.00
N LYS A 29 0.20 -11.87 7.02
CA LYS A 29 1.16 -11.17 6.16
C LYS A 29 2.59 -11.43 6.62
N ASP A 30 2.77 -11.60 7.91
CA ASP A 30 4.10 -11.88 8.44
C ASP A 30 4.65 -13.13 7.79
N LYS A 31 3.73 -13.90 7.20
CA LYS A 31 4.10 -15.14 6.53
C LYS A 31 4.26 -14.95 5.03
N MET A 32 3.58 -13.96 4.44
CA MET A 32 3.70 -13.73 3.00
C MET A 32 4.99 -12.98 2.68
N LYS A 33 5.11 -12.57 1.42
CA LYS A 33 6.28 -11.84 0.97
C LYS A 33 5.87 -10.54 0.28
N MET A 34 6.78 -9.99 -0.51
CA MET A 34 6.55 -8.74 -1.21
C MET A 34 5.39 -8.81 -2.21
N ALA A 35 4.55 -7.77 -2.18
CA ALA A 35 3.41 -7.67 -3.09
C ALA A 35 3.64 -6.50 -4.05
N MET A 36 2.89 -6.45 -5.15
CA MET A 36 3.06 -5.37 -6.13
C MET A 36 1.73 -4.71 -6.49
N ALA A 37 1.82 -3.51 -7.06
CA ALA A 37 0.62 -2.76 -7.45
C ALA A 37 0.91 -1.77 -8.58
N ARG A 38 -0.14 -1.32 -9.26
CA ARG A 38 0.00 -0.37 -10.36
C ARG A 38 -1.08 0.69 -10.25
N ILE A 39 -0.70 1.96 -10.37
CA ILE A 39 -1.63 3.07 -10.25
C ILE A 39 -1.71 3.84 -11.57
N SER A 40 -2.89 4.30 -11.94
CA SER A 40 -3.03 5.04 -13.20
C SER A 40 -4.02 6.18 -13.03
N PHE A 41 -3.77 7.27 -13.76
CA PHE A 41 -4.60 8.46 -13.66
C PHE A 41 -5.79 8.46 -14.63
N LEU A 42 -6.91 7.90 -14.17
CA LEU A 42 -8.12 7.90 -14.99
C LEU A 42 -8.51 9.35 -15.25
N GLY A 43 -8.48 10.11 -14.16
CA GLY A 43 -8.80 11.53 -14.20
C GLY A 43 -8.28 12.19 -12.92
N GLU A 44 -8.11 13.51 -12.95
CA GLU A 44 -7.61 14.21 -11.78
C GLU A 44 -8.42 13.86 -10.54
N ASP A 45 -9.64 13.39 -10.74
CA ASP A 45 -10.52 13.01 -9.62
C ASP A 45 -10.79 11.51 -9.62
N GLU A 46 -10.06 10.77 -10.46
CA GLU A 46 -10.24 9.32 -10.54
C GLU A 46 -8.93 8.63 -10.91
N LEU A 47 -8.59 7.59 -10.15
CA LEU A 47 -7.36 6.81 -10.40
C LEU A 47 -7.63 5.32 -10.27
N LYS A 48 -6.89 4.52 -11.03
CA LYS A 48 -7.04 3.06 -10.99
C LYS A 48 -5.84 2.44 -10.28
N VAL A 49 -6.09 1.68 -9.19
CA VAL A 49 -4.99 1.03 -8.46
C VAL A 49 -5.17 -0.48 -8.48
N SER A 50 -4.05 -1.16 -8.68
CA SER A 50 -4.02 -2.60 -8.78
C SER A 50 -3.25 -3.23 -7.64
N TYR A 51 -3.70 -4.39 -7.17
CA TYR A 51 -3.03 -5.09 -6.08
C TYR A 51 -2.59 -6.47 -6.54
N ALA A 52 -1.33 -6.81 -6.30
CA ALA A 52 -0.82 -8.12 -6.68
C ALA A 52 -0.11 -8.75 -5.49
N VAL A 53 -0.72 -9.79 -4.92
CA VAL A 53 -0.17 -10.48 -3.76
C VAL A 53 0.17 -11.93 -4.09
N PRO A 54 1.36 -12.39 -3.75
CA PRO A 54 1.77 -13.80 -4.02
C PRO A 54 1.17 -14.75 -2.99
N LYS A 55 0.77 -15.94 -3.44
CA LYS A 55 0.18 -16.92 -2.55
C LYS A 55 0.45 -18.34 -3.08
N PRO A 56 1.54 -18.95 -2.69
CA PRO A 56 1.89 -20.32 -3.15
C PRO A 56 0.66 -21.24 -3.20
N ASN A 57 -0.41 -20.85 -2.53
CA ASN A 57 -1.63 -21.63 -2.51
C ASN A 57 -2.64 -21.12 -3.55
N GLY A 58 -2.14 -20.34 -4.51
CA GLY A 58 -2.99 -19.78 -5.56
C GLY A 58 -2.92 -18.26 -5.57
N CYS A 59 -2.14 -17.71 -6.50
CA CYS A 59 -1.98 -16.27 -6.61
C CYS A 59 -3.35 -15.57 -6.60
N ARG A 60 -3.38 -14.34 -6.06
CA ARG A 60 -4.62 -13.58 -6.01
C ARG A 60 -4.37 -12.15 -6.50
N LYS A 61 -5.06 -11.78 -7.59
CA LYS A 61 -4.91 -10.44 -8.15
C LYS A 61 -6.26 -9.81 -8.49
N TRP A 62 -6.41 -8.54 -8.11
CA TRP A 62 -7.64 -7.80 -8.37
C TRP A 62 -7.32 -6.33 -8.64
N GLU A 63 -8.31 -5.59 -9.15
CA GLU A 63 -8.11 -4.17 -9.45
C GLU A 63 -9.24 -3.34 -8.85
N THR A 64 -8.90 -2.13 -8.41
CA THR A 64 -9.90 -1.24 -7.81
C THR A 64 -9.72 0.20 -8.28
N THR A 65 -10.83 0.90 -8.46
CA THR A 65 -10.82 2.29 -8.89
C THR A 65 -11.07 3.20 -7.70
N PHE A 66 -10.41 4.37 -7.67
CA PHE A 66 -10.60 5.31 -6.57
C PHE A 66 -11.12 6.64 -7.08
N LYS A 67 -12.16 7.15 -6.41
CA LYS A 67 -12.75 8.44 -6.77
C LYS A 67 -12.66 9.42 -5.60
N LYS A 68 -12.53 10.70 -5.94
CA LYS A 68 -12.40 11.76 -4.94
C LYS A 68 -13.74 12.05 -4.27
N THR A 69 -13.76 11.95 -2.94
CA THR A 69 -14.97 12.21 -2.16
C THR A 69 -14.66 13.16 -1.02
N SER A 70 -15.69 13.60 -0.31
CA SER A 70 -15.51 14.52 0.81
C SER A 70 -15.00 13.77 2.04
N ASP A 71 -13.87 13.07 1.87
CA ASP A 71 -13.29 12.31 2.97
C ASP A 71 -12.79 13.24 4.07
N ASP A 72 -11.52 13.64 3.99
CA ASP A 72 -10.95 14.53 5.00
C ASP A 72 -9.62 15.11 4.52
N GLY A 73 -9.71 16.30 3.92
CA GLY A 73 -8.51 16.97 3.41
C GLY A 73 -8.07 16.36 2.09
N GLU A 74 -7.00 15.58 2.14
CA GLU A 74 -6.48 14.92 0.93
C GLU A 74 -6.45 13.40 1.11
N VAL A 75 -7.55 12.74 0.80
CA VAL A 75 -7.63 11.28 0.91
C VAL A 75 -8.35 10.69 -0.28
N TYR A 76 -8.02 9.46 -0.60
CA TYR A 76 -8.62 8.78 -1.75
C TYR A 76 -9.61 7.71 -1.27
N TYR A 77 -10.72 7.54 -2.03
CA TYR A 77 -11.75 6.57 -1.61
C TYR A 77 -12.40 5.82 -2.78
N SER A 78 -12.38 4.49 -2.69
CA SER A 78 -13.00 3.64 -3.70
C SER A 78 -14.36 3.16 -3.20
N GLU A 79 -15.42 3.80 -3.69
CA GLU A 79 -16.78 3.48 -3.26
C GLU A 79 -17.10 1.99 -3.40
N GLU A 80 -16.64 1.38 -4.48
CA GLU A 80 -16.92 -0.04 -4.73
C GLU A 80 -16.25 -0.96 -3.71
N ALA A 81 -15.02 -0.64 -3.31
CA ALA A 81 -14.27 -1.48 -2.38
C ALA A 81 -14.23 -0.90 -0.96
N LYS A 82 -15.05 0.13 -0.71
CA LYS A 82 -15.08 0.76 0.63
C LYS A 82 -13.69 0.72 1.25
N LYS A 83 -12.75 1.32 0.54
CA LYS A 83 -11.36 1.37 1.00
C LYS A 83 -10.69 2.64 0.52
N LYS A 84 -10.02 3.33 1.44
CA LYS A 84 -9.35 4.58 1.13
C LYS A 84 -7.90 4.55 1.56
N VAL A 85 -7.04 5.19 0.76
CA VAL A 85 -5.63 5.26 1.09
C VAL A 85 -5.15 6.70 1.05
N GLU A 86 -4.46 7.11 2.12
CA GLU A 86 -3.99 8.48 2.26
C GLU A 86 -2.48 8.54 2.33
N VAL A 87 -1.93 9.42 1.50
CA VAL A 87 -0.49 9.57 1.39
C VAL A 87 0.09 10.61 2.34
N LEU A 88 0.65 10.16 3.48
CA LEU A 88 1.25 11.10 4.42
C LEU A 88 2.63 11.50 3.93
N ASP A 89 3.49 10.51 3.69
CA ASP A 89 4.84 10.75 3.20
C ASP A 89 5.10 9.85 2.01
N THR A 90 5.57 10.44 0.91
CA THR A 90 5.83 9.67 -0.31
C THR A 90 7.06 10.23 -1.03
N ASP A 91 8.03 9.38 -1.26
CA ASP A 91 9.26 9.79 -1.94
C ASP A 91 9.00 9.89 -3.44
N TYR A 92 8.06 9.08 -3.91
CA TYR A 92 7.71 9.06 -5.33
C TYR A 92 8.90 8.62 -6.18
N LYS A 93 9.93 8.04 -5.56
CA LYS A 93 11.10 7.64 -6.34
C LYS A 93 11.93 6.56 -5.62
N SER A 94 11.75 6.46 -4.30
CA SER A 94 12.52 5.48 -3.52
C SER A 94 11.61 4.65 -2.61
N TYR A 95 10.82 5.33 -1.79
CA TYR A 95 9.91 4.65 -0.87
C TYR A 95 8.80 5.58 -0.43
N ALA A 96 7.74 5.03 0.14
CA ALA A 96 6.63 5.85 0.60
C ALA A 96 5.84 5.18 1.73
N VAL A 97 5.32 6.00 2.63
CA VAL A 97 4.52 5.50 3.76
C VAL A 97 3.11 6.01 3.60
N ILE A 98 2.13 5.11 3.54
CA ILE A 98 0.74 5.53 3.32
C ILE A 98 -0.20 4.94 4.37
N TYR A 99 -1.22 5.72 4.72
CA TYR A 99 -2.21 5.30 5.71
C TYR A 99 -3.44 4.71 5.02
N ALA A 100 -3.61 3.40 5.18
CA ALA A 100 -4.73 2.69 4.57
C ALA A 100 -5.84 2.43 5.59
N THR A 101 -7.07 2.69 5.19
CA THR A 101 -8.23 2.49 6.06
C THR A 101 -9.36 1.83 5.30
N ARG A 102 -9.86 0.70 5.82
CA ARG A 102 -10.95 -0.03 5.17
C ARG A 102 -12.09 -0.18 6.15
N VAL A 103 -13.31 0.20 5.76
CA VAL A 103 -14.46 0.10 6.65
C VAL A 103 -15.50 -0.85 6.10
N LYS A 104 -15.80 -1.90 6.86
CA LYS A 104 -16.80 -2.88 6.46
C LYS A 104 -18.12 -2.55 7.15
N ASP A 105 -19.19 -3.20 6.73
CA ASP A 105 -20.49 -2.93 7.32
C ASP A 105 -20.46 -3.21 8.82
N GLY A 106 -20.52 -2.14 9.61
CA GLY A 106 -20.54 -2.24 11.06
C GLY A 106 -19.14 -2.29 11.68
N ARG A 107 -18.09 -2.33 10.86
CA ARG A 107 -16.73 -2.38 11.38
C ARG A 107 -15.79 -1.45 10.63
N THR A 108 -14.83 -0.89 11.37
CA THR A 108 -13.82 0.01 10.81
C THR A 108 -12.44 -0.63 10.90
N LEU A 109 -11.51 -0.17 10.07
CA LEU A 109 -10.16 -0.73 10.08
C LEU A 109 -9.11 0.29 9.69
N HIS A 110 -7.89 0.03 10.13
CA HIS A 110 -6.77 0.89 9.83
C HIS A 110 -5.50 0.06 9.68
N MET A 111 -4.62 0.46 8.75
CA MET A 111 -3.38 -0.28 8.53
C MET A 111 -2.33 0.62 7.88
N MET A 112 -1.06 0.34 8.16
CA MET A 112 0.05 1.11 7.57
C MET A 112 0.87 0.20 6.65
N ARG A 113 1.41 0.76 5.57
CA ARG A 113 2.21 -0.03 4.64
C ARG A 113 3.43 0.73 4.15
N LEU A 114 4.48 0.00 3.78
CA LEU A 114 5.72 0.62 3.28
C LEU A 114 5.98 0.23 1.84
N TYR A 115 6.17 1.23 0.99
CA TYR A 115 6.44 0.98 -0.43
C TYR A 115 7.92 1.19 -0.75
N SER A 116 8.34 0.60 -1.87
CA SER A 116 9.74 0.72 -2.32
C SER A 116 9.78 0.87 -3.83
N ARG A 117 10.76 1.63 -4.32
CA ARG A 117 10.89 1.84 -5.76
C ARG A 117 11.59 0.64 -6.41
N SER A 118 12.33 -0.10 -5.60
CA SER A 118 13.05 -1.27 -6.08
C SER A 118 12.67 -2.51 -5.26
N PRO A 119 12.59 -3.67 -5.87
CA PRO A 119 12.23 -4.92 -5.15
C PRO A 119 12.83 -4.99 -3.76
N GLU A 120 13.92 -4.25 -3.54
CA GLU A 120 14.58 -4.22 -2.25
C GLU A 120 14.06 -3.09 -1.39
N VAL A 121 14.53 -3.04 -0.14
CA VAL A 121 14.11 -1.99 0.80
C VAL A 121 15.33 -1.17 1.22
N SER A 122 15.22 0.15 1.10
CA SER A 122 16.32 1.03 1.47
C SER A 122 16.31 1.26 2.99
N PRO A 123 17.45 1.11 3.65
CA PRO A 123 17.55 1.32 5.11
C PRO A 123 16.72 2.52 5.59
N ALA A 124 16.69 3.56 4.77
CA ALA A 124 15.94 4.77 5.11
C ALA A 124 14.45 4.54 4.94
N ALA A 125 14.09 3.68 3.99
CA ALA A 125 12.69 3.38 3.73
C ALA A 125 12.09 2.61 4.90
N THR A 126 12.82 1.63 5.40
CA THR A 126 12.34 0.82 6.51
C THR A 126 12.38 1.61 7.81
N ALA A 127 13.35 2.52 7.93
CA ALA A 127 13.52 3.32 9.15
C ALA A 127 12.49 4.44 9.27
N ILE A 128 12.31 5.23 8.21
CA ILE A 128 11.33 6.31 8.26
C ILE A 128 9.98 5.69 8.59
N PHE A 129 9.78 4.53 8.00
CA PHE A 129 8.57 3.76 8.20
C PHE A 129 8.35 3.51 9.69
N ARG A 130 9.42 3.16 10.39
CA ARG A 130 9.33 2.89 11.82
C ARG A 130 9.07 4.17 12.61
N LYS A 131 9.73 5.26 12.22
CA LYS A 131 9.57 6.53 12.92
C LYS A 131 8.09 6.88 13.07
N LEU A 132 7.39 6.98 11.94
CA LEU A 132 5.97 7.30 11.99
C LEU A 132 5.22 6.22 12.75
N ALA A 133 5.50 4.97 12.41
CA ALA A 133 4.85 3.84 13.07
C ALA A 133 5.05 3.96 14.58
N GLY A 134 6.18 4.53 15.00
CA GLY A 134 6.45 4.71 16.42
C GLY A 134 5.47 5.72 17.00
N GLU A 135 5.20 6.76 16.23
CA GLU A 135 4.27 7.78 16.66
C GLU A 135 2.87 7.18 16.81
N ARG A 136 2.68 5.99 16.24
CA ARG A 136 1.40 5.30 16.32
C ARG A 136 1.46 4.17 17.36
N ASN A 137 2.49 4.19 18.20
CA ASN A 137 2.64 3.19 19.25
C ASN A 137 2.62 1.78 18.67
N TYR A 138 3.19 1.63 17.49
CA TYR A 138 3.23 0.33 16.81
C TYR A 138 4.18 -0.65 17.52
N THR A 139 3.89 -1.94 17.38
CA THR A 139 4.73 -2.99 17.97
C THR A 139 5.22 -3.93 16.87
N ASP A 140 6.36 -4.56 17.08
CA ASP A 140 6.91 -5.44 16.04
C ASP A 140 5.81 -6.34 15.45
N GLU A 141 5.11 -7.08 16.29
CA GLU A 141 4.06 -7.98 15.80
C GLU A 141 2.96 -7.22 15.07
N MET A 142 2.81 -5.93 15.35
CA MET A 142 1.79 -5.12 14.70
C MET A 142 2.23 -4.71 13.30
N VAL A 143 3.54 -4.72 13.08
CA VAL A 143 4.11 -4.34 11.79
C VAL A 143 5.04 -5.43 11.26
N ALA A 144 4.81 -5.88 10.03
CA ALA A 144 5.64 -6.94 9.44
C ALA A 144 6.23 -6.57 8.08
N MET A 145 7.57 -6.61 7.99
CA MET A 145 8.29 -6.32 6.76
C MET A 145 8.33 -7.59 5.88
N LEU A 146 8.42 -7.41 4.56
CA LEU A 146 8.49 -8.55 3.64
C LEU A 146 9.78 -8.54 2.82
N PRO A 147 10.42 -9.68 2.62
CA PRO A 147 11.69 -9.78 1.84
C PRO A 147 11.46 -9.77 0.32
N ARG A 148 12.55 -9.69 -0.44
CA ARG A 148 12.48 -9.67 -1.91
C ARG A 148 11.85 -10.94 -2.46
N GLN A 149 11.74 -11.97 -1.63
CA GLN A 149 11.16 -13.24 -2.06
C GLN A 149 9.87 -12.97 -2.84
N GLU A 150 9.79 -13.51 -4.06
CA GLU A 150 8.61 -13.32 -4.90
C GLU A 150 8.18 -14.64 -5.54
N GLU A 151 6.87 -14.83 -5.69
CA GLU A 151 6.32 -16.02 -6.31
C GLU A 151 5.61 -15.60 -7.57
N CYS A 152 4.39 -15.08 -7.40
CA CYS A 152 3.60 -14.62 -8.52
C CYS A 152 3.87 -13.15 -8.76
N THR A 153 3.50 -12.68 -9.93
CA THR A 153 3.71 -11.27 -10.31
C THR A 153 2.71 -10.86 -11.38
N VAL A 154 2.55 -9.55 -11.56
CA VAL A 154 1.64 -9.03 -12.56
C VAL A 154 2.17 -9.32 -13.94
N ASP A 155 1.29 -9.70 -14.83
CA ASP A 155 1.67 -10.01 -16.21
C ASP A 155 2.19 -8.74 -16.89
N GLU A 156 3.31 -8.88 -17.58
CA GLU A 156 3.91 -7.76 -18.29
C GLU A 156 3.00 -7.30 -19.43
N VAL A 157 2.34 -8.24 -20.07
CA VAL A 157 1.45 -7.92 -21.18
C VAL A 157 0.20 -7.21 -20.67
N MET A 1 -0.39 15.44 -18.16
CA MET A 1 0.48 15.82 -19.31
C MET A 1 1.52 16.84 -18.83
N THR A 2 1.38 17.28 -17.58
CA THR A 2 2.30 18.25 -17.01
C THR A 2 3.56 17.55 -16.49
N VAL A 3 4.02 16.55 -17.23
CA VAL A 3 5.22 15.79 -16.85
C VAL A 3 5.34 15.67 -15.33
N PRO A 4 4.36 15.06 -14.71
CA PRO A 4 4.36 14.87 -13.23
C PRO A 4 5.35 13.80 -12.77
N ASP A 5 5.93 13.99 -11.60
CA ASP A 5 6.89 13.03 -11.07
C ASP A 5 6.19 11.71 -10.72
N ARG A 6 4.87 11.75 -10.66
CA ARG A 6 4.10 10.56 -10.34
C ARG A 6 4.38 9.45 -11.35
N SER A 7 4.67 9.85 -12.58
CA SER A 7 4.95 8.89 -13.64
C SER A 7 6.07 7.94 -13.22
N GLU A 8 6.97 8.43 -12.38
CA GLU A 8 8.09 7.62 -11.92
C GLU A 8 7.63 6.36 -11.21
N ILE A 9 6.70 6.51 -10.27
CA ILE A 9 6.19 5.35 -9.53
C ILE A 9 5.00 4.74 -10.24
N ALA A 10 4.18 5.58 -10.85
CA ALA A 10 3.01 5.07 -11.55
C ALA A 10 3.42 4.03 -12.58
N GLY A 11 2.68 2.94 -12.62
CA GLY A 11 2.99 1.84 -13.52
C GLY A 11 3.38 0.60 -12.73
N LYS A 12 4.02 0.83 -11.57
CA LYS A 12 4.45 -0.27 -10.71
C LYS A 12 4.75 0.24 -9.28
N TRP A 13 3.90 -0.14 -8.32
CA TRP A 13 4.11 0.24 -6.92
C TRP A 13 4.41 -1.05 -6.15
N TYR A 14 5.50 -1.09 -5.41
CA TYR A 14 5.88 -2.32 -4.69
C TYR A 14 5.51 -2.25 -3.21
N VAL A 15 4.80 -3.27 -2.74
CA VAL A 15 4.40 -3.34 -1.33
C VAL A 15 5.27 -4.36 -0.61
N VAL A 16 5.89 -3.96 0.51
CA VAL A 16 6.77 -4.87 1.24
C VAL A 16 6.41 -4.97 2.72
N ALA A 17 5.80 -3.92 3.27
CA ALA A 17 5.45 -3.94 4.68
C ALA A 17 3.97 -3.72 4.89
N LEU A 18 3.53 -4.05 6.10
CA LEU A 18 2.14 -3.86 6.47
C LEU A 18 2.02 -3.68 7.97
N ALA A 19 0.99 -2.94 8.37
CA ALA A 19 0.71 -2.69 9.77
C ALA A 19 -0.78 -2.67 9.96
N SER A 20 -1.26 -3.19 11.08
CA SER A 20 -2.70 -3.21 11.32
C SER A 20 -3.01 -3.56 12.76
N ASN A 21 -4.29 -3.60 13.07
CA ASN A 21 -4.75 -3.96 14.40
C ASN A 21 -5.41 -5.31 14.34
N THR A 22 -5.64 -5.76 13.12
CA THR A 22 -6.26 -7.04 12.88
C THR A 22 -5.23 -8.15 13.07
N GLU A 23 -5.22 -8.75 14.26
CA GLU A 23 -4.26 -9.81 14.55
C GLU A 23 -4.14 -10.74 13.35
N PHE A 24 -5.24 -10.87 12.62
CA PHE A 24 -5.28 -11.73 11.45
C PHE A 24 -4.25 -11.28 10.39
N PHE A 25 -4.20 -9.99 10.07
CA PHE A 25 -3.28 -9.48 9.04
C PHE A 25 -1.81 -9.68 9.42
N LEU A 26 -1.45 -9.33 10.65
CA LEU A 26 -0.06 -9.48 11.10
C LEU A 26 0.29 -10.96 11.16
N ARG A 27 -0.71 -11.76 11.46
CA ARG A 27 -0.52 -13.20 11.57
C ARG A 27 -0.20 -13.80 10.20
N GLU A 28 -1.01 -13.45 9.19
CA GLU A 28 -0.82 -14.01 7.86
C GLU A 28 0.23 -13.26 7.02
N LYS A 29 0.27 -11.94 7.08
CA LYS A 29 1.24 -11.20 6.26
C LYS A 29 2.67 -11.53 6.67
N ASP A 30 2.87 -11.77 7.96
CA ASP A 30 4.21 -12.11 8.45
C ASP A 30 4.71 -13.34 7.71
N LYS A 31 3.77 -14.06 7.11
CA LYS A 31 4.09 -15.29 6.39
C LYS A 31 4.23 -15.04 4.89
N MET A 32 3.59 -13.99 4.36
CA MET A 32 3.68 -13.71 2.93
C MET A 32 4.98 -12.98 2.59
N LYS A 33 5.09 -12.55 1.33
CA LYS A 33 6.28 -11.86 0.86
C LYS A 33 5.89 -10.55 0.17
N MET A 34 6.80 -10.03 -0.65
CA MET A 34 6.60 -8.78 -1.36
C MET A 34 5.41 -8.81 -2.33
N ALA A 35 4.59 -7.76 -2.27
CA ALA A 35 3.42 -7.64 -3.14
C ALA A 35 3.65 -6.48 -4.11
N MET A 36 2.87 -6.42 -5.18
CA MET A 36 3.02 -5.36 -6.18
C MET A 36 1.68 -4.70 -6.51
N ALA A 37 1.75 -3.52 -7.11
CA ALA A 37 0.55 -2.77 -7.47
C ALA A 37 0.82 -1.79 -8.61
N ARG A 38 -0.25 -1.35 -9.28
CA ARG A 38 -0.12 -0.42 -10.40
C ARG A 38 -1.20 0.65 -10.28
N ILE A 39 -0.82 1.92 -10.40
CA ILE A 39 -1.74 3.04 -10.27
C ILE A 39 -1.84 3.79 -11.61
N SER A 40 -3.01 4.26 -11.97
CA SER A 40 -3.15 4.99 -13.24
C SER A 40 -4.14 6.12 -13.10
N PHE A 41 -3.91 7.18 -13.87
CA PHE A 41 -4.75 8.38 -13.80
C PHE A 41 -5.97 8.33 -14.73
N LEU A 42 -7.08 7.80 -14.23
CA LEU A 42 -8.31 7.77 -15.01
C LEU A 42 -8.73 9.21 -15.28
N GLY A 43 -8.68 9.98 -14.20
CA GLY A 43 -9.02 11.39 -14.23
C GLY A 43 -8.48 12.07 -12.97
N GLU A 44 -8.35 13.38 -13.00
CA GLU A 44 -7.82 14.11 -11.85
C GLU A 44 -8.57 13.72 -10.58
N ASP A 45 -9.82 13.26 -10.73
CA ASP A 45 -10.63 12.86 -9.58
C ASP A 45 -10.91 11.36 -9.63
N GLU A 46 -10.16 10.64 -10.46
CA GLU A 46 -10.34 9.19 -10.59
C GLU A 46 -9.04 8.51 -10.95
N LEU A 47 -8.67 7.47 -10.19
CA LEU A 47 -7.45 6.71 -10.44
C LEU A 47 -7.71 5.21 -10.28
N LYS A 48 -6.98 4.41 -11.05
CA LYS A 48 -7.11 2.95 -10.99
C LYS A 48 -5.91 2.34 -10.27
N VAL A 49 -6.15 1.61 -9.16
CA VAL A 49 -5.05 0.98 -8.42
C VAL A 49 -5.23 -0.53 -8.43
N SER A 50 -4.10 -1.21 -8.63
CA SER A 50 -4.06 -2.65 -8.72
C SER A 50 -3.28 -3.27 -7.57
N TYR A 51 -3.72 -4.45 -7.12
CA TYR A 51 -3.05 -5.14 -6.03
C TYR A 51 -2.62 -6.54 -6.47
N ALA A 52 -1.36 -6.88 -6.23
CA ALA A 52 -0.84 -8.20 -6.60
C ALA A 52 -0.15 -8.82 -5.40
N VAL A 53 -0.78 -9.87 -4.85
CA VAL A 53 -0.22 -10.55 -3.67
C VAL A 53 0.18 -11.99 -4.03
N PRO A 54 1.40 -12.40 -3.70
CA PRO A 54 1.88 -13.78 -3.99
C PRO A 54 1.31 -14.79 -2.98
N LYS A 55 0.69 -15.84 -3.51
CA LYS A 55 0.11 -16.86 -2.65
C LYS A 55 0.41 -18.25 -3.21
N PRO A 56 1.53 -18.85 -2.85
CA PRO A 56 1.91 -20.20 -3.35
C PRO A 56 0.73 -21.16 -3.42
N ASN A 57 -0.36 -20.81 -2.73
CA ASN A 57 -1.56 -21.64 -2.72
C ASN A 57 -2.58 -21.12 -3.73
N GLY A 58 -2.12 -20.29 -4.66
CA GLY A 58 -3.00 -19.72 -5.69
C GLY A 58 -2.93 -18.20 -5.67
N CYS A 59 -2.11 -17.64 -6.54
CA CYS A 59 -1.94 -16.19 -6.62
C CYS A 59 -3.30 -15.49 -6.65
N ARG A 60 -3.34 -14.26 -6.15
CA ARG A 60 -4.58 -13.48 -6.12
C ARG A 60 -4.34 -12.08 -6.67
N LYS A 61 -5.03 -11.74 -7.76
CA LYS A 61 -4.88 -10.42 -8.38
C LYS A 61 -6.24 -9.81 -8.70
N TRP A 62 -6.39 -8.54 -8.31
CA TRP A 62 -7.63 -7.81 -8.55
C TRP A 62 -7.33 -6.34 -8.78
N GLU A 63 -8.33 -5.58 -9.24
CA GLU A 63 -8.14 -4.15 -9.49
C GLU A 63 -9.28 -3.34 -8.87
N THR A 64 -8.95 -2.14 -8.40
CA THR A 64 -9.94 -1.26 -7.78
C THR A 64 -9.77 0.18 -8.24
N THR A 65 -10.90 0.88 -8.41
CA THR A 65 -10.87 2.27 -8.82
C THR A 65 -11.11 3.19 -7.62
N PHE A 66 -10.46 4.35 -7.61
CA PHE A 66 -10.62 5.30 -6.52
C PHE A 66 -11.17 6.62 -7.04
N LYS A 67 -12.20 7.14 -6.36
CA LYS A 67 -12.80 8.42 -6.74
C LYS A 67 -12.68 9.42 -5.60
N LYS A 68 -12.56 10.70 -5.98
CA LYS A 68 -12.42 11.79 -5.00
C LYS A 68 -13.74 12.10 -4.31
N THR A 69 -13.74 11.98 -2.99
CA THR A 69 -14.94 12.26 -2.18
C THR A 69 -14.60 13.22 -1.05
N SER A 70 -15.63 13.68 -0.34
CA SER A 70 -15.42 14.60 0.77
C SER A 70 -14.91 13.87 2.00
N ASP A 71 -13.80 13.16 1.83
CA ASP A 71 -13.21 12.39 2.93
C ASP A 71 -12.70 13.33 4.03
N ASP A 72 -11.43 13.73 3.95
CA ASP A 72 -10.86 14.61 4.94
C ASP A 72 -9.52 15.18 4.47
N GLY A 73 -9.58 16.37 3.88
CA GLY A 73 -8.39 17.02 3.37
C GLY A 73 -7.96 16.41 2.05
N GLU A 74 -6.89 15.62 2.08
CA GLU A 74 -6.38 14.96 0.87
C GLU A 74 -6.36 13.45 1.06
N VAL A 75 -7.47 12.79 0.74
CA VAL A 75 -7.56 11.33 0.86
C VAL A 75 -8.29 10.75 -0.33
N TYR A 76 -7.98 9.49 -0.64
CA TYR A 76 -8.58 8.82 -1.79
C TYR A 76 -9.57 7.76 -1.30
N TYR A 77 -10.70 7.59 -2.03
CA TYR A 77 -11.73 6.63 -1.59
C TYR A 77 -12.40 5.90 -2.75
N SER A 78 -12.40 4.57 -2.68
CA SER A 78 -13.05 3.74 -3.69
C SER A 78 -14.41 3.27 -3.15
N GLU A 79 -15.47 3.92 -3.62
CA GLU A 79 -16.81 3.61 -3.17
C GLU A 79 -17.15 2.12 -3.32
N GLU A 80 -16.72 1.52 -4.42
CA GLU A 80 -17.01 0.12 -4.68
C GLU A 80 -16.34 -0.83 -3.68
N ALA A 81 -15.11 -0.51 -3.28
CA ALA A 81 -14.37 -1.37 -2.35
C ALA A 81 -14.33 -0.81 -0.93
N LYS A 82 -15.14 0.23 -0.66
CA LYS A 82 -15.17 0.83 0.68
C LYS A 82 -13.78 0.79 1.31
N LYS A 83 -12.84 1.43 0.63
CA LYS A 83 -11.45 1.49 1.10
C LYS A 83 -10.77 2.75 0.59
N LYS A 84 -10.03 3.40 1.48
CA LYS A 84 -9.33 4.64 1.14
C LYS A 84 -7.88 4.58 1.55
N VAL A 85 -7.03 5.22 0.75
CA VAL A 85 -5.61 5.29 1.07
C VAL A 85 -5.13 6.73 1.03
N GLU A 86 -4.43 7.13 2.09
CA GLU A 86 -3.95 8.50 2.24
C GLU A 86 -2.44 8.55 2.30
N VAL A 87 -1.88 9.41 1.47
CA VAL A 87 -0.44 9.55 1.37
C VAL A 87 0.15 10.60 2.32
N LEU A 88 0.70 10.13 3.45
CA LEU A 88 1.31 11.07 4.40
C LEU A 88 2.69 11.46 3.89
N ASP A 89 3.54 10.46 3.66
CA ASP A 89 4.89 10.70 3.17
C ASP A 89 5.14 9.79 1.97
N THR A 90 5.63 10.35 0.87
CA THR A 90 5.87 9.57 -0.33
C THR A 90 7.11 10.11 -1.07
N ASP A 91 8.09 9.24 -1.27
CA ASP A 91 9.32 9.64 -1.96
C ASP A 91 9.05 9.75 -3.45
N TYR A 92 8.10 8.94 -3.91
CA TYR A 92 7.73 8.92 -5.32
C TYR A 92 8.90 8.46 -6.19
N LYS A 93 9.94 7.87 -5.59
CA LYS A 93 11.08 7.43 -6.39
C LYS A 93 11.94 6.41 -5.63
N SER A 94 11.70 6.25 -4.34
CA SER A 94 12.48 5.31 -3.52
C SER A 94 11.58 4.51 -2.60
N TYR A 95 10.82 5.20 -1.76
CA TYR A 95 9.92 4.52 -0.83
C TYR A 95 8.82 5.47 -0.39
N ALA A 96 7.74 4.92 0.17
CA ALA A 96 6.63 5.75 0.61
C ALA A 96 5.84 5.09 1.73
N VAL A 97 5.32 5.93 2.63
CA VAL A 97 4.51 5.46 3.76
C VAL A 97 3.11 5.97 3.57
N ILE A 98 2.11 5.08 3.52
CA ILE A 98 0.74 5.51 3.29
C ILE A 98 -0.22 4.94 4.35
N TYR A 99 -1.25 5.73 4.68
CA TYR A 99 -2.23 5.32 5.67
C TYR A 99 -3.45 4.72 4.97
N ALA A 100 -3.58 3.39 5.08
CA ALA A 100 -4.69 2.67 4.45
C ALA A 100 -5.74 2.31 5.48
N THR A 101 -7.01 2.49 5.10
CA THR A 101 -8.12 2.18 6.01
C THR A 101 -9.31 1.61 5.23
N ARG A 102 -9.88 0.54 5.77
CA ARG A 102 -11.03 -0.11 5.12
C ARG A 102 -12.15 -0.24 6.14
N VAL A 103 -13.37 0.17 5.77
CA VAL A 103 -14.49 0.10 6.70
C VAL A 103 -15.60 -0.79 6.18
N LYS A 104 -15.92 -1.83 6.94
CA LYS A 104 -16.97 -2.76 6.56
C LYS A 104 -18.24 -2.42 7.32
N ASP A 105 -19.35 -3.02 6.94
CA ASP A 105 -20.61 -2.75 7.60
C ASP A 105 -20.52 -3.07 9.10
N GLY A 106 -20.53 -2.01 9.91
CA GLY A 106 -20.48 -2.17 11.36
C GLY A 106 -19.05 -2.26 11.91
N ARG A 107 -18.06 -2.32 11.01
CA ARG A 107 -16.66 -2.43 11.47
C ARG A 107 -15.74 -1.48 10.69
N THR A 108 -14.77 -0.91 11.41
CA THR A 108 -13.78 0.00 10.82
C THR A 108 -12.41 -0.63 10.88
N LEU A 109 -11.49 -0.16 10.03
CA LEU A 109 -10.14 -0.72 10.03
C LEU A 109 -9.10 0.31 9.61
N HIS A 110 -7.89 0.08 10.08
CA HIS A 110 -6.77 0.95 9.77
C HIS A 110 -5.51 0.11 9.61
N MET A 111 -4.64 0.50 8.67
CA MET A 111 -3.40 -0.23 8.45
C MET A 111 -2.36 0.65 7.75
N MET A 112 -1.08 0.39 8.02
CA MET A 112 0.01 1.15 7.39
C MET A 112 0.84 0.22 6.52
N ARG A 113 1.41 0.76 5.43
CA ARG A 113 2.22 -0.04 4.52
C ARG A 113 3.45 0.73 4.05
N LEU A 114 4.51 -0.02 3.69
CA LEU A 114 5.75 0.60 3.19
C LEU A 114 6.02 0.18 1.75
N TYR A 115 6.23 1.16 0.89
CA TYR A 115 6.49 0.89 -0.52
C TYR A 115 7.96 1.10 -0.86
N SER A 116 8.39 0.50 -1.97
CA SER A 116 9.77 0.61 -2.43
C SER A 116 9.80 0.75 -3.95
N ARG A 117 10.69 1.62 -4.44
CA ARG A 117 10.79 1.83 -5.89
C ARG A 117 11.49 0.66 -6.55
N SER A 118 12.26 -0.08 -5.75
CA SER A 118 12.99 -1.25 -6.25
C SER A 118 12.81 -2.44 -5.32
N PRO A 119 12.71 -3.63 -5.85
CA PRO A 119 12.53 -4.86 -5.03
C PRO A 119 13.35 -4.83 -3.73
N GLU A 120 14.37 -3.98 -3.71
CA GLU A 120 15.22 -3.85 -2.54
C GLU A 120 14.59 -2.90 -1.52
N VAL A 121 15.06 -3.00 -0.29
CA VAL A 121 14.57 -2.15 0.80
C VAL A 121 15.70 -1.28 1.33
N SER A 122 15.55 0.04 1.18
CA SER A 122 16.57 0.97 1.65
C SER A 122 16.48 1.13 3.17
N PRO A 123 17.55 0.91 3.90
CA PRO A 123 17.55 1.05 5.39
C PRO A 123 16.74 2.27 5.84
N ALA A 124 16.74 3.31 5.01
CA ALA A 124 16.01 4.53 5.32
C ALA A 124 14.51 4.32 5.14
N ALA A 125 14.16 3.48 4.17
CA ALA A 125 12.75 3.21 3.89
C ALA A 125 12.11 2.47 5.06
N THR A 126 12.84 1.49 5.60
CA THR A 126 12.34 0.71 6.73
C THR A 126 12.35 1.55 8.01
N ALA A 127 13.32 2.46 8.11
CA ALA A 127 13.47 3.30 9.30
C ALA A 127 12.45 4.43 9.37
N ILE A 128 12.29 5.20 8.28
CA ILE A 128 11.32 6.28 8.29
C ILE A 128 9.97 5.69 8.62
N PHE A 129 9.76 4.53 8.04
CA PHE A 129 8.55 3.77 8.23
C PHE A 129 8.28 3.55 9.72
N ARG A 130 9.34 3.22 10.46
CA ARG A 130 9.23 2.98 11.90
C ARG A 130 8.95 4.27 12.65
N LYS A 131 9.59 5.37 12.23
CA LYS A 131 9.41 6.65 12.91
C LYS A 131 7.93 6.97 13.06
N LEU A 132 7.21 7.04 11.95
CA LEU A 132 5.78 7.32 12.00
C LEU A 132 5.06 6.23 12.77
N ALA A 133 5.38 4.98 12.45
CA ALA A 133 4.77 3.85 13.13
C ALA A 133 4.95 4.00 14.63
N GLY A 134 6.09 4.57 15.04
CA GLY A 134 6.35 4.77 16.46
C GLY A 134 5.37 5.78 17.02
N GLU A 135 5.08 6.81 16.23
CA GLU A 135 4.14 7.83 16.63
C GLU A 135 2.76 7.22 16.83
N ARG A 136 2.57 6.02 16.30
CA ARG A 136 1.30 5.31 16.43
C ARG A 136 1.39 4.20 17.48
N ASN A 137 2.45 4.23 18.28
CA ASN A 137 2.64 3.22 19.33
C ASN A 137 2.60 1.81 18.76
N TYR A 138 3.16 1.66 17.58
CA TYR A 138 3.20 0.36 16.91
C TYR A 138 4.16 -0.62 17.60
N THR A 139 3.87 -1.91 17.47
CA THR A 139 4.73 -2.95 18.06
C THR A 139 5.20 -3.89 16.95
N ASP A 140 6.35 -4.51 17.14
CA ASP A 140 6.89 -5.38 16.10
C ASP A 140 5.80 -6.28 15.51
N GLU A 141 5.10 -7.03 16.35
CA GLU A 141 4.06 -7.93 15.87
C GLU A 141 2.95 -7.17 15.13
N MET A 142 2.81 -5.88 15.41
CA MET A 142 1.78 -5.06 14.77
C MET A 142 2.21 -4.66 13.36
N VAL A 143 3.51 -4.70 13.13
CA VAL A 143 4.07 -4.32 11.83
C VAL A 143 5.00 -5.42 11.31
N ALA A 144 4.80 -5.87 10.07
CA ALA A 144 5.64 -6.95 9.53
C ALA A 144 6.26 -6.60 8.16
N MET A 145 7.59 -6.71 8.09
CA MET A 145 8.32 -6.44 6.85
C MET A 145 8.31 -7.69 5.97
N LEU A 146 8.35 -7.49 4.65
CA LEU A 146 8.37 -8.62 3.71
C LEU A 146 9.70 -8.65 2.93
N PRO A 147 10.31 -9.81 2.76
CA PRO A 147 11.61 -9.92 2.02
C PRO A 147 11.43 -9.83 0.51
N ARG A 148 12.55 -9.59 -0.20
CA ARG A 148 12.54 -9.47 -1.65
C ARG A 148 11.99 -10.72 -2.33
N GLN A 149 11.85 -11.80 -1.55
CA GLN A 149 11.33 -13.05 -2.11
C GLN A 149 10.03 -12.81 -2.86
N GLU A 150 9.94 -13.36 -4.08
CA GLU A 150 8.75 -13.18 -4.90
C GLU A 150 8.33 -14.50 -5.53
N GLU A 151 7.02 -14.71 -5.65
CA GLU A 151 6.48 -15.92 -6.26
C GLU A 151 5.75 -15.51 -7.52
N CYS A 152 4.54 -14.99 -7.34
CA CYS A 152 3.73 -14.54 -8.46
C CYS A 152 4.02 -13.06 -8.72
N THR A 153 3.64 -12.59 -9.89
CA THR A 153 3.85 -11.19 -10.26
C THR A 153 2.83 -10.74 -11.29
N VAL A 154 2.69 -9.43 -11.44
CA VAL A 154 1.74 -8.88 -12.40
C VAL A 154 2.21 -9.15 -13.82
N ASP A 155 1.29 -9.08 -14.75
CA ASP A 155 1.60 -9.30 -16.15
C ASP A 155 2.20 -8.04 -16.77
N GLU A 156 3.27 -8.22 -17.52
CA GLU A 156 3.94 -7.10 -18.17
C GLU A 156 3.01 -6.42 -19.16
N VAL A 157 2.05 -7.17 -19.69
CA VAL A 157 1.09 -6.64 -20.65
C VAL A 157 0.58 -5.27 -20.20
N MET A 1 3.86 24.11 -18.57
CA MET A 1 3.09 23.08 -17.81
C MET A 1 3.89 22.65 -16.60
N THR A 2 3.19 22.19 -15.56
CA THR A 2 3.86 21.75 -14.34
C THR A 2 4.66 20.48 -14.61
N VAL A 3 5.88 20.44 -14.08
CA VAL A 3 6.74 19.27 -14.27
C VAL A 3 6.15 18.04 -13.57
N PRO A 4 6.07 16.91 -14.24
CA PRO A 4 5.52 15.67 -13.63
C PRO A 4 6.48 15.03 -12.63
N ASP A 5 6.05 13.94 -12.02
CA ASP A 5 6.89 13.24 -11.05
C ASP A 5 6.26 11.91 -10.67
N ARG A 6 4.93 11.87 -10.63
CA ARG A 6 4.21 10.66 -10.28
C ARG A 6 4.49 9.55 -11.29
N SER A 7 4.70 9.95 -12.54
CA SER A 7 4.98 9.00 -13.61
C SER A 7 6.09 8.04 -13.19
N GLU A 8 6.99 8.52 -12.33
CA GLU A 8 8.12 7.72 -11.88
C GLU A 8 7.64 6.44 -11.18
N ILE A 9 6.72 6.58 -10.23
CA ILE A 9 6.21 5.42 -9.50
C ILE A 9 5.02 4.79 -10.22
N ALA A 10 4.21 5.63 -10.86
CA ALA A 10 3.05 5.11 -11.55
C ALA A 10 3.48 4.07 -12.58
N GLY A 11 2.75 2.96 -12.61
CA GLY A 11 3.07 1.86 -13.51
C GLY A 11 3.46 0.63 -12.69
N LYS A 12 4.06 0.86 -11.53
CA LYS A 12 4.46 -0.24 -10.66
C LYS A 12 4.77 0.26 -9.24
N TRP A 13 3.91 -0.11 -8.28
CA TRP A 13 4.14 0.26 -6.87
C TRP A 13 4.42 -1.03 -6.11
N TYR A 14 5.52 -1.08 -5.37
CA TYR A 14 5.90 -2.31 -4.65
C TYR A 14 5.52 -2.24 -3.17
N VAL A 15 4.82 -3.26 -2.69
CA VAL A 15 4.41 -3.34 -1.29
C VAL A 15 5.29 -4.35 -0.56
N VAL A 16 5.89 -3.96 0.56
CA VAL A 16 6.76 -4.89 1.29
C VAL A 16 6.41 -4.96 2.78
N ALA A 17 5.80 -3.92 3.32
CA ALA A 17 5.46 -3.93 4.74
C ALA A 17 3.98 -3.71 4.95
N LEU A 18 3.55 -4.05 6.16
CA LEU A 18 2.16 -3.87 6.54
C LEU A 18 2.04 -3.65 8.04
N ALA A 19 1.02 -2.90 8.42
CA ALA A 19 0.75 -2.62 9.81
C ALA A 19 -0.76 -2.61 10.00
N SER A 20 -1.23 -3.16 11.11
CA SER A 20 -2.66 -3.21 11.36
C SER A 20 -2.98 -3.58 12.79
N ASN A 21 -4.26 -3.63 13.09
CA ASN A 21 -4.72 -4.01 14.42
C ASN A 21 -5.36 -5.38 14.32
N THR A 22 -5.58 -5.79 13.09
CA THR A 22 -6.18 -7.08 12.83
C THR A 22 -5.14 -8.19 13.03
N GLU A 23 -5.14 -8.79 14.22
CA GLU A 23 -4.17 -9.84 14.52
C GLU A 23 -4.05 -10.77 13.31
N PHE A 24 -5.14 -10.89 12.57
CA PHE A 24 -5.17 -11.74 11.39
C PHE A 24 -4.14 -11.30 10.34
N PHE A 25 -4.09 -10.00 10.03
CA PHE A 25 -3.16 -9.49 9.01
C PHE A 25 -1.69 -9.68 9.41
N LEU A 26 -1.35 -9.31 10.64
CA LEU A 26 0.04 -9.44 11.10
C LEU A 26 0.40 -10.93 11.17
N ARG A 27 -0.60 -11.73 11.48
CA ARG A 27 -0.38 -13.17 11.59
C ARG A 27 -0.10 -13.78 10.22
N GLU A 28 -0.94 -13.43 9.23
CA GLU A 28 -0.78 -14.00 7.89
C GLU A 28 0.28 -13.26 7.04
N LYS A 29 0.34 -11.94 7.11
CA LYS A 29 1.30 -11.21 6.29
C LYS A 29 2.74 -11.54 6.69
N ASP A 30 2.95 -11.80 7.97
CA ASP A 30 4.29 -12.14 8.44
C ASP A 30 4.78 -13.37 7.71
N LYS A 31 3.84 -14.09 7.12
CA LYS A 31 4.13 -15.32 6.39
C LYS A 31 4.26 -15.06 4.88
N MET A 32 3.61 -14.02 4.37
CA MET A 32 3.70 -13.72 2.93
C MET A 32 5.00 -13.00 2.60
N LYS A 33 5.11 -12.57 1.34
CA LYS A 33 6.29 -11.86 0.87
C LYS A 33 5.90 -10.56 0.17
N MET A 34 6.80 -10.03 -0.65
CA MET A 34 6.59 -8.78 -1.36
C MET A 34 5.41 -8.81 -2.33
N ALA A 35 4.58 -7.77 -2.28
CA ALA A 35 3.42 -7.64 -3.15
C ALA A 35 3.65 -6.47 -4.12
N MET A 36 2.88 -6.41 -5.20
CA MET A 36 3.04 -5.33 -6.19
C MET A 36 1.71 -4.68 -6.52
N ALA A 37 1.78 -3.49 -7.13
CA ALA A 37 0.58 -2.75 -7.49
C ALA A 37 0.85 -1.78 -8.64
N ARG A 38 -0.21 -1.34 -9.32
CA ARG A 38 -0.09 -0.41 -10.43
C ARG A 38 -1.16 0.66 -10.31
N ILE A 39 -0.78 1.93 -10.43
CA ILE A 39 -1.70 3.06 -10.30
C ILE A 39 -1.78 3.81 -11.62
N SER A 40 -2.95 4.29 -11.99
CA SER A 40 -3.08 5.02 -13.25
C SER A 40 -4.06 6.18 -13.10
N PHE A 41 -3.79 7.26 -13.84
CA PHE A 41 -4.60 8.45 -13.74
C PHE A 41 -5.82 8.44 -14.67
N LEU A 42 -6.94 7.92 -14.18
CA LEU A 42 -8.17 7.92 -14.96
C LEU A 42 -8.55 9.37 -15.21
N GLY A 43 -8.48 10.14 -14.12
CA GLY A 43 -8.78 11.56 -14.13
C GLY A 43 -8.14 12.22 -12.92
N GLU A 44 -8.26 13.54 -12.80
CA GLU A 44 -7.66 14.24 -11.67
C GLU A 44 -8.37 13.85 -10.37
N ASP A 45 -9.61 13.38 -10.49
CA ASP A 45 -10.38 12.97 -9.31
C ASP A 45 -10.69 11.48 -9.36
N GLU A 46 -10.05 10.78 -10.29
CA GLU A 46 -10.27 9.34 -10.44
C GLU A 46 -8.98 8.63 -10.84
N LEU A 47 -8.64 7.56 -10.12
CA LEU A 47 -7.41 6.79 -10.40
C LEU A 47 -7.69 5.28 -10.26
N LYS A 48 -6.96 4.48 -11.04
CA LYS A 48 -7.10 3.03 -11.00
C LYS A 48 -5.89 2.41 -10.29
N VAL A 49 -6.14 1.66 -9.19
CA VAL A 49 -5.03 1.01 -8.47
C VAL A 49 -5.20 -0.49 -8.47
N SER A 50 -4.08 -1.17 -8.67
CA SER A 50 -4.04 -2.62 -8.76
C SER A 50 -3.27 -3.24 -7.61
N TYR A 51 -3.70 -4.41 -7.17
CA TYR A 51 -3.03 -5.11 -6.07
C TYR A 51 -2.60 -6.50 -6.51
N ALA A 52 -1.34 -6.85 -6.26
CA ALA A 52 -0.82 -8.16 -6.63
C ALA A 52 -0.13 -8.80 -5.43
N VAL A 53 -0.76 -9.83 -4.88
CA VAL A 53 -0.21 -10.53 -3.71
C VAL A 53 0.18 -11.97 -4.06
N PRO A 54 1.39 -12.39 -3.72
CA PRO A 54 1.84 -13.78 -4.01
C PRO A 54 1.26 -14.77 -3.02
N LYS A 55 0.93 -15.96 -3.49
CA LYS A 55 0.37 -17.00 -2.63
C LYS A 55 0.68 -18.39 -3.18
N PRO A 56 1.76 -19.00 -2.75
CA PRO A 56 2.15 -20.35 -3.23
C PRO A 56 0.97 -21.32 -3.31
N ASN A 57 -0.15 -20.92 -2.70
CA ASN A 57 -1.36 -21.76 -2.70
C ASN A 57 -2.30 -21.36 -3.84
N GLY A 58 -2.21 -20.11 -4.27
CA GLY A 58 -3.06 -19.61 -5.34
C GLY A 58 -2.97 -18.09 -5.45
N CYS A 59 -2.21 -17.61 -6.43
CA CYS A 59 -2.05 -16.18 -6.62
C CYS A 59 -3.40 -15.46 -6.60
N ARG A 60 -3.40 -14.22 -6.11
CA ARG A 60 -4.63 -13.43 -6.04
C ARG A 60 -4.37 -12.03 -6.59
N LYS A 61 -5.06 -11.68 -7.68
CA LYS A 61 -4.90 -10.36 -8.28
C LYS A 61 -6.25 -9.75 -8.62
N TRP A 62 -6.41 -8.48 -8.24
CA TRP A 62 -7.65 -7.75 -8.49
C TRP A 62 -7.35 -6.28 -8.73
N GLU A 63 -8.33 -5.54 -9.25
CA GLU A 63 -8.15 -4.12 -9.53
C GLU A 63 -9.27 -3.30 -8.90
N THR A 64 -8.93 -2.09 -8.46
CA THR A 64 -9.92 -1.21 -7.82
C THR A 64 -9.75 0.23 -8.28
N THR A 65 -10.88 0.93 -8.43
CA THR A 65 -10.87 2.32 -8.84
C THR A 65 -11.12 3.22 -7.64
N PHE A 66 -10.49 4.39 -7.62
CA PHE A 66 -10.66 5.31 -6.50
C PHE A 66 -11.23 6.65 -7.00
N LYS A 67 -12.25 7.14 -6.31
CA LYS A 67 -12.88 8.40 -6.68
C LYS A 67 -12.75 9.42 -5.55
N LYS A 68 -12.61 10.69 -5.93
CA LYS A 68 -12.45 11.78 -4.96
C LYS A 68 -13.78 12.12 -4.27
N THR A 69 -13.77 12.03 -2.94
CA THR A 69 -14.97 12.33 -2.15
C THR A 69 -14.62 13.27 -1.00
N SER A 70 -15.63 13.69 -0.27
CA SER A 70 -15.43 14.59 0.87
C SER A 70 -14.94 13.80 2.08
N ASP A 71 -13.85 13.06 1.89
CA ASP A 71 -13.30 12.25 2.97
C ASP A 71 -12.75 13.12 4.09
N ASP A 72 -11.48 13.49 4.00
CA ASP A 72 -10.85 14.33 5.03
C ASP A 72 -9.55 14.91 4.53
N GLY A 73 -9.59 16.16 4.08
CA GLY A 73 -8.41 16.83 3.57
C GLY A 73 -8.01 16.26 2.23
N GLU A 74 -6.92 15.49 2.21
CA GLU A 74 -6.45 14.86 0.98
C GLU A 74 -6.41 13.34 1.14
N VAL A 75 -7.54 12.69 0.84
CA VAL A 75 -7.62 11.23 0.94
C VAL A 75 -8.35 10.67 -0.26
N TYR A 76 -8.03 9.42 -0.60
CA TYR A 76 -8.63 8.78 -1.76
C TYR A 76 -9.63 7.71 -1.29
N TYR A 77 -10.76 7.57 -2.01
CA TYR A 77 -11.79 6.61 -1.60
C TYR A 77 -12.49 5.92 -2.77
N SER A 78 -12.58 4.59 -2.68
CA SER A 78 -13.26 3.78 -3.68
C SER A 78 -14.63 3.36 -3.15
N GLU A 79 -15.67 4.03 -3.64
CA GLU A 79 -17.03 3.75 -3.20
C GLU A 79 -17.41 2.28 -3.31
N GLU A 80 -17.00 1.63 -4.40
CA GLU A 80 -17.35 0.22 -4.62
C GLU A 80 -16.59 -0.73 -3.68
N ALA A 81 -15.34 -0.41 -3.36
CA ALA A 81 -14.53 -1.29 -2.51
C ALA A 81 -14.39 -0.76 -1.09
N LYS A 82 -15.16 0.27 -0.74
CA LYS A 82 -15.09 0.85 0.61
C LYS A 82 -13.68 0.75 1.16
N LYS A 83 -12.75 1.30 0.40
CA LYS A 83 -11.34 1.29 0.77
C LYS A 83 -10.67 2.60 0.35
N LYS A 84 -9.99 3.24 1.30
CA LYS A 84 -9.32 4.51 1.03
C LYS A 84 -7.88 4.48 1.47
N VAL A 85 -7.03 5.16 0.70
CA VAL A 85 -5.62 5.24 1.03
C VAL A 85 -5.14 6.69 1.01
N GLU A 86 -4.46 7.07 2.09
CA GLU A 86 -3.99 8.46 2.25
C GLU A 86 -2.48 8.50 2.31
N VAL A 87 -1.93 9.38 1.48
CA VAL A 87 -0.48 9.52 1.38
C VAL A 87 0.11 10.57 2.33
N LEU A 88 0.65 10.12 3.46
CA LEU A 88 1.25 11.05 4.41
C LEU A 88 2.64 11.44 3.91
N ASP A 89 3.48 10.44 3.68
CA ASP A 89 4.84 10.69 3.18
C ASP A 89 5.10 9.77 2.00
N THR A 90 5.59 10.34 0.91
CA THR A 90 5.85 9.56 -0.30
C THR A 90 7.08 10.10 -1.02
N ASP A 91 8.07 9.24 -1.23
CA ASP A 91 9.30 9.65 -1.91
C ASP A 91 9.02 9.77 -3.40
N TYR A 92 8.08 8.96 -3.87
CA TYR A 92 7.70 8.97 -5.27
C TYR A 92 8.86 8.52 -6.16
N LYS A 93 9.90 7.91 -5.57
CA LYS A 93 11.04 7.49 -6.37
C LYS A 93 11.90 6.46 -5.63
N SER A 94 11.66 6.29 -4.33
CA SER A 94 12.45 5.34 -3.54
C SER A 94 11.56 4.51 -2.62
N TYR A 95 10.79 5.20 -1.77
CA TYR A 95 9.90 4.51 -0.85
C TYR A 95 8.79 5.45 -0.40
N ALA A 96 7.71 4.91 0.17
CA ALA A 96 6.61 5.74 0.62
C ALA A 96 5.83 5.07 1.75
N VAL A 97 5.31 5.91 2.65
CA VAL A 97 4.50 5.44 3.78
C VAL A 97 3.10 5.95 3.59
N ILE A 98 2.10 5.06 3.55
CA ILE A 98 0.72 5.49 3.31
C ILE A 98 -0.23 4.91 4.36
N TYR A 99 -1.24 5.70 4.70
CA TYR A 99 -2.24 5.28 5.69
C TYR A 99 -3.45 4.69 4.98
N ALA A 100 -3.58 3.36 5.08
CA ALA A 100 -4.68 2.65 4.42
C ALA A 100 -5.75 2.28 5.44
N THR A 101 -7.01 2.46 5.05
CA THR A 101 -8.13 2.16 5.94
C THR A 101 -9.31 1.57 5.15
N ARG A 102 -9.86 0.48 5.66
CA ARG A 102 -10.99 -0.17 5.02
C ARG A 102 -12.12 -0.29 6.02
N VAL A 103 -13.34 0.12 5.65
CA VAL A 103 -14.47 0.06 6.57
C VAL A 103 -15.57 -0.85 6.03
N LYS A 104 -15.86 -1.91 6.79
CA LYS A 104 -16.89 -2.86 6.40
C LYS A 104 -18.18 -2.53 7.15
N ASP A 105 -19.28 -3.16 6.74
CA ASP A 105 -20.55 -2.89 7.39
C ASP A 105 -20.47 -3.19 8.88
N GLY A 106 -20.49 -2.12 9.68
CA GLY A 106 -20.47 -2.26 11.14
C GLY A 106 -19.05 -2.31 11.71
N ARG A 107 -18.03 -2.35 10.84
CA ARG A 107 -16.64 -2.43 11.31
C ARG A 107 -15.73 -1.45 10.55
N THR A 108 -14.77 -0.89 11.29
CA THR A 108 -13.80 0.04 10.71
C THR A 108 -12.40 -0.57 10.82
N LEU A 109 -11.47 -0.14 9.96
CA LEU A 109 -10.12 -0.68 9.99
C LEU A 109 -9.08 0.33 9.55
N HIS A 110 -7.88 0.15 10.07
CA HIS A 110 -6.76 1.01 9.72
C HIS A 110 -5.50 0.19 9.59
N MET A 111 -4.63 0.54 8.64
CA MET A 111 -3.38 -0.19 8.46
C MET A 111 -2.35 0.67 7.74
N MET A 112 -1.07 0.43 8.01
CA MET A 112 0.01 1.18 7.36
C MET A 112 0.85 0.23 6.50
N ARG A 113 1.43 0.76 5.42
CA ARG A 113 2.25 -0.06 4.52
C ARG A 113 3.48 0.71 4.05
N LEU A 114 4.53 -0.03 3.70
CA LEU A 114 5.77 0.59 3.21
C LEU A 114 6.05 0.16 1.77
N TYR A 115 6.27 1.15 0.91
CA TYR A 115 6.54 0.87 -0.49
C TYR A 115 8.01 1.08 -0.83
N SER A 116 8.45 0.47 -1.94
CA SER A 116 9.83 0.59 -2.39
C SER A 116 9.88 0.73 -3.90
N ARG A 117 10.78 1.56 -4.40
CA ARG A 117 10.90 1.77 -5.85
C ARG A 117 11.68 0.62 -6.48
N SER A 118 12.47 -0.07 -5.67
CA SER A 118 13.26 -1.19 -6.15
C SER A 118 12.91 -2.46 -5.38
N PRO A 119 12.89 -3.60 -6.05
CA PRO A 119 12.56 -4.90 -5.39
C PRO A 119 13.11 -5.01 -3.97
N GLU A 120 14.16 -4.22 -3.69
CA GLU A 120 14.78 -4.24 -2.37
C GLU A 120 14.20 -3.13 -1.48
N VAL A 121 14.64 -3.12 -0.23
CA VAL A 121 14.17 -2.11 0.73
C VAL A 121 15.35 -1.26 1.20
N SER A 122 15.22 0.06 1.04
CA SER A 122 16.29 0.96 1.45
C SER A 122 16.32 1.10 2.98
N PRO A 123 17.46 0.88 3.62
CA PRO A 123 17.56 1.00 5.09
C PRO A 123 16.79 2.20 5.63
N ALA A 124 16.76 3.28 4.85
CA ALA A 124 16.05 4.49 5.25
C ALA A 124 14.55 4.30 5.10
N ALA A 125 14.16 3.49 4.12
CA ALA A 125 12.74 3.23 3.87
C ALA A 125 12.12 2.51 5.06
N THR A 126 12.86 1.54 5.59
CA THR A 126 12.37 0.77 6.74
C THR A 126 12.39 1.62 8.01
N ALA A 127 13.36 2.53 8.10
CA ALA A 127 13.50 3.37 9.28
C ALA A 127 12.48 4.51 9.36
N ILE A 128 12.31 5.26 8.27
CA ILE A 128 11.33 6.34 8.28
C ILE A 128 9.99 5.73 8.62
N PHE A 129 9.78 4.57 8.04
CA PHE A 129 8.57 3.81 8.24
C PHE A 129 8.32 3.60 9.73
N ARG A 130 9.37 3.26 10.46
CA ARG A 130 9.26 3.04 11.90
C ARG A 130 8.99 4.34 12.65
N LYS A 131 9.63 5.42 12.23
CA LYS A 131 9.44 6.71 12.90
C LYS A 131 7.95 7.03 13.04
N LEU A 132 7.25 7.09 11.93
CA LEU A 132 5.83 7.38 11.96
C LEU A 132 5.09 6.30 12.73
N ALA A 133 5.41 5.05 12.41
CA ALA A 133 4.78 3.93 13.10
C ALA A 133 4.96 4.08 14.61
N GLY A 134 6.09 4.66 15.02
CA GLY A 134 6.36 4.87 16.43
C GLY A 134 5.37 5.88 17.00
N GLU A 135 5.07 6.89 16.21
CA GLU A 135 4.12 7.92 16.62
C GLU A 135 2.74 7.31 16.78
N ARG A 136 2.56 6.10 16.23
CA ARG A 136 1.28 5.41 16.32
C ARG A 136 1.34 4.30 17.38
N ASN A 137 2.37 4.33 18.21
CA ASN A 137 2.53 3.33 19.28
C ASN A 137 2.51 1.91 18.70
N TYR A 138 3.11 1.76 17.54
CA TYR A 138 3.16 0.46 16.88
C TYR A 138 4.12 -0.50 17.59
N THR A 139 3.85 -1.80 17.47
CA THR A 139 4.70 -2.84 18.06
C THR A 139 5.20 -3.77 16.97
N ASP A 140 6.36 -4.39 17.18
CA ASP A 140 6.91 -5.27 16.15
C ASP A 140 5.83 -6.18 15.56
N GLU A 141 5.14 -6.93 16.40
CA GLU A 141 4.10 -7.85 15.91
C GLU A 141 2.99 -7.11 15.17
N MET A 142 2.84 -5.82 15.45
CA MET A 142 1.80 -5.01 14.81
C MET A 142 2.24 -4.61 13.40
N VAL A 143 3.54 -4.64 13.16
CA VAL A 143 4.10 -4.27 11.86
C VAL A 143 5.03 -5.35 11.35
N ALA A 144 4.84 -5.81 10.11
CA ALA A 144 5.71 -6.88 9.57
C ALA A 144 6.30 -6.54 8.19
N MET A 145 7.63 -6.66 8.10
CA MET A 145 8.36 -6.42 6.85
C MET A 145 8.32 -7.66 5.98
N LEU A 146 8.35 -7.48 4.66
CA LEU A 146 8.34 -8.62 3.73
C LEU A 146 9.66 -8.66 2.93
N PRO A 147 10.27 -9.83 2.79
CA PRO A 147 11.56 -9.96 2.03
C PRO A 147 11.35 -9.90 0.51
N ARG A 148 12.46 -9.73 -0.21
CA ARG A 148 12.41 -9.65 -1.68
C ARG A 148 11.80 -10.91 -2.29
N GLN A 149 11.65 -11.95 -1.48
CA GLN A 149 11.08 -13.20 -1.98
C GLN A 149 9.80 -12.93 -2.77
N GLU A 150 9.75 -13.45 -4.00
CA GLU A 150 8.57 -13.25 -4.85
C GLU A 150 8.15 -14.57 -5.49
N GLU A 151 6.84 -14.76 -5.62
CA GLU A 151 6.29 -15.95 -6.26
C GLU A 151 5.57 -15.52 -7.52
N CYS A 152 4.37 -14.99 -7.34
CA CYS A 152 3.57 -14.52 -8.46
C CYS A 152 3.86 -13.05 -8.71
N THR A 153 3.49 -12.58 -9.89
CA THR A 153 3.73 -11.18 -10.26
C THR A 153 2.71 -10.74 -11.31
N VAL A 154 2.58 -9.43 -11.49
CA VAL A 154 1.66 -8.89 -12.46
C VAL A 154 2.16 -9.19 -13.87
N ASP A 155 1.24 -9.54 -14.74
CA ASP A 155 1.59 -9.86 -16.12
C ASP A 155 2.19 -8.64 -16.81
N GLU A 156 3.30 -8.85 -17.50
CA GLU A 156 3.97 -7.78 -18.20
C GLU A 156 3.14 -7.27 -19.37
N VAL A 157 2.42 -8.19 -20.02
CA VAL A 157 1.57 -7.82 -21.15
C VAL A 157 0.66 -6.65 -20.79
N MET A 1 -2.40 18.15 -12.62
CA MET A 1 -1.40 18.10 -13.72
C MET A 1 -0.24 19.04 -13.40
N THR A 2 0.54 18.69 -12.37
CA THR A 2 1.67 19.51 -11.96
C THR A 2 2.67 18.70 -11.15
N VAL A 3 2.54 17.37 -11.24
CA VAL A 3 3.44 16.47 -10.50
C VAL A 3 3.73 15.22 -11.31
N PRO A 4 4.43 15.35 -12.41
CA PRO A 4 4.78 14.21 -13.30
C PRO A 4 5.37 13.04 -12.52
N ASP A 5 5.74 13.29 -11.26
CA ASP A 5 6.32 12.26 -10.42
C ASP A 5 5.44 11.00 -10.41
N ARG A 6 4.13 11.22 -10.42
CA ARG A 6 3.20 10.09 -10.42
C ARG A 6 3.45 9.18 -11.61
N SER A 7 3.62 9.78 -12.78
CA SER A 7 3.88 9.02 -14.00
C SER A 7 5.15 8.19 -13.86
N GLU A 8 6.11 8.71 -13.11
CA GLU A 8 7.38 8.03 -12.91
C GLU A 8 7.21 6.75 -12.10
N ILE A 9 6.44 6.81 -11.01
CA ILE A 9 6.23 5.64 -10.17
C ILE A 9 5.04 4.82 -10.64
N ALA A 10 4.08 5.49 -11.27
CA ALA A 10 2.91 4.78 -11.77
C ALA A 10 3.37 3.73 -12.77
N GLY A 11 2.73 2.56 -12.74
CA GLY A 11 3.12 1.47 -13.61
C GLY A 11 3.59 0.30 -12.75
N LYS A 12 4.14 0.61 -11.58
CA LYS A 12 4.62 -0.42 -10.66
C LYS A 12 4.82 0.13 -9.25
N TRP A 13 4.00 -0.31 -8.29
CA TRP A 13 4.12 0.13 -6.90
C TRP A 13 4.42 -1.11 -6.05
N TYR A 14 5.47 -1.04 -5.23
CA TYR A 14 5.87 -2.20 -4.42
C TYR A 14 5.56 -2.00 -2.94
N VAL A 15 5.05 -3.06 -2.30
CA VAL A 15 4.73 -3.03 -0.87
C VAL A 15 5.61 -4.07 -0.16
N VAL A 16 6.70 -3.61 0.48
CA VAL A 16 7.60 -4.55 1.17
C VAL A 16 7.49 -4.44 2.67
N ALA A 17 6.43 -3.84 3.17
CA ALA A 17 6.26 -3.79 4.62
C ALA A 17 4.93 -3.14 4.97
N LEU A 18 4.21 -3.76 5.91
CA LEU A 18 2.90 -3.26 6.29
C LEU A 18 2.78 -3.14 7.80
N ALA A 19 1.68 -2.53 8.24
CA ALA A 19 1.41 -2.35 9.66
C ALA A 19 -0.08 -2.52 9.94
N SER A 20 -0.40 -3.19 11.04
CA SER A 20 -1.78 -3.42 11.41
C SER A 20 -1.88 -3.95 12.83
N ASN A 21 -3.10 -4.18 13.26
CA ASN A 21 -3.35 -4.71 14.60
C ASN A 21 -4.36 -5.84 14.54
N THR A 22 -5.07 -5.95 13.42
CA THR A 22 -6.05 -7.01 13.25
C THR A 22 -5.31 -8.31 13.02
N GLU A 23 -5.39 -9.21 14.00
CA GLU A 23 -4.68 -10.47 13.91
C GLU A 23 -4.93 -11.22 12.62
N PHE A 24 -6.16 -11.20 12.14
CA PHE A 24 -6.47 -11.93 10.92
C PHE A 24 -5.47 -11.59 9.81
N PHE A 25 -5.33 -10.31 9.52
CA PHE A 25 -4.41 -9.87 8.46
C PHE A 25 -2.95 -9.89 8.91
N LEU A 26 -2.71 -9.40 10.12
CA LEU A 26 -1.37 -9.36 10.67
C LEU A 26 -0.82 -10.79 10.76
N ARG A 27 -1.74 -11.71 10.98
CA ARG A 27 -1.39 -13.12 11.06
C ARG A 27 -0.86 -13.61 9.71
N GLU A 28 -1.59 -13.28 8.64
CA GLU A 28 -1.20 -13.72 7.31
C GLU A 28 -0.12 -12.86 6.67
N LYS A 29 -0.21 -11.53 6.76
CA LYS A 29 0.80 -10.69 6.14
C LYS A 29 2.20 -11.15 6.56
N ASP A 30 2.31 -11.57 7.81
CA ASP A 30 3.59 -12.02 8.32
C ASP A 30 4.17 -13.19 7.52
N LYS A 31 3.34 -13.95 6.78
CA LYS A 31 3.87 -15.11 6.03
C LYS A 31 3.92 -14.94 4.50
N MET A 32 3.29 -13.93 3.91
CA MET A 32 3.35 -13.81 2.44
C MET A 32 4.66 -13.15 2.01
N LYS A 33 4.73 -12.88 0.71
CA LYS A 33 5.91 -12.22 0.14
C LYS A 33 5.53 -10.81 -0.27
N MET A 34 6.49 -10.04 -0.74
CA MET A 34 6.23 -8.67 -1.15
C MET A 34 5.17 -8.63 -2.25
N ALA A 35 4.39 -7.53 -2.29
CA ALA A 35 3.33 -7.38 -3.29
C ALA A 35 3.67 -6.26 -4.28
N MET A 36 2.99 -6.28 -5.43
CA MET A 36 3.21 -5.29 -6.49
C MET A 36 1.88 -4.70 -6.96
N ALA A 37 1.92 -3.49 -7.53
CA ALA A 37 0.70 -2.84 -7.99
C ALA A 37 0.97 -1.77 -9.07
N ARG A 38 -0.08 -1.39 -9.80
CA ARG A 38 0.02 -0.37 -10.85
C ARG A 38 -1.07 0.68 -10.65
N ILE A 39 -0.76 1.97 -10.74
CA ILE A 39 -1.74 3.04 -10.53
C ILE A 39 -1.83 3.95 -11.75
N SER A 40 -3.04 4.45 -12.03
CA SER A 40 -3.27 5.32 -13.18
C SER A 40 -4.18 6.48 -12.78
N PHE A 41 -3.93 7.65 -13.36
CA PHE A 41 -4.73 8.84 -13.05
C PHE A 41 -5.96 8.97 -13.96
N LEU A 42 -7.11 8.79 -13.35
CA LEU A 42 -8.39 8.94 -14.06
C LEU A 42 -8.84 10.39 -13.91
N GLY A 43 -8.56 10.91 -12.72
CA GLY A 43 -8.89 12.28 -12.35
C GLY A 43 -8.51 12.51 -10.90
N GLU A 44 -8.19 13.75 -10.54
CA GLU A 44 -7.81 14.04 -9.16
C GLU A 44 -8.86 13.49 -8.20
N ASP A 45 -10.10 13.44 -8.66
CA ASP A 45 -11.20 12.92 -7.84
C ASP A 45 -11.49 11.47 -8.20
N GLU A 46 -10.58 10.86 -8.96
CA GLU A 46 -10.77 9.48 -9.38
C GLU A 46 -9.48 8.91 -10.00
N LEU A 47 -9.03 7.78 -9.48
CA LEU A 47 -7.82 7.13 -10.00
C LEU A 47 -8.03 5.62 -10.06
N LYS A 48 -7.38 4.97 -11.01
CA LYS A 48 -7.50 3.53 -11.16
C LYS A 48 -6.24 2.84 -10.63
N VAL A 49 -6.40 1.94 -9.65
CA VAL A 49 -5.24 1.24 -9.11
C VAL A 49 -5.50 -0.27 -8.98
N SER A 50 -4.45 -1.02 -9.30
CA SER A 50 -4.49 -2.48 -9.29
C SER A 50 -3.65 -3.07 -8.17
N TYR A 51 -4.12 -4.18 -7.59
CA TYR A 51 -3.39 -4.83 -6.51
C TYR A 51 -2.85 -6.18 -6.99
N ALA A 52 -1.56 -6.42 -6.79
CA ALA A 52 -0.95 -7.69 -7.18
C ALA A 52 -0.22 -8.28 -5.99
N VAL A 53 -0.76 -9.37 -5.44
CA VAL A 53 -0.16 -10.01 -4.28
C VAL A 53 0.13 -11.50 -4.57
N PRO A 54 1.31 -11.98 -4.26
CA PRO A 54 1.65 -13.42 -4.49
C PRO A 54 1.03 -14.33 -3.45
N LYS A 55 0.97 -15.62 -3.75
CA LYS A 55 0.39 -16.58 -2.81
C LYS A 55 0.77 -18.00 -3.23
N PRO A 56 1.85 -18.54 -2.71
CA PRO A 56 2.31 -19.92 -3.06
C PRO A 56 1.15 -20.91 -3.12
N ASN A 57 0.01 -20.53 -2.56
CA ASN A 57 -1.17 -21.39 -2.55
C ASN A 57 -2.16 -20.96 -3.63
N GLY A 58 -1.66 -20.20 -4.61
CA GLY A 58 -2.49 -19.70 -5.71
C GLY A 58 -2.47 -18.17 -5.76
N CYS A 59 -1.51 -17.62 -6.50
CA CYS A 59 -1.39 -16.18 -6.62
C CYS A 59 -2.74 -15.55 -6.96
N ARG A 60 -2.92 -14.30 -6.56
CA ARG A 60 -4.16 -13.58 -6.83
C ARG A 60 -3.89 -12.20 -7.43
N LYS A 61 -4.52 -11.93 -8.56
CA LYS A 61 -4.34 -10.63 -9.24
C LYS A 61 -5.70 -10.07 -9.67
N TRP A 62 -5.93 -8.79 -9.39
CA TRP A 62 -7.20 -8.17 -9.76
C TRP A 62 -7.05 -6.66 -9.85
N GLU A 63 -8.12 -5.99 -10.25
CA GLU A 63 -8.12 -4.54 -10.41
C GLU A 63 -9.15 -3.87 -9.48
N THR A 64 -8.95 -2.58 -9.22
CA THR A 64 -9.86 -1.83 -8.35
C THR A 64 -9.92 -0.37 -8.80
N THR A 65 -11.11 0.23 -8.70
CA THR A 65 -11.29 1.62 -9.08
C THR A 65 -11.52 2.49 -7.85
N PHE A 66 -10.95 3.71 -7.86
CA PHE A 66 -11.08 4.63 -6.74
C PHE A 66 -11.90 5.84 -7.17
N LYS A 67 -13.02 6.09 -6.49
CA LYS A 67 -13.91 7.21 -6.87
C LYS A 67 -14.18 8.18 -5.73
N LYS A 68 -14.54 9.41 -6.09
CA LYS A 68 -14.80 10.46 -5.11
C LYS A 68 -13.61 10.60 -4.22
N THR A 69 -12.49 10.95 -4.83
CA THR A 69 -11.25 11.06 -4.14
C THR A 69 -10.79 12.51 -4.00
N SER A 70 -11.38 13.23 -3.04
CA SER A 70 -11.02 14.62 -2.79
C SER A 70 -11.49 15.05 -1.40
N ASP A 71 -11.94 14.08 -0.61
CA ASP A 71 -12.44 14.34 0.73
C ASP A 71 -11.43 15.17 1.54
N ASP A 72 -10.44 14.50 2.10
CA ASP A 72 -9.41 15.18 2.92
C ASP A 72 -8.23 15.55 2.06
N GLY A 73 -8.40 16.58 1.24
CA GLY A 73 -7.35 17.00 0.35
C GLY A 73 -7.28 16.04 -0.83
N GLU A 74 -6.41 15.04 -0.72
CA GLU A 74 -6.30 14.02 -1.77
C GLU A 74 -6.40 12.62 -1.15
N VAL A 75 -7.60 12.05 -1.10
CA VAL A 75 -7.80 10.72 -0.53
C VAL A 75 -8.72 9.93 -1.43
N TYR A 76 -8.59 8.61 -1.46
CA TYR A 76 -9.44 7.79 -2.35
C TYR A 76 -10.53 7.06 -1.56
N TYR A 77 -11.75 6.96 -2.14
CA TYR A 77 -12.83 6.27 -1.47
C TYR A 77 -13.70 5.45 -2.43
N SER A 78 -13.87 4.16 -2.12
CA SER A 78 -14.71 3.29 -2.96
C SER A 78 -16.00 2.93 -2.22
N GLU A 79 -17.08 3.59 -2.59
CA GLU A 79 -18.36 3.36 -1.96
C GLU A 79 -18.68 1.86 -1.92
N GLU A 80 -18.24 1.14 -2.94
CA GLU A 80 -18.48 -0.30 -3.03
C GLU A 80 -17.48 -1.11 -2.20
N ALA A 81 -16.20 -0.74 -2.27
CA ALA A 81 -15.16 -1.48 -1.55
C ALA A 81 -14.94 -0.94 -0.13
N LYS A 82 -15.76 0.00 0.30
CA LYS A 82 -15.64 0.59 1.64
C LYS A 82 -14.19 0.55 2.12
N LYS A 83 -13.33 1.14 1.31
CA LYS A 83 -11.90 1.20 1.61
C LYS A 83 -11.28 2.44 0.98
N LYS A 84 -10.54 3.20 1.79
CA LYS A 84 -9.91 4.43 1.30
C LYS A 84 -8.44 4.47 1.67
N VAL A 85 -7.65 5.11 0.80
CA VAL A 85 -6.22 5.25 1.05
C VAL A 85 -5.79 6.68 0.79
N GLU A 86 -5.04 7.23 1.74
CA GLU A 86 -4.60 8.63 1.65
C GLU A 86 -3.09 8.73 1.65
N VAL A 87 -2.59 9.48 0.68
CA VAL A 87 -1.15 9.69 0.57
C VAL A 87 -0.60 10.24 1.88
N LEU A 88 0.02 9.38 2.68
CA LEU A 88 0.57 9.77 3.97
C LEU A 88 2.05 10.17 3.83
N ASP A 89 2.68 9.72 2.76
CA ASP A 89 4.07 10.04 2.48
C ASP A 89 4.48 9.32 1.19
N THR A 90 4.98 10.06 0.22
CA THR A 90 5.36 9.46 -1.05
C THR A 90 6.50 10.27 -1.69
N ASP A 91 7.57 9.58 -2.08
CA ASP A 91 8.70 10.25 -2.71
C ASP A 91 9.15 9.46 -3.94
N TYR A 92 8.74 8.21 -3.95
CA TYR A 92 9.10 7.29 -5.02
C TYR A 92 10.60 7.26 -5.25
N LYS A 93 11.34 8.00 -4.42
CA LYS A 93 12.79 8.05 -4.55
C LYS A 93 13.40 6.79 -3.98
N SER A 94 12.79 6.29 -2.91
CA SER A 94 13.27 5.09 -2.25
C SER A 94 12.13 4.40 -1.52
N TYR A 95 11.08 5.15 -1.20
CA TYR A 95 9.96 4.57 -0.49
C TYR A 95 8.74 5.49 -0.44
N ALA A 96 7.62 4.90 -0.02
CA ALA A 96 6.37 5.62 0.11
C ALA A 96 5.62 5.10 1.32
N VAL A 97 5.07 6.00 2.13
CA VAL A 97 4.32 5.59 3.33
C VAL A 97 2.89 6.09 3.19
N ILE A 98 1.94 5.18 3.27
CA ILE A 98 0.54 5.53 3.07
C ILE A 98 -0.36 5.04 4.20
N TYR A 99 -1.41 5.81 4.47
CA TYR A 99 -2.36 5.45 5.52
C TYR A 99 -3.56 4.73 4.92
N ALA A 100 -3.62 3.42 5.15
CA ALA A 100 -4.71 2.59 4.62
C ALA A 100 -5.70 2.25 5.72
N THR A 101 -6.99 2.45 5.42
CA THR A 101 -8.05 2.17 6.40
C THR A 101 -9.29 1.60 5.72
N ARG A 102 -9.83 0.55 6.30
CA ARG A 102 -11.04 -0.10 5.79
C ARG A 102 -12.10 -0.10 6.88
N VAL A 103 -13.33 0.30 6.57
CA VAL A 103 -14.37 0.34 7.61
C VAL A 103 -15.59 -0.50 7.22
N LYS A 104 -15.94 -1.42 8.10
CA LYS A 104 -17.09 -2.29 7.90
C LYS A 104 -18.22 -1.85 8.82
N ASP A 105 -19.39 -2.41 8.63
CA ASP A 105 -20.52 -2.03 9.46
C ASP A 105 -20.20 -2.25 10.94
N GLY A 106 -20.12 -1.16 11.68
CA GLY A 106 -19.84 -1.20 13.11
C GLY A 106 -18.38 -1.46 13.43
N ARG A 107 -17.57 -1.73 12.41
CA ARG A 107 -16.14 -2.00 12.64
C ARG A 107 -15.24 -1.10 11.79
N THR A 108 -14.21 -0.55 12.44
CA THR A 108 -13.25 0.33 11.77
C THR A 108 -11.87 -0.30 11.79
N LEU A 109 -11.01 0.09 10.85
CA LEU A 109 -9.66 -0.48 10.79
C LEU A 109 -8.67 0.51 10.20
N HIS A 110 -7.43 0.40 10.65
CA HIS A 110 -6.37 1.24 10.15
C HIS A 110 -5.08 0.44 10.01
N MET A 111 -4.28 0.76 8.98
CA MET A 111 -3.02 0.05 8.77
C MET A 111 -2.07 0.90 7.94
N MET A 112 -0.77 0.84 8.25
CA MET A 112 0.24 1.60 7.51
C MET A 112 1.00 0.66 6.57
N ARG A 113 1.40 1.18 5.40
CA ARG A 113 2.12 0.37 4.42
C ARG A 113 3.37 1.06 3.92
N LEU A 114 4.49 0.33 3.92
CA LEU A 114 5.77 0.87 3.45
C LEU A 114 6.13 0.26 2.09
N TYR A 115 6.37 1.16 1.13
CA TYR A 115 6.71 0.79 -0.24
C TYR A 115 8.20 0.99 -0.52
N SER A 116 8.67 0.32 -1.57
CA SER A 116 10.06 0.43 -2.02
C SER A 116 10.07 0.71 -3.51
N ARG A 117 10.88 1.65 -3.97
CA ARG A 117 10.91 1.94 -5.41
C ARG A 117 11.63 0.82 -6.15
N SER A 118 12.44 0.06 -5.41
CA SER A 118 13.17 -1.05 -6.00
C SER A 118 13.07 -2.30 -5.10
N PRO A 119 12.99 -3.47 -5.69
CA PRO A 119 12.89 -4.75 -4.92
C PRO A 119 13.71 -4.73 -3.64
N GLU A 120 14.71 -3.85 -3.58
CA GLU A 120 15.56 -3.75 -2.41
C GLU A 120 14.86 -2.94 -1.33
N VAL A 121 15.38 -3.07 -0.11
CA VAL A 121 14.83 -2.35 1.04
C VAL A 121 15.87 -1.39 1.62
N SER A 122 15.57 -0.10 1.56
CA SER A 122 16.49 0.92 2.08
C SER A 122 16.37 1.02 3.60
N PRO A 123 17.41 0.74 4.35
CA PRO A 123 17.38 0.82 5.84
C PRO A 123 16.64 2.07 6.33
N ALA A 124 16.71 3.14 5.54
CA ALA A 124 16.06 4.39 5.91
C ALA A 124 14.54 4.26 5.74
N ALA A 125 14.13 3.57 4.68
CA ALA A 125 12.71 3.37 4.42
C ALA A 125 12.05 2.60 5.56
N THR A 126 12.80 1.71 6.16
CA THR A 126 12.29 0.91 7.28
C THR A 126 12.19 1.78 8.54
N ALA A 127 13.09 2.75 8.64
CA ALA A 127 13.15 3.64 9.80
C ALA A 127 12.05 4.70 9.81
N ILE A 128 11.87 5.41 8.70
CA ILE A 128 10.83 6.41 8.65
C ILE A 128 9.50 5.70 8.86
N PHE A 129 9.46 4.51 8.31
CA PHE A 129 8.31 3.65 8.39
C PHE A 129 8.00 3.30 9.84
N ARG A 130 9.03 2.92 10.59
CA ARG A 130 8.86 2.56 12.00
C ARG A 130 8.50 3.80 12.81
N LYS A 131 9.07 4.94 12.42
CA LYS A 131 8.80 6.18 13.11
C LYS A 131 7.30 6.46 13.14
N LEU A 132 6.68 6.39 11.96
CA LEU A 132 5.25 6.62 11.84
C LEU A 132 4.48 5.57 12.65
N ALA A 133 4.81 4.31 12.43
CA ALA A 133 4.14 3.24 13.15
C ALA A 133 4.29 3.45 14.65
N GLY A 134 5.43 4.02 15.06
CA GLY A 134 5.66 4.27 16.48
C GLY A 134 4.69 5.33 16.99
N GLU A 135 4.45 6.35 16.16
CA GLU A 135 3.52 7.40 16.54
C GLU A 135 2.16 6.79 16.86
N ARG A 136 1.89 5.63 16.25
CA ARG A 136 0.64 4.92 16.49
C ARG A 136 0.83 3.87 17.58
N ASN A 137 2.02 3.88 18.19
CA ASN A 137 2.36 2.95 19.27
C ASN A 137 2.29 1.50 18.80
N TYR A 138 2.77 1.28 17.59
CA TYR A 138 2.77 -0.06 17.01
C TYR A 138 4.01 -0.83 17.46
N THR A 139 3.80 -2.01 18.05
CA THR A 139 4.91 -2.84 18.49
C THR A 139 5.43 -3.66 17.30
N ASP A 140 6.68 -4.09 17.37
CA ASP A 140 7.28 -4.82 16.25
C ASP A 140 6.34 -5.87 15.67
N GLU A 141 5.81 -6.77 16.50
CA GLU A 141 4.92 -7.82 15.99
C GLU A 141 3.73 -7.23 15.22
N MET A 142 3.43 -5.96 15.47
CA MET A 142 2.31 -5.30 14.80
C MET A 142 2.69 -4.88 13.39
N VAL A 143 3.98 -4.81 13.14
CA VAL A 143 4.49 -4.43 11.82
C VAL A 143 5.43 -5.52 11.31
N ALA A 144 5.10 -6.06 10.13
CA ALA A 144 5.89 -7.15 9.56
C ALA A 144 6.53 -6.76 8.21
N MET A 145 7.86 -6.77 8.18
CA MET A 145 8.59 -6.45 6.96
C MET A 145 8.65 -7.70 6.09
N LEU A 146 8.66 -7.54 4.76
CA LEU A 146 8.68 -8.67 3.87
C LEU A 146 9.95 -8.65 2.99
N PRO A 147 10.55 -9.81 2.78
CA PRO A 147 11.81 -9.94 1.97
C PRO A 147 11.58 -9.79 0.47
N ARG A 148 12.66 -9.45 -0.25
CA ARG A 148 12.59 -9.27 -1.69
C ARG A 148 12.07 -10.52 -2.41
N GLN A 149 11.99 -11.63 -1.69
CA GLN A 149 11.53 -12.88 -2.28
C GLN A 149 10.26 -12.66 -3.10
N GLU A 150 10.28 -13.14 -4.35
CA GLU A 150 9.13 -13.01 -5.25
C GLU A 150 8.68 -14.38 -5.73
N GLU A 151 7.37 -14.64 -5.65
CA GLU A 151 6.82 -15.93 -6.08
C GLU A 151 5.94 -15.72 -7.30
N CYS A 152 5.24 -14.59 -7.34
CA CYS A 152 4.36 -14.27 -8.46
C CYS A 152 4.49 -12.79 -8.81
N THR A 153 4.06 -12.44 -10.02
CA THR A 153 4.12 -11.06 -10.48
C THR A 153 3.02 -10.78 -11.50
N VAL A 154 2.71 -9.51 -11.70
CA VAL A 154 1.67 -9.11 -12.66
C VAL A 154 2.30 -8.54 -13.91
N ASP A 155 1.51 -8.52 -14.97
CA ASP A 155 1.97 -8.00 -16.27
C ASP A 155 1.22 -6.73 -16.65
N GLU A 156 1.76 -6.07 -17.64
CA GLU A 156 1.17 -4.83 -18.13
C GLU A 156 1.44 -4.66 -19.62
N VAL A 157 0.62 -5.31 -20.44
CA VAL A 157 0.77 -5.23 -21.89
C VAL A 157 0.11 -3.96 -22.41
N MET A 1 -2.53 18.59 -13.83
CA MET A 1 -2.01 18.06 -15.12
C MET A 1 -0.51 18.33 -15.22
N THR A 2 0.17 18.19 -14.10
CA THR A 2 1.63 18.41 -14.07
C THR A 2 2.24 17.78 -12.84
N VAL A 3 2.44 16.46 -12.88
CA VAL A 3 3.02 15.74 -11.75
C VAL A 3 3.81 14.53 -12.25
N PRO A 4 4.89 14.75 -12.93
CA PRO A 4 5.75 13.66 -13.47
C PRO A 4 6.07 12.61 -12.42
N ASP A 5 6.07 13.01 -11.16
CA ASP A 5 6.36 12.10 -10.06
C ASP A 5 5.40 10.92 -10.07
N ARG A 6 4.12 11.21 -10.33
CA ARG A 6 3.10 10.16 -10.36
C ARG A 6 3.32 9.24 -11.55
N SER A 7 3.46 9.83 -12.74
CA SER A 7 3.67 9.06 -13.95
C SER A 7 4.95 8.23 -13.85
N GLU A 8 5.93 8.75 -13.12
CA GLU A 8 7.20 8.07 -12.94
C GLU A 8 7.05 6.79 -12.12
N ILE A 9 6.30 6.87 -11.02
CA ILE A 9 6.11 5.70 -10.16
C ILE A 9 4.90 4.88 -10.60
N ALA A 10 3.95 5.54 -11.26
CA ALA A 10 2.78 4.82 -11.72
C ALA A 10 3.22 3.80 -12.74
N GLY A 11 2.58 2.64 -12.73
CA GLY A 11 2.95 1.55 -13.62
C GLY A 11 3.44 0.36 -12.78
N LYS A 12 4.01 0.68 -11.62
CA LYS A 12 4.51 -0.36 -10.71
C LYS A 12 4.73 0.19 -9.29
N TRP A 13 3.91 -0.25 -8.33
CA TRP A 13 4.05 0.18 -6.93
C TRP A 13 4.37 -1.05 -6.10
N TYR A 14 5.43 -0.99 -5.29
CA TYR A 14 5.84 -2.16 -4.49
C TYR A 14 5.44 -2.02 -3.03
N VAL A 15 4.79 -3.06 -2.48
CA VAL A 15 4.40 -3.09 -1.07
C VAL A 15 5.36 -4.05 -0.37
N VAL A 16 6.25 -3.51 0.49
CA VAL A 16 7.24 -4.39 1.16
C VAL A 16 7.21 -4.31 2.67
N ALA A 17 6.18 -3.72 3.25
CA ALA A 17 6.10 -3.70 4.69
C ALA A 17 4.81 -3.04 5.15
N LEU A 18 4.13 -3.66 6.11
CA LEU A 18 2.85 -3.14 6.58
C LEU A 18 2.81 -3.06 8.11
N ALA A 19 1.75 -2.44 8.60
CA ALA A 19 1.54 -2.29 10.03
C ALA A 19 0.04 -2.45 10.32
N SER A 20 -0.28 -3.11 11.43
CA SER A 20 -1.67 -3.32 11.78
C SER A 20 -1.81 -3.81 13.21
N ASN A 21 -3.05 -4.02 13.64
CA ASN A 21 -3.33 -4.49 14.98
C ASN A 21 -4.36 -5.60 14.93
N THR A 22 -5.08 -5.71 13.81
CA THR A 22 -6.06 -6.76 13.66
C THR A 22 -5.32 -8.06 13.39
N GLU A 23 -5.37 -8.97 14.35
CA GLU A 23 -4.64 -10.22 14.24
C GLU A 23 -4.97 -10.99 12.97
N PHE A 24 -6.22 -11.01 12.58
CA PHE A 24 -6.59 -11.75 11.39
C PHE A 24 -5.68 -11.39 10.21
N PHE A 25 -5.60 -10.11 9.90
CA PHE A 25 -4.78 -9.64 8.78
C PHE A 25 -3.30 -9.64 9.12
N LEU A 26 -2.96 -9.13 10.30
CA LEU A 26 -1.58 -9.09 10.75
C LEU A 26 -1.03 -10.50 10.80
N ARG A 27 -1.91 -11.42 11.11
CA ARG A 27 -1.57 -12.83 11.18
C ARG A 27 -1.10 -13.30 9.79
N GLU A 28 -1.86 -12.91 8.76
CA GLU A 28 -1.53 -13.32 7.40
C GLU A 28 -0.46 -12.46 6.73
N LYS A 29 -0.50 -11.14 6.89
CA LYS A 29 0.51 -10.31 6.24
C LYS A 29 1.89 -10.86 6.56
N ASP A 30 2.03 -11.42 7.74
CA ASP A 30 3.30 -11.97 8.17
C ASP A 30 3.75 -13.14 7.27
N LYS A 31 2.82 -13.83 6.61
CA LYS A 31 3.21 -14.98 5.77
C LYS A 31 3.39 -14.66 4.28
N MET A 32 2.86 -13.55 3.78
CA MET A 32 3.04 -13.26 2.35
C MET A 32 4.42 -12.71 2.06
N LYS A 33 4.68 -12.56 0.77
CA LYS A 33 5.95 -12.03 0.28
C LYS A 33 5.68 -10.65 -0.35
N MET A 34 6.72 -9.95 -0.78
CA MET A 34 6.54 -8.63 -1.36
C MET A 34 5.47 -8.65 -2.46
N ALA A 35 4.68 -7.58 -2.51
CA ALA A 35 3.60 -7.47 -3.51
C ALA A 35 3.85 -6.28 -4.43
N MET A 36 3.11 -6.24 -5.54
CA MET A 36 3.26 -5.14 -6.51
C MET A 36 1.90 -4.59 -6.92
N ALA A 37 1.91 -3.40 -7.52
CA ALA A 37 0.67 -2.76 -7.93
C ALA A 37 0.90 -1.70 -9.02
N ARG A 38 -0.18 -1.32 -9.72
CA ARG A 38 -0.09 -0.31 -10.79
C ARG A 38 -1.21 0.72 -10.59
N ILE A 39 -0.89 2.03 -10.65
CA ILE A 39 -1.87 3.09 -10.43
C ILE A 39 -1.97 4.01 -11.65
N SER A 40 -3.17 4.51 -11.92
CA SER A 40 -3.40 5.40 -13.07
C SER A 40 -4.35 6.53 -12.67
N PHE A 41 -4.15 7.70 -13.28
CA PHE A 41 -4.97 8.86 -12.96
C PHE A 41 -6.18 9.00 -13.90
N LEU A 42 -7.28 8.42 -13.47
CA LEU A 42 -8.52 8.51 -14.21
C LEU A 42 -8.98 9.96 -14.15
N GLY A 43 -8.71 10.55 -13.01
CA GLY A 43 -9.04 11.93 -12.71
C GLY A 43 -8.56 12.26 -11.29
N GLU A 44 -8.19 13.50 -11.04
CA GLU A 44 -7.72 13.86 -9.70
C GLU A 44 -8.71 13.38 -8.65
N ASP A 45 -9.98 13.26 -9.05
CA ASP A 45 -11.02 12.79 -8.14
C ASP A 45 -11.37 11.33 -8.45
N GLU A 46 -10.49 10.67 -9.18
CA GLU A 46 -10.70 9.28 -9.56
C GLU A 46 -9.44 8.66 -10.14
N LEU A 47 -9.02 7.51 -9.60
CA LEU A 47 -7.83 6.83 -10.10
C LEU A 47 -8.06 5.32 -10.11
N LYS A 48 -7.41 4.65 -11.05
CA LYS A 48 -7.52 3.20 -11.17
C LYS A 48 -6.26 2.55 -10.60
N VAL A 49 -6.40 1.69 -9.60
CA VAL A 49 -5.22 1.04 -9.02
C VAL A 49 -5.44 -0.47 -8.86
N SER A 50 -4.36 -1.20 -9.13
CA SER A 50 -4.37 -2.66 -9.09
C SER A 50 -3.48 -3.22 -7.98
N TYR A 51 -3.87 -4.40 -7.46
CA TYR A 51 -3.09 -5.06 -6.41
C TYR A 51 -2.54 -6.38 -6.91
N ALA A 52 -1.24 -6.61 -6.73
CA ALA A 52 -0.61 -7.86 -7.16
C ALA A 52 0.14 -8.49 -5.97
N VAL A 53 -0.39 -9.60 -5.47
CA VAL A 53 0.23 -10.29 -4.33
C VAL A 53 0.55 -11.74 -4.68
N PRO A 54 1.80 -12.16 -4.61
CA PRO A 54 2.19 -13.56 -4.93
C PRO A 54 2.02 -14.49 -3.73
N LYS A 55 0.84 -15.09 -3.63
CA LYS A 55 0.55 -16.00 -2.52
C LYS A 55 0.86 -17.45 -2.93
N PRO A 56 1.87 -18.07 -2.35
CA PRO A 56 2.24 -19.48 -2.71
C PRO A 56 1.02 -20.38 -2.78
N ASN A 57 -0.03 -20.04 -2.02
CA ASN A 57 -1.25 -20.83 -2.00
C ASN A 57 -2.07 -20.59 -3.27
N GLY A 58 -1.88 -19.42 -3.87
CA GLY A 58 -2.59 -19.07 -5.09
C GLY A 58 -2.41 -17.59 -5.42
N CYS A 59 -1.60 -17.32 -6.45
CA CYS A 59 -1.36 -15.94 -6.87
C CYS A 59 -2.68 -15.20 -7.08
N ARG A 60 -2.70 -13.92 -6.71
CA ARG A 60 -3.91 -13.11 -6.85
C ARG A 60 -3.59 -11.77 -7.51
N LYS A 61 -4.18 -11.56 -8.69
CA LYS A 61 -3.98 -10.31 -9.43
C LYS A 61 -5.32 -9.77 -9.92
N TRP A 62 -5.57 -8.49 -9.69
CA TRP A 62 -6.83 -7.88 -10.11
C TRP A 62 -6.72 -6.36 -10.21
N GLU A 63 -7.82 -5.74 -10.63
CA GLU A 63 -7.87 -4.27 -10.78
C GLU A 63 -8.93 -3.69 -9.86
N THR A 64 -8.85 -2.39 -9.60
CA THR A 64 -9.82 -1.72 -8.75
C THR A 64 -9.94 -0.24 -9.11
N THR A 65 -11.15 0.30 -9.00
CA THR A 65 -11.39 1.70 -9.31
C THR A 65 -11.60 2.50 -8.02
N PHE A 66 -11.02 3.70 -7.99
CA PHE A 66 -11.12 4.59 -6.82
C PHE A 66 -11.93 5.82 -7.24
N LYS A 67 -13.05 6.09 -6.54
CA LYS A 67 -13.93 7.21 -6.92
C LYS A 67 -14.17 8.20 -5.79
N LYS A 68 -14.52 9.42 -6.18
CA LYS A 68 -14.76 10.50 -5.22
C LYS A 68 -13.55 10.65 -4.35
N THR A 69 -12.44 10.93 -4.99
CA THR A 69 -11.18 11.03 -4.32
C THR A 69 -10.70 12.49 -4.22
N SER A 70 -11.31 13.23 -3.31
CA SER A 70 -10.94 14.63 -3.11
C SER A 70 -11.42 15.11 -1.74
N ASP A 71 -11.88 14.17 -0.92
CA ASP A 71 -12.38 14.47 0.41
C ASP A 71 -11.38 15.31 1.21
N ASP A 72 -10.39 14.64 1.81
CA ASP A 72 -9.38 15.32 2.63
C ASP A 72 -8.17 15.65 1.78
N GLY A 73 -8.30 16.67 0.95
CA GLY A 73 -7.22 17.05 0.07
C GLY A 73 -7.14 16.06 -1.08
N GLU A 74 -6.31 15.03 -0.94
CA GLU A 74 -6.19 13.99 -1.94
C GLU A 74 -6.33 12.61 -1.29
N VAL A 75 -7.55 12.06 -1.26
CA VAL A 75 -7.77 10.75 -0.66
C VAL A 75 -8.70 9.94 -1.55
N TYR A 76 -8.58 8.62 -1.53
CA TYR A 76 -9.44 7.79 -2.40
C TYR A 76 -10.54 7.08 -1.62
N TYR A 77 -11.76 6.98 -2.21
CA TYR A 77 -12.84 6.30 -1.53
C TYR A 77 -13.73 5.50 -2.50
N SER A 78 -13.93 4.21 -2.19
CA SER A 78 -14.78 3.34 -3.04
C SER A 78 -16.05 2.98 -2.29
N GLU A 79 -17.14 3.66 -2.65
CA GLU A 79 -18.42 3.41 -2.01
C GLU A 79 -18.73 1.91 -1.98
N GLU A 80 -18.29 1.21 -3.02
CA GLU A 80 -18.54 -0.23 -3.11
C GLU A 80 -17.53 -1.05 -2.30
N ALA A 81 -16.25 -0.68 -2.38
CA ALA A 81 -15.20 -1.42 -1.67
C ALA A 81 -14.99 -0.92 -0.24
N LYS A 82 -15.83 0.02 0.21
CA LYS A 82 -15.74 0.56 1.56
C LYS A 82 -14.29 0.54 2.07
N LYS A 83 -13.43 1.19 1.31
CA LYS A 83 -12.01 1.29 1.65
C LYS A 83 -11.39 2.51 1.00
N LYS A 84 -10.63 3.27 1.80
CA LYS A 84 -9.99 4.49 1.30
C LYS A 84 -8.51 4.52 1.68
N VAL A 85 -7.72 5.15 0.81
CA VAL A 85 -6.29 5.29 1.07
C VAL A 85 -5.86 6.73 0.80
N GLU A 86 -5.12 7.27 1.75
CA GLU A 86 -4.68 8.67 1.66
C GLU A 86 -3.16 8.77 1.68
N VAL A 87 -2.65 9.52 0.72
CA VAL A 87 -1.20 9.73 0.61
C VAL A 87 -0.67 10.29 1.93
N LEU A 88 -0.05 9.42 2.73
CA LEU A 88 0.48 9.81 4.04
C LEU A 88 1.96 10.18 3.91
N ASP A 89 2.60 9.71 2.85
CA ASP A 89 4.01 10.00 2.59
C ASP A 89 4.41 9.29 1.30
N THR A 90 4.93 10.04 0.33
CA THR A 90 5.32 9.45 -0.94
C THR A 90 6.44 10.28 -1.56
N ASP A 91 7.49 9.59 -2.01
CA ASP A 91 8.63 10.28 -2.64
C ASP A 91 9.08 9.51 -3.87
N TYR A 92 8.68 8.25 -3.90
CA TYR A 92 9.03 7.34 -4.98
C TYR A 92 10.54 7.33 -5.22
N LYS A 93 11.27 8.07 -4.39
CA LYS A 93 12.72 8.13 -4.54
C LYS A 93 13.35 6.86 -3.98
N SER A 94 12.76 6.37 -2.90
CA SER A 94 13.24 5.16 -2.26
C SER A 94 12.11 4.48 -1.50
N TYR A 95 11.08 5.26 -1.15
CA TYR A 95 9.96 4.70 -0.41
C TYR A 95 8.78 5.66 -0.31
N ALA A 96 7.66 5.10 0.13
CA ALA A 96 6.43 5.87 0.31
C ALA A 96 5.64 5.25 1.45
N VAL A 97 5.04 6.10 2.29
CA VAL A 97 4.25 5.63 3.42
C VAL A 97 2.82 6.12 3.26
N ILE A 98 1.86 5.22 3.36
CA ILE A 98 0.47 5.58 3.15
C ILE A 98 -0.43 5.09 4.27
N TYR A 99 -1.49 5.86 4.53
CA TYR A 99 -2.45 5.51 5.57
C TYR A 99 -3.64 4.78 4.95
N ALA A 100 -3.69 3.46 5.17
CA ALA A 100 -4.77 2.64 4.62
C ALA A 100 -5.74 2.23 5.73
N THR A 101 -7.03 2.35 5.44
CA THR A 101 -8.07 1.99 6.41
C THR A 101 -9.29 1.38 5.72
N ARG A 102 -9.77 0.29 6.29
CA ARG A 102 -10.95 -0.41 5.76
C ARG A 102 -12.03 -0.43 6.82
N VAL A 103 -13.25 -0.01 6.49
CA VAL A 103 -14.32 0.02 7.49
C VAL A 103 -15.47 -0.89 7.07
N LYS A 104 -15.73 -1.91 7.88
CA LYS A 104 -16.81 -2.85 7.62
C LYS A 104 -18.01 -2.48 8.49
N ASP A 105 -19.14 -3.10 8.22
CA ASP A 105 -20.35 -2.79 8.98
C ASP A 105 -20.10 -3.02 10.47
N GLY A 106 -20.07 -1.91 11.22
CA GLY A 106 -19.88 -1.96 12.67
C GLY A 106 -18.41 -2.05 13.07
N ARG A 107 -17.50 -2.15 12.10
CA ARG A 107 -16.07 -2.25 12.42
C ARG A 107 -15.22 -1.29 11.59
N THR A 108 -14.24 -0.67 12.25
CA THR A 108 -13.32 0.27 11.60
C THR A 108 -11.90 -0.27 11.70
N LEU A 109 -11.05 0.07 10.73
CA LEU A 109 -9.67 -0.42 10.74
C LEU A 109 -8.70 0.57 10.13
N HIS A 110 -7.48 0.55 10.65
CA HIS A 110 -6.42 1.39 10.15
C HIS A 110 -5.12 0.62 10.09
N MET A 111 -4.29 0.89 9.09
CA MET A 111 -3.02 0.18 8.94
C MET A 111 -2.04 1.02 8.11
N MET A 112 -0.75 0.86 8.39
CA MET A 112 0.29 1.60 7.64
C MET A 112 0.99 0.67 6.67
N ARG A 113 1.34 1.19 5.49
CA ARG A 113 2.02 0.38 4.47
C ARG A 113 3.27 1.08 3.95
N LEU A 114 4.37 0.34 3.90
CA LEU A 114 5.65 0.88 3.42
C LEU A 114 6.01 0.28 2.07
N TYR A 115 6.27 1.19 1.11
CA TYR A 115 6.63 0.81 -0.25
C TYR A 115 8.10 1.07 -0.52
N SER A 116 8.63 0.40 -1.54
CA SER A 116 10.02 0.57 -1.96
C SER A 116 10.06 0.75 -3.48
N ARG A 117 10.84 1.70 -3.96
CA ARG A 117 10.93 1.91 -5.40
C ARG A 117 11.66 0.76 -6.07
N SER A 118 12.36 -0.02 -5.26
CA SER A 118 13.12 -1.17 -5.77
C SER A 118 13.00 -2.35 -4.80
N PRO A 119 12.95 -3.56 -5.32
CA PRO A 119 12.84 -4.78 -4.47
C PRO A 119 13.63 -4.67 -3.16
N GLU A 120 14.64 -3.81 -3.15
CA GLU A 120 15.46 -3.62 -1.97
C GLU A 120 14.86 -2.57 -1.07
N VAL A 121 15.27 -2.59 0.19
CA VAL A 121 14.79 -1.64 1.19
C VAL A 121 15.93 -0.79 1.71
N SER A 122 15.70 0.52 1.80
CA SER A 122 16.72 1.45 2.29
C SER A 122 16.54 1.71 3.79
N PRO A 123 17.60 1.68 4.57
CA PRO A 123 17.51 1.92 6.03
C PRO A 123 16.55 3.07 6.37
N ALA A 124 16.43 4.03 5.46
CA ALA A 124 15.55 5.16 5.67
C ALA A 124 14.09 4.75 5.44
N ALA A 125 13.89 3.82 4.52
CA ALA A 125 12.54 3.35 4.19
C ALA A 125 11.94 2.59 5.37
N THR A 126 12.71 1.66 5.91
CA THR A 126 12.25 0.85 7.05
C THR A 126 12.23 1.69 8.32
N ALA A 127 13.14 2.65 8.43
CA ALA A 127 13.25 3.49 9.61
C ALA A 127 12.17 4.56 9.70
N ILE A 128 11.96 5.32 8.63
CA ILE A 128 10.93 6.33 8.65
C ILE A 128 9.61 5.64 8.92
N PHE A 129 9.54 4.45 8.35
CA PHE A 129 8.38 3.60 8.50
C PHE A 129 8.15 3.21 9.95
N ARG A 130 9.22 2.81 10.62
CA ARG A 130 9.14 2.42 12.03
C ARG A 130 8.82 3.62 12.90
N LYS A 131 9.37 4.78 12.53
CA LYS A 131 9.14 5.99 13.29
C LYS A 131 7.65 6.24 13.43
N LEU A 132 6.94 6.24 12.31
CA LEU A 132 5.51 6.47 12.30
C LEU A 132 4.80 5.39 13.12
N ALA A 133 5.14 4.13 12.86
CA ALA A 133 4.51 3.03 13.59
C ALA A 133 4.75 3.18 15.09
N GLY A 134 5.92 3.70 15.47
CA GLY A 134 6.22 3.89 16.88
C GLY A 134 5.31 4.96 17.47
N GLU A 135 5.07 6.02 16.71
CA GLU A 135 4.21 7.09 17.18
C GLU A 135 2.84 6.51 17.53
N ARG A 136 2.52 5.37 16.90
CA ARG A 136 1.26 4.70 17.15
C ARG A 136 1.45 3.60 18.20
N ASN A 137 2.66 3.56 18.76
CA ASN A 137 3.02 2.57 19.79
C ASN A 137 2.90 1.15 19.27
N TYR A 138 3.33 0.95 18.04
CA TYR A 138 3.30 -0.36 17.41
C TYR A 138 4.54 -1.18 17.77
N THR A 139 4.33 -2.35 18.34
CA THR A 139 5.45 -3.23 18.70
C THR A 139 5.89 -3.99 17.45
N ASP A 140 7.13 -4.45 17.44
CA ASP A 140 7.67 -5.14 16.27
C ASP A 140 6.66 -6.14 15.68
N GLU A 141 6.14 -7.04 16.50
CA GLU A 141 5.19 -8.04 16.00
C GLU A 141 3.98 -7.38 15.32
N MET A 142 3.73 -6.12 15.64
CA MET A 142 2.59 -5.40 15.05
C MET A 142 2.92 -4.95 13.63
N VAL A 143 4.20 -4.87 13.34
CA VAL A 143 4.67 -4.47 12.02
C VAL A 143 5.55 -5.57 11.43
N ALA A 144 5.16 -6.08 10.26
CA ALA A 144 5.90 -7.18 9.63
C ALA A 144 6.50 -6.79 8.28
N MET A 145 7.83 -6.84 8.19
CA MET A 145 8.52 -6.51 6.94
C MET A 145 8.45 -7.72 6.02
N LEU A 146 8.36 -7.49 4.70
CA LEU A 146 8.22 -8.58 3.76
C LEU A 146 9.46 -8.73 2.84
N PRO A 147 9.93 -9.96 2.64
CA PRO A 147 11.12 -10.26 1.76
C PRO A 147 10.81 -10.16 0.27
N ARG A 148 11.85 -9.90 -0.52
CA ARG A 148 11.71 -9.78 -1.97
C ARG A 148 11.23 -11.08 -2.63
N GLN A 149 11.24 -12.18 -1.88
CA GLN A 149 10.80 -13.46 -2.43
C GLN A 149 9.62 -13.27 -3.38
N GLU A 150 9.78 -13.74 -4.62
CA GLU A 150 8.72 -13.61 -5.62
C GLU A 150 8.32 -14.97 -6.18
N GLU A 151 7.01 -15.23 -6.21
CA GLU A 151 6.50 -16.50 -6.72
C GLU A 151 5.62 -16.24 -7.94
N CYS A 152 4.97 -15.08 -7.94
CA CYS A 152 4.10 -14.69 -9.05
C CYS A 152 4.27 -13.20 -9.35
N THR A 153 3.84 -12.78 -10.53
CA THR A 153 3.94 -11.38 -10.92
C THR A 153 2.85 -11.01 -11.91
N VAL A 154 2.58 -9.72 -12.05
CA VAL A 154 1.54 -9.25 -12.97
C VAL A 154 2.17 -8.69 -14.23
N ASP A 155 1.35 -8.60 -15.28
CA ASP A 155 1.79 -8.09 -16.57
C ASP A 155 1.15 -6.74 -16.87
N GLU A 156 1.69 -6.09 -17.88
CA GLU A 156 1.20 -4.78 -18.30
C GLU A 156 1.14 -4.70 -19.82
N VAL A 157 0.06 -5.23 -20.38
CA VAL A 157 -0.12 -5.21 -21.83
C VAL A 157 -0.28 -3.78 -22.33
N MET A 1 -1.24 17.99 -14.93
CA MET A 1 -0.75 17.20 -16.09
C MET A 1 0.77 17.24 -16.12
N THR A 2 1.33 18.37 -16.52
CA THR A 2 2.78 18.52 -16.59
C THR A 2 3.38 18.58 -15.18
N VAL A 3 3.37 17.45 -14.49
CA VAL A 3 3.91 17.38 -13.13
C VAL A 3 4.66 16.06 -12.92
N PRO A 4 5.78 15.90 -13.58
CA PRO A 4 6.61 14.66 -13.46
C PRO A 4 6.78 14.21 -12.02
N ASP A 5 6.04 13.17 -11.64
CA ASP A 5 6.12 12.65 -10.27
C ASP A 5 5.35 11.35 -10.15
N ARG A 6 4.05 11.40 -10.48
CA ARG A 6 3.21 10.21 -10.40
C ARG A 6 3.47 9.29 -11.57
N SER A 7 3.53 9.87 -12.77
CA SER A 7 3.78 9.08 -13.98
C SER A 7 5.05 8.25 -13.85
N GLU A 8 6.02 8.77 -13.10
CA GLU A 8 7.28 8.08 -12.91
C GLU A 8 7.11 6.81 -12.09
N ILE A 9 6.37 6.89 -10.99
CA ILE A 9 6.15 5.72 -10.13
C ILE A 9 4.97 4.89 -10.60
N ALA A 10 4.03 5.55 -11.27
CA ALA A 10 2.86 4.84 -11.75
C ALA A 10 3.31 3.81 -12.76
N GLY A 11 2.68 2.65 -12.75
CA GLY A 11 3.06 1.55 -13.63
C GLY A 11 3.50 0.36 -12.79
N LYS A 12 4.08 0.68 -11.62
CA LYS A 12 4.55 -0.37 -10.71
C LYS A 12 4.77 0.19 -9.29
N TRP A 13 3.95 -0.24 -8.33
CA TRP A 13 4.09 0.19 -6.94
C TRP A 13 4.42 -1.04 -6.10
N TYR A 14 5.47 -0.99 -5.30
CA TYR A 14 5.88 -2.15 -4.51
C TYR A 14 5.51 -2.00 -3.03
N VAL A 15 4.91 -3.05 -2.47
CA VAL A 15 4.54 -3.07 -1.05
C VAL A 15 5.50 -4.03 -0.34
N VAL A 16 6.36 -3.52 0.56
CA VAL A 16 7.33 -4.38 1.23
C VAL A 16 7.28 -4.32 2.75
N ALA A 17 6.24 -3.72 3.31
CA ALA A 17 6.12 -3.71 4.75
C ALA A 17 4.83 -3.05 5.17
N LEU A 18 4.13 -3.67 6.12
CA LEU A 18 2.84 -3.15 6.56
C LEU A 18 2.75 -3.06 8.08
N ALA A 19 1.68 -2.44 8.53
CA ALA A 19 1.43 -2.28 9.97
C ALA A 19 -0.07 -2.43 10.24
N SER A 20 -0.40 -3.10 11.34
CA SER A 20 -1.80 -3.33 11.68
C SER A 20 -1.93 -3.83 13.11
N ASN A 21 -3.16 -4.04 13.52
CA ASN A 21 -3.44 -4.54 14.86
C ASN A 21 -4.46 -5.67 14.81
N THR A 22 -5.16 -5.78 13.67
CA THR A 22 -6.15 -6.84 13.51
C THR A 22 -5.38 -8.14 13.24
N GLU A 23 -5.41 -9.04 14.21
CA GLU A 23 -4.68 -10.28 14.10
C GLU A 23 -4.99 -11.05 12.83
N PHE A 24 -6.24 -11.07 12.42
CA PHE A 24 -6.59 -11.81 11.21
C PHE A 24 -5.67 -11.44 10.06
N PHE A 25 -5.57 -10.16 9.75
CA PHE A 25 -4.74 -9.69 8.65
C PHE A 25 -3.26 -9.68 9.00
N LEU A 26 -2.96 -9.18 10.19
CA LEU A 26 -1.58 -9.12 10.66
C LEU A 26 -1.00 -10.54 10.73
N ARG A 27 -1.90 -11.47 11.03
CA ARG A 27 -1.53 -12.87 11.09
C ARG A 27 -1.06 -13.34 9.72
N GLU A 28 -1.81 -12.97 8.68
CA GLU A 28 -1.47 -13.38 7.32
C GLU A 28 -0.39 -12.51 6.66
N LYS A 29 -0.45 -11.19 6.82
CA LYS A 29 0.57 -10.36 6.18
C LYS A 29 1.95 -10.90 6.50
N ASP A 30 2.07 -11.46 7.69
CA ASP A 30 3.34 -12.00 8.14
C ASP A 30 3.82 -13.16 7.24
N LYS A 31 2.89 -13.86 6.55
CA LYS A 31 3.30 -15.00 5.72
C LYS A 31 3.48 -14.68 4.24
N MET A 32 2.93 -13.57 3.73
CA MET A 32 3.11 -13.29 2.30
C MET A 32 4.49 -12.70 2.02
N LYS A 33 4.76 -12.55 0.73
CA LYS A 33 6.01 -11.99 0.25
C LYS A 33 5.74 -10.61 -0.35
N MET A 34 6.77 -9.90 -0.80
CA MET A 34 6.58 -8.58 -1.36
C MET A 34 5.49 -8.58 -2.44
N ALA A 35 4.68 -7.52 -2.46
CA ALA A 35 3.59 -7.39 -3.43
C ALA A 35 3.82 -6.22 -4.37
N MET A 36 3.09 -6.19 -5.48
CA MET A 36 3.23 -5.12 -6.46
C MET A 36 1.87 -4.56 -6.89
N ALA A 37 1.89 -3.37 -7.49
CA ALA A 37 0.65 -2.73 -7.93
C ALA A 37 0.90 -1.68 -9.03
N ARG A 38 -0.16 -1.31 -9.75
CA ARG A 38 -0.07 -0.30 -10.82
C ARG A 38 -1.17 0.74 -10.63
N ILE A 39 -0.84 2.04 -10.69
CA ILE A 39 -1.82 3.11 -10.47
C ILE A 39 -1.90 4.03 -11.70
N SER A 40 -3.11 4.53 -11.98
CA SER A 40 -3.33 5.40 -13.13
C SER A 40 -4.25 6.56 -12.76
N PHE A 41 -4.02 7.72 -13.35
CA PHE A 41 -4.82 8.90 -13.06
C PHE A 41 -6.04 9.01 -13.96
N LEU A 42 -7.18 8.62 -13.41
CA LEU A 42 -8.45 8.71 -14.13
C LEU A 42 -8.92 10.16 -14.03
N GLY A 43 -8.61 10.74 -12.87
CA GLY A 43 -8.95 12.11 -12.55
C GLY A 43 -8.52 12.41 -11.11
N GLU A 44 -8.20 13.65 -10.81
CA GLU A 44 -7.77 13.98 -9.45
C GLU A 44 -8.79 13.47 -8.45
N ASP A 45 -10.05 13.37 -8.87
CA ASP A 45 -11.12 12.88 -8.01
C ASP A 45 -11.43 11.42 -8.34
N GLU A 46 -10.53 10.78 -9.08
CA GLU A 46 -10.72 9.39 -9.47
C GLU A 46 -9.44 8.81 -10.08
N LEU A 47 -9.00 7.67 -9.55
CA LEU A 47 -7.80 7.01 -10.06
C LEU A 47 -8.01 5.50 -10.12
N LYS A 48 -7.36 4.85 -11.07
CA LYS A 48 -7.49 3.41 -11.22
C LYS A 48 -6.23 2.74 -10.66
N VAL A 49 -6.39 1.86 -9.67
CA VAL A 49 -5.23 1.18 -9.10
C VAL A 49 -5.47 -0.32 -8.95
N SER A 50 -4.40 -1.07 -9.24
CA SER A 50 -4.43 -2.53 -9.21
C SER A 50 -3.57 -3.09 -8.08
N TYR A 51 -3.99 -4.24 -7.54
CA TYR A 51 -3.26 -4.88 -6.46
C TYR A 51 -2.69 -6.22 -6.93
N ALA A 52 -1.39 -6.43 -6.72
CA ALA A 52 -0.76 -7.69 -7.12
C ALA A 52 -0.04 -8.31 -5.93
N VAL A 53 -0.58 -9.42 -5.42
CA VAL A 53 0.00 -10.09 -4.26
C VAL A 53 0.34 -11.55 -4.61
N PRO A 54 1.60 -11.93 -4.58
CA PRO A 54 2.01 -13.33 -4.89
C PRO A 54 1.90 -14.24 -3.67
N LYS A 55 1.56 -15.51 -3.92
CA LYS A 55 1.44 -16.48 -2.83
C LYS A 55 1.69 -17.89 -3.36
N PRO A 56 2.41 -18.71 -2.62
CA PRO A 56 2.70 -20.11 -3.04
C PRO A 56 1.46 -21.00 -3.03
N ASN A 57 0.48 -20.62 -2.19
CA ASN A 57 -0.76 -21.39 -2.08
C ASN A 57 -1.71 -21.02 -3.20
N GLY A 58 -1.57 -19.81 -3.73
CA GLY A 58 -2.44 -19.35 -4.81
C GLY A 58 -2.27 -17.85 -5.04
N CYS A 59 -1.72 -17.50 -6.19
CA CYS A 59 -1.50 -16.09 -6.52
C CYS A 59 -2.84 -15.39 -6.78
N ARG A 60 -2.91 -14.11 -6.42
CA ARG A 60 -4.15 -13.33 -6.61
C ARG A 60 -3.83 -11.99 -7.27
N LYS A 61 -4.42 -11.76 -8.43
CA LYS A 61 -4.22 -10.51 -9.17
C LYS A 61 -5.55 -9.96 -9.65
N TRP A 62 -5.79 -8.68 -9.42
CA TRP A 62 -7.05 -8.06 -9.85
C TRP A 62 -6.92 -6.55 -9.96
N GLU A 63 -8.00 -5.91 -10.39
CA GLU A 63 -8.03 -4.45 -10.55
C GLU A 63 -9.07 -3.81 -9.62
N THR A 64 -8.91 -2.52 -9.37
CA THR A 64 -9.83 -1.79 -8.50
C THR A 64 -9.90 -0.32 -8.91
N THR A 65 -11.09 0.26 -8.80
CA THR A 65 -11.29 1.67 -9.17
C THR A 65 -11.52 2.51 -7.92
N PHE A 66 -10.97 3.72 -7.92
CA PHE A 66 -11.09 4.64 -6.79
C PHE A 66 -11.91 5.86 -7.21
N LYS A 67 -13.04 6.12 -6.52
CA LYS A 67 -13.93 7.22 -6.91
C LYS A 67 -14.15 8.22 -5.78
N LYS A 68 -14.51 9.45 -6.18
CA LYS A 68 -14.75 10.54 -5.22
C LYS A 68 -13.55 10.67 -4.33
N THR A 69 -12.43 11.00 -4.95
CA THR A 69 -11.17 11.11 -4.27
C THR A 69 -10.69 12.56 -4.16
N SER A 70 -11.29 13.30 -3.23
CA SER A 70 -10.92 14.70 -3.01
C SER A 70 -11.37 15.16 -1.62
N ASP A 71 -11.83 14.21 -0.82
CA ASP A 71 -12.30 14.50 0.53
C ASP A 71 -11.30 15.33 1.32
N ASP A 72 -10.32 14.66 1.91
CA ASP A 72 -9.30 15.35 2.71
C ASP A 72 -8.09 15.67 1.85
N GLY A 73 -8.22 16.69 1.03
CA GLY A 73 -7.15 17.08 0.14
C GLY A 73 -7.09 16.10 -1.01
N GLU A 74 -6.26 15.07 -0.88
CA GLU A 74 -6.17 14.02 -1.89
C GLU A 74 -6.31 12.65 -1.25
N VAL A 75 -7.52 12.09 -1.22
CA VAL A 75 -7.73 10.78 -0.64
C VAL A 75 -8.67 9.98 -1.52
N TYR A 76 -8.57 8.66 -1.52
CA TYR A 76 -9.42 7.84 -2.39
C TYR A 76 -10.51 7.12 -1.60
N TYR A 77 -11.73 7.02 -2.19
CA TYR A 77 -12.82 6.34 -1.51
C TYR A 77 -13.71 5.54 -2.47
N SER A 78 -13.90 4.25 -2.17
CA SER A 78 -14.74 3.39 -3.01
C SER A 78 -16.03 3.03 -2.26
N GLU A 79 -17.11 3.71 -2.63
CA GLU A 79 -18.40 3.48 -1.98
C GLU A 79 -18.71 1.99 -1.95
N GLU A 80 -18.28 1.26 -2.98
CA GLU A 80 -18.54 -0.17 -3.07
C GLU A 80 -17.55 -0.99 -2.24
N ALA A 81 -16.26 -0.65 -2.32
CA ALA A 81 -15.22 -1.39 -1.61
C ALA A 81 -15.01 -0.88 -0.18
N LYS A 82 -15.83 0.06 0.27
CA LYS A 82 -15.72 0.62 1.62
C LYS A 82 -14.27 0.59 2.11
N LYS A 83 -13.41 1.23 1.33
CA LYS A 83 -11.99 1.31 1.66
C LYS A 83 -11.36 2.53 1.00
N LYS A 84 -10.60 3.29 1.80
CA LYS A 84 -9.95 4.50 1.30
C LYS A 84 -8.49 4.54 1.67
N VAL A 85 -7.68 5.16 0.80
CA VAL A 85 -6.26 5.30 1.05
C VAL A 85 -5.82 6.74 0.79
N GLU A 86 -5.06 7.29 1.73
CA GLU A 86 -4.61 8.67 1.63
C GLU A 86 -3.10 8.76 1.64
N VAL A 87 -2.58 9.49 0.67
CA VAL A 87 -1.13 9.69 0.57
C VAL A 87 -0.61 10.26 1.89
N LEU A 88 -0.01 9.39 2.72
CA LEU A 88 0.52 9.79 4.02
C LEU A 88 2.00 10.17 3.90
N ASP A 89 2.64 9.70 2.83
CA ASP A 89 4.05 10.00 2.58
C ASP A 89 4.44 9.29 1.29
N THR A 90 4.95 10.04 0.33
CA THR A 90 5.34 9.45 -0.94
C THR A 90 6.47 10.26 -1.58
N ASP A 91 7.53 9.58 -2.00
CA ASP A 91 8.66 10.27 -2.63
C ASP A 91 9.10 9.49 -3.87
N TYR A 92 8.71 8.24 -3.91
CA TYR A 92 9.05 7.34 -4.99
C TYR A 92 10.55 7.33 -5.23
N LYS A 93 11.29 8.05 -4.40
CA LYS A 93 12.75 8.10 -4.54
C LYS A 93 13.36 6.82 -4.01
N SER A 94 12.78 6.33 -2.91
CA SER A 94 13.25 5.10 -2.30
C SER A 94 12.13 4.44 -1.52
N TYR A 95 11.10 5.22 -1.17
CA TYR A 95 10.00 4.67 -0.42
C TYR A 95 8.81 5.63 -0.34
N ALA A 96 7.69 5.08 0.13
CA ALA A 96 6.48 5.85 0.30
C ALA A 96 5.67 5.24 1.45
N VAL A 97 5.06 6.09 2.27
CA VAL A 97 4.25 5.61 3.40
C VAL A 97 2.84 6.11 3.22
N ILE A 98 1.88 5.21 3.33
CA ILE A 98 0.48 5.57 3.11
C ILE A 98 -0.42 5.10 4.23
N TYR A 99 -1.47 5.87 4.49
CA TYR A 99 -2.44 5.52 5.54
C TYR A 99 -3.63 4.80 4.92
N ALA A 100 -3.69 3.49 5.15
CA ALA A 100 -4.78 2.66 4.62
C ALA A 100 -5.74 2.27 5.73
N THR A 101 -7.04 2.40 5.45
CA THR A 101 -8.07 2.06 6.43
C THR A 101 -9.29 1.47 5.74
N ARG A 102 -9.79 0.38 6.31
CA ARG A 102 -10.98 -0.30 5.79
C ARG A 102 -12.06 -0.34 6.85
N VAL A 103 -13.30 0.06 6.53
CA VAL A 103 -14.35 0.05 7.53
C VAL A 103 -15.49 -0.87 7.11
N LYS A 104 -15.72 -1.91 7.91
CA LYS A 104 -16.79 -2.87 7.63
C LYS A 104 -18.00 -2.52 8.49
N ASP A 105 -19.13 -3.15 8.22
CA ASP A 105 -20.33 -2.87 8.98
C ASP A 105 -20.09 -3.10 10.47
N GLY A 106 -20.07 -2.01 11.23
CA GLY A 106 -19.89 -2.07 12.68
C GLY A 106 -18.42 -2.15 13.09
N ARG A 107 -17.50 -2.22 12.12
CA ARG A 107 -16.07 -2.30 12.46
C ARG A 107 -15.23 -1.33 11.63
N THR A 108 -14.24 -0.73 12.29
CA THR A 108 -13.33 0.22 11.64
C THR A 108 -11.90 -0.33 11.71
N LEU A 109 -11.05 0.06 10.76
CA LEU A 109 -9.68 -0.44 10.75
C LEU A 109 -8.71 0.56 10.16
N HIS A 110 -7.49 0.51 10.66
CA HIS A 110 -6.42 1.37 10.17
C HIS A 110 -5.13 0.57 10.06
N MET A 111 -4.32 0.85 9.04
CA MET A 111 -3.05 0.15 8.86
C MET A 111 -2.09 1.00 8.03
N MET A 112 -0.79 0.83 8.28
CA MET A 112 0.23 1.57 7.54
C MET A 112 0.95 0.64 6.56
N ARG A 113 1.32 1.15 5.39
CA ARG A 113 2.02 0.34 4.39
C ARG A 113 3.27 1.05 3.89
N LEU A 114 4.38 0.32 3.85
CA LEU A 114 5.65 0.87 3.39
C LEU A 114 6.03 0.26 2.03
N TYR A 115 6.28 1.17 1.08
CA TYR A 115 6.64 0.79 -0.28
C TYR A 115 8.13 1.04 -0.54
N SER A 116 8.65 0.36 -1.55
CA SER A 116 10.04 0.51 -1.96
C SER A 116 10.11 0.67 -3.47
N ARG A 117 10.91 1.60 -3.96
CA ARG A 117 11.02 1.80 -5.40
C ARG A 117 11.75 0.63 -6.04
N SER A 118 12.45 -0.14 -5.21
CA SER A 118 13.20 -1.29 -5.68
C SER A 118 13.07 -2.45 -4.70
N PRO A 119 13.01 -3.67 -5.17
CA PRO A 119 12.89 -4.88 -4.30
C PRO A 119 13.67 -4.74 -2.99
N GLU A 120 14.68 -3.87 -3.00
CA GLU A 120 15.51 -3.66 -1.82
C GLU A 120 14.90 -2.60 -0.93
N VAL A 121 15.31 -2.60 0.33
CA VAL A 121 14.81 -1.64 1.32
C VAL A 121 15.97 -0.78 1.84
N SER A 122 15.73 0.52 1.92
CA SER A 122 16.75 1.45 2.41
C SER A 122 16.56 1.73 3.90
N PRO A 123 17.60 1.69 4.70
CA PRO A 123 17.50 1.95 6.16
C PRO A 123 16.53 3.09 6.48
N ALA A 124 16.42 4.04 5.55
CA ALA A 124 15.52 5.18 5.74
C ALA A 124 14.07 4.77 5.50
N ALA A 125 13.87 3.84 4.57
CA ALA A 125 12.53 3.38 4.24
C ALA A 125 11.90 2.62 5.41
N THR A 126 12.67 1.71 5.98
CA THR A 126 12.19 0.91 7.10
C THR A 126 12.14 1.75 8.38
N ALA A 127 13.07 2.70 8.49
CA ALA A 127 13.17 3.55 9.67
C ALA A 127 12.11 4.63 9.74
N ILE A 128 11.92 5.39 8.65
CA ILE A 128 10.91 6.41 8.64
C ILE A 128 9.59 5.72 8.90
N PHE A 129 9.50 4.55 8.33
CA PHE A 129 8.33 3.70 8.46
C PHE A 129 8.13 3.30 9.92
N ARG A 130 9.22 2.89 10.57
CA ARG A 130 9.16 2.49 11.97
C ARG A 130 8.80 3.68 12.85
N LYS A 131 9.28 4.86 12.46
CA LYS A 131 9.00 6.07 13.22
C LYS A 131 7.49 6.31 13.30
N LEU A 132 6.83 6.26 12.14
CA LEU A 132 5.39 6.47 12.08
C LEU A 132 4.66 5.42 12.92
N ALA A 133 5.02 4.16 12.71
CA ALA A 133 4.38 3.08 13.44
C ALA A 133 4.63 3.23 14.95
N GLY A 134 5.80 3.75 15.32
CA GLY A 134 6.10 3.94 16.72
C GLY A 134 5.20 5.01 17.31
N GLU A 135 4.98 6.08 16.54
CA GLU A 135 4.11 7.15 16.99
C GLU A 135 2.74 6.58 17.33
N ARG A 136 2.40 5.47 16.68
CA ARG A 136 1.13 4.80 16.93
C ARG A 136 1.31 3.72 17.99
N ASN A 137 2.52 3.66 18.56
CA ASN A 137 2.85 2.70 19.60
C ASN A 137 2.75 1.27 19.10
N TYR A 138 3.19 1.05 17.88
CA TYR A 138 3.16 -0.28 17.28
C TYR A 138 4.40 -1.08 17.64
N THR A 139 4.21 -2.28 18.18
CA THR A 139 5.32 -3.14 18.55
C THR A 139 5.78 -3.92 17.30
N ASP A 140 7.02 -4.37 17.30
CA ASP A 140 7.57 -5.06 16.13
C ASP A 140 6.57 -6.07 15.54
N GLU A 141 6.05 -6.97 16.35
CA GLU A 141 5.11 -7.97 15.85
C GLU A 141 3.90 -7.32 15.16
N MET A 142 3.65 -6.05 15.46
CA MET A 142 2.52 -5.34 14.86
C MET A 142 2.86 -4.89 13.45
N VAL A 143 4.15 -4.82 13.17
CA VAL A 143 4.63 -4.42 11.85
C VAL A 143 5.53 -5.52 11.29
N ALA A 144 5.18 -6.05 10.12
CA ALA A 144 5.94 -7.15 9.52
C ALA A 144 6.60 -6.78 8.19
N MET A 145 7.93 -6.89 8.15
CA MET A 145 8.68 -6.59 6.93
C MET A 145 8.58 -7.80 6.01
N LEU A 146 8.47 -7.54 4.69
CA LEU A 146 8.32 -8.61 3.74
C LEU A 146 9.52 -8.74 2.78
N PRO A 147 10.00 -9.96 2.56
CA PRO A 147 11.17 -10.24 1.65
C PRO A 147 10.81 -10.12 0.16
N ARG A 148 11.83 -9.85 -0.66
CA ARG A 148 11.65 -9.70 -2.10
C ARG A 148 11.18 -10.99 -2.75
N GLN A 149 11.23 -12.10 -2.01
CA GLN A 149 10.80 -13.39 -2.55
C GLN A 149 9.55 -13.23 -3.42
N GLU A 150 9.60 -13.72 -4.65
CA GLU A 150 8.48 -13.62 -5.58
C GLU A 150 8.08 -14.99 -6.13
N GLU A 151 6.78 -15.27 -6.11
CA GLU A 151 6.27 -16.54 -6.61
C GLU A 151 5.40 -16.27 -7.84
N CYS A 152 4.76 -15.11 -7.84
CA CYS A 152 3.89 -14.70 -8.95
C CYS A 152 4.06 -13.21 -9.23
N THR A 153 3.62 -12.78 -10.40
CA THR A 153 3.75 -11.37 -10.79
C THR A 153 2.64 -11.00 -11.77
N VAL A 154 2.38 -9.69 -11.90
CA VAL A 154 1.35 -9.21 -12.81
C VAL A 154 1.97 -8.78 -14.13
N ASP A 155 1.12 -8.70 -15.14
CA ASP A 155 1.56 -8.30 -16.47
C ASP A 155 2.38 -7.03 -16.42
N GLU A 156 3.04 -6.76 -17.54
CA GLU A 156 3.87 -5.56 -17.66
C GLU A 156 3.77 -4.99 -19.08
N VAL A 157 2.74 -4.18 -19.29
CA VAL A 157 2.54 -3.57 -20.60
C VAL A 157 3.76 -2.75 -21.01
N MET A 1 3.06 15.57 -17.48
CA MET A 1 2.02 16.34 -18.23
C MET A 1 1.71 17.63 -17.49
N THR A 2 1.84 17.60 -16.16
CA THR A 2 1.58 18.78 -15.35
C THR A 2 2.25 18.66 -13.99
N VAL A 3 2.55 17.43 -13.60
CA VAL A 3 3.20 17.18 -12.31
C VAL A 3 4.11 15.95 -12.39
N PRO A 4 5.16 16.04 -13.16
CA PRO A 4 6.13 14.93 -13.35
C PRO A 4 6.52 14.28 -12.02
N ASP A 5 5.82 13.20 -11.67
CA ASP A 5 6.10 12.50 -10.42
C ASP A 5 5.31 11.20 -10.34
N ARG A 6 3.99 11.32 -10.46
CA ARG A 6 3.12 10.14 -10.41
C ARG A 6 3.40 9.21 -11.58
N SER A 7 3.51 9.80 -12.77
CA SER A 7 3.77 9.02 -13.98
C SER A 7 5.06 8.21 -13.84
N GLU A 8 6.01 8.74 -13.10
CA GLU A 8 7.29 8.05 -12.91
C GLU A 8 7.13 6.78 -12.08
N ILE A 9 6.39 6.87 -10.98
CA ILE A 9 6.19 5.71 -10.11
C ILE A 9 5.00 4.88 -10.57
N ALA A 10 4.06 5.54 -11.22
CA ALA A 10 2.88 4.82 -11.70
C ALA A 10 3.34 3.79 -12.72
N GLY A 11 2.70 2.63 -12.70
CA GLY A 11 3.09 1.53 -13.59
C GLY A 11 3.55 0.36 -12.74
N LYS A 12 4.11 0.67 -11.56
CA LYS A 12 4.58 -0.36 -10.64
C LYS A 12 4.78 0.20 -9.23
N TRP A 13 3.97 -0.26 -8.27
CA TRP A 13 4.09 0.18 -6.88
C TRP A 13 4.38 -1.05 -6.02
N TYR A 14 5.43 -1.01 -5.19
CA TYR A 14 5.79 -2.17 -4.38
C TYR A 14 5.40 -2.02 -2.91
N VAL A 15 4.78 -3.06 -2.35
CA VAL A 15 4.40 -3.07 -0.94
C VAL A 15 5.34 -4.04 -0.22
N VAL A 16 6.30 -3.51 0.55
CA VAL A 16 7.28 -4.38 1.22
C VAL A 16 7.22 -4.30 2.73
N ALA A 17 6.18 -3.67 3.26
CA ALA A 17 6.05 -3.65 4.71
C ALA A 17 4.74 -2.99 5.11
N LEU A 18 4.04 -3.63 6.05
CA LEU A 18 2.73 -3.13 6.48
C LEU A 18 2.65 -3.03 7.99
N ALA A 19 1.57 -2.42 8.45
CA ALA A 19 1.34 -2.25 9.87
C ALA A 19 -0.16 -2.38 10.17
N SER A 20 -0.48 -3.03 11.27
CA SER A 20 -1.88 -3.22 11.65
C SER A 20 -1.98 -3.72 13.08
N ASN A 21 -3.22 -3.91 13.53
CA ASN A 21 -3.46 -4.39 14.88
C ASN A 21 -4.47 -5.53 14.84
N THR A 22 -5.14 -5.70 13.70
CA THR A 22 -6.10 -6.79 13.55
C THR A 22 -5.33 -8.07 13.28
N GLU A 23 -5.34 -8.98 14.24
CA GLU A 23 -4.60 -10.23 14.11
C GLU A 23 -4.92 -10.98 12.85
N PHE A 24 -6.17 -11.01 12.45
CA PHE A 24 -6.55 -11.76 11.26
C PHE A 24 -5.63 -11.38 10.08
N PHE A 25 -5.55 -10.10 9.77
CA PHE A 25 -4.73 -9.64 8.65
C PHE A 25 -3.24 -9.64 8.98
N LEU A 26 -2.91 -9.17 10.17
CA LEU A 26 -1.52 -9.13 10.62
C LEU A 26 -0.97 -10.55 10.65
N ARG A 27 -1.86 -11.46 11.02
CA ARG A 27 -1.51 -12.88 11.09
C ARG A 27 -1.04 -13.35 9.71
N GLU A 28 -1.79 -12.96 8.68
CA GLU A 28 -1.46 -13.39 7.32
C GLU A 28 -0.40 -12.52 6.63
N LYS A 29 -0.45 -11.19 6.79
CA LYS A 29 0.54 -10.37 6.11
C LYS A 29 1.94 -10.90 6.41
N ASP A 30 2.09 -11.47 7.59
CA ASP A 30 3.37 -12.01 7.99
C ASP A 30 3.82 -13.19 7.10
N LYS A 31 2.87 -13.89 6.47
CA LYS A 31 3.24 -15.05 5.65
C LYS A 31 3.42 -14.73 4.17
N MET A 32 2.88 -13.61 3.67
CA MET A 32 3.07 -13.30 2.24
C MET A 32 4.44 -12.71 1.97
N LYS A 33 4.73 -12.54 0.69
CA LYS A 33 5.98 -11.96 0.23
C LYS A 33 5.69 -10.59 -0.37
N MET A 34 6.72 -9.87 -0.82
CA MET A 34 6.54 -8.55 -1.38
C MET A 34 5.50 -8.58 -2.51
N ALA A 35 4.71 -7.50 -2.59
CA ALA A 35 3.64 -7.39 -3.59
C ALA A 35 3.90 -6.22 -4.53
N MET A 36 3.16 -6.19 -5.64
CA MET A 36 3.32 -5.14 -6.64
C MET A 36 1.95 -4.56 -7.03
N ALA A 37 1.95 -3.36 -7.60
CA ALA A 37 0.71 -2.71 -7.99
C ALA A 37 0.94 -1.64 -9.08
N ARG A 38 -0.13 -1.25 -9.77
CA ARG A 38 -0.05 -0.22 -10.82
C ARG A 38 -1.16 0.81 -10.61
N ILE A 39 -0.83 2.11 -10.66
CA ILE A 39 -1.81 3.17 -10.42
C ILE A 39 -1.91 4.10 -11.63
N SER A 40 -3.12 4.59 -11.90
CA SER A 40 -3.36 5.48 -13.04
C SER A 40 -4.29 6.62 -12.64
N PHE A 41 -4.07 7.80 -13.23
CA PHE A 41 -4.88 8.97 -12.91
C PHE A 41 -6.10 9.08 -13.83
N LEU A 42 -7.22 8.64 -13.31
CA LEU A 42 -8.49 8.74 -14.03
C LEU A 42 -8.97 10.17 -13.92
N GLY A 43 -8.67 10.74 -12.76
CA GLY A 43 -9.03 12.10 -12.41
C GLY A 43 -8.61 12.38 -10.97
N GLU A 44 -8.30 13.62 -10.65
CA GLU A 44 -7.89 13.94 -9.29
C GLU A 44 -8.91 13.40 -8.30
N ASP A 45 -10.16 13.30 -8.73
CA ASP A 45 -11.23 12.79 -7.88
C ASP A 45 -11.53 11.33 -8.24
N GLU A 46 -10.61 10.72 -8.98
CA GLU A 46 -10.78 9.33 -9.39
C GLU A 46 -9.49 8.77 -9.99
N LEU A 47 -9.04 7.64 -9.46
CA LEU A 47 -7.82 7.00 -9.97
C LEU A 47 -8.02 5.49 -10.03
N LYS A 48 -7.36 4.84 -10.99
CA LYS A 48 -7.46 3.39 -11.14
C LYS A 48 -6.20 2.74 -10.59
N VAL A 49 -6.35 1.85 -9.60
CA VAL A 49 -5.17 1.18 -9.04
C VAL A 49 -5.40 -0.32 -8.90
N SER A 50 -4.32 -1.05 -9.19
CA SER A 50 -4.34 -2.52 -9.17
C SER A 50 -3.48 -3.08 -8.05
N TYR A 51 -3.90 -4.24 -7.52
CA TYR A 51 -3.16 -4.89 -6.45
C TYR A 51 -2.61 -6.23 -6.95
N ALA A 52 -1.32 -6.47 -6.75
CA ALA A 52 -0.72 -7.73 -7.17
C ALA A 52 0.01 -8.37 -5.99
N VAL A 53 -0.55 -9.47 -5.47
CA VAL A 53 0.05 -10.17 -4.33
C VAL A 53 0.38 -11.61 -4.68
N PRO A 54 1.63 -12.01 -4.65
CA PRO A 54 2.03 -13.41 -4.98
C PRO A 54 1.90 -14.33 -3.77
N LYS A 55 1.56 -15.59 -4.03
CA LYS A 55 1.41 -16.56 -2.95
C LYS A 55 1.67 -17.98 -3.46
N PRO A 56 2.33 -18.81 -2.70
CA PRO A 56 2.63 -20.22 -3.11
C PRO A 56 1.37 -21.09 -3.14
N ASN A 57 0.44 -20.81 -2.23
CA ASN A 57 -0.80 -21.58 -2.16
C ASN A 57 -1.75 -21.17 -3.28
N GLY A 58 -1.59 -19.94 -3.77
CA GLY A 58 -2.44 -19.45 -4.84
C GLY A 58 -2.30 -17.93 -5.00
N CYS A 59 -1.65 -17.51 -6.08
CA CYS A 59 -1.45 -16.09 -6.34
C CYS A 59 -2.79 -15.40 -6.55
N ARG A 60 -2.86 -14.11 -6.21
CA ARG A 60 -4.09 -13.34 -6.38
C ARG A 60 -3.80 -12.00 -7.06
N LYS A 61 -4.38 -11.80 -8.24
CA LYS A 61 -4.19 -10.55 -8.98
C LYS A 61 -5.53 -10.03 -9.49
N TRP A 62 -5.78 -8.74 -9.27
CA TRP A 62 -7.03 -8.14 -9.71
C TRP A 62 -6.90 -6.62 -9.82
N GLU A 63 -7.96 -5.97 -10.26
CA GLU A 63 -7.98 -4.52 -10.43
C GLU A 63 -9.02 -3.88 -9.50
N THR A 64 -8.85 -2.58 -9.25
CA THR A 64 -9.77 -1.84 -8.39
C THR A 64 -9.86 -0.38 -8.82
N THR A 65 -11.06 0.19 -8.71
CA THR A 65 -11.27 1.59 -9.09
C THR A 65 -11.50 2.45 -7.84
N PHE A 66 -10.95 3.66 -7.84
CA PHE A 66 -11.08 4.58 -6.71
C PHE A 66 -11.90 5.79 -7.15
N LYS A 67 -13.03 6.05 -6.47
CA LYS A 67 -13.92 7.15 -6.85
C LYS A 67 -14.13 8.17 -5.74
N LYS A 68 -14.47 9.39 -6.16
CA LYS A 68 -14.69 10.50 -5.23
C LYS A 68 -13.49 10.62 -4.33
N THR A 69 -12.37 10.97 -4.94
CA THR A 69 -11.13 11.07 -4.25
C THR A 69 -10.63 12.51 -4.14
N SER A 70 -11.24 13.27 -3.23
CA SER A 70 -10.86 14.66 -3.01
C SER A 70 -11.32 15.14 -1.63
N ASP A 71 -11.78 14.19 -0.81
CA ASP A 71 -12.27 14.50 0.52
C ASP A 71 -11.25 15.34 1.31
N ASP A 72 -10.27 14.67 1.90
CA ASP A 72 -9.25 15.35 2.71
C ASP A 72 -8.04 15.66 1.86
N GLY A 73 -8.16 16.69 1.03
CA GLY A 73 -7.08 17.06 0.14
C GLY A 73 -7.03 16.07 -1.02
N GLU A 74 -6.21 15.04 -0.88
CA GLU A 74 -6.11 14.00 -1.89
C GLU A 74 -6.26 12.63 -1.24
N VAL A 75 -7.46 12.07 -1.21
CA VAL A 75 -7.69 10.76 -0.61
C VAL A 75 -8.62 9.96 -1.51
N TYR A 76 -8.52 8.64 -1.48
CA TYR A 76 -9.37 7.81 -2.35
C TYR A 76 -10.47 7.11 -1.56
N TYR A 77 -11.70 7.00 -2.15
CA TYR A 77 -12.77 6.31 -1.47
C TYR A 77 -13.66 5.50 -2.42
N SER A 78 -13.85 4.21 -2.13
CA SER A 78 -14.69 3.35 -2.96
C SER A 78 -15.97 3.01 -2.21
N GLU A 79 -17.05 3.68 -2.57
CA GLU A 79 -18.33 3.46 -1.93
C GLU A 79 -18.66 1.98 -1.90
N GLU A 80 -18.23 1.26 -2.93
CA GLU A 80 -18.49 -0.19 -3.02
C GLU A 80 -17.50 -1.01 -2.20
N ALA A 81 -16.21 -0.65 -2.28
CA ALA A 81 -15.17 -1.41 -1.57
C ALA A 81 -14.93 -0.88 -0.15
N LYS A 82 -15.76 0.06 0.29
CA LYS A 82 -15.62 0.63 1.64
C LYS A 82 -14.17 0.59 2.12
N LYS A 83 -13.31 1.19 1.33
CA LYS A 83 -11.88 1.26 1.63
C LYS A 83 -11.26 2.50 1.00
N LYS A 84 -10.51 3.24 1.80
CA LYS A 84 -9.88 4.47 1.32
C LYS A 84 -8.41 4.52 1.70
N VAL A 85 -7.61 5.17 0.84
CA VAL A 85 -6.19 5.32 1.10
C VAL A 85 -5.77 6.76 0.83
N GLU A 86 -5.03 7.31 1.79
CA GLU A 86 -4.60 8.71 1.70
C GLU A 86 -3.09 8.82 1.70
N VAL A 87 -2.58 9.58 0.74
CA VAL A 87 -1.14 9.80 0.64
C VAL A 87 -0.59 10.34 1.96
N LEU A 88 0.02 9.46 2.75
CA LEU A 88 0.57 9.85 4.05
C LEU A 88 2.05 10.22 3.93
N ASP A 89 2.68 9.75 2.85
CA ASP A 89 4.09 10.04 2.60
C ASP A 89 4.49 9.32 1.32
N THR A 90 5.00 10.07 0.35
CA THR A 90 5.39 9.47 -0.92
C THR A 90 6.52 10.29 -1.56
N ASP A 91 7.57 9.61 -2.00
CA ASP A 91 8.70 10.29 -2.62
C ASP A 91 9.15 9.52 -3.86
N TYR A 92 8.75 8.26 -3.90
CA TYR A 92 9.10 7.36 -4.98
C TYR A 92 10.61 7.35 -5.21
N LYS A 93 11.34 8.08 -4.39
CA LYS A 93 12.79 8.15 -4.54
C LYS A 93 13.42 6.89 -3.98
N SER A 94 12.83 6.39 -2.90
CA SER A 94 13.32 5.18 -2.25
C SER A 94 12.18 4.51 -1.49
N TYR A 95 11.16 5.27 -1.14
CA TYR A 95 10.05 4.71 -0.39
C TYR A 95 8.85 5.67 -0.30
N ALA A 96 7.74 5.11 0.15
CA ALA A 96 6.51 5.88 0.33
C ALA A 96 5.71 5.27 1.47
N VAL A 97 5.11 6.13 2.30
CA VAL A 97 4.31 5.65 3.43
C VAL A 97 2.89 6.15 3.27
N ILE A 98 1.92 5.25 3.36
CA ILE A 98 0.54 5.62 3.14
C ILE A 98 -0.37 5.15 4.28
N TYR A 99 -1.43 5.91 4.52
CA TYR A 99 -2.40 5.58 5.57
C TYR A 99 -3.59 4.86 4.97
N ALA A 100 -3.66 3.55 5.22
CA ALA A 100 -4.76 2.73 4.70
C ALA A 100 -5.74 2.38 5.80
N THR A 101 -7.03 2.52 5.51
CA THR A 101 -8.07 2.21 6.50
C THR A 101 -9.28 1.58 5.81
N ARG A 102 -9.74 0.46 6.35
CA ARG A 102 -10.89 -0.26 5.81
C ARG A 102 -11.97 -0.33 6.88
N VAL A 103 -13.21 0.04 6.56
CA VAL A 103 -14.28 0.02 7.56
C VAL A 103 -15.40 -0.92 7.11
N LYS A 104 -15.62 -1.97 7.90
CA LYS A 104 -16.67 -2.93 7.62
C LYS A 104 -17.88 -2.60 8.45
N ASP A 105 -19.01 -3.25 8.16
CA ASP A 105 -20.22 -2.98 8.91
C ASP A 105 -20.00 -3.22 10.40
N GLY A 106 -20.00 -2.12 11.16
CA GLY A 106 -19.84 -2.19 12.60
C GLY A 106 -18.38 -2.24 13.06
N ARG A 107 -17.44 -2.28 12.11
CA ARG A 107 -16.03 -2.34 12.47
C ARG A 107 -15.17 -1.37 11.65
N THR A 108 -14.19 -0.76 12.32
CA THR A 108 -13.27 0.18 11.68
C THR A 108 -11.84 -0.35 11.77
N LEU A 109 -10.99 0.02 10.82
CA LEU A 109 -9.61 -0.45 10.82
C LEU A 109 -8.66 0.56 10.25
N HIS A 110 -7.43 0.54 10.77
CA HIS A 110 -6.39 1.41 10.29
C HIS A 110 -5.08 0.63 10.16
N MET A 111 -4.28 0.95 9.15
CA MET A 111 -3.02 0.25 8.95
C MET A 111 -2.05 1.11 8.13
N MET A 112 -0.75 0.94 8.37
CA MET A 112 0.27 1.70 7.64
C MET A 112 1.01 0.77 6.69
N ARG A 113 1.39 1.29 5.52
CA ARG A 113 2.09 0.48 4.52
C ARG A 113 3.34 1.19 4.00
N LEU A 114 4.45 0.45 3.96
CA LEU A 114 5.72 0.99 3.49
C LEU A 114 6.09 0.35 2.14
N TYR A 115 6.32 1.24 1.16
CA TYR A 115 6.66 0.84 -0.20
C TYR A 115 8.15 1.07 -0.48
N SER A 116 8.64 0.40 -1.52
CA SER A 116 10.03 0.54 -1.96
C SER A 116 10.04 0.79 -3.46
N ARG A 117 10.84 1.75 -3.92
CA ARG A 117 10.89 2.02 -5.36
C ARG A 117 11.65 0.90 -6.06
N SER A 118 12.41 0.12 -5.29
CA SER A 118 13.19 -0.97 -5.84
C SER A 118 13.07 -2.21 -4.94
N PRO A 119 13.04 -3.39 -5.51
CA PRO A 119 12.91 -4.66 -4.75
C PRO A 119 13.68 -4.62 -3.42
N GLU A 120 14.69 -3.75 -3.34
CA GLU A 120 15.49 -3.64 -2.14
C GLU A 120 14.84 -2.68 -1.15
N VAL A 121 15.29 -2.75 0.10
CA VAL A 121 14.77 -1.89 1.16
C VAL A 121 15.87 -0.99 1.71
N SER A 122 15.60 0.31 1.74
CA SER A 122 16.58 1.27 2.25
C SER A 122 16.47 1.41 3.76
N PRO A 123 17.54 1.22 4.50
CA PRO A 123 17.50 1.35 6.00
C PRO A 123 16.66 2.54 6.46
N ALA A 124 16.62 3.59 5.64
CA ALA A 124 15.85 4.79 5.97
C ALA A 124 14.37 4.53 5.75
N ALA A 125 14.05 3.75 4.73
CA ALA A 125 12.67 3.43 4.41
C ALA A 125 12.01 2.66 5.56
N THR A 126 12.77 1.75 6.14
CA THR A 126 12.28 0.94 7.24
C THR A 126 12.20 1.80 8.51
N ALA A 127 13.12 2.76 8.63
CA ALA A 127 13.19 3.63 9.80
C ALA A 127 12.10 4.69 9.84
N ILE A 128 11.91 5.42 8.74
CA ILE A 128 10.89 6.44 8.70
C ILE A 128 9.57 5.74 8.93
N PHE A 129 9.51 4.55 8.37
CA PHE A 129 8.36 3.68 8.48
C PHE A 129 8.11 3.30 9.93
N ARG A 130 9.17 2.90 10.62
CA ARG A 130 9.07 2.51 12.02
C ARG A 130 8.71 3.71 12.88
N LYS A 131 9.23 4.87 12.50
CA LYS A 131 8.96 6.09 13.24
C LYS A 131 7.45 6.36 13.31
N LEU A 132 6.81 6.33 12.16
CA LEU A 132 5.37 6.57 12.09
C LEU A 132 4.62 5.51 12.89
N ALA A 133 4.94 4.25 12.65
CA ALA A 133 4.28 3.17 13.37
C ALA A 133 4.48 3.32 14.87
N GLY A 134 5.64 3.85 15.27
CA GLY A 134 5.92 4.04 16.69
C GLY A 134 5.01 5.11 17.26
N GLU A 135 4.78 6.17 16.49
CA GLU A 135 3.90 7.23 16.93
C GLU A 135 2.54 6.65 17.26
N ARG A 136 2.20 5.54 16.61
CA ARG A 136 0.93 4.87 16.86
C ARG A 136 1.13 3.79 17.93
N ASN A 137 2.32 3.76 18.51
CA ASN A 137 2.66 2.80 19.57
C ASN A 137 2.55 1.37 19.07
N TYR A 138 2.99 1.15 17.85
CA TYR A 138 2.96 -0.19 17.25
C TYR A 138 4.19 -0.98 17.66
N THR A 139 3.97 -2.17 18.22
CA THR A 139 5.08 -3.03 18.61
C THR A 139 5.57 -3.81 17.39
N ASP A 140 6.82 -4.26 17.41
CA ASP A 140 7.39 -4.96 16.26
C ASP A 140 6.40 -5.97 15.66
N GLU A 141 5.87 -6.87 16.48
CA GLU A 141 4.94 -7.88 15.96
C GLU A 141 3.76 -7.24 15.25
N MET A 142 3.48 -5.97 15.53
CA MET A 142 2.36 -5.28 14.91
C MET A 142 2.70 -4.84 13.50
N VAL A 143 4.00 -4.78 13.24
CA VAL A 143 4.50 -4.38 11.92
C VAL A 143 5.42 -5.48 11.37
N ALA A 144 5.07 -5.99 10.19
CA ALA A 144 5.84 -7.08 9.58
C ALA A 144 6.45 -6.68 8.23
N MET A 145 7.79 -6.73 8.14
CA MET A 145 8.46 -6.38 6.90
C MET A 145 8.40 -7.58 5.96
N LEU A 146 8.32 -7.33 4.64
CA LEU A 146 8.17 -8.41 3.69
C LEU A 146 9.35 -8.49 2.68
N PRO A 147 9.88 -9.68 2.44
CA PRO A 147 11.01 -9.91 1.47
C PRO A 147 10.59 -9.87 0.00
N ARG A 148 11.58 -9.74 -0.88
CA ARG A 148 11.34 -9.68 -2.33
C ARG A 148 10.89 -11.01 -2.92
N GLN A 149 11.01 -12.09 -2.14
CA GLN A 149 10.61 -13.41 -2.63
C GLN A 149 9.34 -13.30 -3.48
N GLU A 150 9.38 -13.84 -4.69
CA GLU A 150 8.21 -13.76 -5.58
C GLU A 150 7.86 -15.13 -6.16
N GLU A 151 6.56 -15.42 -6.19
CA GLU A 151 6.07 -16.68 -6.74
C GLU A 151 5.26 -16.39 -8.00
N CYS A 152 4.67 -15.19 -8.02
CA CYS A 152 3.87 -14.75 -9.15
C CYS A 152 4.14 -13.29 -9.45
N THR A 153 3.78 -12.85 -10.65
CA THR A 153 4.01 -11.45 -11.05
C THR A 153 3.00 -11.03 -12.12
N VAL A 154 2.84 -9.72 -12.30
CA VAL A 154 1.92 -9.21 -13.29
C VAL A 154 2.49 -9.40 -14.68
N ASP A 155 1.62 -9.34 -15.67
CA ASP A 155 2.05 -9.48 -17.06
C ASP A 155 2.60 -8.18 -17.58
N GLU A 156 3.26 -8.29 -18.71
CA GLU A 156 3.86 -7.14 -19.38
C GLU A 156 3.80 -7.30 -20.89
N VAL A 157 2.66 -6.94 -21.46
CA VAL A 157 2.48 -7.04 -22.90
C VAL A 157 3.50 -6.18 -23.64
N MET A 1 2.60 17.21 -15.71
CA MET A 1 3.07 17.86 -16.96
C MET A 1 4.16 18.88 -16.62
N THR A 2 3.80 19.88 -15.84
CA THR A 2 4.76 20.91 -15.44
C THR A 2 5.84 20.33 -14.55
N VAL A 3 5.45 19.37 -13.70
CA VAL A 3 6.39 18.73 -12.79
C VAL A 3 6.04 17.25 -12.60
N PRO A 4 6.33 16.44 -13.59
CA PRO A 4 6.03 14.98 -13.54
C PRO A 4 6.54 14.33 -12.25
N ASP A 5 5.77 13.38 -11.72
CA ASP A 5 6.15 12.70 -10.49
C ASP A 5 5.38 11.38 -10.36
N ARG A 6 4.07 11.46 -10.47
CA ARG A 6 3.22 10.27 -10.36
C ARG A 6 3.47 9.34 -11.54
N SER A 7 3.62 9.93 -12.73
CA SER A 7 3.85 9.15 -13.93
C SER A 7 5.11 8.29 -13.80
N GLU A 8 6.08 8.81 -13.06
CA GLU A 8 7.34 8.10 -12.86
C GLU A 8 7.15 6.82 -12.05
N ILE A 9 6.39 6.92 -10.95
CA ILE A 9 6.16 5.75 -10.10
C ILE A 9 4.95 4.95 -10.57
N ALA A 10 4.02 5.63 -11.21
CA ALA A 10 2.84 4.94 -11.70
C ALA A 10 3.27 3.91 -12.72
N GLY A 11 2.62 2.76 -12.71
CA GLY A 11 3.00 1.67 -13.62
C GLY A 11 3.44 0.47 -12.79
N LYS A 12 4.03 0.76 -11.63
CA LYS A 12 4.50 -0.30 -10.73
C LYS A 12 4.75 0.24 -9.31
N TRP A 13 3.93 -0.20 -8.34
CA TRP A 13 4.10 0.22 -6.95
C TRP A 13 4.42 -1.02 -6.12
N TYR A 14 5.49 -0.98 -5.33
CA TYR A 14 5.91 -2.14 -4.55
C TYR A 14 5.60 -1.98 -3.06
N VAL A 15 5.07 -3.04 -2.45
CA VAL A 15 4.76 -3.06 -1.01
C VAL A 15 5.73 -4.03 -0.33
N VAL A 16 6.54 -3.54 0.63
CA VAL A 16 7.52 -4.42 1.29
C VAL A 16 7.45 -4.35 2.81
N ALA A 17 6.42 -3.76 3.35
CA ALA A 17 6.28 -3.74 4.80
C ALA A 17 4.99 -3.07 5.19
N LEU A 18 4.27 -3.67 6.14
CA LEU A 18 2.97 -3.14 6.54
C LEU A 18 2.84 -3.04 8.05
N ALA A 19 1.75 -2.42 8.48
CA ALA A 19 1.46 -2.26 9.91
C ALA A 19 -0.04 -2.39 10.14
N SER A 20 -0.41 -3.04 11.23
CA SER A 20 -1.82 -3.25 11.56
C SER A 20 -1.97 -3.75 12.98
N ASN A 21 -3.21 -3.96 13.39
CA ASN A 21 -3.51 -4.46 14.72
C ASN A 21 -4.52 -5.61 14.63
N THR A 22 -5.18 -5.73 13.48
CA THR A 22 -6.14 -6.80 13.29
C THR A 22 -5.37 -8.08 13.08
N GLU A 23 -5.41 -8.96 14.07
CA GLU A 23 -4.67 -10.22 14.00
C GLU A 23 -4.90 -10.97 12.71
N PHE A 24 -6.12 -10.98 12.23
CA PHE A 24 -6.42 -11.71 11.00
C PHE A 24 -5.41 -11.37 9.90
N PHE A 25 -5.27 -10.09 9.60
CA PHE A 25 -4.36 -9.65 8.55
C PHE A 25 -2.89 -9.69 9.00
N LEU A 26 -2.63 -9.22 10.21
CA LEU A 26 -1.27 -9.22 10.73
C LEU A 26 -0.73 -10.63 10.74
N ARG A 27 -1.63 -11.54 11.06
CA ARG A 27 -1.30 -12.96 11.08
C ARG A 27 -0.85 -13.40 9.69
N GLU A 28 -1.60 -12.98 8.67
CA GLU A 28 -1.30 -13.38 7.30
C GLU A 28 -0.24 -12.50 6.61
N LYS A 29 -0.29 -11.18 6.74
CA LYS A 29 0.69 -10.36 6.05
C LYS A 29 2.08 -10.88 6.38
N ASP A 30 2.23 -11.41 7.57
CA ASP A 30 3.52 -11.94 8.01
C ASP A 30 3.97 -13.13 7.14
N LYS A 31 3.03 -13.84 6.49
CA LYS A 31 3.42 -15.00 5.69
C LYS A 31 3.60 -14.70 4.20
N MET A 32 3.06 -13.61 3.68
CA MET A 32 3.24 -13.34 2.24
C MET A 32 4.61 -12.74 1.97
N LYS A 33 4.89 -12.56 0.69
CA LYS A 33 6.14 -11.99 0.24
C LYS A 33 5.86 -10.60 -0.34
N MET A 34 6.90 -9.88 -0.77
CA MET A 34 6.71 -8.55 -1.31
C MET A 34 5.61 -8.57 -2.40
N ALA A 35 4.81 -7.49 -2.44
CA ALA A 35 3.71 -7.38 -3.40
C ALA A 35 3.91 -6.21 -4.36
N MET A 36 3.15 -6.19 -5.45
CA MET A 36 3.27 -5.14 -6.46
C MET A 36 1.90 -4.58 -6.84
N ALA A 37 1.89 -3.39 -7.47
CA ALA A 37 0.65 -2.75 -7.89
C ALA A 37 0.88 -1.71 -8.99
N ARG A 38 -0.19 -1.33 -9.70
CA ARG A 38 -0.10 -0.34 -10.78
C ARG A 38 -1.20 0.71 -10.58
N ILE A 39 -0.85 2.01 -10.66
CA ILE A 39 -1.83 3.09 -10.45
C ILE A 39 -1.90 4.02 -11.66
N SER A 40 -3.11 4.51 -11.94
CA SER A 40 -3.33 5.41 -13.08
C SER A 40 -4.24 6.56 -12.68
N PHE A 41 -4.01 7.74 -13.27
CA PHE A 41 -4.80 8.91 -12.94
C PHE A 41 -6.02 9.05 -13.85
N LEU A 42 -7.18 8.75 -13.27
CA LEU A 42 -8.45 8.88 -13.98
C LEU A 42 -8.91 10.33 -13.83
N GLY A 43 -8.62 10.87 -12.66
CA GLY A 43 -8.96 12.24 -12.28
C GLY A 43 -8.55 12.48 -10.83
N GLU A 44 -8.23 13.72 -10.50
CA GLU A 44 -7.83 14.02 -9.13
C GLU A 44 -8.83 13.46 -8.14
N ASP A 45 -10.10 13.40 -8.55
CA ASP A 45 -11.15 12.87 -7.70
C ASP A 45 -11.46 11.42 -8.09
N GLU A 46 -10.56 10.82 -8.85
CA GLU A 46 -10.76 9.44 -9.29
C GLU A 46 -9.48 8.87 -9.90
N LEU A 47 -9.04 7.72 -9.41
CA LEU A 47 -7.84 7.07 -9.93
C LEU A 47 -8.05 5.56 -10.02
N LYS A 48 -7.40 4.94 -11.00
CA LYS A 48 -7.52 3.49 -11.17
C LYS A 48 -6.28 2.81 -10.62
N VAL A 49 -6.44 1.93 -9.63
CA VAL A 49 -5.29 1.23 -9.06
C VAL A 49 -5.55 -0.27 -8.91
N SER A 50 -4.48 -1.02 -9.18
CA SER A 50 -4.51 -2.48 -9.13
C SER A 50 -3.65 -3.04 -8.01
N TYR A 51 -4.09 -4.17 -7.46
CA TYR A 51 -3.35 -4.82 -6.37
C TYR A 51 -2.78 -6.15 -6.87
N ALA A 52 -1.48 -6.36 -6.68
CA ALA A 52 -0.85 -7.61 -7.09
C ALA A 52 -0.12 -8.23 -5.92
N VAL A 53 -0.66 -9.33 -5.40
CA VAL A 53 -0.07 -10.03 -4.26
C VAL A 53 0.27 -11.48 -4.62
N PRO A 54 1.53 -11.85 -4.61
CA PRO A 54 1.96 -13.24 -4.95
C PRO A 54 1.87 -14.18 -3.74
N LYS A 55 1.59 -15.45 -4.00
CA LYS A 55 1.50 -16.43 -2.93
C LYS A 55 1.78 -17.83 -3.48
N PRO A 56 2.50 -18.65 -2.76
CA PRO A 56 2.83 -20.04 -3.20
C PRO A 56 1.61 -20.96 -3.17
N ASN A 57 0.69 -20.69 -2.25
CA ASN A 57 -0.51 -21.50 -2.12
C ASN A 57 -1.53 -21.12 -3.19
N GLY A 58 -1.43 -19.89 -3.69
CA GLY A 58 -2.35 -19.41 -4.72
C GLY A 58 -2.23 -17.90 -4.90
N CYS A 59 -1.61 -17.49 -5.99
CA CYS A 59 -1.45 -16.07 -6.27
C CYS A 59 -2.79 -15.40 -6.54
N ARG A 60 -2.91 -14.13 -6.19
CA ARG A 60 -4.15 -13.38 -6.40
C ARG A 60 -3.87 -12.03 -7.06
N LYS A 61 -4.45 -11.83 -8.23
CA LYS A 61 -4.28 -10.58 -8.97
C LYS A 61 -5.62 -10.05 -9.47
N TRP A 62 -5.87 -8.76 -9.24
CA TRP A 62 -7.13 -8.17 -9.67
C TRP A 62 -7.00 -6.64 -9.76
N GLU A 63 -8.07 -5.99 -10.20
CA GLU A 63 -8.08 -4.54 -10.35
C GLU A 63 -9.13 -3.89 -9.43
N THR A 64 -8.95 -2.60 -9.18
CA THR A 64 -9.88 -1.85 -8.32
C THR A 64 -9.93 -0.38 -8.75
N THR A 65 -11.12 0.20 -8.66
CA THR A 65 -11.31 1.61 -9.04
C THR A 65 -11.53 2.46 -7.79
N PHE A 66 -10.98 3.67 -7.79
CA PHE A 66 -11.09 4.59 -6.65
C PHE A 66 -11.91 5.80 -7.06
N LYS A 67 -13.04 6.06 -6.39
CA LYS A 67 -13.92 7.17 -6.76
C LYS A 67 -14.13 8.18 -5.63
N LYS A 68 -14.48 9.40 -6.03
CA LYS A 68 -14.69 10.50 -5.08
C LYS A 68 -13.49 10.61 -4.18
N THR A 69 -12.37 10.96 -4.78
CA THR A 69 -11.13 11.04 -4.07
C THR A 69 -10.62 12.48 -3.95
N SER A 70 -11.22 13.22 -3.02
CA SER A 70 -10.82 14.61 -2.79
C SER A 70 -11.27 15.06 -1.39
N ASP A 71 -11.71 14.11 -0.59
CA ASP A 71 -12.19 14.39 0.76
C ASP A 71 -11.16 15.21 1.55
N ASP A 72 -10.18 14.51 2.13
CA ASP A 72 -9.15 15.17 2.92
C ASP A 72 -7.95 15.49 2.06
N GLY A 73 -8.08 16.53 1.23
CA GLY A 73 -7.00 16.89 0.34
C GLY A 73 -6.96 15.92 -0.82
N GLU A 74 -6.14 14.88 -0.70
CA GLU A 74 -6.06 13.85 -1.72
C GLU A 74 -6.22 12.47 -1.08
N VAL A 75 -7.43 11.93 -1.04
CA VAL A 75 -7.67 10.61 -0.46
C VAL A 75 -8.62 9.85 -1.35
N TYR A 76 -8.53 8.52 -1.35
CA TYR A 76 -9.40 7.72 -2.23
C TYR A 76 -10.50 7.01 -1.45
N TYR A 77 -11.72 6.92 -2.04
CA TYR A 77 -12.81 6.24 -1.36
C TYR A 77 -13.71 5.46 -2.34
N SER A 78 -13.92 4.17 -2.06
CA SER A 78 -14.77 3.34 -2.91
C SER A 78 -16.06 2.99 -2.17
N GLU A 79 -17.13 3.68 -2.52
CA GLU A 79 -18.42 3.46 -1.89
C GLU A 79 -18.77 1.97 -1.89
N GLU A 80 -18.35 1.28 -2.93
CA GLU A 80 -18.63 -0.15 -3.06
C GLU A 80 -17.65 -1.01 -2.26
N ALA A 81 -16.36 -0.67 -2.33
CA ALA A 81 -15.33 -1.46 -1.63
C ALA A 81 -15.07 -0.95 -0.21
N LYS A 82 -15.87 0.02 0.24
CA LYS A 82 -15.71 0.59 1.59
C LYS A 82 -14.26 0.50 2.06
N LYS A 83 -13.39 1.05 1.22
CA LYS A 83 -11.96 1.07 1.51
C LYS A 83 -11.32 2.33 0.94
N LYS A 84 -10.58 3.05 1.77
CA LYS A 84 -9.94 4.30 1.34
C LYS A 84 -8.47 4.32 1.73
N VAL A 85 -7.67 4.97 0.88
CA VAL A 85 -6.24 5.11 1.16
C VAL A 85 -5.79 6.54 0.92
N GLU A 86 -5.03 7.06 1.88
CA GLU A 86 -4.56 8.44 1.80
C GLU A 86 -3.05 8.49 1.80
N VAL A 87 -2.52 9.19 0.81
CA VAL A 87 -1.08 9.33 0.68
C VAL A 87 -0.51 10.12 1.86
N LEU A 88 0.11 9.41 2.81
CA LEU A 88 0.68 10.07 3.97
C LEU A 88 2.01 10.69 3.59
N ASP A 89 2.90 9.88 3.01
CA ASP A 89 4.20 10.35 2.58
C ASP A 89 4.57 9.58 1.32
N THR A 90 5.06 10.27 0.31
CA THR A 90 5.41 9.61 -0.95
C THR A 90 6.55 10.37 -1.61
N ASP A 91 7.60 9.65 -1.99
CA ASP A 91 8.76 10.29 -2.65
C ASP A 91 9.18 9.49 -3.86
N TYR A 92 8.74 8.25 -3.88
CA TYR A 92 9.06 7.33 -4.96
C TYR A 92 10.57 7.28 -5.20
N LYS A 93 11.33 7.99 -4.38
CA LYS A 93 12.78 8.03 -4.53
C LYS A 93 13.37 6.76 -3.94
N SER A 94 12.76 6.28 -2.88
CA SER A 94 13.22 5.07 -2.22
C SER A 94 12.08 4.40 -1.47
N TYR A 95 11.06 5.18 -1.11
CA TYR A 95 9.93 4.61 -0.39
C TYR A 95 8.73 5.56 -0.34
N ALA A 96 7.61 4.99 0.08
CA ALA A 96 6.37 5.74 0.22
C ALA A 96 5.61 5.22 1.43
N VAL A 97 5.06 6.14 2.23
CA VAL A 97 4.30 5.75 3.42
C VAL A 97 2.87 6.21 3.23
N ILE A 98 1.91 5.30 3.34
CA ILE A 98 0.52 5.65 3.10
C ILE A 98 -0.39 5.19 4.23
N TYR A 99 -1.43 5.98 4.49
CA TYR A 99 -2.39 5.64 5.54
C TYR A 99 -3.61 4.95 4.93
N ALA A 100 -3.70 3.63 5.16
CA ALA A 100 -4.80 2.84 4.62
C ALA A 100 -5.78 2.45 5.72
N THR A 101 -7.08 2.61 5.44
CA THR A 101 -8.12 2.27 6.40
C THR A 101 -9.35 1.71 5.69
N ARG A 102 -9.91 0.65 6.26
CA ARG A 102 -11.10 0.00 5.71
C ARG A 102 -12.17 -0.04 6.78
N VAL A 103 -13.41 0.33 6.45
CA VAL A 103 -14.48 0.32 7.46
C VAL A 103 -15.62 -0.59 7.02
N LYS A 104 -15.88 -1.62 7.83
CA LYS A 104 -16.95 -2.56 7.54
C LYS A 104 -18.15 -2.21 8.40
N ASP A 105 -19.29 -2.84 8.11
CA ASP A 105 -20.49 -2.56 8.87
C ASP A 105 -20.27 -2.84 10.36
N GLY A 106 -20.24 -1.77 11.15
CA GLY A 106 -20.07 -1.88 12.60
C GLY A 106 -18.61 -1.94 13.03
N ARG A 107 -17.67 -1.99 12.08
CA ARG A 107 -16.26 -2.07 12.44
C ARG A 107 -15.40 -1.12 11.59
N THR A 108 -14.40 -0.52 12.25
CA THR A 108 -13.47 0.40 11.59
C THR A 108 -12.07 -0.18 11.64
N LEU A 109 -11.19 0.22 10.71
CA LEU A 109 -9.83 -0.30 10.69
C LEU A 109 -8.84 0.68 10.13
N HIS A 110 -7.61 0.56 10.61
CA HIS A 110 -6.54 1.42 10.14
C HIS A 110 -5.26 0.58 10.00
N MET A 111 -4.45 0.87 8.98
CA MET A 111 -3.22 0.14 8.76
C MET A 111 -2.23 0.98 7.94
N MET A 112 -0.93 0.76 8.16
CA MET A 112 0.10 1.50 7.44
C MET A 112 0.85 0.56 6.49
N ARG A 113 1.25 1.08 5.32
CA ARG A 113 1.97 0.26 4.34
C ARG A 113 3.23 0.97 3.85
N LEU A 114 4.34 0.23 3.82
CA LEU A 114 5.62 0.77 3.37
C LEU A 114 5.98 0.22 2.00
N TYR A 115 6.24 1.14 1.07
CA TYR A 115 6.60 0.79 -0.30
C TYR A 115 8.08 1.03 -0.56
N SER A 116 8.58 0.36 -1.60
CA SER A 116 9.99 0.49 -2.01
C SER A 116 10.03 0.70 -3.52
N ARG A 117 10.86 1.62 -3.99
CA ARG A 117 10.96 1.87 -5.42
C ARG A 117 11.69 0.73 -6.12
N SER A 118 12.43 -0.06 -5.35
CA SER A 118 13.17 -1.19 -5.91
C SER A 118 13.08 -2.40 -4.98
N PRO A 119 13.04 -3.60 -5.51
CA PRO A 119 12.96 -4.84 -4.71
C PRO A 119 13.77 -4.76 -3.41
N GLU A 120 14.76 -3.87 -3.40
CA GLU A 120 15.60 -3.69 -2.24
C GLU A 120 14.90 -2.84 -1.20
N VAL A 121 15.35 -2.97 0.04
CA VAL A 121 14.78 -2.21 1.15
C VAL A 121 15.83 -1.28 1.77
N SER A 122 15.55 0.01 1.73
CA SER A 122 16.48 1.00 2.28
C SER A 122 16.34 1.05 3.81
N PRO A 123 17.42 1.23 4.53
CA PRO A 123 17.39 1.28 6.02
C PRO A 123 16.59 2.49 6.52
N ALA A 124 16.59 3.55 5.74
CA ALA A 124 15.85 4.76 6.10
C ALA A 124 14.36 4.56 5.84
N ALA A 125 14.05 3.79 4.80
CA ALA A 125 12.66 3.51 4.45
C ALA A 125 11.97 2.74 5.57
N THR A 126 12.70 1.79 6.15
CA THR A 126 12.17 1.00 7.25
C THR A 126 12.10 1.84 8.53
N ALA A 127 13.03 2.77 8.65
CA ALA A 127 13.13 3.63 9.83
C ALA A 127 12.05 4.72 9.87
N ILE A 128 11.87 5.45 8.77
CA ILE A 128 10.85 6.48 8.75
C ILE A 128 9.52 5.79 8.97
N PHE A 129 9.46 4.60 8.41
CA PHE A 129 8.29 3.75 8.51
C PHE A 129 8.04 3.36 9.97
N ARG A 130 9.10 2.97 10.65
CA ARG A 130 8.99 2.58 12.05
C ARG A 130 8.64 3.79 12.93
N LYS A 131 9.16 4.95 12.54
CA LYS A 131 8.88 6.18 13.28
C LYS A 131 7.38 6.43 13.31
N LEU A 132 6.76 6.36 12.14
CA LEU A 132 5.32 6.58 12.02
C LEU A 132 4.58 5.51 12.85
N ALA A 133 4.98 4.26 12.66
CA ALA A 133 4.36 3.15 13.36
C ALA A 133 4.53 3.29 14.87
N GLY A 134 5.70 3.76 15.30
CA GLY A 134 5.95 3.93 16.73
C GLY A 134 5.04 4.99 17.32
N GLU A 135 4.81 6.05 16.56
CA GLU A 135 3.94 7.13 17.02
C GLU A 135 2.52 6.63 17.19
N ARG A 136 2.20 5.55 16.47
CA ARG A 136 0.86 4.96 16.54
C ARG A 136 0.85 3.77 17.51
N ASN A 137 1.81 3.75 18.43
CA ASN A 137 1.89 2.69 19.44
C ASN A 137 1.96 1.29 18.82
N TYR A 138 2.54 1.20 17.63
CA TYR A 138 2.67 -0.09 16.94
C TYR A 138 3.97 -0.79 17.35
N THR A 139 3.83 -1.96 17.95
CA THR A 139 4.99 -2.75 18.36
C THR A 139 5.53 -3.53 17.17
N ASP A 140 6.78 -3.97 17.26
CA ASP A 140 7.40 -4.70 16.14
C ASP A 140 6.45 -5.74 15.55
N GLU A 141 5.91 -6.64 16.37
CA GLU A 141 5.02 -7.67 15.86
C GLU A 141 3.84 -7.09 15.09
N MET A 142 3.54 -5.81 15.34
CA MET A 142 2.43 -5.15 14.66
C MET A 142 2.82 -4.73 13.26
N VAL A 143 4.12 -4.67 13.03
CA VAL A 143 4.66 -4.31 11.73
C VAL A 143 5.59 -5.41 11.23
N ALA A 144 5.29 -5.95 10.05
CA ALA A 144 6.07 -7.07 9.50
C ALA A 144 6.78 -6.74 8.19
N MET A 145 8.12 -6.93 8.19
CA MET A 145 8.92 -6.69 7.00
C MET A 145 8.78 -7.86 6.05
N LEU A 146 8.64 -7.60 4.75
CA LEU A 146 8.44 -8.65 3.78
C LEU A 146 9.63 -8.79 2.80
N PRO A 147 10.10 -10.01 2.57
CA PRO A 147 11.26 -10.28 1.64
C PRO A 147 10.90 -10.14 0.17
N ARG A 148 11.92 -9.90 -0.66
CA ARG A 148 11.74 -9.75 -2.10
C ARG A 148 11.22 -11.02 -2.77
N GLN A 149 11.24 -12.13 -2.03
CA GLN A 149 10.79 -13.41 -2.56
C GLN A 149 9.55 -13.22 -3.45
N GLU A 150 9.63 -13.70 -4.68
CA GLU A 150 8.52 -13.58 -5.62
C GLU A 150 8.12 -14.94 -6.20
N GLU A 151 6.82 -15.21 -6.22
CA GLU A 151 6.30 -16.47 -6.75
C GLU A 151 5.43 -16.21 -7.96
N CYS A 152 4.78 -15.04 -7.95
CA CYS A 152 3.91 -14.64 -9.05
C CYS A 152 4.13 -13.16 -9.38
N THR A 153 3.75 -12.77 -10.59
CA THR A 153 3.91 -11.38 -11.02
C THR A 153 2.87 -11.03 -12.09
N VAL A 154 2.64 -9.73 -12.29
CA VAL A 154 1.69 -9.28 -13.26
C VAL A 154 2.19 -9.56 -14.67
N ASP A 155 1.28 -9.55 -15.61
CA ASP A 155 1.63 -9.79 -17.00
C ASP A 155 2.37 -8.62 -17.59
N GLU A 156 2.98 -8.88 -18.73
CA GLU A 156 3.75 -7.86 -19.44
C GLU A 156 3.52 -7.97 -20.94
N VAL A 157 2.44 -7.35 -21.41
CA VAL A 157 2.10 -7.38 -22.83
C VAL A 157 3.24 -6.79 -23.66
N MET A 1 5.23 17.79 -17.96
CA MET A 1 4.67 19.05 -18.50
C MET A 1 5.22 20.24 -17.71
N THR A 2 5.65 19.97 -16.49
CA THR A 2 6.19 21.02 -15.62
C THR A 2 7.05 20.41 -14.53
N VAL A 3 6.45 19.54 -13.71
CA VAL A 3 7.17 18.89 -12.62
C VAL A 3 6.61 17.49 -12.38
N PRO A 4 6.82 16.59 -13.29
CA PRO A 4 6.33 15.18 -13.18
C PRO A 4 6.69 14.56 -11.83
N ASP A 5 5.99 13.49 -11.47
CA ASP A 5 6.24 12.82 -10.21
C ASP A 5 5.47 11.50 -10.13
N ARG A 6 4.15 11.58 -10.30
CA ARG A 6 3.31 10.38 -10.24
C ARG A 6 3.58 9.47 -11.44
N SER A 7 3.64 10.07 -12.62
CA SER A 7 3.89 9.30 -13.85
C SER A 7 5.16 8.46 -13.71
N GLU A 8 6.12 8.98 -12.94
CA GLU A 8 7.38 8.27 -12.75
C GLU A 8 7.20 6.97 -11.97
N ILE A 9 6.42 7.02 -10.89
CA ILE A 9 6.20 5.84 -10.07
C ILE A 9 5.01 5.04 -10.56
N ALA A 10 4.07 5.72 -11.20
CA ALA A 10 2.90 5.03 -11.72
C ALA A 10 3.37 4.00 -12.73
N GLY A 11 2.73 2.83 -12.74
CA GLY A 11 3.13 1.75 -13.62
C GLY A 11 3.58 0.55 -12.79
N LYS A 12 4.14 0.83 -11.61
CA LYS A 12 4.59 -0.23 -10.72
C LYS A 12 4.82 0.30 -9.29
N TRP A 13 4.00 -0.15 -8.34
CA TRP A 13 4.14 0.24 -6.93
C TRP A 13 4.45 -1.01 -6.12
N TYR A 14 5.50 -0.96 -5.31
CA TYR A 14 5.91 -2.14 -4.52
C TYR A 14 5.60 -1.96 -3.03
N VAL A 15 5.11 -3.04 -2.41
CA VAL A 15 4.80 -3.04 -0.97
C VAL A 15 5.76 -4.01 -0.28
N VAL A 16 6.54 -3.54 0.70
CA VAL A 16 7.50 -4.43 1.37
C VAL A 16 7.47 -4.33 2.90
N ALA A 17 6.46 -3.69 3.45
CA ALA A 17 6.36 -3.66 4.90
C ALA A 17 5.07 -2.99 5.31
N LEU A 18 4.36 -3.61 6.24
CA LEU A 18 3.06 -3.10 6.66
C LEU A 18 2.94 -3.07 8.19
N ALA A 19 1.84 -2.46 8.63
CA ALA A 19 1.54 -2.37 10.05
C ALA A 19 0.04 -2.47 10.26
N SER A 20 -0.38 -3.07 11.36
CA SER A 20 -1.80 -3.23 11.62
C SER A 20 -2.06 -3.60 13.07
N ASN A 21 -3.34 -3.73 13.41
CA ASN A 21 -3.75 -4.09 14.76
C ASN A 21 -4.68 -5.30 14.73
N THR A 22 -5.24 -5.58 13.55
CA THR A 22 -6.12 -6.73 13.41
C THR A 22 -5.25 -7.96 13.16
N GLU A 23 -5.17 -8.82 14.17
CA GLU A 23 -4.33 -10.00 14.08
C GLU A 23 -4.62 -10.84 12.85
N PHE A 24 -5.87 -10.95 12.47
CA PHE A 24 -6.20 -11.77 11.31
C PHE A 24 -5.31 -11.38 10.13
N PHE A 25 -5.34 -10.11 9.76
CA PHE A 25 -4.54 -9.62 8.63
C PHE A 25 -3.08 -9.46 8.99
N LEU A 26 -2.82 -8.85 10.14
CA LEU A 26 -1.44 -8.62 10.59
C LEU A 26 -0.73 -9.96 10.75
N ARG A 27 -1.34 -10.82 11.54
CA ARG A 27 -0.76 -12.13 11.80
C ARG A 27 -0.43 -12.80 10.46
N GLU A 28 -1.29 -12.60 9.47
CA GLU A 28 -1.08 -13.21 8.14
C GLU A 28 -0.16 -12.35 7.24
N LYS A 29 -0.28 -11.04 7.29
CA LYS A 29 0.56 -10.21 6.43
C LYS A 29 2.02 -10.63 6.56
N ASP A 30 2.35 -11.21 7.70
CA ASP A 30 3.71 -11.66 7.95
C ASP A 30 4.05 -12.91 7.16
N LYS A 31 3.03 -13.68 6.76
CA LYS A 31 3.29 -14.92 6.00
C LYS A 31 3.46 -14.65 4.51
N MET A 32 2.89 -13.57 3.99
CA MET A 32 3.03 -13.29 2.55
C MET A 32 4.42 -12.75 2.23
N LYS A 33 4.64 -12.56 0.93
CA LYS A 33 5.90 -12.04 0.41
C LYS A 33 5.64 -10.67 -0.20
N MET A 34 6.68 -9.98 -0.66
CA MET A 34 6.52 -8.66 -1.25
C MET A 34 5.45 -8.66 -2.36
N ALA A 35 4.66 -7.57 -2.41
CA ALA A 35 3.59 -7.44 -3.40
C ALA A 35 3.85 -6.26 -4.35
N MET A 36 3.12 -6.23 -5.46
CA MET A 36 3.28 -5.16 -6.46
C MET A 36 1.92 -4.59 -6.87
N ALA A 37 1.95 -3.40 -7.49
CA ALA A 37 0.72 -2.75 -7.93
C ALA A 37 0.99 -1.70 -9.03
N ARG A 38 -0.07 -1.32 -9.76
CA ARG A 38 0.04 -0.31 -10.83
C ARG A 38 -1.08 0.72 -10.65
N ILE A 39 -0.75 2.03 -10.72
CA ILE A 39 -1.73 3.09 -10.52
C ILE A 39 -1.80 4.02 -11.74
N SER A 40 -3.00 4.50 -12.04
CA SER A 40 -3.22 5.39 -13.18
C SER A 40 -4.16 6.53 -12.78
N PHE A 41 -3.94 7.70 -13.36
CA PHE A 41 -4.76 8.87 -13.04
C PHE A 41 -5.98 9.00 -13.95
N LEU A 42 -7.14 8.72 -13.38
CA LEU A 42 -8.40 8.85 -14.09
C LEU A 42 -8.83 10.30 -13.98
N GLY A 43 -8.58 10.85 -12.81
CA GLY A 43 -8.91 12.23 -12.49
C GLY A 43 -8.50 12.51 -11.05
N GLU A 44 -8.10 13.75 -10.75
CA GLU A 44 -7.70 14.08 -9.40
C GLU A 44 -8.77 13.60 -8.41
N ASP A 45 -9.99 13.44 -8.91
CA ASP A 45 -11.10 12.99 -8.09
C ASP A 45 -11.23 11.47 -8.16
N GLU A 46 -10.60 10.85 -9.16
CA GLU A 46 -10.64 9.40 -9.31
C GLU A 46 -9.35 8.87 -9.95
N LEU A 47 -8.90 7.71 -9.48
CA LEU A 47 -7.70 7.08 -10.02
C LEU A 47 -7.92 5.57 -10.13
N LYS A 48 -7.27 4.95 -11.11
CA LYS A 48 -7.39 3.51 -11.31
C LYS A 48 -6.16 2.82 -10.75
N VAL A 49 -6.34 1.92 -9.77
CA VAL A 49 -5.20 1.22 -9.20
C VAL A 49 -5.45 -0.29 -9.06
N SER A 50 -4.38 -1.03 -9.32
CA SER A 50 -4.40 -2.49 -9.30
C SER A 50 -3.56 -3.06 -8.16
N TYR A 51 -3.99 -4.22 -7.64
CA TYR A 51 -3.26 -4.88 -6.56
C TYR A 51 -2.70 -6.22 -7.05
N ALA A 52 -1.41 -6.44 -6.82
CA ALA A 52 -0.76 -7.69 -7.20
C ALA A 52 -0.05 -8.30 -6.00
N VAL A 53 -0.60 -9.40 -5.48
CA VAL A 53 -0.03 -10.06 -4.31
C VAL A 53 0.25 -11.55 -4.60
N PRO A 54 1.48 -12.01 -4.42
CA PRO A 54 1.82 -13.44 -4.67
C PRO A 54 1.42 -14.33 -3.50
N LYS A 55 0.57 -15.32 -3.77
CA LYS A 55 0.10 -16.24 -2.73
C LYS A 55 0.39 -17.70 -3.15
N PRO A 56 1.39 -18.32 -2.58
CA PRO A 56 1.75 -19.73 -2.92
C PRO A 56 0.51 -20.64 -2.97
N ASN A 57 -0.48 -20.32 -2.16
CA ASN A 57 -1.72 -21.10 -2.12
C ASN A 57 -2.58 -20.80 -3.35
N GLY A 58 -2.40 -19.60 -3.90
CA GLY A 58 -3.16 -19.19 -5.07
C GLY A 58 -3.01 -17.70 -5.32
N CYS A 59 -2.03 -17.32 -6.15
CA CYS A 59 -1.79 -15.92 -6.46
C CYS A 59 -3.09 -15.23 -6.85
N ARG A 60 -3.21 -13.95 -6.51
CA ARG A 60 -4.40 -13.18 -6.83
C ARG A 60 -4.03 -11.83 -7.45
N LYS A 61 -4.56 -11.58 -8.64
CA LYS A 61 -4.30 -10.33 -9.35
C LYS A 61 -5.62 -9.75 -9.88
N TRP A 62 -5.84 -8.46 -9.66
CA TRP A 62 -7.07 -7.84 -10.13
C TRP A 62 -6.92 -6.31 -10.22
N GLU A 63 -7.98 -5.66 -10.69
CA GLU A 63 -8.00 -4.21 -10.84
C GLU A 63 -9.05 -3.59 -9.93
N THR A 64 -8.89 -2.29 -9.65
CA THR A 64 -9.83 -1.58 -8.79
C THR A 64 -9.87 -0.09 -9.14
N THR A 65 -11.05 0.51 -9.06
CA THR A 65 -11.21 1.93 -9.36
C THR A 65 -11.45 2.71 -8.07
N PHE A 66 -10.91 3.92 -8.01
CA PHE A 66 -11.04 4.78 -6.83
C PHE A 66 -11.86 6.01 -7.19
N LYS A 67 -12.99 6.22 -6.51
CA LYS A 67 -13.88 7.35 -6.83
C LYS A 67 -14.18 8.25 -5.64
N LYS A 68 -14.54 9.50 -5.95
CA LYS A 68 -14.84 10.49 -4.91
C LYS A 68 -13.63 10.63 -4.01
N THR A 69 -12.52 10.96 -4.63
CA THR A 69 -11.27 11.06 -3.92
C THR A 69 -10.83 12.52 -3.75
N SER A 70 -11.43 13.20 -2.78
CA SER A 70 -11.09 14.60 -2.51
C SER A 70 -11.54 14.98 -1.10
N ASP A 71 -11.99 13.99 -0.33
CA ASP A 71 -12.47 14.22 1.02
C ASP A 71 -11.46 15.00 1.86
N ASP A 72 -10.46 14.29 2.40
CA ASP A 72 -9.45 14.93 3.23
C ASP A 72 -8.24 15.31 2.39
N GLY A 73 -8.40 16.36 1.61
CA GLY A 73 -7.33 16.80 0.74
C GLY A 73 -7.25 15.87 -0.46
N GLU A 74 -6.40 14.86 -0.37
CA GLU A 74 -6.28 13.86 -1.44
C GLU A 74 -6.41 12.45 -0.86
N VAL A 75 -7.62 11.90 -0.84
CA VAL A 75 -7.82 10.54 -0.31
C VAL A 75 -8.76 9.79 -1.24
N TYR A 76 -8.63 8.48 -1.31
CA TYR A 76 -9.48 7.69 -2.23
C TYR A 76 -10.58 6.95 -1.50
N TYR A 77 -11.80 6.88 -2.11
CA TYR A 77 -12.90 6.18 -1.49
C TYR A 77 -13.74 5.38 -2.48
N SER A 78 -13.91 4.07 -2.22
CA SER A 78 -14.70 3.21 -3.09
C SER A 78 -16.02 2.85 -2.41
N GLU A 79 -17.09 3.52 -2.83
CA GLU A 79 -18.40 3.28 -2.25
C GLU A 79 -18.73 1.78 -2.24
N GLU A 80 -18.26 1.08 -3.27
CA GLU A 80 -18.52 -0.36 -3.39
C GLU A 80 -17.55 -1.20 -2.54
N ALA A 81 -16.26 -0.86 -2.58
CA ALA A 81 -15.25 -1.62 -1.85
C ALA A 81 -15.06 -1.13 -0.42
N LYS A 82 -15.88 -0.18 0.01
CA LYS A 82 -15.77 0.37 1.39
C LYS A 82 -14.34 0.32 1.88
N LYS A 83 -13.45 0.95 1.10
CA LYS A 83 -12.03 1.00 1.44
C LYS A 83 -11.40 2.26 0.86
N LYS A 84 -10.66 2.98 1.70
CA LYS A 84 -10.02 4.21 1.27
C LYS A 84 -8.55 4.23 1.65
N VAL A 85 -7.75 4.90 0.81
CA VAL A 85 -6.33 5.02 1.09
C VAL A 85 -5.87 6.46 0.87
N GLU A 86 -5.13 6.97 1.84
CA GLU A 86 -4.65 8.36 1.79
C GLU A 86 -3.15 8.39 1.80
N VAL A 87 -2.60 9.10 0.82
CA VAL A 87 -1.15 9.23 0.70
C VAL A 87 -0.58 10.01 1.88
N LEU A 88 0.06 9.31 2.81
CA LEU A 88 0.64 9.95 3.98
C LEU A 88 1.97 10.60 3.60
N ASP A 89 2.87 9.81 3.01
CA ASP A 89 4.16 10.31 2.58
C ASP A 89 4.54 9.55 1.32
N THR A 90 5.03 10.25 0.32
CA THR A 90 5.40 9.62 -0.93
C THR A 90 6.54 10.40 -1.59
N ASP A 91 7.60 9.69 -1.99
CA ASP A 91 8.74 10.34 -2.63
C ASP A 91 9.17 9.55 -3.84
N TYR A 92 8.74 8.30 -3.88
CA TYR A 92 9.07 7.40 -4.95
C TYR A 92 10.58 7.35 -5.19
N LYS A 93 11.33 8.06 -4.35
CA LYS A 93 12.78 8.09 -4.51
C LYS A 93 13.38 6.83 -3.92
N SER A 94 12.76 6.34 -2.85
CA SER A 94 13.22 5.13 -2.20
C SER A 94 12.08 4.45 -1.46
N TYR A 95 11.04 5.22 -1.12
CA TYR A 95 9.92 4.65 -0.39
C TYR A 95 8.71 5.58 -0.35
N ALA A 96 7.58 5.01 0.06
CA ALA A 96 6.35 5.75 0.19
C ALA A 96 5.57 5.19 1.39
N VAL A 97 5.02 6.09 2.21
CA VAL A 97 4.26 5.66 3.38
C VAL A 97 2.82 6.11 3.21
N ILE A 98 1.88 5.19 3.31
CA ILE A 98 0.48 5.53 3.08
C ILE A 98 -0.41 5.05 4.22
N TYR A 99 -1.44 5.83 4.52
CA TYR A 99 -2.39 5.47 5.57
C TYR A 99 -3.59 4.77 4.95
N ALA A 100 -3.66 3.45 5.14
CA ALA A 100 -4.75 2.65 4.59
C ALA A 100 -5.71 2.20 5.68
N THR A 101 -7.00 2.31 5.40
CA THR A 101 -8.04 1.90 6.35
C THR A 101 -9.24 1.32 5.61
N ARG A 102 -9.77 0.22 6.15
CA ARG A 102 -10.93 -0.44 5.57
C ARG A 102 -12.03 -0.53 6.61
N VAL A 103 -13.27 -0.15 6.27
CA VAL A 103 -14.35 -0.19 7.25
C VAL A 103 -15.49 -1.09 6.77
N LYS A 104 -15.78 -2.12 7.56
CA LYS A 104 -16.85 -3.06 7.25
C LYS A 104 -18.06 -2.73 8.11
N ASP A 105 -19.18 -3.36 7.80
CA ASP A 105 -20.40 -3.09 8.55
C ASP A 105 -20.19 -3.40 10.03
N GLY A 106 -20.18 -2.33 10.83
CA GLY A 106 -20.04 -2.46 12.28
C GLY A 106 -18.58 -2.54 12.73
N ARG A 107 -17.64 -2.61 11.77
CA ARG A 107 -16.22 -2.71 12.13
C ARG A 107 -15.36 -1.72 11.33
N THR A 108 -14.38 -1.12 12.02
CA THR A 108 -13.45 -0.18 11.40
C THR A 108 -12.04 -0.71 11.51
N LEU A 109 -11.15 -0.30 10.60
CA LEU A 109 -9.77 -0.79 10.63
C LEU A 109 -8.79 0.23 10.07
N HIS A 110 -7.58 0.16 10.59
CA HIS A 110 -6.51 1.02 10.13
C HIS A 110 -5.22 0.20 10.02
N MET A 111 -4.40 0.51 9.01
CA MET A 111 -3.15 -0.22 8.83
C MET A 111 -2.15 0.64 8.05
N MET A 112 -0.86 0.43 8.30
CA MET A 112 0.19 1.18 7.62
C MET A 112 0.89 0.31 6.57
N ARG A 113 1.24 0.90 5.43
CA ARG A 113 1.92 0.16 4.36
C ARG A 113 3.18 0.90 3.89
N LEU A 114 4.28 0.16 3.78
CA LEU A 114 5.55 0.73 3.35
C LEU A 114 5.93 0.22 1.97
N TYR A 115 6.19 1.16 1.06
CA TYR A 115 6.56 0.83 -0.30
C TYR A 115 8.05 1.04 -0.54
N SER A 116 8.56 0.39 -1.58
CA SER A 116 9.97 0.50 -1.97
C SER A 116 10.05 0.69 -3.48
N ARG A 117 10.87 1.63 -3.94
CA ARG A 117 11.00 1.87 -5.37
C ARG A 117 11.70 0.70 -6.05
N SER A 118 12.39 -0.10 -5.26
CA SER A 118 13.13 -1.25 -5.79
C SER A 118 12.98 -2.45 -4.85
N PRO A 119 12.91 -3.65 -5.38
CA PRO A 119 12.78 -4.89 -4.57
C PRO A 119 13.56 -4.83 -3.26
N GLU A 120 14.59 -3.98 -3.23
CA GLU A 120 15.41 -3.83 -2.05
C GLU A 120 14.74 -2.92 -1.04
N VAL A 121 15.21 -2.98 0.19
CA VAL A 121 14.67 -2.17 1.28
C VAL A 121 15.74 -1.23 1.82
N SER A 122 15.49 0.08 1.69
CA SER A 122 16.44 1.08 2.17
C SER A 122 16.37 1.17 3.70
N PRO A 123 17.50 1.39 4.35
CA PRO A 123 17.53 1.49 5.84
C PRO A 123 16.70 2.67 6.35
N ALA A 124 16.68 3.74 5.57
CA ALA A 124 15.90 4.92 5.94
C ALA A 124 14.42 4.68 5.69
N ALA A 125 14.14 3.90 4.66
CA ALA A 125 12.76 3.57 4.31
C ALA A 125 12.08 2.79 5.43
N THR A 126 12.82 1.86 5.99
CA THR A 126 12.32 1.04 7.09
C THR A 126 12.26 1.87 8.37
N ALA A 127 13.18 2.81 8.50
CA ALA A 127 13.26 3.65 9.70
C ALA A 127 12.17 4.72 9.75
N ILE A 128 11.96 5.46 8.67
CA ILE A 128 10.92 6.47 8.66
C ILE A 128 9.62 5.76 8.97
N PHE A 129 9.54 4.57 8.40
CA PHE A 129 8.40 3.70 8.59
C PHE A 129 8.24 3.36 10.07
N ARG A 130 9.36 3.04 10.71
CA ARG A 130 9.35 2.70 12.14
C ARG A 130 8.98 3.93 12.96
N LYS A 131 9.54 5.08 12.59
CA LYS A 131 9.27 6.33 13.30
C LYS A 131 7.76 6.56 13.37
N LEU A 132 7.12 6.55 12.22
CA LEU A 132 5.67 6.75 12.15
C LEU A 132 4.96 5.66 12.95
N ALA A 133 5.42 4.42 12.78
CA ALA A 133 4.84 3.29 13.46
C ALA A 133 4.93 3.46 14.98
N GLY A 134 6.08 3.96 15.46
CA GLY A 134 6.26 4.17 16.89
C GLY A 134 5.31 5.23 17.41
N GLU A 135 5.09 6.27 16.61
CA GLU A 135 4.19 7.34 17.01
C GLU A 135 2.81 6.79 17.28
N ARG A 136 2.45 5.71 16.60
CA ARG A 136 1.15 5.08 16.78
C ARG A 136 1.24 3.89 17.74
N ASN A 137 2.27 3.90 18.58
CA ASN A 137 2.45 2.84 19.57
C ASN A 137 2.49 1.45 18.94
N TYR A 138 3.03 1.36 17.74
CA TYR A 138 3.12 0.07 17.04
C TYR A 138 4.37 -0.69 17.47
N THR A 139 4.17 -1.83 18.15
CA THR A 139 5.28 -2.67 18.58
C THR A 139 5.81 -3.47 17.38
N ASP A 140 7.05 -3.93 17.47
CA ASP A 140 7.64 -4.66 16.36
C ASP A 140 6.67 -5.67 15.74
N GLU A 141 6.10 -6.54 16.56
CA GLU A 141 5.17 -7.55 16.03
C GLU A 141 4.02 -6.91 15.27
N MET A 142 3.76 -5.63 15.53
CA MET A 142 2.67 -4.93 14.86
C MET A 142 3.07 -4.51 13.46
N VAL A 143 4.37 -4.47 13.22
CA VAL A 143 4.92 -4.10 11.92
C VAL A 143 5.80 -5.23 11.42
N ALA A 144 5.48 -5.79 10.24
CA ALA A 144 6.22 -6.93 9.70
C ALA A 144 6.85 -6.63 8.34
N MET A 145 8.17 -6.80 8.24
CA MET A 145 8.87 -6.57 6.98
C MET A 145 8.70 -7.81 6.09
N LEU A 146 8.54 -7.60 4.78
CA LEU A 146 8.32 -8.70 3.87
C LEU A 146 9.51 -8.90 2.90
N PRO A 147 9.93 -10.13 2.69
CA PRO A 147 11.09 -10.46 1.77
C PRO A 147 10.72 -10.33 0.28
N ARG A 148 11.74 -10.10 -0.54
CA ARG A 148 11.55 -9.95 -1.98
C ARG A 148 11.02 -11.22 -2.62
N GLN A 149 11.03 -12.32 -1.89
CA GLN A 149 10.55 -13.60 -2.41
C GLN A 149 9.34 -13.40 -3.31
N GLU A 150 9.44 -13.86 -4.56
CA GLU A 150 8.35 -13.70 -5.52
C GLU A 150 7.99 -15.04 -6.17
N GLU A 151 6.70 -15.32 -6.27
CA GLU A 151 6.22 -16.55 -6.88
C GLU A 151 5.34 -16.23 -8.08
N CYS A 152 4.68 -15.06 -8.00
CA CYS A 152 3.81 -14.61 -9.09
C CYS A 152 4.08 -13.14 -9.39
N THR A 153 3.75 -12.72 -10.60
CA THR A 153 3.97 -11.34 -11.01
C THR A 153 2.98 -10.93 -12.09
N VAL A 154 2.81 -9.62 -12.29
CA VAL A 154 1.91 -9.12 -13.28
C VAL A 154 2.51 -9.28 -14.67
N ASP A 155 1.67 -9.22 -15.68
CA ASP A 155 2.12 -9.35 -17.06
C ASP A 155 2.84 -8.09 -17.51
N GLU A 156 3.53 -8.24 -18.62
CA GLU A 156 4.29 -7.14 -19.20
C GLU A 156 4.21 -7.18 -20.72
N VAL A 157 3.14 -6.60 -21.26
CA VAL A 157 2.94 -6.56 -22.70
C VAL A 157 4.25 -6.20 -23.42
#